data_6PDX
#
_entry.id   6PDX
#
_cell.length_a   287.265
_cell.length_b   287.265
_cell.length_c   182.933
_cell.angle_alpha   90.00
_cell.angle_beta   90.00
_cell.angle_gamma   120.00
#
_symmetry.space_group_name_H-M   'P 63'
#
loop_
_entity.id
_entity.type
_entity.pdbx_description
1 polymer Hemagglutinin
2 polymer 'C585 Fab heavy chain'
3 polymer 'C585 Fab light chain'
4 branched beta-D-mannopyranose-(1-4)-2-acetamido-2-deoxy-beta-D-glucopyranose-(1-4)-2-acetamido-2-deoxy-beta-D-glucopyranose
5 branched 2-acetamido-2-deoxy-beta-D-glucopyranose-(1-4)-2-acetamido-2-deoxy-beta-D-glucopyranose
6 non-polymer 2-acetamido-2-deoxy-beta-D-glucopyranose
#
loop_
_entity_poly.entity_id
_entity_poly.type
_entity_poly.pdbx_seq_one_letter_code
_entity_poly.pdbx_strand_id
1 'polypeptide(L)'
;QKLPGNDNSTATLCLGHHAVPNGTIVKTITNDRIEVTNATELVQNSSIGEICDSPHQILDGENCTLIDALLGDPQCDGFQ
NKKWDLFVERSKAYSNCYPYDVPDYASLRSLVASSGTLEFNNESFNWAGVTQNGTSSSCRRGSNSSFFSRLNWLTHLNSK
YPALNVTMPNNEQFDKLYIWGVHHPVTDKDQIFLYAQSSGRITVSTKRSQQAVIPNIGSRPRIRDIPSRISIYWTIVKPG
DILLINSTGNLIAPRGYFKIRSGKSSIMRSDAPIGKCKSECITPNGSIPNDKPFQNVNRITYGACPRYVKQSTLKLATGM
RNVPERQTRGIFGAIAGFIENGWEGMVDGWYGFRHQNSEGRGQAADLKSTQAAIDQINGKLNRLIGKTNEKFHQIEKEFS
EVEGRIQDLEKYVEDTKIDLWSYNAELLVALENQHTIDLTDSEMNKLFEKTKKQLRENAEDMGNGCFKIYHKCDNACIGS
IRNGTYDHDVYRDEALNNRFQIKGS
;
A,B,C
2 'polypeptide(L)'
;QVQLQESGPGLVKPSETLSLTCAVSGASISSFYWSWIRQSPGKGLEWIAYIYYSGKTQYNPAVTGRATISLQNWNNHVAL
RVNSVTAADTAIYSCARHTLAYHYDDEGYMQPGDAFDLWGQGTMVTVSSASTKGPSVFPLAPSSKSTSGGTAALGCLVKD
YFPEPVTVSWNSGALTSGVHTFPAVLQSSGLYSLSSVVTVPSSSLGTQTYICNVNHKPSNTKVDKKVEPKSCDKTHT
;
H,M,O
3 'polypeptide(L)'
;QSVLTQPPSVSAPAGQMVTIPCSGSSSDIGKSFVSWYQQLPGTAPKLVIYDNNKRPSGIPDRFSGSKSGTSATLGITGLQ
TGDEAVYYCGTWDSSLIWVFGGGTKLTVLGQPKAAPSVTLFPPSSEELQANKATLVCLISDFYPGAVTVAWKADSSPVKA
GVETTTPSKQSNNKYAASSYLSLTPEQWKSHRSYSCQVTHEGSTVEKTVAPTECS
;
L,N,P
#
loop_
_chem_comp.id
_chem_comp.type
_chem_comp.name
_chem_comp.formula
BMA D-saccharide, beta linking beta-D-mannopyranose 'C6 H12 O6'
NAG D-saccharide, beta linking 2-acetamido-2-deoxy-beta-D-glucopyranose 'C8 H15 N O6'
#
# COMPACT_ATOMS: atom_id res chain seq x y z
N ASN A 8 20.93 44.97 -82.93
CA ASN A 8 20.15 45.50 -81.82
C ASN A 8 19.03 44.55 -81.42
N SER A 9 19.38 43.27 -81.27
CA SER A 9 18.44 42.25 -80.84
C SER A 9 18.59 42.00 -79.35
N THR A 10 17.47 41.72 -78.69
CA THR A 10 17.43 41.48 -77.25
C THR A 10 17.14 40.02 -76.97
N ALA A 11 17.16 39.68 -75.69
CA ALA A 11 16.83 38.34 -75.22
C ALA A 11 16.49 38.42 -73.74
N THR A 12 15.52 37.62 -73.32
CA THR A 12 15.02 37.64 -71.95
C THR A 12 15.30 36.29 -71.29
N LEU A 13 15.85 36.33 -70.07
CA LEU A 13 16.16 35.13 -69.30
C LEU A 13 15.40 35.20 -67.99
N CYS A 14 14.55 34.20 -67.74
CA CYS A 14 13.74 34.18 -66.53
C CYS A 14 14.04 32.94 -65.70
N LEU A 15 13.72 33.06 -64.42
CA LEU A 15 13.96 32.01 -63.43
C LEU A 15 12.64 31.68 -62.72
N GLY A 16 12.52 30.43 -62.29
CA GLY A 16 11.29 29.97 -61.66
C GLY A 16 11.54 28.73 -60.84
N HIS A 17 10.45 28.18 -60.31
CA HIS A 17 10.52 27.02 -59.43
C HIS A 17 9.47 25.99 -59.85
N HIS A 18 9.51 24.85 -59.16
CA HIS A 18 8.60 23.74 -59.40
C HIS A 18 7.17 24.15 -59.03
N ALA A 19 6.20 23.41 -59.56
CA ALA A 19 4.80 23.62 -59.24
C ALA A 19 4.00 22.39 -59.64
N VAL A 20 2.89 22.17 -58.93
CA VAL A 20 2.03 21.02 -59.17
C VAL A 20 0.58 21.44 -59.02
N PRO A 21 -0.39 20.74 -59.65
CA PRO A 21 -1.79 21.20 -59.58
C PRO A 21 -2.48 20.90 -58.26
N ASN A 22 -2.57 19.62 -57.89
CA ASN A 22 -3.22 19.20 -56.65
C ASN A 22 -2.13 18.97 -55.61
N GLY A 23 -1.97 19.93 -54.71
CA GLY A 23 -0.97 19.87 -53.66
C GLY A 23 -1.54 19.33 -52.36
N THR A 24 -0.97 19.81 -51.25
CA THR A 24 -1.41 19.39 -49.92
C THR A 24 -1.13 20.53 -48.94
N ILE A 25 -1.98 20.62 -47.92
CA ILE A 25 -1.92 21.70 -46.94
C ILE A 25 -1.14 21.23 -45.72
N VAL A 26 -0.36 22.14 -45.14
CA VAL A 26 0.35 21.90 -43.89
C VAL A 26 0.21 23.13 -43.01
N LYS A 27 0.60 22.99 -41.75
CA LYS A 27 0.55 24.08 -40.78
C LYS A 27 1.96 24.52 -40.42
N THR A 28 2.16 25.84 -40.38
CA THR A 28 3.45 26.40 -40.00
C THR A 28 3.29 27.44 -38.90
N ILE A 29 4.36 28.17 -38.60
CA ILE A 29 4.30 29.20 -37.56
C ILE A 29 3.40 30.35 -38.01
N THR A 30 3.61 30.83 -39.24
CA THR A 30 2.89 32.01 -39.71
C THR A 30 1.41 31.73 -39.91
N ASN A 31 1.08 30.73 -40.71
CA ASN A 31 -0.30 30.46 -41.10
C ASN A 31 -0.65 29.01 -40.79
N ASP A 32 -1.94 28.78 -40.52
CA ASP A 32 -2.41 27.44 -40.21
C ASP A 32 -2.68 26.62 -41.47
N ARG A 33 -3.08 27.28 -42.56
CA ARG A 33 -3.26 26.64 -43.85
C ARG A 33 -2.22 27.18 -44.82
N ILE A 34 -1.47 26.27 -45.45
CA ILE A 34 -0.58 26.64 -46.55
C ILE A 34 -0.35 25.43 -47.43
N GLU A 35 -0.44 25.62 -48.74
CA GLU A 35 -0.32 24.53 -49.71
C GLU A 35 1.13 24.36 -50.11
N VAL A 36 1.62 23.12 -50.03
CA VAL A 36 3.00 22.80 -50.39
C VAL A 36 2.99 21.78 -51.52
N THR A 37 4.16 21.60 -52.12
CA THR A 37 4.29 20.65 -53.22
C THR A 37 4.02 19.23 -52.77
N ASN A 38 4.71 18.79 -51.71
CA ASN A 38 4.69 17.39 -51.30
C ASN A 38 4.86 17.34 -49.79
N ALA A 39 4.16 16.41 -49.15
CA ALA A 39 4.21 16.30 -47.69
C ALA A 39 3.98 14.86 -47.28
N THR A 40 4.47 14.52 -46.10
CA THR A 40 4.33 13.17 -45.55
C THR A 40 3.66 13.22 -44.17
N GLU A 41 2.99 12.12 -43.82
CA GLU A 41 2.26 12.02 -42.57
C GLU A 41 3.14 11.43 -41.48
N LEU A 42 3.11 12.03 -40.29
CA LEU A 42 3.96 11.63 -39.18
C LEU A 42 3.22 10.88 -38.09
N VAL A 43 1.91 10.68 -38.22
CA VAL A 43 1.11 10.02 -37.19
C VAL A 43 0.52 8.75 -37.79
N GLN A 44 0.79 7.62 -37.15
CA GLN A 44 0.23 6.33 -37.56
C GLN A 44 -1.16 6.20 -36.97
N ASN A 45 -2.17 6.51 -37.78
CA ASN A 45 -3.56 6.52 -37.32
C ASN A 45 -4.24 5.17 -37.43
N SER A 46 -3.63 4.19 -38.08
CA SER A 46 -4.24 2.88 -38.29
C SER A 46 -3.22 1.79 -37.95
N SER A 47 -3.67 0.53 -38.03
CA SER A 47 -2.82 -0.61 -37.71
C SER A 47 -3.34 -1.83 -38.46
N ILE A 48 -2.60 -2.93 -38.32
CA ILE A 48 -3.04 -4.22 -38.82
C ILE A 48 -4.02 -4.84 -37.82
N GLY A 49 -4.83 -5.79 -38.29
CA GLY A 49 -5.80 -6.42 -37.43
C GLY A 49 -5.24 -7.43 -36.46
N GLU A 50 -3.99 -7.86 -36.64
CA GLU A 50 -3.42 -8.94 -35.87
C GLU A 50 -2.10 -8.51 -35.24
N ILE A 51 -1.64 -9.30 -34.27
CA ILE A 51 -0.40 -9.07 -33.55
C ILE A 51 0.69 -9.94 -34.18
N CYS A 52 1.74 -9.29 -34.69
CA CYS A 52 2.79 -10.01 -35.40
C CYS A 52 3.71 -10.67 -34.38
N ASP A 53 3.92 -11.99 -34.53
CA ASP A 53 4.62 -12.78 -33.53
C ASP A 53 6.13 -12.79 -33.71
N SER A 54 6.62 -12.76 -34.94
CA SER A 54 8.01 -13.11 -35.24
C SER A 54 9.05 -12.42 -34.37
N PRO A 55 9.06 -11.10 -34.20
CA PRO A 55 10.20 -10.49 -33.49
C PRO A 55 10.21 -10.76 -31.99
N HIS A 56 9.06 -10.80 -31.34
CA HIS A 56 8.97 -10.98 -29.90
C HIS A 56 8.20 -12.26 -29.59
N GLN A 57 8.76 -13.11 -28.72
CA GLN A 57 8.13 -14.36 -28.36
C GLN A 57 6.77 -14.11 -27.70
N ILE A 58 5.68 -14.41 -28.41
CA ILE A 58 4.33 -14.17 -27.93
C ILE A 58 3.77 -15.44 -27.30
N LEU A 59 3.09 -15.28 -26.17
CA LEU A 59 2.44 -16.39 -25.48
C LEU A 59 0.99 -16.00 -25.25
N ASP A 60 0.08 -16.67 -25.96
CA ASP A 60 -1.34 -16.33 -25.91
C ASP A 60 -1.96 -16.92 -24.65
N GLY A 61 -2.58 -16.08 -23.82
CA GLY A 61 -3.18 -16.56 -22.59
C GLY A 61 -4.40 -17.42 -22.81
N GLU A 62 -5.16 -17.17 -23.88
CA GLU A 62 -6.37 -17.92 -24.21
C GLU A 62 -7.31 -17.87 -23.01
N ASN A 63 -7.71 -19.00 -22.43
CA ASN A 63 -8.68 -19.01 -21.34
C ASN A 63 -8.04 -18.87 -19.98
N CYS A 64 -6.81 -18.41 -19.92
CA CYS A 64 -6.11 -18.36 -18.66
C CYS A 64 -5.56 -16.96 -18.45
N THR A 65 -5.67 -16.48 -17.22
CA THR A 65 -4.91 -15.31 -16.82
C THR A 65 -3.47 -15.72 -16.54
N LEU A 66 -2.61 -14.72 -16.37
CA LEU A 66 -1.22 -15.03 -16.01
C LEU A 66 -1.15 -15.69 -14.64
N ILE A 67 -2.04 -15.29 -13.72
CA ILE A 67 -2.02 -15.84 -12.37
C ILE A 67 -2.49 -17.29 -12.38
N ASP A 68 -3.61 -17.57 -13.07
CA ASP A 68 -4.10 -18.94 -13.16
C ASP A 68 -3.06 -19.87 -13.77
N ALA A 69 -2.26 -19.37 -14.71
CA ALA A 69 -1.17 -20.18 -15.25
C ALA A 69 -0.06 -20.36 -14.21
N LEU A 70 0.27 -19.29 -13.48
CA LEU A 70 1.28 -19.38 -12.42
C LEU A 70 0.85 -20.39 -11.36
N LEU A 71 -0.39 -20.28 -10.89
CA LEU A 71 -0.89 -21.21 -9.88
C LEU A 71 -1.18 -22.58 -10.48
N GLY A 72 -1.54 -22.63 -11.76
CA GLY A 72 -1.78 -23.90 -12.41
C GLY A 72 -3.23 -24.37 -12.32
N ASP A 73 -4.16 -23.55 -12.79
CA ASP A 73 -5.51 -24.01 -13.02
C ASP A 73 -5.44 -25.14 -14.03
N PRO A 74 -5.98 -26.33 -13.73
CA PRO A 74 -5.74 -27.51 -14.59
C PRO A 74 -5.96 -27.27 -16.08
N GLN A 75 -6.90 -26.40 -16.45
CA GLN A 75 -7.06 -26.07 -17.86
C GLN A 75 -5.86 -25.30 -18.42
N CYS A 76 -5.04 -24.71 -17.55
CA CYS A 76 -3.87 -23.95 -17.95
C CYS A 76 -2.58 -24.74 -17.84
N ASP A 77 -2.67 -26.08 -17.82
CA ASP A 77 -1.47 -26.90 -17.69
C ASP A 77 -0.54 -26.77 -18.89
N GLY A 78 -1.07 -26.39 -20.05
CA GLY A 78 -0.22 -26.25 -21.23
C GLY A 78 0.84 -25.18 -21.09
N PHE A 79 0.54 -24.12 -20.33
CA PHE A 79 1.50 -23.04 -20.15
C PHE A 79 2.58 -23.36 -19.12
N GLN A 80 2.57 -24.56 -18.55
CA GLN A 80 3.54 -24.89 -17.50
C GLN A 80 4.96 -24.75 -18.01
N ASN A 81 5.81 -24.11 -17.21
CA ASN A 81 7.24 -23.92 -17.47
C ASN A 81 7.52 -23.15 -18.75
N LYS A 82 6.52 -22.50 -19.33
CA LYS A 82 6.71 -21.79 -20.59
C LYS A 82 7.27 -20.39 -20.32
N LYS A 83 8.40 -20.08 -20.96
CA LYS A 83 8.91 -18.72 -20.94
C LYS A 83 8.22 -17.89 -22.01
N TRP A 84 8.43 -16.58 -21.96
CA TRP A 84 7.78 -15.71 -22.92
C TRP A 84 8.45 -14.33 -22.91
N ASP A 85 8.29 -13.62 -24.03
CA ASP A 85 8.62 -12.21 -24.11
C ASP A 85 7.40 -11.33 -23.84
N LEU A 86 6.23 -11.74 -24.35
CA LEU A 86 5.00 -11.00 -24.12
C LEU A 86 3.87 -12.00 -23.85
N PHE A 87 3.22 -11.83 -22.70
CA PHE A 87 1.99 -12.53 -22.40
C PHE A 87 0.82 -11.63 -22.78
N VAL A 88 -0.25 -12.22 -23.29
CA VAL A 88 -1.42 -11.46 -23.76
C VAL A 88 -2.64 -12.06 -23.07
N GLU A 89 -3.05 -11.45 -21.95
CA GLU A 89 -4.24 -11.88 -21.24
C GLU A 89 -5.47 -11.56 -22.08
N ARG A 90 -6.36 -12.54 -22.21
CA ARG A 90 -7.59 -12.38 -22.98
C ARG A 90 -8.72 -11.93 -22.07
N SER A 91 -9.73 -11.31 -22.70
CA SER A 91 -10.95 -10.97 -21.95
C SER A 91 -11.84 -12.18 -21.77
N LYS A 92 -11.74 -13.16 -22.67
CA LYS A 92 -12.50 -14.40 -22.53
C LYS A 92 -12.00 -15.25 -21.38
N ALA A 93 -10.81 -14.95 -20.85
CA ALA A 93 -10.18 -15.82 -19.87
C ALA A 93 -11.00 -15.88 -18.59
N TYR A 94 -11.23 -17.11 -18.12
CA TYR A 94 -11.90 -17.37 -16.86
C TYR A 94 -11.02 -18.23 -15.98
N SER A 95 -11.41 -18.36 -14.71
CA SER A 95 -10.72 -19.21 -13.75
C SER A 95 -11.66 -20.34 -13.33
N ASN A 96 -11.19 -21.57 -13.44
CA ASN A 96 -12.05 -22.75 -13.27
C ASN A 96 -11.84 -23.47 -11.94
N CYS A 97 -10.80 -23.13 -11.18
CA CYS A 97 -10.48 -23.94 -10.01
C CYS A 97 -11.01 -23.33 -8.72
N TYR A 98 -10.29 -23.55 -7.61
CA TYR A 98 -10.75 -23.12 -6.30
C TYR A 98 -10.86 -21.60 -6.23
N PRO A 99 -11.97 -21.05 -5.72
CA PRO A 99 -12.05 -19.60 -5.46
C PRO A 99 -10.86 -19.05 -4.70
N TYR A 100 -10.36 -17.90 -5.15
CA TYR A 100 -9.18 -17.30 -4.56
C TYR A 100 -9.18 -15.82 -4.87
N ASP A 101 -8.61 -15.05 -3.94
CA ASP A 101 -8.17 -13.69 -4.19
C ASP A 101 -6.72 -13.61 -3.77
N VAL A 102 -6.13 -12.43 -3.93
CA VAL A 102 -4.76 -12.21 -3.48
C VAL A 102 -4.52 -10.71 -3.27
N PRO A 103 -4.10 -10.30 -2.08
CA PRO A 103 -3.83 -8.89 -1.85
C PRO A 103 -2.68 -8.41 -2.70
N ASP A 104 -2.77 -7.16 -3.16
CA ASP A 104 -1.80 -6.58 -4.09
C ASP A 104 -1.66 -7.46 -5.33
N TYR A 105 -2.81 -7.86 -5.90
CA TYR A 105 -2.83 -8.74 -7.06
C TYR A 105 -1.97 -8.20 -8.18
N ALA A 106 -2.18 -6.93 -8.55
CA ALA A 106 -1.48 -6.36 -9.70
C ALA A 106 0.03 -6.42 -9.54
N SER A 107 0.52 -6.27 -8.31
CA SER A 107 1.97 -6.32 -8.06
C SER A 107 2.53 -7.68 -8.44
N LEU A 108 1.88 -8.76 -8.00
CA LEU A 108 2.31 -10.10 -8.38
C LEU A 108 2.28 -10.27 -9.89
N ARG A 109 1.14 -9.94 -10.50
CA ARG A 109 1.02 -9.95 -11.96
C ARG A 109 2.15 -9.17 -12.61
N SER A 110 2.39 -7.94 -12.15
CA SER A 110 3.42 -7.10 -12.76
C SER A 110 4.82 -7.61 -12.46
N LEU A 111 5.04 -8.21 -11.28
CA LEU A 111 6.37 -8.74 -11.00
C LEU A 111 6.61 -10.05 -11.73
N VAL A 112 5.58 -10.89 -11.84
CA VAL A 112 5.71 -12.12 -12.62
C VAL A 112 5.82 -11.80 -14.11
N ALA A 113 5.01 -10.86 -14.58
CA ALA A 113 5.10 -10.43 -15.98
C ALA A 113 6.50 -9.94 -16.32
N SER A 114 7.07 -9.12 -15.44
CA SER A 114 8.41 -8.57 -15.69
C SER A 114 9.45 -9.68 -15.77
N SER A 115 9.29 -10.73 -14.95
CA SER A 115 10.21 -11.85 -15.01
C SER A 115 10.13 -12.58 -16.34
N GLY A 116 8.90 -12.80 -16.83
CA GLY A 116 8.72 -13.41 -18.13
C GLY A 116 9.11 -14.86 -18.21
N THR A 117 8.81 -15.63 -17.17
CA THR A 117 9.14 -17.05 -17.16
C THR A 117 8.27 -17.75 -16.13
N LEU A 118 7.65 -18.85 -16.53
CA LEU A 118 6.99 -19.75 -15.61
C LEU A 118 7.86 -20.96 -15.28
N GLU A 119 9.16 -20.85 -15.51
CA GLU A 119 10.11 -21.89 -15.13
C GLU A 119 9.93 -22.26 -13.67
N PHE A 120 9.91 -23.57 -13.40
CA PHE A 120 9.51 -24.04 -12.08
C PHE A 120 10.21 -25.36 -11.77
N ASN A 121 10.94 -25.38 -10.67
CA ASN A 121 11.45 -26.62 -10.08
C ASN A 121 10.79 -26.81 -8.73
N ASN A 122 10.42 -28.05 -8.41
CA ASN A 122 9.78 -28.37 -7.15
C ASN A 122 10.79 -28.97 -6.18
N GLU A 123 10.68 -28.59 -4.91
CA GLU A 123 11.58 -29.09 -3.84
C GLU A 123 10.82 -30.05 -2.93
N SER A 124 11.47 -30.54 -1.87
CA SER A 124 10.82 -31.48 -0.92
C SER A 124 10.76 -30.88 0.49
N PHE A 125 9.56 -30.90 1.10
CA PHE A 125 9.36 -30.38 2.47
C PHE A 125 8.76 -31.50 3.34
N ASN A 126 9.59 -32.13 4.17
CA ASN A 126 9.13 -33.23 5.01
C ASN A 126 7.95 -32.74 5.84
N TRP A 127 6.80 -32.60 5.18
CA TRP A 127 5.55 -32.30 5.86
C TRP A 127 5.21 -33.48 6.77
N ALA A 128 5.56 -33.36 8.05
CA ALA A 128 5.39 -34.46 8.97
C ALA A 128 3.91 -34.68 9.28
N GLY A 129 3.47 -35.93 9.16
CA GLY A 129 2.17 -36.35 9.66
C GLY A 129 0.97 -35.55 9.18
N VAL A 130 0.92 -35.19 7.89
CA VAL A 130 -0.22 -34.51 7.31
C VAL A 130 -0.55 -35.07 5.93
N THR A 131 -1.81 -34.89 5.52
CA THR A 131 -2.30 -35.42 4.26
C THR A 131 -2.01 -34.48 3.09
N GLN A 132 -1.03 -34.84 2.27
CA GLN A 132 -0.66 -34.03 1.12
C GLN A 132 -1.62 -34.28 -0.03
N ASN A 133 -1.44 -33.53 -1.12
CA ASN A 133 -2.25 -33.67 -2.32
C ASN A 133 -3.74 -33.53 -2.01
N GLY A 134 -4.09 -32.53 -1.21
CA GLY A 134 -5.48 -32.30 -0.88
C GLY A 134 -6.32 -31.98 -2.11
N THR A 135 -7.59 -32.34 -2.05
CA THR A 135 -8.44 -32.37 -3.23
C THR A 135 -9.78 -31.69 -2.94
N SER A 136 -10.33 -31.05 -3.97
CA SER A 136 -11.64 -30.42 -3.92
C SER A 136 -12.38 -30.70 -5.22
N SER A 137 -13.71 -30.80 -5.12
CA SER A 137 -14.51 -31.12 -6.29
C SER A 137 -14.62 -29.95 -7.27
N SER A 138 -14.27 -28.74 -6.84
CA SER A 138 -14.33 -27.59 -7.73
C SER A 138 -13.20 -27.58 -8.74
N CYS A 139 -12.09 -28.25 -8.44
CA CYS A 139 -10.90 -28.20 -9.28
C CYS A 139 -10.78 -29.51 -10.04
N ARG A 140 -11.72 -29.71 -10.97
CA ARG A 140 -11.75 -30.95 -11.74
C ARG A 140 -10.57 -31.01 -12.71
N ARG A 141 -9.95 -32.17 -12.80
CA ARG A 141 -8.90 -32.46 -13.77
C ARG A 141 -9.36 -33.66 -14.57
N GLY A 142 -10.24 -33.41 -15.54
CA GLY A 142 -10.88 -34.48 -16.28
C GLY A 142 -11.93 -35.20 -15.47
N SER A 143 -11.76 -36.50 -15.27
CA SER A 143 -12.73 -37.27 -14.52
C SER A 143 -12.67 -36.94 -13.03
N ASN A 144 -11.52 -37.21 -12.40
CA ASN A 144 -11.39 -37.09 -10.96
C ASN A 144 -11.27 -35.63 -10.53
N SER A 145 -11.47 -35.40 -9.24
CA SER A 145 -11.25 -34.08 -8.66
C SER A 145 -9.77 -33.87 -8.39
N SER A 146 -9.36 -32.60 -8.30
CA SER A 146 -7.95 -32.29 -8.14
C SER A 146 -7.82 -30.96 -7.42
N PHE A 147 -6.66 -30.31 -7.59
CA PHE A 147 -6.34 -29.03 -6.96
C PHE A 147 -5.34 -28.31 -7.85
N PHE A 148 -5.00 -27.07 -7.46
CA PHE A 148 -4.01 -26.30 -8.20
C PHE A 148 -2.72 -27.10 -8.37
N SER A 149 -2.11 -26.97 -9.54
CA SER A 149 -0.97 -27.81 -9.88
C SER A 149 0.26 -27.44 -9.06
N ARG A 150 0.36 -26.18 -8.62
CA ARG A 150 1.55 -25.71 -7.93
C ARG A 150 1.42 -25.70 -6.41
N LEU A 151 0.24 -26.00 -5.88
CA LEU A 151 0.02 -25.91 -4.44
C LEU A 151 -0.35 -27.28 -3.88
N ASN A 152 -0.07 -27.45 -2.60
CA ASN A 152 -0.29 -28.70 -1.88
C ASN A 152 -1.20 -28.41 -0.70
N TRP A 153 -2.42 -28.93 -0.72
CA TRP A 153 -3.38 -28.70 0.35
C TRP A 153 -3.08 -29.67 1.49
N LEU A 154 -2.63 -29.12 2.62
CA LEU A 154 -2.26 -29.92 3.77
C LEU A 154 -3.45 -30.09 4.70
N THR A 155 -3.86 -31.32 4.92
CA THR A 155 -4.95 -31.65 5.84
C THR A 155 -4.48 -32.52 7.00
N HIS A 156 -5.40 -32.79 7.93
CA HIS A 156 -5.08 -33.53 9.13
C HIS A 156 -4.68 -34.94 8.74
N LEU A 157 -4.11 -35.67 9.70
CA LEU A 157 -3.79 -37.08 9.56
C LEU A 157 -4.26 -37.78 10.83
N ASN A 158 -5.29 -38.61 10.70
CA ASN A 158 -5.89 -39.31 11.84
C ASN A 158 -6.25 -38.36 12.97
N SER A 159 -6.96 -37.29 12.60
CA SER A 159 -7.47 -36.29 13.56
C SER A 159 -6.33 -35.63 14.34
N LYS A 160 -5.17 -35.48 13.71
CA LYS A 160 -4.03 -34.83 14.34
C LYS A 160 -3.30 -33.97 13.32
N TYR A 161 -2.95 -32.76 13.73
CA TYR A 161 -2.20 -31.84 12.88
C TYR A 161 -0.96 -31.39 13.63
N PRO A 162 0.20 -31.98 13.32
CA PRO A 162 1.43 -31.56 14.00
C PRO A 162 1.94 -30.23 13.46
N ALA A 163 2.47 -29.41 14.36
CA ALA A 163 2.98 -28.11 13.98
C ALA A 163 4.22 -28.29 13.09
N LEU A 164 4.24 -27.56 11.98
CA LEU A 164 5.23 -27.75 10.93
C LEU A 164 6.37 -26.75 11.09
N ASN A 165 7.59 -27.26 11.23
CA ASN A 165 8.81 -26.45 11.17
C ASN A 165 9.68 -27.04 10.07
N VAL A 166 9.65 -26.41 8.90
CA VAL A 166 10.40 -26.88 7.74
C VAL A 166 11.35 -25.78 7.29
N THR A 167 12.48 -26.20 6.73
CA THR A 167 13.51 -25.27 6.28
C THR A 167 13.93 -25.64 4.86
N MET A 168 14.27 -24.62 4.08
CA MET A 168 14.67 -24.81 2.69
C MET A 168 15.56 -23.67 2.24
N PRO A 169 16.87 -23.89 2.13
CA PRO A 169 17.79 -22.79 1.83
C PRO A 169 17.87 -22.49 0.34
N ASN A 170 18.55 -21.38 0.03
CA ASN A 170 18.83 -20.96 -1.33
C ASN A 170 20.35 -20.89 -1.49
N ASN A 171 20.93 -21.92 -2.09
CA ASN A 171 22.35 -21.93 -2.40
C ASN A 171 22.67 -21.35 -3.77
N GLU A 172 21.66 -21.09 -4.59
CA GLU A 172 21.86 -20.69 -5.97
C GLU A 172 22.08 -19.18 -6.08
N GLN A 173 22.45 -18.76 -7.28
CA GLN A 173 22.86 -17.38 -7.55
C GLN A 173 21.69 -16.42 -7.66
N PHE A 174 20.50 -16.91 -7.96
CA PHE A 174 19.37 -16.07 -8.35
C PHE A 174 18.29 -16.05 -7.27
N ASP A 175 17.41 -15.05 -7.38
CA ASP A 175 16.31 -14.91 -6.44
C ASP A 175 15.25 -15.96 -6.71
N LYS A 176 14.70 -16.53 -5.63
CA LYS A 176 13.69 -17.56 -5.71
C LYS A 176 12.34 -17.00 -5.27
N LEU A 177 11.30 -17.25 -6.07
CA LEU A 177 9.95 -16.79 -5.80
C LEU A 177 9.10 -17.97 -5.37
N TYR A 178 8.77 -18.03 -4.09
CA TYR A 178 7.84 -19.03 -3.58
C TYR A 178 6.43 -18.44 -3.56
N ILE A 179 5.47 -19.20 -4.09
CA ILE A 179 4.07 -18.79 -4.12
C ILE A 179 3.30 -19.73 -3.21
N TRP A 180 2.66 -19.18 -2.18
CA TRP A 180 1.97 -19.96 -1.16
C TRP A 180 0.68 -19.23 -0.79
N GLY A 181 -0.07 -19.81 0.15
CA GLY A 181 -1.31 -19.18 0.55
C GLY A 181 -1.83 -19.70 1.88
N VAL A 182 -3.04 -19.27 2.20
CA VAL A 182 -3.75 -19.68 3.40
C VAL A 182 -5.18 -20.02 3.03
N HIS A 183 -5.76 -20.99 3.73
CA HIS A 183 -7.15 -21.37 3.53
C HIS A 183 -8.03 -20.70 4.58
N HIS A 184 -9.18 -20.20 4.14
CA HIS A 184 -10.19 -19.61 5.01
C HIS A 184 -11.41 -20.52 5.03
N PRO A 185 -11.50 -21.45 5.97
CA PRO A 185 -12.67 -22.32 6.04
C PRO A 185 -13.94 -21.52 6.22
N VAL A 186 -15.02 -21.95 5.57
CA VAL A 186 -16.26 -21.19 5.58
C VAL A 186 -16.90 -21.21 6.97
N THR A 187 -16.77 -22.30 7.71
CA THR A 187 -17.39 -22.43 9.00
C THR A 187 -16.42 -23.09 9.97
N ASP A 188 -16.67 -22.90 11.27
CA ASP A 188 -15.85 -23.52 12.30
C ASP A 188 -15.84 -25.04 12.16
N LYS A 189 -16.95 -25.62 11.71
CA LYS A 189 -17.01 -27.07 11.53
C LYS A 189 -16.00 -27.53 10.49
N ASP A 190 -15.93 -26.82 9.35
CA ASP A 190 -14.96 -27.19 8.32
C ASP A 190 -13.53 -27.02 8.84
N GLN A 191 -13.30 -25.98 9.66
CA GLN A 191 -11.96 -25.75 10.19
C GLN A 191 -11.48 -26.95 11.01
N ILE A 192 -12.35 -27.46 11.89
CA ILE A 192 -11.97 -28.60 12.72
C ILE A 192 -11.87 -29.87 11.87
N PHE A 193 -12.78 -30.03 10.91
CA PHE A 193 -12.76 -31.23 10.08
C PHE A 193 -11.47 -31.32 9.26
N LEU A 194 -11.02 -30.19 8.70
CA LEU A 194 -9.83 -30.21 7.87
C LEU A 194 -8.55 -30.25 8.70
N TYR A 195 -8.49 -29.49 9.78
CA TYR A 195 -7.30 -29.42 10.63
C TYR A 195 -7.72 -29.54 12.10
N ALA A 196 -6.91 -30.25 12.87
CA ALA A 196 -7.25 -30.50 14.27
C ALA A 196 -7.38 -29.20 15.05
N GLN A 197 -6.41 -28.30 14.89
CA GLN A 197 -6.41 -27.06 15.66
C GLN A 197 -7.62 -26.20 15.30
N SER A 198 -8.12 -25.46 16.30
CA SER A 198 -9.27 -24.59 16.09
C SER A 198 -8.88 -23.29 15.38
N SER A 199 -7.73 -22.72 15.73
CA SER A 199 -7.25 -21.50 15.12
C SER A 199 -5.94 -21.78 14.40
N GLY A 200 -5.84 -21.30 13.17
CA GLY A 200 -4.61 -21.43 12.42
C GLY A 200 -3.66 -20.26 12.65
N ARG A 201 -2.37 -20.53 12.48
CA ARG A 201 -1.35 -19.50 12.56
C ARG A 201 -0.19 -19.94 11.69
N ILE A 202 0.23 -19.08 10.77
CA ILE A 202 1.30 -19.39 9.84
C ILE A 202 2.25 -18.21 9.77
N THR A 203 3.55 -18.50 9.67
CA THR A 203 4.60 -17.49 9.74
C THR A 203 5.69 -17.85 8.72
N VAL A 204 5.54 -17.37 7.49
CA VAL A 204 6.57 -17.52 6.47
C VAL A 204 7.61 -16.43 6.68
N SER A 205 8.83 -16.83 6.99
CA SER A 205 9.89 -15.88 7.31
C SER A 205 11.12 -16.15 6.47
N THR A 206 11.91 -15.09 6.28
CA THR A 206 13.23 -15.16 5.67
C THR A 206 14.17 -14.32 6.53
N LYS A 207 15.48 -14.49 6.31
CA LYS A 207 16.44 -13.76 7.13
C LYS A 207 16.30 -12.26 7.00
N ARG A 208 15.70 -11.78 5.91
CA ARG A 208 15.46 -10.35 5.74
C ARG A 208 14.08 -9.93 6.27
N SER A 209 13.03 -10.67 5.94
CA SER A 209 11.68 -10.23 6.23
C SER A 209 10.84 -11.38 6.77
N GLN A 210 9.61 -11.07 7.14
CA GLN A 210 8.68 -12.05 7.70
C GLN A 210 7.26 -11.70 7.30
N GLN A 211 6.50 -12.72 6.90
CA GLN A 211 5.07 -12.59 6.66
C GLN A 211 4.33 -13.51 7.62
N ALA A 212 3.18 -13.05 8.10
CA ALA A 212 2.38 -13.83 9.03
C ALA A 212 0.92 -13.42 8.88
N VAL A 213 0.03 -14.42 8.75
CA VAL A 213 -1.38 -14.16 8.60
C VAL A 213 -2.17 -15.14 9.45
N ILE A 214 -3.31 -14.68 9.95
CA ILE A 214 -4.26 -15.49 10.70
C ILE A 214 -5.46 -15.75 9.80
N PRO A 215 -5.92 -17.00 9.67
CA PRO A 215 -7.09 -17.25 8.83
C PRO A 215 -8.36 -16.65 9.43
N ASN A 216 -9.13 -15.99 8.58
CA ASN A 216 -10.40 -15.38 8.97
C ASN A 216 -11.53 -16.30 8.54
N ILE A 217 -12.22 -16.88 9.51
CA ILE A 217 -13.31 -17.80 9.23
C ILE A 217 -14.58 -17.00 8.95
N GLY A 218 -15.39 -17.49 8.04
CA GLY A 218 -16.63 -16.82 7.69
C GLY A 218 -17.12 -17.26 6.33
N SER A 219 -18.36 -16.86 6.04
CA SER A 219 -18.99 -17.24 4.78
C SER A 219 -18.58 -16.28 3.67
N ARG A 220 -18.43 -16.82 2.47
CA ARG A 220 -18.17 -16.08 1.25
C ARG A 220 -19.11 -16.59 0.17
N PRO A 221 -19.38 -15.78 -0.86
CA PRO A 221 -20.32 -16.21 -1.89
C PRO A 221 -19.86 -17.48 -2.58
N ARG A 222 -20.70 -18.52 -2.49
CA ARG A 222 -20.33 -19.81 -3.06
C ARG A 222 -20.22 -19.72 -4.57
N ILE A 223 -19.05 -20.12 -5.09
CA ILE A 223 -18.82 -20.24 -6.52
C ILE A 223 -18.24 -21.61 -6.77
N ARG A 224 -18.80 -22.32 -7.75
CA ARG A 224 -18.58 -23.76 -7.91
C ARG A 224 -18.92 -24.49 -6.62
N ASP A 225 -19.99 -24.03 -5.96
CA ASP A 225 -20.58 -24.66 -4.78
C ASP A 225 -19.66 -24.67 -3.57
N ILE A 226 -18.55 -23.95 -3.60
CA ILE A 226 -17.65 -23.91 -2.44
C ILE A 226 -17.60 -22.49 -1.88
N PRO A 227 -18.08 -22.28 -0.66
CA PRO A 227 -18.11 -20.92 -0.08
C PRO A 227 -16.82 -20.52 0.63
N SER A 228 -15.83 -21.40 0.72
CA SER A 228 -14.56 -21.03 1.30
C SER A 228 -13.75 -20.22 0.28
N ARG A 229 -12.66 -19.61 0.76
CA ARG A 229 -11.78 -18.83 -0.09
C ARG A 229 -10.33 -19.19 0.19
N ILE A 230 -9.44 -18.65 -0.63
CA ILE A 230 -8.00 -18.83 -0.46
C ILE A 230 -7.34 -17.48 -0.68
N SER A 231 -6.59 -17.02 0.31
CA SER A 231 -5.76 -15.84 0.18
C SER A 231 -4.34 -16.29 -0.14
N ILE A 232 -3.78 -15.79 -1.22
CA ILE A 232 -2.45 -16.15 -1.68
C ILE A 232 -1.49 -15.04 -1.32
N TYR A 233 -0.27 -15.41 -0.96
CA TYR A 233 0.81 -14.45 -0.73
C TYR A 233 2.06 -14.93 -1.45
N TRP A 234 3.05 -14.06 -1.52
CA TRP A 234 4.28 -14.36 -2.24
C TRP A 234 5.48 -13.96 -1.39
N THR A 235 6.54 -14.74 -1.51
CA THR A 235 7.77 -14.49 -0.76
C THR A 235 8.95 -14.72 -1.67
N ILE A 236 9.89 -13.77 -1.67
CA ILE A 236 11.12 -13.84 -2.45
C ILE A 236 12.28 -14.07 -1.49
N VAL A 237 13.08 -15.09 -1.76
CA VAL A 237 14.21 -15.46 -0.92
C VAL A 237 15.48 -15.24 -1.72
N LYS A 238 16.29 -14.27 -1.29
CA LYS A 238 17.52 -13.93 -1.98
C LYS A 238 18.62 -14.96 -1.69
N PRO A 239 19.66 -15.00 -2.52
CA PRO A 239 20.74 -15.97 -2.29
C PRO A 239 21.45 -15.72 -0.97
N GLY A 240 21.99 -16.80 -0.41
CA GLY A 240 22.55 -16.74 0.93
C GLY A 240 21.52 -16.65 2.03
N ASP A 241 20.24 -16.56 1.69
CA ASP A 241 19.15 -16.54 2.65
C ASP A 241 18.46 -17.90 2.66
N ILE A 242 17.58 -18.09 3.63
CA ILE A 242 16.96 -19.39 3.87
C ILE A 242 15.49 -19.19 4.21
N LEU A 243 14.63 -19.93 3.51
CA LEU A 243 13.20 -19.89 3.79
C LEU A 243 12.85 -20.86 4.91
N LEU A 244 11.99 -20.40 5.82
CA LEU A 244 11.41 -21.28 6.83
C LEU A 244 9.93 -20.97 6.96
N ILE A 245 9.16 -21.99 7.32
CA ILE A 245 7.73 -21.90 7.49
C ILE A 245 7.37 -22.49 8.85
N ASN A 246 6.69 -21.72 9.69
CA ASN A 246 6.00 -22.26 10.85
C ASN A 246 4.51 -22.17 10.59
N SER A 247 3.84 -23.32 10.67
CA SER A 247 2.40 -23.42 10.44
C SER A 247 1.77 -24.31 11.49
N THR A 248 0.53 -23.97 11.87
CA THR A 248 -0.26 -24.79 12.77
C THR A 248 -1.52 -25.31 12.11
N GLY A 249 -1.77 -24.94 10.87
CA GLY A 249 -2.98 -25.32 10.17
C GLY A 249 -3.35 -24.27 9.14
N ASN A 250 -4.35 -24.63 8.33
CA ASN A 250 -4.90 -23.77 7.28
C ASN A 250 -3.88 -23.38 6.22
N LEU A 251 -2.74 -24.07 6.17
CA LEU A 251 -1.68 -23.73 5.23
C LEU A 251 -1.84 -24.55 3.95
N ILE A 252 -1.84 -23.86 2.81
CA ILE A 252 -1.71 -24.53 1.52
C ILE A 252 -0.29 -24.28 1.02
N ALA A 253 0.66 -25.05 1.54
CA ALA A 253 2.06 -24.83 1.28
C ALA A 253 2.40 -25.07 -0.19
N PRO A 254 3.52 -24.52 -0.66
CA PRO A 254 3.91 -24.73 -2.06
C PRO A 254 4.74 -25.99 -2.25
N ARG A 255 4.85 -26.40 -3.51
CA ARG A 255 5.71 -27.51 -3.89
C ARG A 255 7.09 -27.06 -4.37
N GLY A 256 7.30 -25.75 -4.53
CA GLY A 256 8.59 -25.27 -5.00
C GLY A 256 8.54 -23.79 -5.30
N TYR A 257 9.50 -23.35 -6.11
CA TYR A 257 9.75 -21.94 -6.38
C TYR A 257 9.87 -21.71 -7.88
N PHE A 258 9.61 -20.47 -8.29
CA PHE A 258 9.75 -20.04 -9.67
C PHE A 258 11.02 -19.23 -9.84
N LYS A 259 11.72 -19.47 -10.95
CA LYS A 259 12.96 -18.74 -11.22
C LYS A 259 12.66 -17.29 -11.58
N ILE A 260 13.29 -16.37 -10.87
CA ILE A 260 13.11 -14.94 -11.12
C ILE A 260 14.19 -14.48 -12.08
N ARG A 261 13.77 -13.97 -13.23
CA ARG A 261 14.66 -13.35 -14.20
C ARG A 261 14.34 -11.87 -14.29
N SER A 262 15.37 -11.04 -14.41
CA SER A 262 15.20 -9.62 -14.69
C SER A 262 15.32 -9.45 -16.20
N GLY A 263 14.18 -9.24 -16.86
CA GLY A 263 14.14 -9.23 -18.31
C GLY A 263 13.24 -8.15 -18.83
N LYS A 264 13.12 -8.12 -20.16
CA LYS A 264 12.31 -7.13 -20.87
C LYS A 264 10.87 -7.60 -21.10
N SER A 265 10.43 -8.64 -20.42
CA SER A 265 9.10 -9.16 -20.68
C SER A 265 8.03 -8.30 -20.00
N SER A 266 6.79 -8.46 -20.47
CA SER A 266 5.63 -7.75 -19.95
C SER A 266 4.38 -8.51 -20.36
N ILE A 267 3.22 -7.94 -20.05
CA ILE A 267 1.95 -8.47 -20.55
C ILE A 267 1.10 -7.30 -21.04
N MET A 268 0.04 -7.65 -21.76
CA MET A 268 -0.78 -6.68 -22.46
C MET A 268 -2.20 -7.24 -22.56
N ARG A 269 -3.18 -6.46 -22.09
CA ARG A 269 -4.58 -6.88 -22.13
C ARG A 269 -5.13 -6.61 -23.52
N SER A 270 -5.34 -7.67 -24.30
CA SER A 270 -5.75 -7.52 -25.67
C SER A 270 -6.60 -8.72 -26.09
N ASP A 271 -7.53 -8.47 -27.01
CA ASP A 271 -8.32 -9.51 -27.65
C ASP A 271 -7.99 -9.63 -29.13
N ALA A 272 -6.78 -9.23 -29.51
CA ALA A 272 -6.35 -9.32 -30.89
C ALA A 272 -5.83 -10.72 -31.20
N PRO A 273 -6.02 -11.20 -32.43
CA PRO A 273 -5.49 -12.50 -32.81
C PRO A 273 -3.99 -12.41 -33.07
N ILE A 274 -3.39 -13.56 -33.37
CA ILE A 274 -1.96 -13.67 -33.63
C ILE A 274 -1.78 -14.26 -35.02
N GLY A 275 -0.91 -13.63 -35.82
CA GLY A 275 -0.63 -14.09 -37.17
C GLY A 275 0.86 -14.20 -37.41
N LYS A 276 1.19 -14.73 -38.59
CA LYS A 276 2.58 -14.89 -39.00
C LYS A 276 3.03 -13.60 -39.69
N CYS A 277 3.88 -12.84 -39.02
CA CYS A 277 4.31 -11.53 -39.47
C CYS A 277 5.37 -11.01 -38.52
N LYS A 278 6.17 -10.04 -39.00
CA LYS A 278 7.27 -9.44 -38.24
C LYS A 278 6.97 -7.96 -38.04
N SER A 279 6.74 -7.56 -36.80
CA SER A 279 6.49 -6.16 -36.47
C SER A 279 7.05 -5.87 -35.09
N GLU A 280 8.01 -4.95 -35.02
CA GLU A 280 8.74 -4.66 -33.80
C GLU A 280 7.89 -3.99 -32.73
N CYS A 281 6.69 -3.51 -33.07
CA CYS A 281 5.80 -2.87 -32.10
C CYS A 281 4.48 -3.61 -32.04
N ILE A 282 3.88 -3.62 -30.85
CA ILE A 282 2.64 -4.35 -30.58
C ILE A 282 1.77 -3.50 -29.65
N THR A 283 0.50 -3.38 -29.98
CA THR A 283 -0.50 -2.69 -29.16
C THR A 283 -1.72 -3.57 -29.00
N PRO A 284 -2.53 -3.34 -27.97
CA PRO A 284 -3.77 -4.13 -27.83
C PRO A 284 -4.71 -3.99 -29.01
N ASN A 285 -4.73 -2.81 -29.61
CA ASN A 285 -5.53 -2.63 -30.80
C ASN A 285 -4.98 -3.44 -31.99
N GLY A 286 -3.71 -3.78 -31.95
CA GLY A 286 -3.08 -4.54 -33.00
C GLY A 286 -1.65 -4.08 -33.15
N SER A 287 -0.94 -4.76 -34.04
CA SER A 287 0.44 -4.42 -34.31
C SER A 287 0.49 -3.23 -35.25
N ILE A 288 1.45 -2.34 -34.99
CA ILE A 288 1.57 -1.10 -35.75
C ILE A 288 2.98 -1.01 -36.31
N PRO A 289 3.18 -0.20 -37.36
CA PRO A 289 4.53 0.01 -37.90
C PRO A 289 5.25 1.19 -37.28
N ASN A 290 6.55 1.00 -37.03
CA ASN A 290 7.39 2.04 -36.43
C ASN A 290 7.98 2.98 -37.47
N ASP A 291 7.31 3.15 -38.61
CA ASP A 291 7.79 4.06 -39.65
C ASP A 291 7.71 5.51 -39.18
N LYS A 292 6.50 6.04 -39.08
CA LYS A 292 6.31 7.39 -38.59
C LYS A 292 6.72 7.47 -37.11
N PRO A 293 7.16 8.64 -36.64
CA PRO A 293 7.63 8.75 -35.25
C PRO A 293 6.54 8.98 -34.23
N PHE A 294 5.30 9.25 -34.65
CA PHE A 294 4.17 9.43 -33.74
C PHE A 294 3.07 8.42 -34.06
N GLN A 295 2.39 7.94 -33.03
CA GLN A 295 1.28 7.01 -33.20
C GLN A 295 0.04 7.56 -32.52
N ASN A 296 -1.12 7.13 -33.02
CA ASN A 296 -2.42 7.56 -32.52
C ASN A 296 -3.26 6.39 -32.03
N VAL A 297 -2.76 5.17 -32.17
CA VAL A 297 -3.59 3.98 -31.98
C VAL A 297 -3.96 3.82 -30.51
N ASN A 298 -2.98 3.55 -29.66
CA ASN A 298 -3.27 3.16 -28.28
C ASN A 298 -2.24 3.73 -27.32
N ARG A 299 -2.70 3.98 -26.08
CA ARG A 299 -1.81 4.51 -25.04
C ARG A 299 -0.69 3.54 -24.72
N ILE A 300 -1.03 2.27 -24.53
CA ILE A 300 -0.06 1.27 -24.11
C ILE A 300 0.63 0.69 -25.34
N THR A 301 1.96 0.74 -25.35
CA THR A 301 2.78 0.26 -26.45
C THR A 301 3.79 -0.74 -25.91
N TYR A 302 4.45 -1.44 -26.84
CA TYR A 302 5.41 -2.47 -26.47
C TYR A 302 6.50 -2.54 -27.52
N GLY A 303 7.73 -2.20 -27.14
CA GLY A 303 8.86 -2.31 -28.04
C GLY A 303 9.25 -1.01 -28.71
N ALA A 304 9.90 -1.10 -29.87
CA ALA A 304 10.26 0.08 -30.65
C ALA A 304 9.01 0.69 -31.26
N CYS A 305 8.38 1.63 -30.56
CA CYS A 305 7.09 2.18 -30.93
C CYS A 305 7.16 3.69 -31.01
N PRO A 306 6.29 4.30 -31.82
CA PRO A 306 6.16 5.76 -31.80
C PRO A 306 5.46 6.25 -30.54
N ARG A 307 5.63 7.53 -30.26
CA ARG A 307 5.01 8.15 -29.10
C ARG A 307 3.53 8.40 -29.36
N TYR A 308 2.70 8.09 -28.36
CA TYR A 308 1.28 8.38 -28.46
C TYR A 308 1.02 9.87 -28.27
N VAL A 309 0.36 10.48 -29.23
CA VAL A 309 0.00 11.89 -29.16
C VAL A 309 -1.50 12.03 -29.38
N LYS A 310 -2.08 13.09 -28.84
CA LYS A 310 -3.50 13.36 -29.08
C LYS A 310 -3.77 13.60 -30.55
N GLN A 311 -2.84 14.26 -31.25
CA GLN A 311 -3.04 14.65 -32.64
C GLN A 311 -3.40 13.45 -33.50
N SER A 312 -4.44 13.62 -34.31
CA SER A 312 -4.87 12.55 -35.21
C SER A 312 -4.04 12.50 -36.49
N THR A 313 -3.44 13.63 -36.88
CA THR A 313 -2.60 13.69 -38.06
C THR A 313 -1.73 14.94 -38.00
N LEU A 314 -0.51 14.81 -38.50
CA LEU A 314 0.45 15.91 -38.55
C LEU A 314 1.18 15.86 -39.88
N LYS A 315 0.95 16.88 -40.72
CA LYS A 315 1.53 16.93 -42.06
C LYS A 315 2.88 17.64 -42.00
N LEU A 316 3.93 16.93 -42.38
CA LEU A 316 5.28 17.49 -42.45
C LEU A 316 5.59 17.86 -43.90
N ALA A 317 5.97 19.11 -44.11
CA ALA A 317 6.27 19.59 -45.46
C ALA A 317 7.54 18.92 -45.98
N THR A 318 7.44 18.35 -47.19
CA THR A 318 8.61 17.79 -47.88
C THR A 318 8.92 18.49 -49.19
N GLY A 319 8.03 19.34 -49.69
CA GLY A 319 8.30 20.12 -50.88
C GLY A 319 8.33 21.60 -50.57
N MET A 320 8.29 22.43 -51.62
CA MET A 320 8.32 23.87 -51.44
C MET A 320 6.88 24.42 -51.39
N ARG A 321 6.76 25.73 -51.24
CA ARG A 321 5.45 26.37 -51.34
C ARG A 321 4.93 26.24 -52.77
N ASN A 322 3.68 25.82 -52.91
CA ASN A 322 3.11 25.50 -54.21
C ASN A 322 2.33 26.69 -54.75
N VAL A 323 2.77 27.21 -55.88
CA VAL A 323 2.06 28.27 -56.60
C VAL A 323 1.97 27.86 -58.07
N PRO A 324 0.79 27.49 -58.56
CA PRO A 324 0.68 26.98 -59.93
C PRO A 324 0.60 28.10 -60.95
N GLU A 325 0.65 27.71 -62.23
CA GLU A 325 0.53 28.66 -63.32
C GLU A 325 -0.85 29.30 -63.32
N ARG A 326 -0.89 30.63 -63.44
CA ARG A 326 -2.15 31.34 -63.46
C ARG A 326 -2.99 30.93 -64.66
N GLN A 327 -4.27 30.64 -64.42
CA GLN A 327 -5.16 30.28 -65.51
C GLN A 327 -5.40 31.43 -66.48
N THR A 328 -5.24 32.67 -66.02
CA THR A 328 -5.35 33.83 -66.89
C THR A 328 -4.07 34.17 -67.65
N ARG A 329 -3.09 33.29 -67.53
CA ARG A 329 -1.85 33.60 -68.26
C ARG A 329 -2.13 33.39 -69.74
N GLY A 330 -1.98 34.42 -70.54
CA GLY A 330 -2.25 34.22 -71.98
C GLY A 330 -1.22 33.36 -72.67
N ILE A 331 -1.63 32.70 -73.75
CA ILE A 331 -0.70 31.84 -74.54
C ILE A 331 0.15 32.75 -75.45
N PHE A 332 1.37 32.32 -75.77
CA PHE A 332 2.32 33.10 -76.63
C PHE A 332 2.58 34.49 -76.03
N GLY A 333 2.73 34.57 -74.71
CA GLY A 333 3.01 35.84 -74.01
C GLY A 333 4.46 35.88 -73.54
N ALA A 334 4.79 36.78 -72.60
CA ALA A 334 6.17 36.83 -72.11
C ALA A 334 6.35 35.76 -71.05
N ILE A 335 7.58 35.43 -70.78
CA ILE A 335 7.88 34.46 -69.74
C ILE A 335 7.69 35.08 -68.36
N ALA A 336 7.31 34.25 -67.39
CA ALA A 336 6.97 34.71 -66.05
C ALA A 336 7.91 34.09 -65.02
N GLY A 337 8.29 34.89 -64.02
CA GLY A 337 9.21 34.46 -62.98
C GLY A 337 8.55 33.76 -61.83
N PHE A 338 8.93 34.12 -60.60
CA PHE A 338 8.34 33.49 -59.44
C PHE A 338 7.03 34.16 -59.05
N ILE A 339 7.05 35.49 -59.01
CA ILE A 339 5.94 36.25 -58.44
C ILE A 339 4.64 35.95 -59.16
N GLU A 340 4.71 35.83 -60.49
CA GLU A 340 3.49 35.61 -61.27
C GLU A 340 2.92 34.22 -61.04
N ASN A 341 3.75 33.20 -61.12
CA ASN A 341 3.29 31.82 -61.02
C ASN A 341 4.51 30.92 -60.87
N GLY A 342 4.25 29.63 -60.69
CA GLY A 342 5.29 28.62 -60.80
C GLY A 342 5.11 27.83 -62.08
N TRP A 343 6.18 27.16 -62.51
CA TRP A 343 6.16 26.45 -63.80
C TRP A 343 5.70 25.02 -63.58
N GLU A 344 4.64 24.63 -64.28
CA GLU A 344 4.13 23.26 -64.18
C GLU A 344 4.89 22.30 -65.07
N GLY A 345 5.32 22.75 -66.26
CA GLY A 345 5.93 21.89 -67.24
C GLY A 345 7.32 21.38 -66.92
N MET A 346 7.87 21.72 -65.75
CA MET A 346 9.21 21.28 -65.37
CA MET A 346 9.21 21.28 -65.37
C MET A 346 9.13 19.95 -64.64
N VAL A 347 10.05 19.04 -64.98
CA VAL A 347 10.02 17.69 -64.42
C VAL A 347 11.40 17.29 -63.89
N ASP A 348 12.47 17.73 -64.56
CA ASP A 348 13.81 17.26 -64.21
C ASP A 348 14.27 17.80 -62.86
N GLY A 349 13.77 18.96 -62.45
CA GLY A 349 14.23 19.55 -61.22
C GLY A 349 13.15 20.40 -60.58
N TRP A 350 13.54 21.05 -59.49
CA TRP A 350 12.66 21.94 -58.75
C TRP A 350 12.80 23.39 -59.21
N TYR A 351 14.00 23.81 -59.54
CA TYR A 351 14.27 25.16 -60.03
C TYR A 351 14.87 25.08 -61.43
N GLY A 352 14.62 26.08 -62.25
CA GLY A 352 15.13 26.06 -63.61
C GLY A 352 15.05 27.42 -64.27
N PHE A 353 15.49 27.46 -65.52
CA PHE A 353 15.53 28.67 -66.31
C PHE A 353 14.55 28.58 -67.48
N ARG A 354 13.86 29.68 -67.75
CA ARG A 354 13.09 29.85 -68.98
C ARG A 354 13.63 31.07 -69.71
N HIS A 355 13.95 30.90 -70.99
CA HIS A 355 14.62 31.94 -71.77
C HIS A 355 13.93 32.07 -73.12
N GLN A 356 14.10 33.25 -73.73
CA GLN A 356 13.69 33.46 -75.11
C GLN A 356 14.69 34.38 -75.78
N ASN A 357 15.37 33.87 -76.80
CA ASN A 357 16.31 34.64 -77.59
C ASN A 357 15.77 34.78 -79.02
N SER A 358 16.64 35.20 -79.94
CA SER A 358 16.26 35.28 -81.35
C SER A 358 15.90 33.92 -81.91
N GLU A 359 16.57 32.86 -81.44
CA GLU A 359 16.33 31.51 -81.94
C GLU A 359 15.08 30.87 -81.35
N GLY A 360 14.54 31.43 -80.28
CA GLY A 360 13.28 30.93 -79.75
C GLY A 360 13.25 30.67 -78.26
N ARG A 361 12.38 29.75 -77.85
CA ARG A 361 12.11 29.48 -76.45
C ARG A 361 12.83 28.21 -76.00
N GLY A 362 12.68 27.91 -74.71
CA GLY A 362 13.26 26.71 -74.15
C GLY A 362 13.27 26.74 -72.63
N GLN A 363 13.43 25.57 -72.01
CA GLN A 363 13.52 25.50 -70.57
C GLN A 363 14.31 24.25 -70.18
N ALA A 364 15.00 24.35 -69.05
CA ALA A 364 15.78 23.25 -68.48
C ALA A 364 16.05 23.58 -67.03
N ALA A 365 15.99 22.56 -66.17
CA ALA A 365 16.18 22.80 -64.76
C ALA A 365 17.68 22.92 -64.43
N ASP A 366 17.94 23.43 -63.24
CA ASP A 366 19.30 23.53 -62.71
C ASP A 366 19.39 22.62 -61.50
N LEU A 367 19.92 21.41 -61.72
CA LEU A 367 20.02 20.44 -60.63
C LEU A 367 20.89 20.95 -59.49
N LYS A 368 21.92 21.74 -59.80
CA LYS A 368 22.89 22.16 -58.79
C LYS A 368 22.21 22.82 -57.58
N SER A 369 21.24 23.69 -57.83
CA SER A 369 20.52 24.35 -56.75
C SER A 369 19.33 23.52 -56.26
N THR A 370 18.62 22.87 -57.19
CA THR A 370 17.57 21.94 -56.80
C THR A 370 18.12 20.86 -55.89
N GLN A 371 19.31 20.34 -56.19
CA GLN A 371 19.87 19.25 -55.40
C GLN A 371 20.18 19.69 -53.98
N ALA A 372 20.60 20.94 -53.80
CA ALA A 372 20.92 21.41 -52.45
C ALA A 372 19.69 21.40 -51.56
N ALA A 373 18.54 21.82 -52.10
CA ALA A 373 17.34 21.90 -51.29
C ALA A 373 16.82 20.52 -50.90
N ILE A 374 16.77 19.60 -51.87
CA ILE A 374 16.20 18.28 -51.59
C ILE A 374 17.05 17.51 -50.59
N ASP A 375 18.37 17.75 -50.58
CA ASP A 375 19.23 17.07 -49.62
C ASP A 375 18.84 17.42 -48.19
N GLN A 376 18.42 18.66 -47.95
CA GLN A 376 18.11 19.08 -46.59
C GLN A 376 16.82 18.42 -46.10
N ILE A 377 15.80 18.40 -46.95
CA ILE A 377 14.56 17.70 -46.60
C ILE A 377 14.84 16.21 -46.41
N ASN A 378 15.53 15.60 -47.38
CA ASN A 378 15.96 14.21 -47.30
C ASN A 378 17.23 14.13 -46.46
N GLY A 379 17.04 14.34 -45.16
CA GLY A 379 18.15 14.44 -44.22
C GLY A 379 17.64 15.05 -42.93
N LYS A 380 16.79 16.07 -43.08
CA LYS A 380 15.91 16.47 -41.98
C LYS A 380 14.85 15.41 -41.74
N LEU A 381 14.46 14.69 -42.80
CA LEU A 381 13.56 13.53 -42.63
C LEU A 381 14.22 12.46 -41.78
N ASN A 382 15.48 12.14 -42.05
CA ASN A 382 16.18 11.13 -41.27
C ASN A 382 16.39 11.54 -39.82
N ARG A 383 16.31 12.85 -39.53
CA ARG A 383 16.25 13.26 -38.13
C ARG A 383 14.92 12.86 -37.48
N LEU A 384 13.84 12.89 -38.25
CA LEU A 384 12.48 12.64 -37.74
C LEU A 384 12.00 11.23 -37.97
N ILE A 385 12.28 10.63 -39.14
CA ILE A 385 11.78 9.30 -39.44
C ILE A 385 12.58 8.26 -38.65
N GLY A 386 11.94 7.14 -38.36
CA GLY A 386 12.61 6.05 -37.65
C GLY A 386 13.11 6.43 -36.27
N LYS A 387 12.34 7.25 -35.53
CA LYS A 387 12.71 7.55 -34.15
C LYS A 387 12.79 6.27 -33.33
N THR A 388 11.69 5.50 -33.30
CA THR A 388 11.64 4.14 -32.78
C THR A 388 12.34 4.02 -31.42
N ASN A 389 11.75 4.67 -30.43
CA ASN A 389 12.21 4.48 -29.06
C ASN A 389 11.71 3.15 -28.53
N GLU A 390 12.59 2.43 -27.83
CA GLU A 390 12.27 1.12 -27.29
C GLU A 390 11.83 1.28 -25.84
N LYS A 391 10.56 0.99 -25.57
CA LYS A 391 10.02 1.04 -24.22
C LYS A 391 9.49 -0.33 -23.85
N PHE A 392 9.82 -0.78 -22.63
CA PHE A 392 9.56 -2.15 -22.20
C PHE A 392 8.79 -2.11 -20.89
N HIS A 393 7.62 -2.74 -20.86
CA HIS A 393 6.82 -2.94 -19.66
C HIS A 393 6.60 -1.65 -18.87
N GLN A 394 5.71 -0.79 -19.34
CA GLN A 394 5.28 0.38 -18.58
C GLN A 394 4.10 0.01 -17.69
N ILE A 395 3.73 0.95 -16.81
CA ILE A 395 2.61 0.71 -15.91
C ILE A 395 1.31 0.59 -16.70
N GLU A 396 0.30 0.00 -16.06
CA GLU A 396 -1.01 -0.11 -16.68
C GLU A 396 -1.62 1.27 -16.88
N LYS A 397 -2.03 1.56 -18.12
CA LYS A 397 -2.63 2.84 -18.46
C LYS A 397 -4.16 2.81 -18.47
N GLU A 398 -4.77 1.64 -18.28
CA GLU A 398 -6.21 1.49 -18.22
C GLU A 398 -6.58 0.67 -16.99
N PHE A 399 -7.78 0.91 -16.46
CA PHE A 399 -8.21 0.28 -15.22
C PHE A 399 -9.69 -0.07 -15.31
N SER A 400 -10.06 -1.14 -14.62
CA SER A 400 -11.43 -1.66 -14.63
C SER A 400 -12.20 -1.38 -13.34
N GLU A 401 -11.57 -1.54 -12.19
CA GLU A 401 -12.22 -1.30 -10.91
C GLU A 401 -11.85 0.09 -10.37
N VAL A 402 -12.45 0.45 -9.26
CA VAL A 402 -12.24 1.74 -8.62
C VAL A 402 -11.29 1.54 -7.43
N GLU A 403 -10.10 2.13 -7.53
CA GLU A 403 -9.07 1.94 -6.50
C GLU A 403 -8.75 3.21 -5.72
N GLY A 404 -9.01 4.38 -6.27
CA GLY A 404 -8.85 5.63 -5.52
C GLY A 404 -7.49 6.27 -5.77
N ARG A 405 -6.68 6.35 -4.70
CA ARG A 405 -5.50 7.23 -4.71
C ARG A 405 -4.49 6.81 -5.76
N ILE A 406 -4.09 5.54 -5.76
CA ILE A 406 -3.05 5.09 -6.69
C ILE A 406 -3.52 5.23 -8.12
N GLN A 407 -4.76 4.79 -8.40
CA GLN A 407 -5.30 4.87 -9.76
C GLN A 407 -5.39 6.31 -10.22
N ASP A 408 -5.75 7.22 -9.31
CA ASP A 408 -5.78 8.64 -9.66
C ASP A 408 -4.40 9.13 -10.11
N LEU A 409 -3.35 8.71 -9.40
CA LEU A 409 -2.00 9.16 -9.75
C LEU A 409 -1.51 8.47 -11.01
N GLU A 410 -1.66 7.15 -11.08
CA GLU A 410 -1.24 6.40 -12.27
C GLU A 410 -1.88 6.96 -13.53
N LYS A 411 -3.11 7.45 -13.44
CA LYS A 411 -3.74 8.10 -14.58
C LYS A 411 -3.15 9.49 -14.81
N TYR A 412 -2.93 10.25 -13.74
CA TYR A 412 -2.43 11.61 -13.88
C TYR A 412 -1.05 11.64 -14.52
N VAL A 413 -0.27 10.58 -14.34
CA VAL A 413 1.06 10.49 -14.92
C VAL A 413 0.96 10.33 -16.43
N GLU A 414 0.42 9.20 -16.87
CA GLU A 414 0.39 8.88 -18.30
C GLU A 414 -0.34 9.95 -19.10
N ASP A 415 -1.30 10.65 -18.48
CA ASP A 415 -2.00 11.71 -19.18
C ASP A 415 -1.10 12.93 -19.36
N THR A 416 -0.55 13.44 -18.25
CA THR A 416 0.35 14.60 -18.32
C THR A 416 1.51 14.34 -19.28
N LYS A 417 1.95 13.09 -19.37
CA LYS A 417 2.96 12.73 -20.37
C LYS A 417 2.45 12.99 -21.78
N ILE A 418 1.23 12.54 -22.07
CA ILE A 418 0.69 12.64 -23.43
C ILE A 418 0.58 14.10 -23.85
N ASP A 419 0.05 14.95 -22.96
CA ASP A 419 -0.06 16.38 -23.24
C ASP A 419 1.29 16.97 -23.61
N LEU A 420 2.30 16.69 -22.79
CA LEU A 420 3.63 17.27 -23.01
C LEU A 420 4.24 16.79 -24.31
N TRP A 421 4.04 15.51 -24.66
CA TRP A 421 4.55 15.01 -25.93
C TRP A 421 3.82 15.63 -27.11
N SER A 422 2.50 15.79 -27.00
CA SER A 422 1.73 16.34 -28.11
C SER A 422 2.13 17.79 -28.40
N TYR A 423 2.28 18.61 -27.36
CA TYR A 423 2.77 19.97 -27.57
C TYR A 423 4.14 19.95 -28.23
N ASN A 424 5.04 19.12 -27.71
CA ASN A 424 6.35 18.96 -28.33
C ASN A 424 6.21 18.51 -29.79
N ALA A 425 5.20 17.69 -30.07
CA ALA A 425 4.99 17.23 -31.44
C ALA A 425 4.49 18.36 -32.33
N GLU A 426 3.42 19.03 -31.90
CA GLU A 426 2.86 20.12 -32.69
C GLU A 426 3.90 21.21 -32.94
N LEU A 427 4.63 21.60 -31.89
CA LEU A 427 5.67 22.62 -32.03
C LEU A 427 6.77 22.15 -32.99
N LEU A 428 7.09 20.87 -32.97
CA LEU A 428 8.16 20.37 -33.83
C LEU A 428 7.76 20.41 -35.30
N VAL A 429 6.53 20.00 -35.61
CA VAL A 429 6.07 20.01 -37.00
C VAL A 429 5.99 21.44 -37.52
N ALA A 430 5.39 22.34 -36.74
CA ALA A 430 5.22 23.72 -37.18
C ALA A 430 6.55 24.43 -37.38
N LEU A 431 7.60 23.98 -36.69
CA LEU A 431 8.92 24.60 -36.85
C LEU A 431 9.64 24.06 -38.07
N GLU A 432 9.70 22.73 -38.20
CA GLU A 432 10.36 22.13 -39.36
C GLU A 432 9.62 22.45 -40.65
N ASN A 433 8.34 22.79 -40.57
CA ASN A 433 7.62 23.26 -41.76
C ASN A 433 8.03 24.69 -42.11
N GLN A 434 7.91 25.61 -41.13
CA GLN A 434 8.28 27.00 -41.36
C GLN A 434 9.73 27.12 -41.82
N HIS A 435 10.60 26.23 -41.32
CA HIS A 435 11.98 26.23 -41.80
C HIS A 435 12.08 25.66 -43.21
N THR A 436 11.31 24.61 -43.50
CA THR A 436 11.31 24.06 -44.85
C THR A 436 10.83 25.08 -45.87
N ILE A 437 9.80 25.86 -45.52
CA ILE A 437 9.28 26.88 -46.43
C ILE A 437 10.35 27.92 -46.71
N ASP A 438 10.96 28.47 -45.65
CA ASP A 438 12.00 29.47 -45.85
C ASP A 438 13.18 28.90 -46.61
N LEU A 439 13.50 27.63 -46.38
CA LEU A 439 14.64 27.02 -47.06
C LEU A 439 14.44 27.00 -48.57
N THR A 440 13.32 26.44 -49.03
CA THR A 440 13.10 26.28 -50.45
C THR A 440 13.06 27.63 -51.16
N ASP A 441 12.45 28.64 -50.54
CA ASP A 441 12.42 29.98 -51.14
C ASP A 441 13.82 30.58 -51.21
N SER A 442 14.61 30.41 -50.15
CA SER A 442 15.95 31.01 -50.12
C SER A 442 16.87 30.36 -51.15
N GLU A 443 16.80 29.03 -51.28
CA GLU A 443 17.66 28.33 -52.24
C GLU A 443 17.44 28.83 -53.66
N MET A 444 16.20 29.18 -53.99
CA MET A 444 15.91 29.73 -55.30
C MET A 444 16.23 31.22 -55.37
N ASN A 445 15.97 31.94 -54.28
CA ASN A 445 16.36 33.34 -54.20
C ASN A 445 17.87 33.50 -54.28
N LYS A 446 18.62 32.47 -53.88
CA LYS A 446 20.06 32.48 -54.06
C LYS A 446 20.43 32.34 -55.53
N LEU A 447 19.74 31.46 -56.26
CA LEU A 447 20.08 31.23 -57.67
C LEU A 447 19.92 32.49 -58.50
N PHE A 448 18.92 33.31 -58.16
CA PHE A 448 18.76 34.61 -58.82
C PHE A 448 19.99 35.47 -58.59
N GLU A 449 20.48 35.53 -57.35
CA GLU A 449 21.69 36.28 -57.05
C GLU A 449 22.89 35.70 -57.79
N LYS A 450 23.01 34.37 -57.81
CA LYS A 450 24.10 33.73 -58.54
C LYS A 450 24.09 34.14 -60.00
N THR A 451 22.90 34.31 -60.58
CA THR A 451 22.81 34.72 -61.97
C THR A 451 23.11 36.22 -62.15
N LYS A 452 22.55 37.06 -61.27
CA LYS A 452 22.75 38.50 -61.41
C LYS A 452 24.21 38.87 -61.24
N LYS A 453 24.85 38.35 -60.19
CA LYS A 453 26.28 38.58 -59.99
C LYS A 453 27.11 37.98 -61.12
N GLN A 454 26.57 36.98 -61.82
CA GLN A 454 27.26 36.43 -62.98
C GLN A 454 27.10 37.31 -64.21
N LEU A 455 25.92 37.89 -64.40
CA LEU A 455 25.65 38.74 -65.56
C LEU A 455 26.30 40.11 -65.46
N ARG A 456 26.77 40.51 -64.28
CA ARG A 456 27.51 41.76 -64.07
C ARG A 456 26.62 42.93 -64.47
N GLU A 457 26.99 43.74 -65.47
CA GLU A 457 26.22 44.92 -65.85
C GLU A 457 25.64 44.80 -67.25
N ASN A 458 25.46 43.58 -67.76
CA ASN A 458 24.95 43.34 -69.09
C ASN A 458 23.44 43.08 -69.11
N ALA A 459 22.75 43.38 -68.01
CA ALA A 459 21.31 43.14 -67.93
C ALA A 459 20.71 43.95 -66.79
N GLU A 460 19.38 43.91 -66.68
CA GLU A 460 18.66 44.58 -65.62
C GLU A 460 17.57 43.68 -65.05
N ASP A 461 17.28 43.86 -63.76
CA ASP A 461 16.23 43.10 -63.09
C ASP A 461 14.90 43.72 -63.55
N MET A 462 14.16 42.99 -64.37
CA MET A 462 12.88 43.48 -64.85
C MET A 462 11.85 43.57 -63.74
N GLY A 463 12.08 42.92 -62.60
CA GLY A 463 11.17 42.93 -61.48
C GLY A 463 10.31 41.69 -61.37
N ASN A 464 9.94 41.09 -62.50
CA ASN A 464 9.13 39.87 -62.52
C ASN A 464 9.97 38.61 -62.34
N GLY A 465 11.15 38.71 -61.75
CA GLY A 465 12.02 37.56 -61.63
C GLY A 465 12.67 37.11 -62.91
N CYS A 466 12.74 37.97 -63.92
CA CYS A 466 13.43 37.70 -65.17
C CYS A 466 14.47 38.78 -65.42
N PHE A 467 15.53 38.42 -66.14
CA PHE A 467 16.56 39.36 -66.54
C PHE A 467 16.33 39.76 -68.00
N LYS A 468 16.53 41.03 -68.30
CA LYS A 468 16.50 41.54 -69.67
C LYS A 468 17.94 41.70 -70.13
N ILE A 469 18.42 40.74 -70.92
CA ILE A 469 19.79 40.76 -71.42
C ILE A 469 19.86 41.73 -72.59
N TYR A 470 20.64 42.81 -72.42
CA TYR A 470 20.69 43.90 -73.39
C TYR A 470 21.68 43.65 -74.51
N HIS A 471 21.79 42.42 -75.00
CA HIS A 471 22.63 42.12 -76.15
C HIS A 471 22.10 40.87 -76.84
N LYS A 472 22.64 40.60 -78.03
CA LYS A 472 22.29 39.39 -78.75
C LYS A 472 22.86 38.18 -78.03
N CYS A 473 21.99 37.28 -77.61
CA CYS A 473 22.38 36.06 -76.90
C CYS A 473 21.89 34.87 -77.73
N ASP A 474 22.83 34.06 -78.21
CA ASP A 474 22.50 32.88 -78.99
C ASP A 474 22.22 31.72 -78.04
N ASN A 475 22.14 30.50 -78.59
CA ASN A 475 22.02 29.33 -77.73
C ASN A 475 23.32 29.02 -77.01
N ALA A 476 24.45 29.57 -77.47
CA ALA A 476 25.73 29.33 -76.83
C ALA A 476 25.80 30.01 -75.46
N CYS A 477 25.58 31.33 -75.43
CA CYS A 477 25.62 32.08 -74.17
C CYS A 477 24.58 31.59 -73.18
N ILE A 478 23.40 31.17 -73.66
CA ILE A 478 22.39 30.63 -72.75
C ILE A 478 22.93 29.40 -72.03
N GLY A 479 23.58 28.50 -72.77
CA GLY A 479 24.22 27.37 -72.14
C GLY A 479 25.39 27.78 -71.28
N SER A 480 26.10 28.84 -71.66
CA SER A 480 27.22 29.30 -70.86
C SER A 480 26.76 29.82 -69.50
N ILE A 481 25.55 30.37 -69.43
CA ILE A 481 25.01 30.79 -68.14
C ILE A 481 24.60 29.52 -67.41
N ARG A 482 23.95 28.61 -68.16
CA ARG A 482 23.52 27.28 -67.63
C ARG A 482 24.74 26.62 -66.97
N ASN A 483 25.85 26.58 -67.71
CA ASN A 483 27.13 26.10 -67.20
C ASN A 483 27.71 26.85 -66.01
N GLY A 484 27.67 28.17 -66.06
CA GLY A 484 28.44 28.99 -65.17
C GLY A 484 29.68 29.59 -65.80
N THR A 485 29.80 29.54 -67.12
CA THR A 485 30.97 30.04 -67.84
C THR A 485 30.70 31.34 -68.57
N TYR A 486 29.58 32.01 -68.29
CA TYR A 486 29.28 33.27 -68.94
C TYR A 486 30.32 34.33 -68.57
N ASP A 487 31.07 34.78 -69.58
CA ASP A 487 32.02 35.87 -69.40
C ASP A 487 31.33 37.18 -69.74
N HIS A 488 31.19 38.07 -68.75
CA HIS A 488 30.51 39.34 -68.98
C HIS A 488 31.31 40.26 -69.89
N ASP A 489 32.63 40.13 -69.89
CA ASP A 489 33.47 41.16 -70.50
C ASP A 489 33.31 41.21 -72.02
N VAL A 490 33.01 40.07 -72.65
CA VAL A 490 32.92 40.05 -74.11
C VAL A 490 31.70 40.82 -74.59
N TYR A 491 30.54 40.53 -74.00
CA TYR A 491 29.29 41.18 -74.41
C TYR A 491 29.12 42.57 -73.81
N ARG A 492 29.98 42.95 -72.86
CA ARG A 492 29.79 44.19 -72.11
C ARG A 492 29.68 45.39 -73.05
N ASP A 493 30.73 45.63 -73.84
CA ASP A 493 30.72 46.74 -74.79
C ASP A 493 29.49 46.69 -75.68
N GLU A 494 29.14 45.50 -76.17
CA GLU A 494 27.96 45.35 -77.01
C GLU A 494 26.69 45.70 -76.23
N ALA A 495 26.56 45.16 -75.02
CA ALA A 495 25.37 45.40 -74.22
C ALA A 495 25.34 46.80 -73.62
N LEU A 496 26.48 47.26 -73.09
CA LEU A 496 26.52 48.55 -72.40
C LEU A 496 26.11 49.68 -73.33
N ASN A 497 26.47 49.58 -74.61
CA ASN A 497 26.06 50.61 -75.56
C ASN A 497 24.56 50.63 -75.76
N ASN A 498 23.92 49.45 -75.80
CA ASN A 498 22.47 49.39 -75.95
C ASN A 498 21.63 49.93 -74.80
N ARG A 499 22.12 49.83 -73.57
CA ARG A 499 21.33 50.28 -72.42
C ARG A 499 21.13 51.80 -72.32
N PHE A 500 22.11 52.54 -72.85
CA PHE A 500 22.22 53.98 -72.62
C PHE A 500 22.12 54.67 -73.97
N GLN A 501 20.98 55.33 -74.21
CA GLN A 501 20.76 56.10 -75.44
C GLN A 501 19.53 56.99 -75.31
N GLN B 1 21.69 -33.04 12.69
CA GLN B 1 22.45 -34.23 12.35
C GLN B 1 21.82 -34.96 11.16
N VAL B 2 22.49 -34.90 10.02
CA VAL B 2 22.03 -35.56 8.80
C VAL B 2 22.64 -36.96 8.72
N GLN B 3 21.82 -37.94 8.35
CA GLN B 3 22.25 -39.33 8.24
C GLN B 3 21.77 -39.89 6.91
N LEU B 4 22.41 -40.97 6.48
CA LEU B 4 22.07 -41.65 5.24
C LEU B 4 21.89 -43.14 5.50
N GLN B 5 20.89 -43.74 4.84
CA GLN B 5 20.62 -45.17 4.95
C GLN B 5 20.20 -45.69 3.59
N GLU B 6 21.01 -46.59 3.01
CA GLU B 6 20.77 -47.13 1.67
C GLU B 6 19.97 -48.43 1.79
N SER B 7 18.72 -48.41 1.33
CA SER B 7 17.94 -49.62 1.21
C SER B 7 18.22 -50.27 -0.15
N GLY B 8 18.34 -51.59 -0.15
CA GLY B 8 18.64 -52.30 -1.38
C GLY B 8 18.33 -53.78 -1.36
N PRO B 9 18.20 -54.36 -2.55
CA PRO B 9 18.06 -55.81 -2.67
C PRO B 9 19.37 -56.53 -2.36
N GLY B 10 19.26 -57.82 -2.07
CA GLY B 10 20.42 -58.63 -1.79
C GLY B 10 21.02 -59.28 -3.02
N LEU B 11 20.20 -59.98 -3.80
CA LEU B 11 20.64 -60.63 -5.02
C LEU B 11 19.93 -60.00 -6.22
N VAL B 12 20.42 -60.34 -7.42
CA VAL B 12 19.79 -59.89 -8.65
C VAL B 12 20.19 -60.82 -9.81
N LYS B 13 19.19 -61.28 -10.55
CA LYS B 13 19.46 -62.12 -11.72
C LYS B 13 20.17 -61.29 -12.79
N PRO B 14 21.17 -61.85 -13.46
CA PRO B 14 21.89 -61.11 -14.49
C PRO B 14 20.96 -60.66 -15.61
N SER B 15 21.40 -59.62 -16.33
CA SER B 15 20.68 -59.01 -17.44
C SER B 15 19.37 -58.39 -17.01
N GLU B 16 19.14 -58.20 -15.71
CA GLU B 16 17.93 -57.58 -15.20
C GLU B 16 18.25 -56.21 -14.63
N THR B 17 17.20 -55.47 -14.29
CA THR B 17 17.35 -54.13 -13.74
C THR B 17 17.49 -54.16 -12.22
N LEU B 18 18.36 -53.29 -11.70
CA LEU B 18 18.60 -53.17 -10.26
C LEU B 18 18.09 -51.81 -9.78
N SER B 19 17.15 -51.83 -8.85
CA SER B 19 16.60 -50.62 -8.25
C SER B 19 17.29 -50.36 -6.91
N LEU B 20 17.45 -49.08 -6.59
CA LEU B 20 18.13 -48.66 -5.37
C LEU B 20 17.62 -47.32 -4.90
N THR B 21 17.58 -47.16 -3.57
CA THR B 21 17.24 -45.89 -2.94
C THR B 21 18.24 -45.60 -1.82
N CYS B 22 18.29 -44.31 -1.44
CA CYS B 22 19.00 -43.87 -0.24
C CYS B 22 18.09 -42.93 0.54
N ALA B 23 17.97 -43.19 1.83
CA ALA B 23 17.16 -42.36 2.71
C ALA B 23 18.01 -41.20 3.21
N VAL B 24 17.47 -40.00 3.11
CA VAL B 24 18.11 -38.81 3.67
C VAL B 24 17.33 -38.42 4.91
N SER B 25 18.03 -37.82 5.87
CA SER B 25 17.43 -37.50 7.16
C SER B 25 17.85 -36.11 7.59
N GLY B 26 16.90 -35.36 8.14
CA GLY B 26 17.19 -34.06 8.72
C GLY B 26 17.68 -33.02 7.73
N ALA B 27 17.40 -33.21 6.44
CA ALA B 27 17.81 -32.24 5.43
C ALA B 27 17.00 -32.48 4.17
N SER B 28 16.61 -31.40 3.50
CA SER B 28 15.91 -31.52 2.23
C SER B 28 16.85 -32.06 1.17
N ILE B 29 16.35 -33.00 0.37
CA ILE B 29 17.16 -33.57 -0.71
C ILE B 29 17.57 -32.48 -1.71
N SER B 30 16.75 -31.44 -1.85
CA SER B 30 17.03 -30.40 -2.83
C SER B 30 18.16 -29.48 -2.43
N SER B 31 18.67 -29.58 -1.19
CA SER B 31 19.67 -28.63 -0.71
C SER B 31 21.09 -28.98 -1.12
N PHE B 32 21.37 -30.21 -1.53
CA PHE B 32 22.74 -30.62 -1.81
C PHE B 32 22.83 -31.45 -3.08
N TYR B 33 24.04 -31.48 -3.65
CA TYR B 33 24.37 -32.43 -4.69
C TYR B 33 24.55 -33.81 -4.09
N TRP B 34 24.04 -34.82 -4.77
CA TRP B 34 24.17 -36.20 -4.34
C TRP B 34 24.84 -37.03 -5.44
N SER B 35 25.61 -38.02 -5.02
CA SER B 35 26.20 -38.98 -5.94
C SER B 35 26.16 -40.35 -5.30
N TRP B 36 26.15 -41.37 -6.16
CA TRP B 36 26.32 -42.74 -5.74
C TRP B 36 27.78 -43.11 -6.03
N ILE B 37 28.35 -43.95 -5.17
CA ILE B 37 29.70 -44.47 -5.38
C ILE B 37 29.70 -45.94 -5.00
N ARG B 38 30.38 -46.76 -5.80
CA ARG B 38 30.44 -48.19 -5.58
C ARG B 38 31.87 -48.65 -5.36
N GLN B 39 32.01 -49.76 -4.63
CA GLN B 39 33.30 -50.35 -4.30
C GLN B 39 33.27 -51.84 -4.60
N SER B 40 34.03 -52.27 -5.59
CA SER B 40 34.09 -53.70 -5.85
C SER B 40 34.85 -54.37 -4.71
N PRO B 41 34.68 -55.68 -4.53
CA PRO B 41 35.18 -56.28 -3.28
C PRO B 41 36.70 -56.42 -3.26
N GLY B 42 37.36 -55.57 -2.48
CA GLY B 42 38.80 -55.60 -2.42
C GLY B 42 39.45 -54.74 -3.47
N LYS B 43 38.72 -53.78 -4.02
CA LYS B 43 39.13 -53.07 -5.22
C LYS B 43 38.89 -51.59 -5.03
N GLY B 44 39.09 -50.81 -6.10
CA GLY B 44 39.02 -49.37 -6.00
C GLY B 44 37.61 -48.86 -5.82
N LEU B 45 37.57 -47.55 -5.55
CA LEU B 45 36.32 -46.80 -5.44
C LEU B 45 35.88 -46.29 -6.80
N GLU B 46 34.65 -46.60 -7.20
CA GLU B 46 34.15 -46.23 -8.52
C GLU B 46 33.01 -45.23 -8.36
N TRP B 47 33.25 -43.99 -8.78
CA TRP B 47 32.17 -43.00 -8.85
C TRP B 47 31.30 -43.35 -10.04
N ILE B 48 29.98 -43.29 -9.85
CA ILE B 48 29.04 -43.65 -10.91
C ILE B 48 28.33 -42.42 -11.47
N ALA B 49 27.62 -41.67 -10.63
CA ALA B 49 26.88 -40.52 -11.15
C ALA B 49 26.46 -39.59 -10.03
N TYR B 50 26.18 -38.34 -10.41
CA TYR B 50 25.65 -37.34 -9.48
C TYR B 50 24.35 -36.75 -10.02
N ILE B 51 23.57 -36.16 -9.11
CA ILE B 51 22.27 -35.58 -9.43
C ILE B 51 22.08 -34.29 -8.63
N TYR B 52 21.15 -33.47 -9.09
CA TYR B 52 20.78 -32.22 -8.42
C TYR B 52 19.36 -31.88 -8.85
N TYR B 53 18.62 -31.23 -7.95
CA TYR B 53 17.19 -31.03 -8.20
C TYR B 53 16.91 -30.16 -9.42
N SER B 54 17.92 -29.48 -9.97
CA SER B 54 17.76 -28.79 -11.24
C SER B 54 17.39 -29.77 -12.35
N GLY B 55 18.00 -30.95 -12.34
CA GLY B 55 17.96 -31.87 -13.45
C GLY B 55 19.32 -32.16 -14.03
N LYS B 56 20.33 -31.36 -13.70
CA LYS B 56 21.69 -31.60 -14.16
C LYS B 56 22.17 -32.96 -13.67
N THR B 57 22.78 -33.73 -14.57
CA THR B 57 23.19 -35.09 -14.26
C THR B 57 24.37 -35.48 -15.13
N GLN B 58 25.38 -36.09 -14.50
CA GLN B 58 26.50 -36.69 -15.20
C GLN B 58 26.67 -38.12 -14.72
N TYR B 59 26.99 -39.02 -15.65
CA TYR B 59 27.21 -40.42 -15.35
C TYR B 59 28.65 -40.79 -15.66
N ASN B 60 29.15 -41.81 -14.97
CA ASN B 60 30.44 -42.34 -15.37
C ASN B 60 30.27 -43.23 -16.59
N PRO B 61 31.18 -43.15 -17.56
CA PRO B 61 31.03 -43.99 -18.77
C PRO B 61 31.21 -45.47 -18.52
N ALA B 62 31.97 -45.85 -17.49
CA ALA B 62 32.25 -47.26 -17.24
C ALA B 62 30.99 -48.09 -17.06
N VAL B 63 29.88 -47.46 -16.62
CA VAL B 63 28.61 -48.16 -16.57
C VAL B 63 27.91 -48.21 -17.91
N THR B 64 28.51 -47.62 -18.95
CA THR B 64 27.95 -47.56 -20.30
C THR B 64 26.50 -47.05 -20.30
N GLY B 65 26.29 -45.94 -19.62
CA GLY B 65 24.98 -45.32 -19.58
C GLY B 65 23.84 -46.18 -19.05
N ARG B 66 24.14 -47.41 -18.66
CA ARG B 66 23.08 -48.31 -18.18
C ARG B 66 22.43 -47.77 -16.92
N ALA B 67 23.19 -47.02 -16.13
CA ALA B 67 22.71 -46.47 -14.88
C ALA B 67 22.00 -45.15 -15.13
N THR B 68 20.89 -44.94 -14.42
CA THR B 68 20.14 -43.70 -14.53
C THR B 68 19.77 -43.27 -13.11
N ILE B 69 20.35 -42.18 -12.65
CA ILE B 69 20.11 -41.65 -11.31
C ILE B 69 18.88 -40.77 -11.36
N SER B 70 17.95 -41.01 -10.45
CA SER B 70 16.80 -40.14 -10.23
C SER B 70 16.84 -39.64 -8.79
N LEU B 71 15.89 -38.76 -8.47
CA LEU B 71 15.61 -38.36 -7.11
C LEU B 71 14.11 -38.14 -6.99
N GLN B 72 13.55 -38.56 -5.86
CA GLN B 72 12.11 -38.64 -5.69
C GLN B 72 11.69 -37.84 -4.47
N ASN B 73 10.55 -37.17 -4.59
CA ASN B 73 10.13 -36.15 -3.64
C ASN B 73 9.16 -36.58 -2.54
N TRP B 74 8.31 -37.56 -2.81
CA TRP B 74 7.38 -37.85 -1.71
C TRP B 74 8.03 -38.49 -0.47
N ASN B 75 8.88 -39.44 -0.75
CA ASN B 75 9.59 -40.07 0.36
C ASN B 75 10.91 -39.39 0.71
N ASN B 76 11.31 -38.36 -0.03
CA ASN B 76 12.56 -37.65 0.23
C ASN B 76 13.79 -38.55 0.06
N HIS B 77 13.72 -39.48 -0.87
CA HIS B 77 14.83 -40.40 -1.16
C HIS B 77 15.50 -40.02 -2.47
N VAL B 78 16.76 -40.41 -2.59
CA VAL B 78 17.49 -40.36 -3.86
C VAL B 78 17.68 -41.80 -4.35
N ALA B 79 17.40 -42.02 -5.64
CA ALA B 79 17.27 -43.37 -6.18
C ALA B 79 18.28 -43.60 -7.31
N LEU B 80 18.39 -44.86 -7.70
CA LEU B 80 19.34 -45.28 -8.74
C LEU B 80 18.87 -46.60 -9.33
N ARG B 81 18.63 -46.62 -10.64
CA ARG B 81 18.34 -47.85 -11.37
C ARG B 81 19.46 -48.12 -12.37
N VAL B 82 19.87 -49.38 -12.46
CA VAL B 82 20.87 -49.81 -13.45
C VAL B 82 20.42 -51.14 -14.06
N ASN B 83 20.24 -51.16 -15.37
CA ASN B 83 19.78 -52.34 -16.08
C ASN B 83 20.95 -53.19 -16.56
N SER B 84 20.61 -54.35 -17.12
CA SER B 84 21.55 -55.27 -17.76
C SER B 84 22.78 -55.53 -16.88
N VAL B 85 22.50 -56.01 -15.66
CA VAL B 85 23.57 -56.22 -14.68
C VAL B 85 24.44 -57.41 -15.11
N THR B 86 25.74 -57.26 -14.93
CA THR B 86 26.71 -58.33 -15.12
C THR B 86 27.32 -58.72 -13.78
N ALA B 87 28.17 -59.76 -13.81
CA ALA B 87 28.85 -60.20 -12.61
C ALA B 87 29.79 -59.13 -12.07
N ALA B 88 30.38 -58.32 -12.96
CA ALA B 88 31.30 -57.27 -12.52
C ALA B 88 30.59 -56.22 -11.67
N ASP B 89 29.29 -56.04 -11.86
CA ASP B 89 28.57 -54.98 -11.17
C ASP B 89 28.37 -55.26 -9.68
N THR B 90 28.75 -56.45 -9.19
CA THR B 90 28.58 -56.73 -7.78
C THR B 90 29.55 -55.90 -6.95
N ALA B 91 29.02 -55.25 -5.92
CA ALA B 91 29.78 -54.29 -5.11
C ALA B 91 28.89 -53.78 -3.98
N ILE B 92 29.45 -52.98 -3.08
CA ILE B 92 28.65 -52.26 -2.10
C ILE B 92 28.36 -50.87 -2.65
N TYR B 93 27.12 -50.42 -2.49
CA TYR B 93 26.66 -49.19 -3.11
C TYR B 93 26.32 -48.17 -2.02
N SER B 94 26.96 -47.01 -2.08
CA SER B 94 26.78 -45.95 -1.09
C SER B 94 26.25 -44.70 -1.79
N CYS B 95 25.48 -43.91 -1.05
CA CYS B 95 25.11 -42.57 -1.47
C CYS B 95 25.87 -41.56 -0.65
N ALA B 96 26.19 -40.41 -1.24
CA ALA B 96 27.10 -39.47 -0.60
C ALA B 96 26.72 -38.04 -0.97
N ARG B 97 27.10 -37.11 -0.10
CA ARG B 97 26.78 -35.70 -0.22
C ARG B 97 27.97 -34.91 -0.73
N HIS B 98 27.72 -33.95 -1.62
CA HIS B 98 28.74 -33.00 -2.05
C HIS B 98 28.79 -31.79 -1.13
N THR B 99 29.98 -31.21 -1.02
CA THR B 99 30.12 -29.90 -0.42
C THR B 99 29.50 -28.85 -1.34
N LEU B 100 28.64 -28.01 -0.79
CA LEU B 100 28.13 -26.85 -1.52
C LEU B 100 29.27 -26.09 -2.17
N ALA B 101 29.06 -25.69 -3.43
CA ALA B 101 30.17 -25.24 -4.28
C ALA B 101 30.47 -23.75 -4.18
N TYR B 102 29.52 -22.92 -3.77
CA TYR B 102 29.71 -21.47 -3.65
C TYR B 102 30.03 -20.80 -4.99
N HIS B 103 29.73 -21.43 -6.11
CA HIS B 103 29.87 -20.76 -7.41
C HIS B 103 28.88 -21.35 -8.40
N TYR B 104 27.99 -20.50 -8.92
CA TYR B 104 26.92 -20.92 -9.81
C TYR B 104 27.45 -21.36 -11.17
N ASP B 105 26.53 -21.77 -12.04
CA ASP B 105 26.84 -22.22 -13.39
C ASP B 105 26.35 -21.19 -14.41
N ASP B 106 26.27 -21.60 -15.69
CA ASP B 106 25.79 -20.70 -16.73
C ASP B 106 24.34 -20.28 -16.49
N GLU B 107 23.49 -21.21 -16.06
CA GLU B 107 22.08 -20.93 -15.86
C GLU B 107 21.76 -20.46 -14.45
N GLY B 108 22.77 -20.23 -13.61
CA GLY B 108 22.58 -19.66 -12.29
C GLY B 108 22.64 -20.67 -11.17
N TYR B 109 22.55 -21.96 -11.47
CA TYR B 109 22.50 -23.00 -10.47
C TYR B 109 23.89 -23.29 -9.91
N MET B 110 23.92 -23.82 -8.69
CA MET B 110 25.19 -24.20 -8.08
C MET B 110 25.64 -25.43 -8.86
N GLN B 111 26.94 -25.48 -9.15
CA GLN B 111 27.56 -26.62 -9.87
C GLN B 111 27.93 -27.74 -8.89
N PRO B 112 28.45 -28.89 -9.35
CA PRO B 112 28.81 -30.00 -8.46
C PRO B 112 29.95 -29.63 -7.50
N GLY B 113 29.87 -30.13 -6.26
CA GLY B 113 30.89 -29.85 -5.22
C GLY B 113 32.21 -30.56 -5.52
N ASP B 114 33.31 -30.03 -4.97
CA ASP B 114 34.63 -30.62 -5.20
C ASP B 114 35.03 -31.63 -4.14
N ALA B 115 34.08 -32.08 -3.31
CA ALA B 115 34.40 -33.07 -2.29
C ALA B 115 33.12 -33.77 -1.86
N PHE B 116 33.27 -35.01 -1.38
CA PHE B 116 32.15 -35.79 -0.89
C PHE B 116 32.08 -35.61 0.63
N ASP B 117 30.99 -34.99 1.09
CA ASP B 117 30.92 -34.54 2.48
C ASP B 117 30.81 -35.72 3.44
N LEU B 118 29.74 -36.49 3.34
CA LEU B 118 29.55 -37.64 4.22
C LEU B 118 28.92 -38.77 3.44
N TRP B 119 29.14 -39.99 3.94
CA TRP B 119 28.73 -41.20 3.24
C TRP B 119 27.73 -41.97 4.11
N GLY B 120 26.88 -42.74 3.45
CA GLY B 120 26.05 -43.70 4.14
C GLY B 120 26.76 -45.03 4.38
N GLN B 121 26.12 -45.85 5.20
CA GLN B 121 26.64 -47.19 5.50
C GLN B 121 26.92 -47.97 4.22
N GLY B 122 25.95 -47.98 3.30
CA GLY B 122 26.05 -48.73 2.07
C GLY B 122 25.31 -50.06 2.16
N THR B 123 25.10 -50.66 0.99
CA THR B 123 24.39 -51.92 0.89
C THR B 123 25.16 -52.88 -0.01
N MET B 124 25.32 -54.12 0.45
CA MET B 124 25.98 -55.15 -0.36
C MET B 124 24.95 -55.79 -1.28
N VAL B 125 25.17 -55.68 -2.58
CA VAL B 125 24.32 -56.30 -3.59
C VAL B 125 25.13 -57.36 -4.32
N THR B 126 24.52 -58.52 -4.53
CA THR B 126 25.20 -59.68 -5.09
C THR B 126 24.54 -60.05 -6.41
N VAL B 127 25.33 -60.14 -7.47
CA VAL B 127 24.83 -60.43 -8.80
C VAL B 127 25.15 -61.90 -9.09
N SER B 128 24.24 -62.78 -8.68
CA SER B 128 24.45 -64.22 -8.85
C SER B 128 23.20 -64.81 -9.50
N SER B 129 23.07 -66.14 -9.39
CA SER B 129 21.97 -66.88 -9.97
C SER B 129 21.37 -67.90 -9.00
N ALA B 130 21.72 -67.81 -7.72
CA ALA B 130 21.29 -68.76 -6.71
C ALA B 130 19.87 -68.45 -6.23
N SER B 131 19.29 -69.42 -5.53
CA SER B 131 17.93 -69.34 -5.01
C SER B 131 17.83 -68.55 -3.71
N THR B 132 18.90 -67.83 -3.32
CA THR B 132 18.92 -67.03 -2.10
C THR B 132 18.47 -67.85 -0.90
N LYS B 133 19.38 -68.73 -0.46
CA LYS B 133 19.05 -69.66 0.61
C LYS B 133 18.96 -68.93 1.94
N GLY B 134 17.94 -69.30 2.72
CA GLY B 134 17.70 -68.72 4.03
C GLY B 134 18.75 -69.16 5.02
N PRO B 135 18.78 -68.49 6.18
CA PRO B 135 19.80 -68.85 7.19
C PRO B 135 19.35 -69.99 8.08
N SER B 136 20.18 -70.34 9.05
CA SER B 136 19.82 -71.34 10.06
C SER B 136 20.58 -71.00 11.33
N VAL B 137 19.85 -70.79 12.42
CA VAL B 137 20.41 -70.24 13.65
C VAL B 137 20.38 -71.33 14.71
N PHE B 138 21.56 -71.85 15.07
CA PHE B 138 21.69 -72.77 16.17
C PHE B 138 22.47 -72.11 17.29
N PRO B 139 21.89 -71.88 18.46
CA PRO B 139 22.66 -71.29 19.55
C PRO B 139 23.68 -72.30 20.07
N LEU B 140 24.77 -71.78 20.61
CA LEU B 140 25.80 -72.62 21.21
C LEU B 140 26.10 -72.12 22.62
N ALA B 141 26.13 -73.05 23.56
CA ALA B 141 26.24 -72.81 25.00
C ALA B 141 27.66 -73.07 25.48
N PRO B 142 28.04 -72.58 26.67
CA PRO B 142 29.40 -72.84 27.18
C PRO B 142 29.65 -74.32 27.44
N THR B 151 33.87 -65.74 34.11
CA THR B 151 33.55 -65.08 32.85
C THR B 151 33.76 -66.03 31.67
N ALA B 152 32.68 -66.36 30.97
CA ALA B 152 32.73 -67.25 29.82
C ALA B 152 31.86 -66.64 28.72
N ALA B 153 31.67 -67.38 27.62
CA ALA B 153 31.00 -66.82 26.46
C ALA B 153 30.19 -67.90 25.75
N LEU B 154 29.09 -67.47 25.13
CA LEU B 154 28.25 -68.30 24.30
C LEU B 154 27.78 -67.44 23.13
N GLY B 155 27.12 -68.07 22.16
CA GLY B 155 26.67 -67.31 21.02
C GLY B 155 25.88 -68.16 20.04
N CYS B 156 25.30 -67.47 19.06
CA CYS B 156 24.54 -68.08 17.99
C CYS B 156 25.43 -68.34 16.78
N LEU B 157 24.90 -69.13 15.85
CA LEU B 157 25.62 -69.46 14.62
C LEU B 157 24.62 -69.43 13.47
N VAL B 158 24.90 -68.60 12.46
CA VAL B 158 24.09 -68.54 11.26
C VAL B 158 24.76 -69.45 10.24
N LYS B 159 24.03 -70.44 9.75
CA LYS B 159 24.59 -71.48 8.90
C LYS B 159 23.80 -71.62 7.62
N ASP B 160 24.51 -71.95 6.56
CA ASP B 160 23.94 -72.32 5.27
C ASP B 160 23.00 -71.23 4.74
N TYR B 161 23.54 -70.02 4.63
CA TYR B 161 22.76 -68.89 4.17
C TYR B 161 23.41 -68.19 2.98
N PHE B 162 22.56 -67.62 2.13
CA PHE B 162 22.95 -67.01 0.83
C PHE B 162 23.63 -65.65 0.96
N PRO B 163 22.89 -64.52 0.94
CA PRO B 163 23.52 -63.20 0.96
C PRO B 163 24.39 -62.99 2.22
N GLU B 164 25.62 -62.51 2.01
CA GLU B 164 26.62 -62.27 3.07
C GLU B 164 26.16 -61.21 4.07
N PRO B 165 25.54 -60.09 3.63
CA PRO B 165 25.10 -59.01 4.54
C PRO B 165 24.11 -59.37 5.66
N VAL B 166 24.50 -60.27 6.56
CA VAL B 166 23.66 -60.59 7.72
C VAL B 166 24.11 -59.75 8.89
N THR B 167 23.18 -59.03 9.49
CA THR B 167 23.44 -58.31 10.72
C THR B 167 23.13 -59.20 11.92
N VAL B 168 23.85 -58.97 13.02
CA VAL B 168 23.65 -59.72 14.26
C VAL B 168 23.70 -58.74 15.42
N SER B 169 22.61 -58.67 16.17
CA SER B 169 22.54 -57.92 17.41
C SER B 169 22.12 -58.86 18.54
N TRP B 170 22.11 -58.33 19.76
CA TRP B 170 21.84 -59.15 20.94
C TRP B 170 20.79 -58.45 21.80
N ASN B 171 19.64 -59.12 22.00
CA ASN B 171 18.54 -58.64 22.83
C ASN B 171 17.97 -57.33 22.28
N SER B 172 17.51 -57.39 21.02
CA SER B 172 16.98 -56.23 20.31
C SER B 172 17.97 -55.06 20.36
N GLY B 173 19.26 -55.38 20.34
CA GLY B 173 20.30 -54.38 20.42
C GLY B 173 20.59 -53.87 21.82
N ALA B 174 20.27 -54.65 22.85
CA ALA B 174 20.56 -54.23 24.22
C ALA B 174 22.01 -54.52 24.59
N LEU B 175 22.48 -55.74 24.35
CA LEU B 175 23.82 -56.15 24.72
C LEU B 175 24.82 -55.53 23.75
N THR B 176 25.43 -54.42 24.15
CA THR B 176 26.39 -53.71 23.30
C THR B 176 27.81 -54.22 23.49
N SER B 177 28.38 -54.00 24.68
CA SER B 177 29.78 -54.30 24.93
C SER B 177 30.04 -55.80 24.95
N GLY B 178 31.31 -56.16 24.69
CA GLY B 178 31.73 -57.54 24.76
C GLY B 178 31.35 -58.41 23.59
N VAL B 179 30.85 -57.83 22.51
CA VAL B 179 30.43 -58.60 21.33
C VAL B 179 31.56 -58.64 20.33
N HIS B 180 31.65 -59.77 19.61
CA HIS B 180 32.61 -59.95 18.52
C HIS B 180 31.90 -60.77 17.44
N THR B 181 31.42 -60.08 16.41
CA THR B 181 30.81 -60.75 15.27
C THR B 181 31.92 -61.19 14.32
N PHE B 182 32.07 -62.51 14.17
CA PHE B 182 33.19 -62.97 13.36
C PHE B 182 32.83 -62.96 11.88
N PRO B 183 33.82 -62.80 11.00
CA PRO B 183 33.55 -62.87 9.56
C PRO B 183 33.00 -64.23 9.17
N ALA B 184 32.10 -64.23 8.20
CA ALA B 184 31.55 -65.47 7.68
C ALA B 184 32.63 -66.21 6.89
N VAL B 185 32.29 -67.41 6.41
CA VAL B 185 33.20 -68.21 5.63
C VAL B 185 32.43 -68.85 4.49
N LEU B 186 33.09 -68.98 3.34
CA LEU B 186 32.50 -69.63 2.19
C LEU B 186 32.59 -71.15 2.36
N GLN B 187 31.45 -71.82 2.40
CA GLN B 187 31.45 -73.27 2.28
C GLN B 187 31.65 -73.64 0.82
N SER B 188 32.27 -74.81 0.60
CA SER B 188 32.55 -75.24 -0.77
C SER B 188 31.28 -75.38 -1.59
N SER B 189 30.12 -75.51 -0.94
CA SER B 189 28.85 -75.50 -1.64
C SER B 189 28.59 -74.17 -2.32
N GLY B 190 29.10 -73.08 -1.75
CA GLY B 190 28.77 -71.75 -2.19
C GLY B 190 27.87 -70.99 -1.23
N LEU B 191 27.74 -71.44 0.01
CA LEU B 191 26.92 -70.80 1.02
C LEU B 191 27.81 -70.35 2.17
N TYR B 192 27.68 -69.09 2.56
CA TYR B 192 28.50 -68.55 3.63
C TYR B 192 28.03 -69.12 4.98
N SER B 193 28.73 -68.71 6.04
CA SER B 193 28.37 -69.10 7.40
C SER B 193 29.11 -68.24 8.43
N LEU B 194 28.38 -67.40 9.16
CA LEU B 194 28.96 -66.52 10.17
C LEU B 194 28.58 -67.00 11.57
N SER B 195 29.17 -66.35 12.58
CA SER B 195 28.92 -66.69 13.97
C SER B 195 29.45 -65.62 14.91
N SER B 196 28.60 -65.10 15.80
CA SER B 196 28.95 -64.03 16.71
C SER B 196 28.87 -64.51 18.14
N VAL B 197 29.87 -64.15 18.94
CA VAL B 197 29.95 -64.52 20.34
C VAL B 197 29.93 -63.25 21.19
N VAL B 198 29.81 -63.43 22.50
CA VAL B 198 29.83 -62.31 23.43
C VAL B 198 30.43 -62.77 24.76
N THR B 199 31.46 -62.06 25.21
CA THR B 199 32.06 -62.33 26.51
C THR B 199 31.26 -61.64 27.61
N VAL B 200 30.99 -62.37 28.68
CA VAL B 200 30.17 -61.87 29.79
C VAL B 200 30.67 -62.46 31.10
N PRO B 201 30.43 -61.82 32.24
CA PRO B 201 30.82 -62.42 33.51
C PRO B 201 29.89 -63.58 33.90
N SER B 202 30.47 -64.57 34.59
CA SER B 202 29.75 -65.78 34.93
C SER B 202 28.63 -65.56 35.94
N SER B 203 28.65 -64.43 36.65
CA SER B 203 27.70 -64.21 37.75
C SER B 203 26.25 -64.14 37.29
N SER B 204 26.01 -63.88 36.01
CA SER B 204 24.64 -63.78 35.47
C SER B 204 24.30 -64.94 34.55
N LEU B 205 24.70 -66.15 34.92
CA LEU B 205 24.46 -67.31 34.08
C LEU B 205 23.00 -67.74 34.06
N GLY B 206 22.16 -67.18 34.94
CA GLY B 206 20.74 -67.45 34.92
C GLY B 206 19.91 -66.23 35.22
N THR B 207 20.57 -65.09 35.47
CA THR B 207 19.86 -63.88 35.86
C THR B 207 19.32 -63.12 34.66
N GLN B 208 20.20 -62.66 33.79
CA GLN B 208 19.82 -61.88 32.62
C GLN B 208 19.79 -62.82 31.41
N THR B 209 18.60 -63.02 30.85
CA THR B 209 18.47 -63.88 29.69
C THR B 209 19.23 -63.29 28.50
N TYR B 210 19.74 -64.18 27.65
CA TYR B 210 20.56 -63.78 26.51
C TYR B 210 19.90 -64.35 25.25
N ILE B 211 19.38 -63.45 24.42
CA ILE B 211 18.72 -63.81 23.17
C ILE B 211 19.40 -63.05 22.05
N CYS B 212 20.09 -63.75 21.17
CA CYS B 212 20.72 -63.10 20.03
C CYS B 212 19.67 -62.77 18.98
N ASN B 213 19.96 -61.73 18.21
CA ASN B 213 19.07 -61.25 17.15
C ASN B 213 19.83 -61.38 15.83
N VAL B 214 19.55 -62.44 15.11
CA VAL B 214 20.10 -62.65 13.78
C VAL B 214 19.12 -62.08 12.77
N ASN B 215 19.62 -61.34 11.79
CA ASN B 215 18.77 -60.63 10.86
C ASN B 215 19.32 -60.79 9.45
N HIS B 216 18.55 -61.43 8.58
CA HIS B 216 18.89 -61.62 7.17
C HIS B 216 17.83 -60.90 6.34
N LYS B 217 18.07 -59.63 6.05
CA LYS B 217 17.08 -58.84 5.32
C LYS B 217 16.76 -59.36 3.92
N PRO B 218 17.73 -59.77 3.09
CA PRO B 218 17.37 -60.20 1.73
C PRO B 218 16.45 -61.42 1.65
N SER B 219 16.38 -62.24 2.71
CA SER B 219 15.51 -63.41 2.71
C SER B 219 14.20 -63.19 3.44
N ASN B 220 13.91 -61.94 3.86
CA ASN B 220 12.71 -61.63 4.63
C ASN B 220 12.60 -62.52 5.88
N THR B 221 13.76 -62.79 6.49
CA THR B 221 13.83 -63.69 7.64
C THR B 221 14.49 -62.95 8.80
N LYS B 222 13.70 -62.66 9.84
CA LYS B 222 14.21 -62.13 11.09
C LYS B 222 13.94 -63.18 12.18
N VAL B 223 15.01 -63.62 12.85
CA VAL B 223 14.91 -64.66 13.86
C VAL B 223 15.69 -64.23 15.09
N ASP B 224 15.02 -64.22 16.24
CA ASP B 224 15.66 -63.95 17.52
C ASP B 224 15.66 -65.26 18.30
N LYS B 225 16.82 -65.91 18.35
CA LYS B 225 17.00 -67.11 19.16
C LYS B 225 17.61 -66.72 20.50
N LYS B 226 17.65 -67.68 21.42
CA LYS B 226 18.22 -67.46 22.73
C LYS B 226 19.24 -68.54 23.05
N VAL B 227 20.12 -68.22 24.01
CA VAL B 227 21.15 -69.13 24.48
C VAL B 227 20.96 -69.30 25.98
N GLU B 228 21.02 -70.54 26.45
CA GLU B 228 20.86 -70.83 27.87
C GLU B 228 21.67 -72.07 28.21
N PRO B 229 22.42 -72.06 29.32
CA PRO B 229 23.27 -73.18 29.76
C PRO B 229 22.51 -74.48 29.93
N SER C 2 40.07 -44.60 -13.35
CA SER C 2 41.27 -44.97 -12.61
C SER C 2 42.54 -44.41 -13.27
N VAL C 3 42.48 -43.13 -13.67
CA VAL C 3 43.62 -42.47 -14.29
C VAL C 3 44.45 -41.78 -13.22
N LEU C 4 44.32 -42.25 -11.98
CA LEU C 4 45.02 -41.69 -10.82
C LEU C 4 45.92 -42.75 -10.22
N THR C 5 47.22 -42.47 -10.18
CA THR C 5 48.21 -43.42 -9.70
C THR C 5 48.58 -43.13 -8.25
N GLN C 6 48.54 -44.16 -7.42
CA GLN C 6 49.00 -44.08 -6.04
C GLN C 6 49.53 -45.46 -5.64
N PRO C 7 50.56 -45.52 -4.80
CA PRO C 7 51.17 -46.81 -4.49
C PRO C 7 50.20 -47.70 -3.74
N PRO C 8 50.24 -49.02 -3.95
CA PRO C 8 49.29 -49.90 -3.26
C PRO C 8 49.44 -49.89 -1.76
N SER C 9 50.67 -49.81 -1.24
CA SER C 9 50.88 -49.85 0.21
C SER C 9 52.12 -49.05 0.57
N VAL C 10 52.10 -48.48 1.77
CA VAL C 10 53.25 -47.84 2.39
C VAL C 10 53.26 -48.24 3.86
N SER C 11 54.43 -48.07 4.49
CA SER C 11 54.59 -48.50 5.87
C SER C 11 55.62 -47.61 6.57
N ALA C 12 55.43 -47.45 7.87
CA ALA C 12 56.33 -46.69 8.72
C ALA C 12 56.00 -47.00 10.18
N PRO C 13 56.96 -46.84 11.08
CA PRO C 13 56.69 -47.13 12.50
C PRO C 13 55.79 -46.08 13.12
N ALA C 14 55.19 -46.46 14.25
CA ALA C 14 54.27 -45.57 14.95
C ALA C 14 54.99 -44.33 15.45
N GLY C 15 54.28 -43.20 15.42
CA GLY C 15 54.83 -41.95 15.89
C GLY C 15 55.68 -41.19 14.90
N GLN C 16 55.89 -41.72 13.70
CA GLN C 16 56.75 -41.10 12.70
C GLN C 16 55.90 -40.69 11.49
N MET C 17 56.58 -40.16 10.47
CA MET C 17 55.92 -39.53 9.34
C MET C 17 55.74 -40.49 8.17
N VAL C 18 54.69 -40.26 7.39
CA VAL C 18 54.44 -41.01 6.16
C VAL C 18 54.11 -40.04 5.04
N THR C 19 54.24 -40.53 3.80
CA THR C 19 53.92 -39.76 2.61
C THR C 19 53.20 -40.69 1.64
N ILE C 20 51.93 -40.40 1.37
CA ILE C 20 51.17 -41.10 0.34
C ILE C 20 51.06 -40.18 -0.86
N PRO C 21 51.74 -40.47 -1.97
CA PRO C 21 51.64 -39.61 -3.15
C PRO C 21 50.45 -39.97 -4.03
N CYS C 22 50.02 -39.00 -4.83
CA CYS C 22 48.90 -39.16 -5.75
C CYS C 22 49.29 -38.49 -7.07
N SER C 23 49.87 -39.28 -7.97
CA SER C 23 50.24 -38.78 -9.29
C SER C 23 49.05 -38.87 -10.24
N GLY C 24 48.86 -37.81 -11.02
CA GLY C 24 47.81 -37.77 -12.01
C GLY C 24 48.28 -37.04 -13.25
N SER C 25 47.35 -36.84 -14.18
CA SER C 25 47.62 -36.04 -15.36
C SER C 25 47.26 -34.59 -15.10
N SER C 26 47.60 -33.73 -16.07
CA SER C 26 47.24 -32.32 -15.94
C SER C 26 45.76 -32.07 -16.24
N SER C 27 45.11 -32.96 -16.98
CA SER C 27 43.69 -32.81 -17.24
C SER C 27 42.83 -33.03 -16.00
N ASP C 28 43.34 -33.76 -15.01
CA ASP C 28 42.54 -34.03 -13.82
C ASP C 28 42.99 -33.17 -12.63
N ILE C 29 44.12 -33.52 -12.01
CA ILE C 29 44.55 -32.80 -10.81
C ILE C 29 44.93 -31.37 -11.14
N GLY C 30 45.65 -31.17 -12.25
CA GLY C 30 46.13 -29.84 -12.59
C GLY C 30 45.03 -28.80 -12.69
N LYS C 31 43.84 -29.22 -13.12
CA LYS C 31 42.73 -28.30 -13.25
C LYS C 31 41.95 -28.13 -11.94
N SER C 32 41.42 -29.22 -11.42
CA SER C 32 40.47 -29.15 -10.31
C SER C 32 41.16 -29.29 -8.96
N PHE C 33 40.36 -29.23 -7.90
CA PHE C 33 40.85 -29.50 -6.56
C PHE C 33 41.09 -30.99 -6.37
N VAL C 34 41.43 -31.38 -5.14
CA VAL C 34 41.68 -32.78 -4.80
C VAL C 34 40.96 -33.08 -3.50
N SER C 35 40.71 -34.36 -3.24
CA SER C 35 40.11 -34.79 -1.99
C SER C 35 40.75 -36.09 -1.56
N TRP C 36 40.95 -36.23 -0.25
CA TRP C 36 41.51 -37.44 0.34
C TRP C 36 40.46 -38.11 1.21
N TYR C 37 40.44 -39.45 1.18
CA TYR C 37 39.43 -40.22 1.90
C TYR C 37 40.09 -41.41 2.57
N GLN C 38 39.77 -41.61 3.85
CA GLN C 38 40.26 -42.75 4.63
C GLN C 38 39.14 -43.76 4.79
N GLN C 39 39.46 -45.03 4.56
CA GLN C 39 38.50 -46.12 4.69
C GLN C 39 39.05 -47.14 5.69
N LEU C 40 38.57 -47.05 6.93
CA LEU C 40 38.88 -48.08 7.91
C LEU C 40 38.17 -49.37 7.55
N PRO C 41 38.70 -50.52 7.97
CA PRO C 41 38.12 -51.80 7.54
C PRO C 41 36.66 -51.94 7.98
N GLY C 42 35.82 -52.38 7.03
CA GLY C 42 34.43 -52.64 7.29
C GLY C 42 33.55 -51.42 7.42
N THR C 43 34.10 -50.22 7.25
CA THR C 43 33.36 -48.99 7.46
C THR C 43 33.26 -48.20 6.16
N ALA C 44 32.32 -47.27 6.14
CA ALA C 44 32.21 -46.35 5.02
C ALA C 44 33.38 -45.36 5.05
N PRO C 45 33.95 -45.01 3.89
CA PRO C 45 35.04 -44.04 3.87
C PRO C 45 34.59 -42.66 4.36
N LYS C 46 35.47 -42.02 5.12
CA LYS C 46 35.23 -40.69 5.66
C LYS C 46 36.10 -39.67 4.94
N LEU C 47 35.58 -38.46 4.81
CA LEU C 47 36.36 -37.37 4.24
C LEU C 47 37.38 -36.87 5.25
N VAL C 48 38.64 -36.78 4.82
CA VAL C 48 39.75 -36.47 5.72
C VAL C 48 40.48 -35.20 5.30
N ILE C 49 40.57 -34.94 3.98
CA ILE C 49 41.23 -33.75 3.46
C ILE C 49 40.47 -33.34 2.19
N TYR C 50 39.86 -32.17 2.22
CA TYR C 50 39.18 -31.61 1.06
C TYR C 50 39.97 -30.39 0.57
N ASP C 51 39.62 -29.93 -0.65
CA ASP C 51 40.36 -28.86 -1.35
C ASP C 51 41.84 -29.25 -1.36
N ASN C 52 42.76 -28.33 -1.10
CA ASN C 52 44.15 -28.64 -0.85
C ASN C 52 44.41 -28.30 0.62
N ASN C 53 44.92 -29.28 1.37
CA ASN C 53 45.28 -29.14 2.78
C ASN C 53 44.19 -28.40 3.58
N LYS C 54 42.96 -28.87 3.45
CA LYS C 54 41.86 -28.42 4.29
C LYS C 54 41.35 -29.60 5.09
N ARG C 55 41.23 -29.42 6.41
CA ARG C 55 40.83 -30.49 7.30
C ARG C 55 39.39 -30.29 7.75
N PRO C 56 38.54 -31.30 7.63
CA PRO C 56 37.16 -31.18 8.11
C PRO C 56 37.13 -30.99 9.61
N SER C 57 35.94 -30.63 10.10
CA SER C 57 35.74 -30.49 11.54
C SER C 57 35.88 -31.85 12.21
N GLY C 58 36.74 -31.93 13.21
CA GLY C 58 36.98 -33.17 13.93
C GLY C 58 38.09 -34.03 13.40
N ILE C 59 38.85 -33.56 12.42
CA ILE C 59 39.99 -34.28 11.85
C ILE C 59 41.27 -33.61 12.36
N PRO C 60 42.11 -34.32 13.10
CA PRO C 60 43.25 -33.65 13.75
C PRO C 60 44.29 -33.17 12.75
N ASP C 61 45.11 -32.22 13.19
CA ASP C 61 46.13 -31.60 12.35
C ASP C 61 47.32 -32.51 12.08
N ARG C 62 47.29 -33.75 12.58
CA ARG C 62 48.32 -34.71 12.18
C ARG C 62 48.29 -34.95 10.67
N PHE C 63 47.09 -34.99 10.10
CA PHE C 63 46.95 -35.14 8.66
C PHE C 63 47.17 -33.80 7.96
N SER C 64 47.75 -33.86 6.77
CA SER C 64 48.04 -32.66 5.99
C SER C 64 48.14 -33.04 4.52
N GLY C 65 47.62 -32.17 3.65
CA GLY C 65 47.67 -32.38 2.22
C GLY C 65 48.52 -31.31 1.54
N SER C 66 48.69 -31.49 0.23
CA SER C 66 49.45 -30.55 -0.59
C SER C 66 49.20 -30.88 -2.05
N LYS C 67 49.17 -29.84 -2.87
CA LYS C 67 48.90 -29.99 -4.30
C LYS C 67 49.81 -29.06 -5.09
N SER C 68 50.48 -29.61 -6.11
CA SER C 68 51.32 -28.83 -7.00
C SER C 68 51.45 -29.59 -8.31
N GLY C 69 51.29 -28.88 -9.42
CA GLY C 69 51.40 -29.53 -10.72
C GLY C 69 50.40 -30.65 -10.87
N THR C 70 50.90 -31.83 -11.21
CA THR C 70 50.06 -33.00 -11.42
C THR C 70 50.06 -33.96 -10.25
N SER C 71 50.87 -33.69 -9.23
CA SER C 71 51.03 -34.59 -8.09
C SER C 71 50.48 -33.95 -6.82
N ALA C 72 49.73 -34.75 -6.06
CA ALA C 72 49.26 -34.35 -4.74
C ALA C 72 49.83 -35.32 -3.71
N THR C 73 50.00 -34.84 -2.49
CA THR C 73 50.68 -35.61 -1.46
C THR C 73 49.91 -35.50 -0.15
N LEU C 74 49.67 -36.64 0.50
CA LEU C 74 49.08 -36.68 1.82
C LEU C 74 50.12 -37.07 2.85
N GLY C 75 50.13 -36.36 3.98
CA GLY C 75 51.08 -36.61 5.03
C GLY C 75 50.41 -36.80 6.37
N ILE C 76 50.99 -37.68 7.17
CA ILE C 76 50.54 -37.96 8.53
C ILE C 76 51.74 -37.88 9.46
N THR C 77 51.68 -37.00 10.45
CA THR C 77 52.73 -36.90 11.46
C THR C 77 52.28 -37.58 12.74
N GLY C 78 53.24 -38.17 13.44
CA GLY C 78 52.97 -38.87 14.69
C GLY C 78 51.92 -39.96 14.54
N LEU C 79 52.28 -41.03 13.84
CA LEU C 79 51.33 -42.09 13.56
C LEU C 79 50.90 -42.81 14.84
N GLN C 80 49.62 -43.12 14.92
CA GLN C 80 49.09 -44.05 15.90
C GLN C 80 48.71 -45.34 15.19
N THR C 81 48.52 -46.40 15.97
CA THR C 81 48.11 -47.67 15.40
C THR C 81 46.72 -47.61 14.79
N GLY C 82 45.88 -46.67 15.25
CA GLY C 82 44.54 -46.54 14.72
C GLY C 82 44.48 -46.07 13.28
N ASP C 83 45.56 -45.50 12.75
CA ASP C 83 45.59 -44.99 11.39
C ASP C 83 45.65 -46.09 10.34
N GLU C 84 45.79 -47.35 10.75
CA GLU C 84 45.87 -48.47 9.81
C GLU C 84 44.58 -48.58 9.00
N ALA C 85 44.62 -48.16 7.75
CA ALA C 85 43.47 -48.17 6.85
C ALA C 85 43.98 -47.95 5.44
N VAL C 86 43.05 -47.78 4.49
CA VAL C 86 43.39 -47.42 3.12
C VAL C 86 42.99 -45.97 2.90
N TYR C 87 43.77 -45.28 2.06
CA TYR C 87 43.58 -43.86 1.82
C TYR C 87 43.45 -43.63 0.31
N TYR C 88 42.39 -42.93 -0.09
CA TYR C 88 42.09 -42.68 -1.49
C TYR C 88 42.19 -41.19 -1.78
N CYS C 89 42.91 -40.83 -2.83
CA CYS C 89 42.82 -39.50 -3.39
C CYS C 89 41.81 -39.51 -4.54
N GLY C 90 41.23 -38.36 -4.80
CA GLY C 90 40.22 -38.27 -5.84
C GLY C 90 39.96 -36.83 -6.22
N THR C 91 39.45 -36.64 -7.43
CA THR C 91 39.23 -35.31 -7.97
C THR C 91 38.39 -35.42 -9.23
N TRP C 92 38.01 -34.25 -9.75
CA TRP C 92 37.42 -34.17 -11.07
C TRP C 92 38.51 -34.12 -12.13
N ASP C 93 38.13 -34.41 -13.37
CA ASP C 93 39.04 -34.26 -14.48
C ASP C 93 38.48 -33.27 -15.50
N SER C 94 38.97 -33.31 -16.74
CA SER C 94 38.46 -32.42 -17.77
C SER C 94 36.96 -32.64 -17.99
N SER C 95 36.56 -33.87 -18.25
CA SER C 95 35.20 -34.23 -18.66
C SER C 95 34.16 -34.12 -17.52
N LEU C 96 34.48 -33.56 -16.35
CA LEU C 96 33.53 -33.50 -15.23
C LEU C 96 33.01 -34.90 -14.88
N ILE C 97 33.94 -35.84 -14.72
CA ILE C 97 33.65 -37.18 -14.25
C ILE C 97 34.64 -37.50 -13.14
N TRP C 98 34.13 -37.91 -11.99
CA TRP C 98 34.98 -38.12 -10.82
C TRP C 98 35.78 -39.41 -10.95
N VAL C 99 37.06 -39.32 -10.59
CA VAL C 99 37.97 -40.45 -10.64
C VAL C 99 38.69 -40.57 -9.30
N PHE C 100 38.66 -41.74 -8.71
CA PHE C 100 39.42 -42.04 -7.51
C PHE C 100 40.76 -42.67 -7.88
N GLY C 101 41.70 -42.58 -6.95
CA GLY C 101 42.93 -43.32 -7.08
C GLY C 101 42.71 -44.80 -6.81
N GLY C 102 43.76 -45.58 -7.06
CA GLY C 102 43.68 -47.01 -6.81
C GLY C 102 43.43 -47.33 -5.36
N GLY C 103 44.33 -46.90 -4.49
CA GLY C 103 44.24 -47.16 -3.07
C GLY C 103 45.63 -47.33 -2.49
N THR C 104 45.79 -46.92 -1.23
CA THR C 104 47.05 -47.02 -0.52
C THR C 104 46.79 -47.67 0.84
N LYS C 105 47.25 -48.91 1.00
CA LYS C 105 47.02 -49.65 2.24
C LYS C 105 48.12 -49.28 3.22
N LEU C 106 47.80 -48.41 4.17
CA LEU C 106 48.76 -47.97 5.18
C LEU C 106 48.82 -48.99 6.30
N THR C 107 49.97 -49.64 6.44
CA THR C 107 50.25 -50.49 7.59
C THR C 107 51.23 -49.76 8.50
N VAL C 108 51.00 -49.86 9.80
CA VAL C 108 51.83 -49.20 10.80
C VAL C 108 52.50 -50.27 11.66
N LEU C 109 53.82 -50.28 11.66
CA LEU C 109 54.59 -51.30 12.37
C LEU C 109 55.05 -50.77 13.72
N GLY C 110 55.79 -51.61 14.44
CA GLY C 110 56.06 -51.41 15.84
C GLY C 110 55.02 -52.03 16.76
N GLN C 111 53.95 -52.58 16.21
CA GLN C 111 52.91 -53.20 17.01
C GLN C 111 53.44 -54.50 17.63
N PRO C 112 53.25 -54.71 18.92
CA PRO C 112 53.72 -55.95 19.55
C PRO C 112 52.95 -57.15 19.04
N LYS C 113 53.58 -58.32 19.16
CA LYS C 113 52.92 -59.57 18.83
C LYS C 113 51.79 -59.85 19.82
N ALA C 114 50.71 -60.44 19.32
CA ALA C 114 49.53 -60.72 20.14
C ALA C 114 49.26 -62.21 20.13
N ALA C 115 48.99 -62.76 21.31
CA ALA C 115 48.64 -64.17 21.44
C ALA C 115 47.17 -64.36 21.08
N PRO C 116 46.84 -65.34 20.24
CA PRO C 116 45.44 -65.50 19.80
C PRO C 116 44.55 -65.98 20.94
N SER C 117 43.48 -65.24 21.19
CA SER C 117 42.43 -65.67 22.10
C SER C 117 41.54 -66.66 21.35
N VAL C 118 41.77 -67.96 21.56
CA VAL C 118 41.12 -69.02 20.81
C VAL C 118 39.97 -69.58 21.62
N THR C 119 38.90 -69.97 20.93
CA THR C 119 37.71 -70.53 21.56
C THR C 119 37.15 -71.62 20.66
N LEU C 120 36.99 -72.83 21.22
CA LEU C 120 36.49 -73.98 20.49
C LEU C 120 35.11 -74.35 21.04
N PHE C 121 34.09 -74.19 20.20
CA PHE C 121 32.70 -74.43 20.57
C PHE C 121 32.22 -75.78 20.05
N PRO C 122 31.51 -76.55 20.87
CA PRO C 122 31.00 -77.84 20.43
C PRO C 122 29.77 -77.67 19.55
N PRO C 123 29.38 -78.71 18.82
CA PRO C 123 28.17 -78.61 17.99
C PRO C 123 26.92 -78.45 18.84
N SER C 124 25.92 -77.80 18.27
CA SER C 124 24.67 -77.56 18.98
C SER C 124 23.85 -78.84 19.06
N SER C 125 23.05 -78.93 20.13
CA SER C 125 22.20 -80.11 20.32
C SER C 125 21.14 -80.21 19.23
N GLU C 126 20.64 -79.07 18.73
CA GLU C 126 19.63 -79.08 17.69
C GLU C 126 20.20 -79.50 16.34
N GLU C 127 21.44 -79.10 16.04
CA GLU C 127 22.13 -79.65 14.87
C GLU C 127 22.22 -81.17 14.98
N LEU C 128 22.61 -81.67 16.17
CA LEU C 128 22.61 -83.11 16.40
C LEU C 128 21.21 -83.70 16.22
N GLN C 129 20.16 -82.96 16.58
CA GLN C 129 18.80 -83.42 16.31
C GLN C 129 18.50 -83.52 14.83
N ALA C 130 19.33 -82.89 13.98
CA ALA C 130 19.30 -83.10 12.54
C ALA C 130 20.48 -83.98 12.15
N ASN C 131 20.60 -84.25 10.85
CA ASN C 131 21.66 -85.12 10.34
C ASN C 131 22.96 -84.35 10.10
N LYS C 132 23.40 -83.58 11.10
CA LYS C 132 24.62 -82.79 10.97
C LYS C 132 25.13 -82.42 12.35
N ALA C 133 26.37 -81.94 12.39
CA ALA C 133 27.03 -81.48 13.60
C ALA C 133 28.29 -80.73 13.19
N THR C 134 28.64 -79.68 13.93
CA THR C 134 29.74 -78.81 13.52
C THR C 134 30.43 -78.21 14.73
N LEU C 135 31.74 -78.40 14.81
CA LEU C 135 32.56 -77.77 15.84
C LEU C 135 33.17 -76.48 15.30
N VAL C 136 33.12 -75.41 16.09
CA VAL C 136 33.53 -74.08 15.67
C VAL C 136 34.75 -73.67 16.49
N CYS C 137 35.74 -73.08 15.80
CA CYS C 137 36.97 -72.62 16.44
C CYS C 137 37.15 -71.15 16.09
N LEU C 138 37.15 -70.29 17.10
CA LEU C 138 37.17 -68.83 16.91
C LEU C 138 38.46 -68.27 17.50
N ILE C 139 39.32 -67.73 16.63
CA ILE C 139 40.59 -67.15 17.03
C ILE C 139 40.48 -65.63 16.91
N SER C 140 40.81 -64.92 17.98
CA SER C 140 40.68 -63.47 18.01
C SER C 140 41.91 -62.85 18.67
N ASP C 141 42.11 -61.56 18.38
CA ASP C 141 43.12 -60.73 19.04
C ASP C 141 44.52 -61.32 18.88
N PHE C 142 44.91 -61.59 17.64
CA PHE C 142 46.24 -62.09 17.34
C PHE C 142 46.85 -61.12 16.35
N TYR C 143 48.15 -60.85 16.53
CA TYR C 143 48.75 -59.76 15.71
C TYR C 143 49.15 -60.14 14.30
N PRO C 144 50.31 -60.75 14.05
CA PRO C 144 50.66 -61.04 12.67
C PRO C 144 49.53 -61.93 12.15
N GLY C 145 48.88 -61.51 11.07
CA GLY C 145 47.74 -62.24 10.52
C GLY C 145 48.15 -63.61 10.02
N ALA C 146 49.31 -64.07 10.45
CA ALA C 146 49.76 -65.40 10.02
C ALA C 146 49.55 -66.38 11.16
N VAL C 147 48.50 -67.18 11.07
CA VAL C 147 48.19 -68.24 12.04
C VAL C 147 47.70 -69.45 11.28
N THR C 148 48.18 -70.63 11.66
CA THR C 148 47.73 -71.89 11.06
C THR C 148 47.01 -72.73 12.11
N VAL C 149 45.93 -73.38 11.69
CA VAL C 149 45.03 -74.10 12.59
C VAL C 149 44.85 -75.51 12.08
N ALA C 150 44.92 -76.49 12.98
CA ALA C 150 44.69 -77.89 12.66
C ALA C 150 43.70 -78.49 13.64
N TRP C 151 42.99 -79.52 13.18
CA TRP C 151 42.02 -80.24 14.00
C TRP C 151 42.54 -81.64 14.30
N LYS C 152 42.02 -82.23 15.37
CA LYS C 152 42.42 -83.57 15.80
C LYS C 152 41.18 -84.32 16.26
N ALA C 153 40.88 -85.42 15.57
CA ALA C 153 39.76 -86.29 15.93
C ALA C 153 40.36 -87.56 16.54
N ASP C 154 40.35 -87.62 17.87
CA ASP C 154 41.05 -88.67 18.62
C ASP C 154 42.55 -88.63 18.34
N SER C 155 43.11 -87.41 18.36
CA SER C 155 44.53 -87.18 18.10
C SER C 155 44.95 -87.76 16.76
N SER C 156 44.08 -87.61 15.76
CA SER C 156 44.30 -88.08 14.40
C SER C 156 44.38 -86.88 13.45
N PRO C 157 44.91 -87.07 12.24
CA PRO C 157 45.04 -85.92 11.32
C PRO C 157 43.72 -85.27 10.96
N VAL C 158 42.70 -86.06 10.62
CA VAL C 158 41.37 -85.62 10.22
C VAL C 158 41.41 -84.35 9.37
N LYS C 159 41.96 -84.47 8.16
CA LYS C 159 41.91 -83.34 7.23
C LYS C 159 40.47 -83.07 6.81
N ALA C 160 39.67 -84.12 6.61
CA ALA C 160 38.23 -84.04 6.43
C ALA C 160 37.82 -83.05 5.34
N GLY C 161 36.71 -82.36 5.58
CA GLY C 161 36.28 -81.26 4.74
C GLY C 161 35.96 -80.06 5.59
N VAL C 162 36.95 -79.61 6.37
CA VAL C 162 36.76 -78.55 7.36
C VAL C 162 37.19 -77.22 6.76
N GLU C 163 36.42 -76.17 7.05
CA GLU C 163 36.60 -74.87 6.44
C GLU C 163 37.21 -73.90 7.44
N THR C 164 38.20 -73.13 6.98
CA THR C 164 38.87 -72.11 7.78
C THR C 164 38.86 -70.81 7.01
N THR C 165 38.46 -69.72 7.68
CA THR C 165 38.43 -68.42 7.03
C THR C 165 39.79 -67.75 7.12
N THR C 166 40.09 -66.92 6.12
CA THR C 166 41.31 -66.15 6.13
C THR C 166 41.26 -65.10 7.24
N PRO C 167 42.39 -64.72 7.80
CA PRO C 167 42.39 -63.71 8.87
C PRO C 167 41.95 -62.34 8.37
N SER C 168 41.54 -61.51 9.31
CA SER C 168 41.06 -60.18 8.98
C SER C 168 41.27 -59.25 10.17
N LYS C 169 41.59 -58.00 9.87
CA LYS C 169 41.73 -56.99 10.92
C LYS C 169 40.35 -56.65 11.48
N GLN C 170 40.24 -56.65 12.81
CA GLN C 170 38.97 -56.45 13.48
C GLN C 170 38.75 -54.97 13.79
N SER C 171 37.55 -54.67 14.31
CA SER C 171 37.15 -53.33 14.69
C SER C 171 38.20 -52.71 15.62
N ASN C 172 38.35 -53.27 16.80
CA ASN C 172 39.51 -52.94 17.62
C ASN C 172 40.77 -53.41 16.91
N ASN C 173 41.84 -52.63 17.01
CA ASN C 173 43.04 -52.92 16.24
C ASN C 173 43.64 -54.26 16.64
N LYS C 174 43.10 -55.32 16.06
CA LYS C 174 43.58 -56.68 16.23
C LYS C 174 43.00 -57.52 15.11
N TYR C 175 43.57 -58.70 14.90
CA TYR C 175 43.11 -59.59 13.85
C TYR C 175 42.16 -60.62 14.43
N ALA C 176 41.26 -61.11 13.58
CA ALA C 176 40.26 -62.09 13.99
C ALA C 176 39.93 -63.01 12.81
N ALA C 177 39.60 -64.25 13.13
CA ALA C 177 39.26 -65.25 12.13
C ALA C 177 38.59 -66.43 12.82
N SER C 178 37.76 -67.15 12.06
CA SER C 178 37.01 -68.28 12.58
C SER C 178 37.19 -69.49 11.66
N SER C 179 37.35 -70.66 12.26
CA SER C 179 37.47 -71.90 11.53
C SER C 179 36.43 -72.89 12.02
N TYR C 180 35.79 -73.60 11.09
CA TYR C 180 34.72 -74.53 11.41
C TYR C 180 35.10 -75.93 10.99
N LEU C 181 34.84 -76.90 11.87
CA LEU C 181 35.12 -78.32 11.61
C LEU C 181 33.78 -79.01 11.35
N SER C 182 33.43 -79.16 10.08
CA SER C 182 32.22 -79.86 9.70
C SER C 182 32.41 -81.36 9.87
N LEU C 183 31.47 -82.01 10.54
CA LEU C 183 31.57 -83.43 10.83
C LEU C 183 30.19 -84.07 10.79
N THR C 184 30.13 -85.30 10.30
CA THR C 184 28.89 -86.05 10.41
C THR C 184 28.66 -86.42 11.88
N PRO C 185 27.41 -86.43 12.34
CA PRO C 185 27.15 -86.83 13.73
C PRO C 185 27.65 -88.23 14.04
N GLU C 186 27.71 -89.11 13.03
CA GLU C 186 28.35 -90.41 13.21
C GLU C 186 29.83 -90.25 13.54
N GLN C 187 30.51 -89.33 12.85
CA GLN C 187 31.93 -89.09 13.07
C GLN C 187 32.21 -88.20 14.27
N TRP C 188 31.17 -87.66 14.92
CA TRP C 188 31.39 -86.79 16.07
C TRP C 188 31.64 -87.58 17.34
N LYS C 189 30.74 -88.51 17.68
CA LYS C 189 30.91 -89.32 18.87
C LYS C 189 31.81 -90.53 18.64
N SER C 190 32.21 -90.80 17.40
CA SER C 190 33.02 -91.96 17.04
C SER C 190 34.48 -91.83 17.44
N HIS C 191 34.88 -90.84 18.24
CA HIS C 191 36.26 -90.68 18.65
C HIS C 191 36.30 -90.28 20.12
N ARG C 192 37.49 -90.42 20.71
CA ARG C 192 37.65 -90.15 22.13
C ARG C 192 37.66 -88.65 22.42
N SER C 193 38.51 -87.89 21.74
CA SER C 193 38.69 -86.48 22.03
C SER C 193 38.89 -85.69 20.75
N TYR C 194 38.47 -84.43 20.79
CA TYR C 194 38.75 -83.46 19.73
C TYR C 194 39.72 -82.41 20.26
N SER C 195 40.27 -81.62 19.34
CA SER C 195 41.22 -80.58 19.71
C SER C 195 41.38 -79.62 18.54
N CYS C 196 41.37 -78.32 18.81
CA CYS C 196 41.61 -77.30 17.80
C CYS C 196 42.99 -76.71 18.13
N GLN C 197 44.00 -77.28 17.49
CA GLN C 197 45.39 -76.75 17.60
C GLN C 197 45.41 -75.48 16.75
N VAL C 198 46.10 -74.44 17.21
CA VAL C 198 46.14 -73.18 16.47
C VAL C 198 47.59 -72.68 16.44
N THR C 199 48.41 -73.28 15.58
CA THR C 199 49.82 -72.89 15.51
C THR C 199 49.95 -71.47 15.00
N HIS C 200 50.65 -70.63 15.76
CA HIS C 200 50.91 -69.24 15.39
C HIS C 200 52.41 -69.01 15.40
N GLU C 201 52.95 -68.55 14.27
CA GLU C 201 54.39 -68.34 14.15
C GLU C 201 54.85 -67.20 15.05
N GLY C 202 54.08 -66.12 15.13
CA GLY C 202 54.31 -65.05 16.06
C GLY C 202 53.98 -65.38 17.51
N SER C 203 53.79 -66.67 17.80
CA SER C 203 53.56 -67.17 19.14
C SER C 203 54.57 -68.29 19.42
N THR C 204 55.10 -68.31 20.64
CA THR C 204 56.02 -69.37 21.02
C THR C 204 55.33 -70.73 20.96
N VAL C 205 54.15 -70.84 21.54
CA VAL C 205 53.36 -72.06 21.53
C VAL C 205 51.96 -71.74 21.04
N GLU C 206 51.26 -72.77 20.58
CA GLU C 206 49.93 -72.63 19.98
C GLU C 206 48.87 -72.90 21.04
N LYS C 207 48.10 -71.86 21.37
CA LYS C 207 46.98 -72.02 22.29
C LYS C 207 45.97 -73.01 21.74
N THR C 208 45.55 -73.96 22.57
CA THR C 208 44.57 -74.97 22.21
C THR C 208 43.63 -75.17 23.40
N VAL C 209 42.34 -75.25 23.11
CA VAL C 209 41.32 -75.52 24.12
C VAL C 209 40.62 -76.82 23.75
N ALA C 210 40.38 -77.67 24.77
CA ALA C 210 39.84 -79.02 24.65
C ALA C 210 38.33 -79.03 24.82
N PRO C 211 37.62 -79.77 23.96
CA PRO C 211 36.17 -79.92 24.14
C PRO C 211 35.80 -81.20 24.89
N THR C 212 34.57 -81.27 25.39
CA THR C 212 34.09 -82.43 26.13
C THR C 212 32.71 -82.83 25.61
N GLU C 213 32.28 -84.02 26.01
CA GLU C 213 30.99 -84.57 25.59
C GLU C 213 29.85 -83.88 26.33
N CYS C 214 28.64 -84.37 26.13
CA CYS C 214 27.44 -83.70 26.63
C CYS C 214 27.39 -83.72 28.15
N SER C 215 26.48 -82.91 28.70
CA SER C 215 26.29 -82.80 30.14
C SER C 215 24.80 -82.67 30.48
N ASN D 6 15.92 70.72 -52.23
CA ASN D 6 16.45 69.84 -53.28
C ASN D 6 16.37 70.52 -54.64
N ASP D 7 17.37 70.26 -55.49
CA ASP D 7 17.37 70.78 -56.84
C ASP D 7 16.15 70.26 -57.59
N ASN D 8 15.44 71.17 -58.27
CA ASN D 8 14.19 70.82 -58.94
C ASN D 8 14.40 69.81 -60.05
N SER D 9 15.65 69.45 -60.32
CA SER D 9 15.98 68.36 -61.23
C SER D 9 16.11 67.01 -60.52
N THR D 10 16.11 67.00 -59.20
CA THR D 10 16.23 65.77 -58.41
C THR D 10 14.95 65.55 -57.61
N ALA D 11 14.95 64.48 -56.81
CA ALA D 11 13.86 64.17 -55.90
C ALA D 11 14.38 63.16 -54.90
N THR D 12 13.92 63.28 -53.65
CA THR D 12 14.37 62.42 -52.56
C THR D 12 13.18 61.66 -52.00
N LEU D 13 13.33 60.34 -51.87
CA LEU D 13 12.26 59.46 -51.41
C LEU D 13 12.79 58.55 -50.32
N CYS D 14 12.24 58.68 -49.12
CA CYS D 14 12.59 57.82 -47.99
C CYS D 14 11.39 56.96 -47.63
N LEU D 15 11.68 55.76 -47.12
CA LEU D 15 10.66 54.88 -46.56
C LEU D 15 11.08 54.47 -45.16
N GLY D 16 10.09 54.23 -44.31
CA GLY D 16 10.37 53.92 -42.92
C GLY D 16 9.27 53.09 -42.30
N HIS D 17 9.38 52.90 -40.98
CA HIS D 17 8.44 52.10 -40.23
C HIS D 17 7.92 52.87 -39.03
N HIS D 18 6.96 52.26 -38.33
CA HIS D 18 6.28 52.87 -37.21
C HIS D 18 7.22 53.00 -36.00
N ALA D 19 6.81 53.82 -35.03
CA ALA D 19 7.53 53.98 -33.78
C ALA D 19 6.59 54.62 -32.76
N VAL D 20 6.89 54.42 -31.49
CA VAL D 20 6.06 54.91 -30.40
C VAL D 20 6.96 55.39 -29.25
N PRO D 21 6.48 56.31 -28.38
CA PRO D 21 7.37 56.86 -27.34
C PRO D 21 7.70 55.89 -26.22
N ASN D 22 6.72 55.51 -25.41
CA ASN D 22 6.92 54.59 -24.30
C ASN D 22 6.46 53.21 -24.75
N GLY D 23 7.42 52.34 -25.06
CA GLY D 23 7.12 50.99 -25.49
C GLY D 23 7.19 49.99 -24.36
N THR D 24 7.67 48.79 -24.66
CA THR D 24 7.78 47.74 -23.65
C THR D 24 8.90 46.79 -24.04
N ILE D 25 9.52 46.17 -23.04
CA ILE D 25 10.64 45.26 -23.25
C ILE D 25 10.10 43.84 -23.37
N VAL D 26 10.68 43.06 -24.28
CA VAL D 26 10.37 41.65 -24.42
C VAL D 26 11.66 40.87 -24.54
N LYS D 27 11.56 39.55 -24.40
CA LYS D 27 12.69 38.65 -24.46
C LYS D 27 12.64 37.82 -25.73
N THR D 28 13.79 37.67 -26.39
CA THR D 28 13.91 36.84 -27.58
C THR D 28 15.08 35.87 -27.44
N ILE D 29 15.42 35.17 -28.52
CA ILE D 29 16.53 34.22 -28.49
C ILE D 29 17.86 34.96 -28.39
N THR D 30 18.08 35.94 -29.27
CA THR D 30 19.35 36.64 -29.33
C THR D 30 19.64 37.38 -28.03
N ASN D 31 18.73 38.28 -27.65
CA ASN D 31 18.95 39.23 -26.58
C ASN D 31 17.83 39.13 -25.54
N ASP D 32 18.20 39.43 -24.30
CA ASP D 32 17.22 39.37 -23.21
C ASP D 32 16.31 40.60 -23.21
N ARG D 33 16.82 41.75 -23.64
CA ARG D 33 16.05 42.98 -23.69
C ARG D 33 15.97 43.48 -25.13
N ILE D 34 14.75 43.73 -25.60
CA ILE D 34 14.53 44.43 -26.85
C ILE D 34 13.17 45.12 -26.77
N GLU D 35 13.13 46.38 -27.19
CA GLU D 35 11.92 47.18 -27.08
C GLU D 35 11.07 47.00 -28.33
N VAL D 36 9.81 46.65 -28.13
CA VAL D 36 8.84 46.55 -29.21
C VAL D 36 7.80 47.64 -29.02
N THR D 37 6.99 47.84 -30.05
CA THR D 37 5.98 48.89 -30.02
C THR D 37 4.98 48.64 -28.91
N ASN D 38 4.17 47.59 -29.04
CA ASN D 38 3.27 47.24 -27.95
C ASN D 38 3.21 45.73 -27.79
N ALA D 39 2.80 45.29 -26.59
CA ALA D 39 2.80 43.88 -26.28
C ALA D 39 1.77 43.54 -25.23
N THR D 40 1.44 42.25 -25.14
CA THR D 40 0.47 41.74 -24.17
C THR D 40 1.10 40.68 -23.27
N GLU D 41 0.58 40.57 -22.05
CA GLU D 41 1.10 39.62 -21.07
C GLU D 41 0.38 38.28 -21.22
N LEU D 42 1.15 37.20 -21.34
CA LEU D 42 0.60 35.87 -21.59
C LEU D 42 0.39 35.07 -20.32
N VAL D 43 0.71 35.61 -19.15
CA VAL D 43 0.56 34.92 -17.88
C VAL D 43 -0.52 35.63 -17.07
N GLN D 44 -1.53 34.88 -16.64
CA GLN D 44 -2.58 35.41 -15.78
C GLN D 44 -2.07 35.41 -14.35
N ASN D 45 -1.52 36.55 -13.93
CA ASN D 45 -0.87 36.67 -12.63
C ASN D 45 -1.82 37.01 -11.50
N SER D 46 -3.06 37.38 -11.80
CA SER D 46 -4.02 37.81 -10.79
C SER D 46 -5.36 37.11 -11.05
N SER D 47 -6.29 37.31 -10.11
CA SER D 47 -7.58 36.63 -10.17
C SER D 47 -8.62 37.43 -9.39
N ILE D 48 -9.86 36.94 -9.44
CA ILE D 48 -10.98 37.50 -8.67
C ILE D 48 -10.94 36.85 -7.29
N GLY D 49 -11.68 37.44 -6.34
CA GLY D 49 -11.69 36.92 -4.98
C GLY D 49 -12.72 35.84 -4.71
N GLU D 50 -13.64 35.59 -5.63
CA GLU D 50 -14.72 34.66 -5.39
C GLU D 50 -14.75 33.57 -6.46
N ILE D 51 -15.50 32.51 -6.16
CA ILE D 51 -15.66 31.36 -7.04
C ILE D 51 -16.98 31.52 -7.79
N CYS D 52 -16.92 31.52 -9.13
CA CYS D 52 -18.12 31.68 -9.94
C CYS D 52 -18.90 30.37 -10.01
N ASP D 53 -20.21 30.46 -9.75
CA ASP D 53 -21.05 29.28 -9.65
C ASP D 53 -21.68 28.86 -10.96
N SER D 54 -21.95 29.81 -11.86
CA SER D 54 -22.80 29.53 -13.02
C SER D 54 -22.33 28.38 -13.90
N PRO D 55 -21.07 28.32 -14.35
CA PRO D 55 -20.73 27.29 -15.37
C PRO D 55 -20.75 25.87 -14.83
N HIS D 56 -20.17 25.64 -13.66
CA HIS D 56 -20.09 24.31 -13.06
C HIS D 56 -20.95 24.27 -11.81
N GLN D 57 -21.57 23.11 -11.57
CA GLN D 57 -22.46 22.97 -10.41
C GLN D 57 -21.63 22.92 -9.13
N ILE D 58 -21.72 23.96 -8.32
CA ILE D 58 -20.91 24.11 -7.12
C ILE D 58 -21.73 23.75 -5.89
N LEU D 59 -21.12 22.98 -5.00
CA LEU D 59 -21.70 22.64 -3.70
C LEU D 59 -20.75 23.10 -2.62
N ASP D 60 -21.28 23.77 -1.60
CA ASP D 60 -20.47 24.32 -0.52
C ASP D 60 -20.51 23.36 0.66
N GLY D 61 -19.33 22.89 1.08
CA GLY D 61 -19.22 21.98 2.22
C GLY D 61 -19.60 22.61 3.54
N GLU D 62 -19.48 23.93 3.67
CA GLU D 62 -19.86 24.69 4.86
C GLU D 62 -19.13 24.12 6.06
N ASN D 63 -19.80 23.89 7.19
CA ASN D 63 -19.21 23.33 8.40
C ASN D 63 -18.88 21.87 8.28
N CYS D 64 -19.01 21.25 7.13
CA CYS D 64 -18.90 19.81 7.02
C CYS D 64 -17.77 19.41 6.06
N THR D 65 -17.22 18.24 6.31
CA THR D 65 -16.36 17.54 5.38
C THR D 65 -17.21 16.69 4.44
N LEU D 66 -16.60 16.23 3.34
CA LEU D 66 -17.32 15.34 2.44
C LEU D 66 -17.57 13.98 3.09
N ILE D 67 -16.60 13.49 3.88
CA ILE D 67 -16.75 12.20 4.52
C ILE D 67 -17.89 12.22 5.52
N ASP D 68 -17.87 13.18 6.45
CA ASP D 68 -18.96 13.33 7.41
C ASP D 68 -20.28 13.56 6.70
N ALA D 69 -20.26 14.18 5.52
CA ALA D 69 -21.49 14.37 4.76
C ALA D 69 -22.02 13.04 4.24
N LEU D 70 -21.14 12.20 3.70
CA LEU D 70 -21.57 10.89 3.21
C LEU D 70 -22.11 10.04 4.35
N LEU D 71 -21.39 10.02 5.48
CA LEU D 71 -21.84 9.25 6.64
C LEU D 71 -23.11 9.84 7.24
N GLY D 72 -23.25 11.16 7.19
CA GLY D 72 -24.42 11.80 7.77
C GLY D 72 -24.18 12.35 9.15
N ASP D 73 -23.11 13.13 9.30
CA ASP D 73 -22.93 13.96 10.48
C ASP D 73 -24.18 14.81 10.67
N PRO D 74 -24.88 14.69 11.82
CA PRO D 74 -26.22 15.30 11.95
C PRO D 74 -26.31 16.75 11.47
N GLN D 75 -25.27 17.55 11.68
CA GLN D 75 -25.27 18.91 11.15
C GLN D 75 -25.23 18.95 9.63
N CYS D 76 -24.82 17.86 8.98
CA CYS D 76 -24.69 17.79 7.53
C CYS D 76 -25.81 16.98 6.89
N ASP D 77 -26.94 16.83 7.56
CA ASP D 77 -28.06 16.09 6.97
C ASP D 77 -28.60 16.76 5.73
N GLY D 78 -28.40 18.07 5.57
CA GLY D 78 -28.96 18.77 4.42
C GLY D 78 -28.39 18.31 3.10
N PHE D 79 -27.16 17.80 3.10
CA PHE D 79 -26.49 17.43 1.85
C PHE D 79 -26.92 16.08 1.30
N GLN D 80 -27.65 15.28 2.07
CA GLN D 80 -27.91 13.91 1.65
C GLN D 80 -28.72 13.87 0.36
N ASN D 81 -28.30 13.00 -0.56
CA ASN D 81 -28.89 12.81 -1.89
C ASN D 81 -28.70 14.01 -2.81
N LYS D 82 -27.75 14.90 -2.50
CA LYS D 82 -27.45 16.03 -3.36
C LYS D 82 -26.30 15.67 -4.29
N LYS D 83 -26.49 15.91 -5.59
CA LYS D 83 -25.45 15.73 -6.57
C LYS D 83 -24.63 17.02 -6.71
N TRP D 84 -23.51 16.93 -7.42
CA TRP D 84 -22.65 18.09 -7.59
C TRP D 84 -21.68 17.87 -8.72
N ASP D 85 -21.17 18.98 -9.26
CA ASP D 85 -20.04 18.97 -10.19
C ASP D 85 -18.71 19.25 -9.50
N LEU D 86 -18.71 20.08 -8.45
CA LEU D 86 -17.51 20.34 -7.68
C LEU D 86 -17.86 20.50 -6.21
N PHE D 87 -17.18 19.76 -5.36
CA PHE D 87 -17.31 19.89 -3.92
C PHE D 87 -16.20 20.78 -3.39
N VAL D 88 -16.53 21.56 -2.35
CA VAL D 88 -15.62 22.55 -1.80
C VAL D 88 -15.52 22.32 -0.30
N GLU D 89 -14.50 21.59 0.13
CA GLU D 89 -14.25 21.42 1.55
C GLU D 89 -13.72 22.71 2.16
N ARG D 90 -14.25 23.07 3.32
CA ARG D 90 -13.80 24.25 4.04
C ARG D 90 -12.75 23.87 5.09
N SER D 91 -11.94 24.85 5.46
CA SER D 91 -10.95 24.63 6.52
C SER D 91 -11.58 24.76 7.89
N LYS D 92 -12.65 25.54 8.02
CA LYS D 92 -13.35 25.66 9.29
C LYS D 92 -14.09 24.39 9.66
N ALA D 93 -14.32 23.50 8.70
CA ALA D 93 -15.25 22.39 8.89
C ALA D 93 -14.75 21.41 9.94
N TYR D 94 -15.67 20.97 10.79
CA TYR D 94 -15.40 19.95 11.80
C TYR D 94 -16.38 18.80 11.65
N SER D 95 -16.05 17.68 12.28
CA SER D 95 -16.94 16.54 12.42
C SER D 95 -17.24 16.36 13.90
N ASN D 96 -18.53 16.32 14.26
CA ASN D 96 -18.91 16.33 15.66
C ASN D 96 -19.80 15.17 16.09
N CYS D 97 -20.20 14.27 15.19
CA CYS D 97 -21.08 13.18 15.59
C CYS D 97 -20.38 12.20 16.51
N TYR D 98 -19.34 11.55 16.00
CA TYR D 98 -18.74 10.43 16.72
C TYR D 98 -17.26 10.37 16.39
N PRO D 99 -16.42 9.90 17.32
CA PRO D 99 -15.00 9.71 17.00
C PRO D 99 -14.83 8.57 16.01
N TYR D 100 -14.02 8.80 14.99
CA TYR D 100 -13.84 7.81 13.94
C TYR D 100 -12.60 8.13 13.14
N ASP D 101 -12.07 7.10 12.49
CA ASP D 101 -11.06 7.22 11.45
C ASP D 101 -11.46 6.30 10.31
N VAL D 102 -10.76 6.42 9.20
CA VAL D 102 -10.98 5.51 8.07
C VAL D 102 -9.66 5.31 7.34
N PRO D 103 -9.14 4.08 7.32
CA PRO D 103 -7.92 3.81 6.55
C PRO D 103 -8.14 4.14 5.08
N ASP D 104 -7.10 4.67 4.44
CA ASP D 104 -7.17 5.14 3.07
C ASP D 104 -8.26 6.21 2.93
N TYR D 105 -8.23 7.17 3.86
CA TYR D 105 -9.19 8.28 3.85
C TYR D 105 -9.22 8.98 2.50
N ALA D 106 -8.04 9.35 2.00
CA ALA D 106 -7.98 10.13 0.76
C ALA D 106 -8.53 9.34 -0.42
N SER D 107 -8.30 8.04 -0.45
CA SER D 107 -8.82 7.21 -1.54
C SER D 107 -10.34 7.27 -1.59
N LEU D 108 -10.99 7.08 -0.45
CA LEU D 108 -12.45 7.17 -0.41
C LEU D 108 -12.92 8.57 -0.76
N ARG D 109 -12.24 9.59 -0.22
CA ARG D 109 -12.58 10.97 -0.54
C ARG D 109 -12.50 11.22 -2.04
N SER D 110 -11.43 10.75 -2.69
CA SER D 110 -11.24 11.03 -4.11
C SER D 110 -12.22 10.23 -4.98
N LEU D 111 -12.57 9.01 -4.57
CA LEU D 111 -13.50 8.22 -5.39
C LEU D 111 -14.91 8.76 -5.29
N VAL D 112 -15.35 9.13 -4.08
CA VAL D 112 -16.70 9.66 -3.92
C VAL D 112 -16.82 11.02 -4.60
N ALA D 113 -15.81 11.88 -4.41
CA ALA D 113 -15.81 13.18 -5.09
C ALA D 113 -15.83 13.00 -6.60
N SER D 114 -15.13 11.99 -7.11
CA SER D 114 -15.14 11.74 -8.55
C SER D 114 -16.51 11.33 -9.03
N SER D 115 -17.23 10.53 -8.23
CA SER D 115 -18.59 10.15 -8.59
C SER D 115 -19.50 11.38 -8.62
N GLY D 116 -19.33 12.28 -7.66
CA GLY D 116 -20.05 13.53 -7.67
C GLY D 116 -21.50 13.44 -7.29
N THR D 117 -21.85 12.51 -6.40
CA THR D 117 -23.24 12.35 -5.98
C THR D 117 -23.28 11.56 -4.68
N LEU D 118 -24.06 12.04 -3.72
CA LEU D 118 -24.38 11.28 -2.51
C LEU D 118 -25.69 10.54 -2.63
N GLU D 119 -26.12 10.24 -3.87
CA GLU D 119 -27.35 9.50 -4.10
C GLU D 119 -27.31 8.17 -3.35
N PHE D 120 -28.43 7.82 -2.72
CA PHE D 120 -28.46 6.69 -1.80
C PHE D 120 -29.89 6.18 -1.73
N ASN D 121 -30.05 4.88 -1.97
CA ASN D 121 -31.32 4.19 -1.80
C ASN D 121 -31.20 3.18 -0.66
N ASN D 122 -32.15 3.22 0.27
CA ASN D 122 -32.12 2.31 1.40
C ASN D 122 -32.52 0.90 0.97
N GLU D 123 -31.83 -0.09 1.52
CA GLU D 123 -32.12 -1.49 1.27
C GLU D 123 -32.59 -2.16 2.55
N SER D 124 -33.24 -3.32 2.38
CA SER D 124 -33.86 -4.05 3.49
C SER D 124 -33.01 -5.26 3.83
N PHE D 125 -32.39 -5.23 4.99
CA PHE D 125 -31.68 -6.38 5.54
C PHE D 125 -32.50 -7.00 6.66
N ASN D 126 -32.43 -8.32 6.79
CA ASN D 126 -33.12 -9.03 7.88
C ASN D 126 -32.11 -9.26 9.00
N TRP D 127 -31.88 -8.21 9.78
CA TRP D 127 -31.03 -8.29 10.95
C TRP D 127 -31.76 -9.09 12.03
N ALA D 128 -31.41 -10.36 12.16
CA ALA D 128 -32.13 -11.28 13.03
C ALA D 128 -31.83 -11.01 14.50
N GLY D 129 -32.88 -10.84 15.29
CA GLY D 129 -32.78 -10.78 16.74
C GLY D 129 -31.76 -9.81 17.32
N VAL D 130 -31.64 -8.62 16.74
CA VAL D 130 -30.67 -7.64 17.18
C VAL D 130 -31.32 -6.28 17.30
N THR D 131 -30.74 -5.44 18.15
CA THR D 131 -31.25 -4.09 18.39
C THR D 131 -30.59 -3.13 17.43
N GLN D 132 -31.32 -2.69 16.41
CA GLN D 132 -30.82 -1.72 15.46
C GLN D 132 -30.90 -0.31 16.05
N ASN D 133 -30.38 0.67 15.31
CA ASN D 133 -30.45 2.08 15.68
C ASN D 133 -29.78 2.35 17.03
N GLY D 134 -28.63 1.73 17.26
CA GLY D 134 -27.86 2.06 18.45
C GLY D 134 -27.46 3.53 18.43
N THR D 135 -27.55 4.16 19.59
CA THR D 135 -27.37 5.60 19.70
C THR D 135 -26.36 5.93 20.79
N SER D 136 -25.74 7.11 20.65
CA SER D 136 -24.75 7.59 21.60
C SER D 136 -25.01 9.07 21.86
N SER D 137 -24.64 9.50 23.07
CA SER D 137 -24.91 10.88 23.49
C SER D 137 -24.00 11.89 22.80
N SER D 138 -22.90 11.44 22.20
CA SER D 138 -21.99 12.36 21.53
C SER D 138 -22.56 12.85 20.20
N CYS D 139 -23.43 12.05 19.58
CA CYS D 139 -23.94 12.35 18.25
C CYS D 139 -25.35 12.94 18.36
N ARG D 140 -25.40 14.17 18.88
CA ARG D 140 -26.67 14.83 19.14
C ARG D 140 -27.34 15.25 17.84
N ARG D 141 -28.65 15.01 17.78
CA ARG D 141 -29.50 15.44 16.67
C ARG D 141 -30.61 16.29 17.27
N GLY D 142 -30.30 17.56 17.55
CA GLY D 142 -31.24 18.42 18.23
C GLY D 142 -31.36 18.08 19.70
N SER D 143 -32.57 17.70 20.12
CA SER D 143 -32.80 17.38 21.53
C SER D 143 -32.16 16.04 21.89
N ASN D 144 -32.65 14.97 21.29
CA ASN D 144 -32.25 13.62 21.68
C ASN D 144 -30.86 13.28 21.15
N SER D 145 -30.29 12.22 21.71
CA SER D 145 -29.05 11.66 21.20
C SER D 145 -29.35 10.75 20.00
N SER D 146 -28.37 10.61 19.12
CA SER D 146 -28.62 9.90 17.87
C SER D 146 -27.33 9.22 17.41
N PHE D 147 -27.28 8.88 16.12
CA PHE D 147 -26.17 8.18 15.51
C PHE D 147 -26.10 8.63 14.05
N PHE D 148 -25.09 8.13 13.32
CA PHE D 148 -24.94 8.46 11.92
C PHE D 148 -26.22 8.16 11.16
N SER D 149 -26.56 9.04 10.21
CA SER D 149 -27.82 8.91 9.50
C SER D 149 -27.84 7.69 8.59
N ARG D 150 -26.68 7.26 8.11
CA ARG D 150 -26.60 6.18 7.13
C ARG D 150 -26.17 4.85 7.72
N LEU D 151 -25.98 4.77 9.03
CA LEU D 151 -25.52 3.54 9.67
C LEU D 151 -26.52 3.10 10.73
N ASN D 152 -26.44 1.82 11.08
CA ASN D 152 -27.30 1.21 12.09
C ASN D 152 -26.42 0.43 13.05
N TRP D 153 -26.35 0.89 14.30
CA TRP D 153 -25.48 0.28 15.31
C TRP D 153 -26.19 -0.94 15.89
N LEU D 154 -25.63 -2.13 15.63
CA LEU D 154 -26.23 -3.38 16.07
C LEU D 154 -25.64 -3.77 17.42
N THR D 155 -26.52 -3.92 18.41
CA THR D 155 -26.13 -4.35 19.76
C THR D 155 -26.88 -5.63 20.12
N HIS D 156 -26.58 -6.12 21.32
CA HIS D 156 -27.20 -7.36 21.80
C HIS D 156 -28.71 -7.20 21.95
N LEU D 157 -29.40 -8.33 22.06
CA LEU D 157 -30.82 -8.37 22.36
C LEU D 157 -31.04 -9.40 23.45
N ASN D 158 -31.40 -8.93 24.64
CA ASN D 158 -31.59 -9.79 25.81
C ASN D 158 -30.34 -10.60 26.11
N SER D 159 -29.19 -9.93 26.07
CA SER D 159 -27.89 -10.54 26.34
C SER D 159 -27.61 -11.73 25.42
N LYS D 160 -28.13 -11.68 24.20
CA LYS D 160 -27.92 -12.74 23.23
C LYS D 160 -27.68 -12.11 21.87
N TYR D 161 -26.68 -12.61 21.15
CA TYR D 161 -26.33 -12.06 19.84
C TYR D 161 -26.49 -13.13 18.76
N PRO D 162 -27.42 -12.95 17.82
CA PRO D 162 -27.65 -14.00 16.81
C PRO D 162 -26.52 -14.16 15.81
N ALA D 163 -25.76 -13.10 15.51
CA ALA D 163 -24.64 -13.16 14.58
C ALA D 163 -25.11 -13.55 13.18
N LEU D 164 -26.13 -12.86 12.69
CA LEU D 164 -26.74 -13.21 11.41
C LEU D 164 -25.81 -12.87 10.24
N ASN D 165 -25.93 -13.65 9.17
CA ASN D 165 -25.22 -13.40 7.92
C ASN D 165 -26.25 -13.11 6.84
N VAL D 166 -26.13 -11.96 6.18
CA VAL D 166 -27.11 -11.50 5.21
C VAL D 166 -26.44 -11.37 3.85
N THR D 167 -27.25 -11.50 2.80
CA THR D 167 -26.78 -11.43 1.43
C THR D 167 -27.62 -10.43 0.65
N MET D 168 -26.98 -9.76 -0.30
CA MET D 168 -27.67 -8.70 -1.06
C MET D 168 -27.09 -8.57 -2.47
N PRO D 169 -27.89 -8.80 -3.49
CA PRO D 169 -27.38 -8.75 -4.87
C PRO D 169 -27.37 -7.35 -5.47
N ASN D 170 -26.65 -7.24 -6.58
CA ASN D 170 -26.59 -6.03 -7.41
C ASN D 170 -27.06 -6.45 -8.81
N ASN D 171 -28.36 -6.27 -9.07
CA ASN D 171 -28.90 -6.54 -10.39
C ASN D 171 -28.81 -5.33 -11.31
N GLU D 172 -28.49 -4.16 -10.78
CA GLU D 172 -28.52 -2.93 -11.54
C GLU D 172 -27.23 -2.76 -12.34
N GLN D 173 -27.28 -1.83 -13.30
CA GLN D 173 -26.21 -1.64 -14.26
C GLN D 173 -24.96 -1.03 -13.64
N PHE D 174 -25.09 -0.32 -12.53
CA PHE D 174 -24.03 0.54 -12.02
C PHE D 174 -23.37 -0.07 -10.78
N ASP D 175 -22.17 0.45 -10.49
CA ASP D 175 -21.40 -0.01 -9.34
C ASP D 175 -22.04 0.48 -8.05
N LYS D 176 -22.15 -0.41 -7.07
CA LYS D 176 -22.77 -0.10 -5.79
C LYS D 176 -21.69 0.06 -4.72
N LEU D 177 -21.71 1.19 -4.03
CA LEU D 177 -20.76 1.49 -2.97
C LEU D 177 -21.45 1.32 -1.62
N TYR D 178 -21.09 0.28 -0.89
CA TYR D 178 -21.56 0.06 0.48
C TYR D 178 -20.55 0.65 1.46
N ILE D 179 -21.04 1.42 2.42
CA ILE D 179 -20.21 2.05 3.45
C ILE D 179 -20.58 1.43 4.79
N TRP D 180 -19.60 0.78 5.42
CA TRP D 180 -19.83 0.05 6.67
C TRP D 180 -18.64 0.30 7.60
N GLY D 181 -18.70 -0.30 8.78
CA GLY D 181 -17.61 -0.13 9.71
C GLY D 181 -17.62 -1.17 10.81
N VAL D 182 -16.72 -0.96 11.78
CA VAL D 182 -16.60 -1.83 12.95
C VAL D 182 -16.41 -0.94 14.17
N HIS D 183 -16.93 -1.39 15.30
CA HIS D 183 -16.81 -0.66 16.56
C HIS D 183 -15.67 -1.26 17.39
N HIS D 184 -14.91 -0.39 18.04
CA HIS D 184 -13.80 -0.79 18.92
C HIS D 184 -14.15 -0.43 20.36
N PRO D 185 -14.71 -1.36 21.13
CA PRO D 185 -15.07 -1.05 22.51
C PRO D 185 -13.86 -0.61 23.34
N VAL D 186 -14.08 0.38 24.20
CA VAL D 186 -12.98 0.97 24.95
C VAL D 186 -12.44 0.01 26.01
N THR D 187 -13.31 -0.80 26.61
CA THR D 187 -12.89 -1.72 27.65
C THR D 187 -13.58 -3.06 27.46
N ASP D 188 -12.99 -4.10 28.06
CA ASP D 188 -13.57 -5.43 27.99
C ASP D 188 -14.99 -5.44 28.55
N LYS D 189 -15.25 -4.66 29.59
CA LYS D 189 -16.59 -4.57 30.16
C LYS D 189 -17.57 -3.97 29.17
N ASP D 190 -17.17 -2.89 28.49
CA ASP D 190 -18.04 -2.27 27.49
C ASP D 190 -18.34 -3.22 26.34
N GLN D 191 -17.37 -4.07 25.99
CA GLN D 191 -17.59 -5.04 24.93
C GLN D 191 -18.74 -5.97 25.27
N ILE D 192 -18.76 -6.50 26.50
CA ILE D 192 -19.77 -7.47 26.90
C ILE D 192 -21.15 -6.81 26.95
N PHE D 193 -21.22 -5.58 27.48
CA PHE D 193 -22.52 -4.92 27.60
C PHE D 193 -23.11 -4.60 26.24
N LEU D 194 -22.30 -4.10 25.30
CA LEU D 194 -22.82 -3.73 24.00
C LEU D 194 -23.13 -4.97 23.15
N TYR D 195 -22.27 -5.98 23.21
CA TYR D 195 -22.43 -7.19 22.43
C TYR D 195 -22.13 -8.39 23.32
N ALA D 196 -22.95 -9.44 23.20
CA ALA D 196 -22.84 -10.58 24.11
C ALA D 196 -21.46 -11.23 24.03
N GLN D 197 -20.95 -11.42 22.82
CA GLN D 197 -19.71 -12.17 22.63
C GLN D 197 -18.54 -11.49 23.32
N SER D 198 -17.58 -12.32 23.74
CA SER D 198 -16.35 -11.79 24.31
C SER D 198 -15.44 -11.25 23.21
N SER D 199 -15.36 -11.96 22.09
CA SER D 199 -14.58 -11.53 20.94
C SER D 199 -15.51 -11.34 19.74
N GLY D 200 -15.38 -10.21 19.07
CA GLY D 200 -16.15 -9.94 17.88
C GLY D 200 -15.40 -10.37 16.62
N ARG D 201 -16.17 -10.76 15.61
CA ARG D 201 -15.63 -11.06 14.30
C ARG D 201 -16.62 -10.55 13.26
N ILE D 202 -16.09 -9.95 12.20
CA ILE D 202 -16.92 -9.38 11.14
C ILE D 202 -16.24 -9.69 9.81
N THR D 203 -17.05 -9.98 8.80
CA THR D 203 -16.55 -10.36 7.48
C THR D 203 -17.46 -9.77 6.42
N VAL D 204 -16.95 -8.82 5.64
CA VAL D 204 -17.64 -8.29 4.48
C VAL D 204 -16.98 -8.92 3.26
N SER D 205 -17.78 -9.61 2.45
CA SER D 205 -17.25 -10.37 1.32
C SER D 205 -18.02 -10.09 0.05
N THR D 206 -17.29 -10.15 -1.06
CA THR D 206 -17.86 -10.16 -2.39
C THR D 206 -17.31 -11.35 -3.18
N LYS D 207 -17.94 -11.64 -4.32
CA LYS D 207 -17.51 -12.80 -5.10
C LYS D 207 -16.11 -12.54 -5.65
N ARG D 208 -15.72 -11.28 -5.83
CA ARG D 208 -14.40 -10.95 -6.33
C ARG D 208 -13.35 -10.89 -5.23
N SER D 209 -13.66 -10.24 -4.10
CA SER D 209 -12.69 -10.03 -3.04
C SER D 209 -13.36 -10.25 -1.69
N GLN D 210 -12.56 -10.18 -0.63
CA GLN D 210 -13.07 -10.38 0.72
C GLN D 210 -12.32 -9.46 1.68
N GLN D 211 -13.07 -8.80 2.56
CA GLN D 211 -12.50 -8.00 3.63
C GLN D 211 -12.88 -8.60 4.98
N ALA D 212 -11.95 -8.56 5.92
CA ALA D 212 -12.18 -9.09 7.25
C ALA D 212 -11.39 -8.27 8.25
N VAL D 213 -12.03 -7.87 9.34
CA VAL D 213 -11.40 -7.04 10.36
C VAL D 213 -11.79 -7.59 11.72
N ILE D 214 -10.85 -7.54 12.66
CA ILE D 214 -11.07 -7.95 14.04
C ILE D 214 -11.06 -6.68 14.90
N PRO D 215 -12.04 -6.48 15.78
CA PRO D 215 -12.04 -5.28 16.63
C PRO D 215 -10.95 -5.37 17.67
N ASN D 216 -10.20 -4.27 17.82
CA ASN D 216 -9.10 -4.17 18.77
C ASN D 216 -9.56 -3.33 19.95
N ILE D 217 -9.73 -3.97 21.11
CA ILE D 217 -10.19 -3.27 22.31
C ILE D 217 -9.05 -2.50 22.93
N GLY D 218 -9.40 -1.45 23.66
CA GLY D 218 -8.40 -0.61 24.30
C GLY D 218 -8.91 0.80 24.44
N SER D 219 -8.21 1.56 25.28
CA SER D 219 -8.57 2.94 25.53
C SER D 219 -8.03 3.85 24.44
N ARG D 220 -8.81 4.88 24.11
CA ARG D 220 -8.38 5.94 23.23
C ARG D 220 -8.68 7.27 23.91
N PRO D 221 -7.91 8.32 23.62
CA PRO D 221 -8.17 9.62 24.27
C PRO D 221 -9.58 10.08 23.96
N ARG D 222 -10.32 10.44 25.01
CA ARG D 222 -11.73 10.74 24.86
C ARG D 222 -11.94 11.97 23.99
N ILE D 223 -12.82 11.84 23.00
CA ILE D 223 -13.26 12.96 22.18
C ILE D 223 -14.77 13.06 22.31
N ARG D 224 -15.25 14.25 22.68
CA ARG D 224 -16.67 14.47 22.96
C ARG D 224 -17.15 13.47 24.00
N ASP D 225 -16.32 13.25 25.01
CA ASP D 225 -16.58 12.34 26.13
C ASP D 225 -16.75 10.89 25.69
N ILE D 226 -16.32 10.54 24.49
CA ILE D 226 -16.42 9.19 23.95
C ILE D 226 -15.01 8.66 23.72
N PRO D 227 -14.50 7.80 24.62
CA PRO D 227 -13.16 7.23 24.43
C PRO D 227 -13.09 6.05 23.48
N SER D 228 -14.23 5.49 23.07
CA SER D 228 -14.21 4.43 22.08
C SER D 228 -14.07 5.03 20.67
N ARG D 229 -13.82 4.16 19.69
CA ARG D 229 -13.61 4.61 18.32
C ARG D 229 -14.34 3.70 17.34
N ILE D 230 -14.39 4.15 16.09
CA ILE D 230 -14.99 3.39 15.00
C ILE D 230 -14.09 3.49 13.78
N SER D 231 -13.73 2.34 13.22
CA SER D 231 -13.04 2.28 11.93
C SER D 231 -14.05 1.96 10.85
N ILE D 232 -14.06 2.77 9.80
CA ILE D 232 -15.01 2.64 8.70
C ILE D 232 -14.28 2.09 7.48
N TYR D 233 -14.90 1.13 6.81
CA TYR D 233 -14.40 0.57 5.56
C TYR D 233 -15.49 0.65 4.51
N TRP D 234 -15.13 0.34 3.27
CA TRP D 234 -16.07 0.39 2.17
C TRP D 234 -15.85 -0.81 1.27
N THR D 235 -16.94 -1.26 0.64
CA THR D 235 -16.90 -2.36 -0.30
C THR D 235 -17.78 -2.03 -1.49
N ILE D 236 -17.21 -2.14 -2.69
CA ILE D 236 -17.92 -1.86 -3.93
C ILE D 236 -18.27 -3.18 -4.59
N VAL D 237 -19.53 -3.31 -5.03
CA VAL D 237 -20.05 -4.54 -5.59
C VAL D 237 -20.41 -4.28 -7.04
N LYS D 238 -19.70 -4.92 -7.96
CA LYS D 238 -19.96 -4.77 -9.38
C LYS D 238 -21.28 -5.44 -9.75
N PRO D 239 -21.86 -5.07 -10.90
CA PRO D 239 -23.10 -5.73 -11.33
C PRO D 239 -22.88 -7.21 -11.56
N GLY D 240 -23.93 -8.00 -11.32
CA GLY D 240 -23.81 -9.43 -11.34
C GLY D 240 -23.13 -10.15 -10.22
N ASP D 241 -22.66 -9.36 -9.23
CA ASP D 241 -22.01 -9.88 -8.01
C ASP D 241 -22.94 -9.66 -6.82
N ILE D 242 -22.70 -10.35 -5.71
CA ILE D 242 -23.55 -10.22 -4.52
C ILE D 242 -22.70 -9.93 -3.29
N LEU D 243 -23.08 -8.88 -2.56
CA LEU D 243 -22.45 -8.58 -1.28
C LEU D 243 -23.05 -9.45 -0.19
N LEU D 244 -22.21 -10.02 0.66
CA LEU D 244 -22.69 -10.75 1.82
C LEU D 244 -21.85 -10.35 3.03
N ILE D 245 -22.50 -10.26 4.18
CA ILE D 245 -21.89 -9.82 5.43
C ILE D 245 -22.01 -10.95 6.44
N ASN D 246 -20.87 -11.36 7.01
CA ASN D 246 -20.85 -12.30 8.12
C ASN D 246 -20.23 -11.61 9.32
N SER D 247 -20.96 -11.58 10.43
CA SER D 247 -20.45 -10.99 11.66
C SER D 247 -20.98 -11.76 12.86
N THR D 248 -20.18 -11.79 13.91
CA THR D 248 -20.61 -12.30 15.21
C THR D 248 -20.56 -11.21 16.28
N GLY D 249 -20.20 -9.99 15.92
CA GLY D 249 -20.08 -8.93 16.89
C GLY D 249 -19.49 -7.66 16.33
N ASN D 250 -19.81 -6.53 16.98
CA ASN D 250 -19.15 -5.24 16.74
C ASN D 250 -19.38 -4.71 15.33
N LEU D 251 -20.43 -5.18 14.66
CA LEU D 251 -20.72 -4.75 13.29
C LEU D 251 -21.64 -3.53 13.34
N ILE D 252 -21.22 -2.45 12.69
CA ILE D 252 -22.13 -1.34 12.43
C ILE D 252 -22.49 -1.36 10.95
N ALA D 253 -23.42 -2.25 10.59
CA ALA D 253 -23.79 -2.49 9.22
C ALA D 253 -24.49 -1.26 8.62
N PRO D 254 -24.55 -1.18 7.30
CA PRO D 254 -25.16 -0.01 6.65
C PRO D 254 -26.65 -0.18 6.40
N ARG D 255 -27.27 0.91 5.96
CA ARG D 255 -28.65 0.90 5.50
C ARG D 255 -28.78 0.81 3.99
N GLY D 256 -27.67 0.66 3.28
CA GLY D 256 -27.73 0.46 1.84
C GLY D 256 -26.45 0.94 1.16
N TYR D 257 -26.62 1.32 -0.11
CA TYR D 257 -25.50 1.56 -1.03
C TYR D 257 -25.66 2.90 -1.72
N PHE D 258 -24.53 3.44 -2.17
CA PHE D 258 -24.51 4.67 -2.95
C PHE D 258 -24.30 4.37 -4.43
N LYS D 259 -25.02 5.11 -5.28
CA LYS D 259 -24.86 4.96 -6.73
C LYS D 259 -23.56 5.62 -7.18
N ILE D 260 -22.66 4.82 -7.74
CA ILE D 260 -21.41 5.33 -8.28
C ILE D 260 -21.59 5.61 -9.76
N ARG D 261 -21.37 6.86 -10.16
CA ARG D 261 -21.34 7.22 -11.57
C ARG D 261 -19.96 7.75 -11.91
N SER D 262 -19.46 7.39 -13.08
CA SER D 262 -18.18 7.88 -13.56
C SER D 262 -18.42 9.24 -14.22
N GLY D 263 -17.97 10.30 -13.57
CA GLY D 263 -18.25 11.63 -14.06
C GLY D 263 -17.08 12.59 -13.95
N LYS D 264 -17.37 13.86 -14.22
CA LYS D 264 -16.37 14.92 -14.27
C LYS D 264 -16.21 15.64 -12.94
N SER D 265 -16.80 15.13 -11.86
CA SER D 265 -16.80 15.83 -10.60
C SER D 265 -15.49 15.63 -9.85
N SER D 266 -15.25 16.50 -8.87
CA SER D 266 -14.00 16.47 -8.11
C SER D 266 -14.21 17.19 -6.78
N ILE D 267 -13.11 17.42 -6.07
CA ILE D 267 -13.11 18.12 -4.78
C ILE D 267 -11.91 19.06 -4.76
N MET D 268 -12.07 20.17 -4.04
CA MET D 268 -11.03 21.19 -3.97
C MET D 268 -11.06 21.84 -2.61
N ARG D 269 -9.91 21.92 -1.96
CA ARG D 269 -9.80 22.54 -0.64
C ARG D 269 -9.61 24.04 -0.82
N SER D 270 -10.63 24.81 -0.47
CA SER D 270 -10.60 26.25 -0.66
C SER D 270 -11.51 26.93 0.35
N ASP D 271 -11.16 28.16 0.71
CA ASP D 271 -11.99 29.00 1.58
C ASP D 271 -12.43 30.26 0.87
N ALA D 272 -12.56 30.19 -0.45
CA ALA D 272 -13.03 31.34 -1.21
C ALA D 272 -14.56 31.42 -1.16
N PRO D 273 -15.11 32.63 -1.23
CA PRO D 273 -16.57 32.78 -1.29
C PRO D 273 -17.10 32.44 -2.67
N ILE D 274 -18.42 32.43 -2.77
CA ILE D 274 -19.12 32.09 -4.00
C ILE D 274 -20.05 33.24 -4.37
N GLY D 275 -20.02 33.64 -5.63
CA GLY D 275 -20.93 34.65 -6.14
C GLY D 275 -21.63 34.17 -7.41
N LYS D 276 -22.54 35.02 -7.87
CA LYS D 276 -23.30 34.74 -9.09
C LYS D 276 -22.52 35.31 -10.27
N CYS D 277 -21.83 34.44 -10.99
CA CYS D 277 -21.03 34.82 -12.15
C CYS D 277 -20.63 33.56 -12.90
N LYS D 278 -20.21 33.74 -14.15
CA LYS D 278 -19.83 32.63 -15.02
C LYS D 278 -18.34 32.71 -15.32
N SER D 279 -17.58 31.77 -14.76
CA SER D 279 -16.17 31.62 -15.07
C SER D 279 -15.86 30.14 -15.14
N GLU D 280 -15.40 29.67 -16.31
CA GLU D 280 -15.22 28.25 -16.56
C GLU D 280 -14.04 27.64 -15.82
N CYS D 281 -13.17 28.45 -15.23
CA CYS D 281 -12.02 27.96 -14.48
C CYS D 281 -12.18 28.30 -13.01
N ILE D 282 -11.70 27.41 -12.14
CA ILE D 282 -11.82 27.56 -10.69
C ILE D 282 -10.52 27.12 -10.03
N THR D 283 -10.00 27.95 -9.15
CA THR D 283 -8.81 27.67 -8.34
C THR D 283 -9.17 27.88 -6.88
N PRO D 284 -8.35 27.39 -5.95
CA PRO D 284 -8.62 27.67 -4.53
C PRO D 284 -8.70 29.15 -4.22
N ASN D 285 -7.90 29.96 -4.91
CA ASN D 285 -8.00 31.40 -4.76
C ASN D 285 -9.32 31.94 -5.33
N GLY D 286 -9.86 31.27 -6.34
CA GLY D 286 -11.11 31.70 -6.92
C GLY D 286 -11.14 31.52 -8.42
N SER D 287 -12.23 31.94 -9.05
CA SER D 287 -12.35 31.82 -10.49
C SER D 287 -11.40 32.80 -11.19
N ILE D 288 -10.84 32.36 -12.31
CA ILE D 288 -9.90 33.19 -13.07
C ILE D 288 -10.39 33.24 -14.52
N PRO D 289 -9.96 34.26 -15.27
CA PRO D 289 -10.29 34.28 -16.71
C PRO D 289 -9.34 33.44 -17.55
N ASN D 290 -9.90 32.56 -18.38
CA ASN D 290 -9.08 31.65 -19.18
C ASN D 290 -8.64 32.30 -20.48
N ASP D 291 -8.43 33.62 -20.47
CA ASP D 291 -7.95 34.33 -21.65
C ASP D 291 -6.50 33.95 -21.92
N LYS D 292 -5.59 34.42 -21.08
CA LYS D 292 -4.18 34.08 -21.23
C LYS D 292 -3.99 32.57 -21.09
N PRO D 293 -3.15 31.95 -21.92
CA PRO D 293 -2.99 30.49 -21.87
C PRO D 293 -2.11 29.98 -20.74
N PHE D 294 -1.59 30.86 -19.88
CA PHE D 294 -0.76 30.46 -18.76
C PHE D 294 -1.18 31.21 -17.51
N GLN D 295 -1.18 30.52 -16.38
CA GLN D 295 -1.62 31.09 -15.12
C GLN D 295 -0.52 30.97 -14.08
N ASN D 296 -0.60 31.83 -13.07
CA ASN D 296 0.38 31.90 -12.00
C ASN D 296 -0.26 31.71 -10.63
N VAL D 297 -1.57 31.56 -10.56
CA VAL D 297 -2.31 31.56 -9.30
C VAL D 297 -1.98 30.32 -8.46
N ASN D 298 -2.39 29.14 -8.92
CA ASN D 298 -2.35 27.97 -8.05
C ASN D 298 -2.08 26.70 -8.84
N ARG D 299 -1.43 25.74 -8.18
CA ARG D 299 -1.15 24.44 -8.78
C ARG D 299 -2.44 23.71 -9.15
N ILE D 300 -3.39 23.68 -8.23
CA ILE D 300 -4.61 22.89 -8.39
C ILE D 300 -5.66 23.74 -9.09
N THR D 301 -6.19 23.22 -10.20
CA THR D 301 -7.17 23.91 -11.02
C THR D 301 -8.31 22.95 -11.35
N TYR D 302 -9.40 23.50 -11.89
CA TYR D 302 -10.53 22.69 -12.30
C TYR D 302 -11.22 23.37 -13.48
N GLY D 303 -11.28 22.68 -14.61
CA GLY D 303 -11.98 23.16 -15.78
C GLY D 303 -11.04 23.66 -16.86
N ALA D 304 -11.61 24.45 -17.78
CA ALA D 304 -10.83 25.05 -18.86
C ALA D 304 -9.88 26.10 -18.27
N CYS D 305 -8.70 25.67 -17.86
CA CYS D 305 -7.77 26.54 -17.16
C CYS D 305 -6.44 26.61 -17.87
N PRO D 306 -5.70 27.70 -17.68
CA PRO D 306 -4.33 27.78 -18.21
C PRO D 306 -3.38 26.89 -17.41
N ARG D 307 -2.23 26.61 -18.01
CA ARG D 307 -1.22 25.79 -17.38
C ARG D 307 -0.45 26.61 -16.34
N TYR D 308 -0.23 26.00 -15.17
CA TYR D 308 0.53 26.68 -14.12
C TYR D 308 2.00 26.70 -14.50
N VAL D 309 2.61 27.88 -14.43
CA VAL D 309 4.03 28.05 -14.74
C VAL D 309 4.70 28.83 -13.61
N LYS D 310 6.00 28.61 -13.47
CA LYS D 310 6.76 29.36 -12.47
C LYS D 310 6.80 30.84 -12.80
N GLN D 311 6.89 31.16 -14.10
CA GLN D 311 7.07 32.54 -14.53
C GLN D 311 5.92 33.42 -14.02
N SER D 312 6.30 34.62 -13.54
CA SER D 312 5.30 35.55 -13.01
C SER D 312 4.59 36.32 -14.12
N THR D 313 5.28 36.57 -15.23
CA THR D 313 4.65 37.20 -16.40
C THR D 313 5.53 36.97 -17.62
N LEU D 314 4.88 36.85 -18.78
CA LEU D 314 5.55 36.63 -20.05
C LEU D 314 4.97 37.56 -21.09
N LYS D 315 5.77 38.52 -21.55
CA LYS D 315 5.33 39.49 -22.53
C LYS D 315 5.54 38.93 -23.94
N LEU D 316 4.44 38.72 -24.66
CA LEU D 316 4.50 38.29 -26.05
C LEU D 316 4.50 39.50 -26.97
N ALA D 317 5.47 39.55 -27.89
CA ALA D 317 5.57 40.66 -28.80
C ALA D 317 4.37 40.70 -29.74
N THR D 318 3.70 41.85 -29.80
CA THR D 318 2.60 42.06 -30.73
C THR D 318 2.90 43.15 -31.76
N GLY D 319 3.97 43.92 -31.58
CA GLY D 319 4.37 44.91 -32.55
C GLY D 319 5.77 44.67 -33.07
N MET D 320 6.35 45.68 -33.72
CA MET D 320 7.68 45.55 -34.30
C MET D 320 8.73 46.13 -33.35
N ARG D 321 9.98 46.09 -33.79
CA ARG D 321 11.05 46.76 -33.06
C ARG D 321 10.78 48.26 -33.02
N ASN D 322 10.81 48.83 -31.82
CA ASN D 322 10.55 50.24 -31.61
C ASN D 322 11.86 51.01 -31.58
N VAL D 323 12.03 51.96 -32.49
CA VAL D 323 13.27 52.71 -32.63
C VAL D 323 12.96 54.21 -32.76
N PRO D 324 13.36 55.04 -31.81
CA PRO D 324 13.18 56.48 -31.95
C PRO D 324 14.19 57.06 -32.94
N GLU D 325 13.93 58.30 -33.35
CA GLU D 325 14.68 58.94 -34.43
C GLU D 325 15.36 60.22 -33.95
N ARG D 326 16.18 60.77 -34.85
CA ARG D 326 16.89 62.03 -34.64
C ARG D 326 17.76 61.99 -33.38
N ILE D 335 15.32 64.72 -43.49
CA ILE D 335 14.66 63.53 -44.04
C ILE D 335 15.58 62.31 -43.87
N ALA D 336 15.05 61.23 -43.30
CA ALA D 336 15.85 60.05 -43.01
C ALA D 336 14.97 58.80 -43.11
N GLY D 337 15.59 57.70 -43.48
CA GLY D 337 14.88 56.49 -43.88
C GLY D 337 14.74 55.48 -42.75
N PHE D 338 14.95 54.21 -43.10
CA PHE D 338 14.64 53.08 -42.24
C PHE D 338 15.83 52.58 -41.42
N ILE D 339 17.02 52.54 -42.02
CA ILE D 339 18.18 51.95 -41.33
C ILE D 339 18.52 52.77 -40.09
N GLU D 340 18.54 54.09 -40.22
CA GLU D 340 18.91 54.95 -39.09
C GLU D 340 17.92 54.80 -37.95
N ASN D 341 16.64 54.96 -38.23
CA ASN D 341 15.63 55.04 -37.17
C ASN D 341 14.24 54.96 -37.80
N GLY D 342 13.23 54.93 -36.95
CA GLY D 342 11.85 54.86 -37.41
C GLY D 342 11.10 56.15 -37.27
N TRP D 343 9.94 56.25 -37.93
CA TRP D 343 9.13 57.45 -37.90
C TRP D 343 8.16 57.40 -36.73
N GLU D 344 8.30 58.35 -35.80
CA GLU D 344 7.34 58.46 -34.71
C GLU D 344 6.06 59.17 -35.15
N GLY D 345 6.16 60.05 -36.15
CA GLY D 345 5.01 60.85 -36.54
C GLY D 345 3.95 60.06 -37.28
N MET D 346 4.33 58.99 -37.97
CA MET D 346 3.37 58.21 -38.72
C MET D 346 2.40 57.52 -37.78
N VAL D 347 1.11 57.57 -38.13
CA VAL D 347 0.06 57.02 -37.28
C VAL D 347 -0.86 56.12 -38.09
N ASP D 348 -1.19 56.55 -39.31
CA ASP D 348 -2.17 55.83 -40.11
C ASP D 348 -1.67 54.44 -40.50
N GLY D 349 -0.36 54.29 -40.74
CA GLY D 349 0.17 53.02 -41.17
C GLY D 349 1.47 52.70 -40.47
N TRP D 350 1.88 51.44 -40.59
CA TRP D 350 3.13 50.98 -40.01
C TRP D 350 4.31 51.20 -40.95
N TYR D 351 4.12 50.94 -42.24
CA TYR D 351 5.15 51.15 -43.24
C TYR D 351 4.66 52.17 -44.27
N GLY D 352 5.56 53.05 -44.70
CA GLY D 352 5.16 54.07 -45.65
C GLY D 352 6.34 54.84 -46.19
N PHE D 353 6.03 55.79 -47.08
CA PHE D 353 7.02 56.62 -47.75
C PHE D 353 6.93 58.05 -47.26
N ARG D 354 8.09 58.66 -47.03
CA ARG D 354 8.20 60.09 -46.81
C ARG D 354 9.15 60.66 -47.85
N HIS D 355 8.69 61.67 -48.59
CA HIS D 355 9.40 62.15 -49.76
C HIS D 355 9.60 63.66 -49.68
N GLN D 356 10.55 64.14 -50.49
CA GLN D 356 10.84 65.57 -50.59
C GLN D 356 11.22 65.85 -52.04
N ASN D 357 10.30 66.46 -52.78
CA ASN D 357 10.52 66.79 -54.19
C ASN D 357 10.43 68.30 -54.38
N SER D 358 10.37 68.71 -55.65
CA SER D 358 10.20 70.13 -55.94
C SER D 358 8.82 70.64 -55.50
N GLU D 359 7.81 69.77 -55.54
CA GLU D 359 6.45 70.17 -55.17
C GLU D 359 6.26 70.32 -53.66
N GLY D 360 7.22 69.89 -52.85
CA GLY D 360 7.16 70.06 -51.41
C GLY D 360 7.42 68.76 -50.69
N ARG D 361 6.99 68.71 -49.43
CA ARG D 361 7.15 67.52 -48.61
C ARG D 361 5.80 66.83 -48.42
N GLY D 362 5.86 65.65 -47.82
CA GLY D 362 4.68 64.84 -47.56
C GLY D 362 5.05 63.41 -47.27
N GLN D 363 4.09 62.69 -46.70
CA GLN D 363 4.29 61.28 -46.40
C GLN D 363 2.94 60.59 -46.31
N ALA D 364 2.91 59.33 -46.70
CA ALA D 364 1.68 58.55 -46.73
C ALA D 364 2.01 57.09 -46.52
N ALA D 365 1.07 56.38 -45.90
CA ALA D 365 1.28 54.99 -45.51
C ALA D 365 1.04 54.05 -46.68
N ASP D 366 1.44 52.79 -46.48
CA ASP D 366 1.23 51.71 -47.45
C ASP D 366 0.43 50.62 -46.74
N LEU D 367 -0.89 50.60 -46.98
CA LEU D 367 -1.75 49.64 -46.31
C LEU D 367 -1.49 48.21 -46.77
N LYS D 368 -1.02 48.04 -48.01
CA LYS D 368 -0.89 46.69 -48.57
C LYS D 368 0.10 45.84 -47.77
N SER D 369 1.24 46.41 -47.41
CA SER D 369 2.26 45.65 -46.70
C SER D 369 2.05 45.65 -45.19
N THR D 370 1.59 46.77 -44.62
CA THR D 370 1.30 46.83 -43.19
C THR D 370 0.26 45.79 -42.80
N GLN D 371 -0.80 45.66 -43.61
CA GLN D 371 -1.83 44.68 -43.31
C GLN D 371 -1.27 43.26 -43.29
N ALA D 372 -0.29 42.98 -44.15
CA ALA D 372 0.35 41.67 -44.16
C ALA D 372 1.10 41.39 -42.87
N ALA D 373 1.48 42.44 -42.13
CA ALA D 373 2.13 42.24 -40.84
C ALA D 373 1.09 41.95 -39.75
N ILE D 374 0.02 42.74 -39.70
CA ILE D 374 -1.04 42.51 -38.71
C ILE D 374 -1.71 41.17 -38.97
N ASP D 375 -1.83 40.77 -40.23
CA ASP D 375 -2.51 39.51 -40.55
C ASP D 375 -1.80 38.31 -39.95
N GLN D 376 -0.47 38.37 -39.84
CA GLN D 376 0.27 37.25 -39.29
C GLN D 376 0.34 37.29 -37.78
N ILE D 377 0.28 38.48 -37.18
CA ILE D 377 0.25 38.62 -35.73
C ILE D 377 -1.13 38.22 -35.22
N ASN D 378 -2.14 39.01 -35.57
CA ASN D 378 -3.52 38.63 -35.29
C ASN D 378 -3.85 37.36 -36.06
N GLY D 379 -3.77 36.22 -35.38
CA GLY D 379 -3.83 34.92 -36.02
C GLY D 379 -2.78 34.02 -35.42
N LYS D 380 -1.59 34.56 -35.23
CA LYS D 380 -0.62 33.94 -34.33
C LYS D 380 -1.14 33.98 -32.90
N LEU D 381 -1.85 35.06 -32.54
CA LEU D 381 -2.57 35.08 -31.27
C LEU D 381 -3.58 33.96 -31.22
N ASN D 382 -4.39 33.81 -32.27
CA ASN D 382 -5.46 32.81 -32.28
C ASN D 382 -4.92 31.39 -32.12
N ARG D 383 -3.64 31.16 -32.40
CA ARG D 383 -3.05 29.88 -32.03
C ARG D 383 -2.84 29.80 -30.52
N LEU D 384 -2.58 30.93 -29.87
CA LEU D 384 -2.19 30.96 -28.45
C LEU D 384 -3.30 31.39 -27.51
N ILE D 385 -4.21 32.26 -27.96
CA ILE D 385 -5.15 32.89 -27.02
C ILE D 385 -6.16 31.87 -26.48
N GLY D 386 -6.77 31.08 -27.37
CA GLY D 386 -7.85 30.19 -26.98
C GLY D 386 -7.45 28.74 -26.83
N LYS D 387 -6.16 28.49 -26.62
CA LYS D 387 -5.64 27.12 -26.61
C LYS D 387 -6.11 26.31 -25.41
N THR D 388 -6.63 26.97 -24.36
CA THR D 388 -6.96 26.31 -23.10
C THR D 388 -7.75 25.02 -23.31
N ASN D 389 -7.32 23.97 -22.63
CA ASN D 389 -7.95 22.67 -22.69
C ASN D 389 -8.35 22.22 -21.28
N GLU D 390 -9.51 21.59 -21.19
CA GLU D 390 -10.08 21.22 -19.90
C GLU D 390 -9.30 20.11 -19.21
N LYS D 391 -9.24 20.20 -17.89
CA LYS D 391 -8.59 19.18 -17.05
C LYS D 391 -9.41 19.03 -15.77
N PHE D 392 -9.91 17.83 -15.52
CA PHE D 392 -10.88 17.57 -14.48
C PHE D 392 -10.33 16.57 -13.47
N HIS D 393 -10.42 16.91 -12.19
CA HIS D 393 -10.03 16.05 -11.08
C HIS D 393 -8.67 15.40 -11.27
N GLN D 394 -7.61 16.14 -10.94
CA GLN D 394 -6.28 15.55 -10.88
C GLN D 394 -5.98 15.16 -9.44
N ILE D 395 -4.75 14.72 -9.19
CA ILE D 395 -4.36 14.35 -7.83
C ILE D 395 -4.20 15.60 -6.98
N GLU D 396 -4.20 15.40 -5.66
CA GLU D 396 -4.04 16.50 -4.72
C GLU D 396 -2.58 16.92 -4.67
N LYS D 397 -2.30 18.17 -5.00
CA LYS D 397 -0.95 18.71 -5.00
C LYS D 397 -0.56 19.32 -3.66
N GLU D 398 -1.44 19.29 -2.66
CA GLU D 398 -1.17 19.87 -1.36
C GLU D 398 -1.53 18.86 -0.27
N PHE D 399 -0.82 18.92 0.86
CA PHE D 399 -0.95 17.89 1.89
C PHE D 399 -0.90 18.54 3.27
N SER D 400 -1.59 17.91 4.22
CA SER D 400 -1.68 18.39 5.59
C SER D 400 -0.79 17.61 6.54
N GLU D 401 -0.86 16.28 6.51
CA GLU D 401 0.00 15.42 7.32
C GLU D 401 1.17 14.93 6.48
N VAL D 402 2.06 14.18 7.11
CA VAL D 402 3.22 13.62 6.45
C VAL D 402 2.98 12.13 6.22
N GLU D 403 3.02 11.71 4.96
CA GLU D 403 2.73 10.32 4.60
C GLU D 403 3.95 9.53 4.16
N GLY D 404 5.01 10.19 3.75
CA GLY D 404 6.24 9.49 3.40
C GLY D 404 6.34 9.23 1.90
N ARG D 405 6.37 7.95 1.53
CA ARG D 405 6.75 7.56 0.16
C ARG D 405 5.75 8.08 -0.86
N ILE D 406 4.45 7.86 -0.62
CA ILE D 406 3.44 8.23 -1.60
C ILE D 406 3.44 9.74 -1.80
N GLN D 407 3.43 10.50 -0.70
CA GLN D 407 3.42 11.95 -0.79
C GLN D 407 4.66 12.47 -1.52
N ASP D 408 5.81 11.82 -1.31
CA ASP D 408 7.02 12.21 -2.04
C ASP D 408 6.83 12.09 -3.54
N LEU D 409 6.18 11.00 -3.98
CA LEU D 409 5.96 10.82 -5.43
C LEU D 409 4.91 11.80 -5.94
N GLU D 410 3.78 11.90 -5.26
CA GLU D 410 2.74 12.84 -5.65
C GLU D 410 3.28 14.25 -5.78
N LYS D 411 4.21 14.63 -4.90
CA LYS D 411 4.87 15.92 -5.03
C LYS D 411 5.82 15.93 -6.22
N TYR D 412 6.62 14.87 -6.37
CA TYR D 412 7.60 14.83 -7.45
C TYR D 412 6.93 14.89 -8.82
N VAL D 413 5.72 14.35 -8.94
CA VAL D 413 5.00 14.36 -10.21
C VAL D 413 4.58 15.78 -10.54
N GLU D 414 3.68 16.35 -9.72
CA GLU D 414 3.14 17.68 -10.00
C GLU D 414 4.23 18.73 -10.09
N ASP D 415 5.36 18.51 -9.40
CA ASP D 415 6.48 19.45 -9.50
C ASP D 415 7.16 19.34 -10.86
N THR D 416 7.61 18.13 -11.22
CA THR D 416 8.32 17.95 -12.48
C THR D 416 7.43 18.26 -13.68
N LYS D 417 6.11 18.16 -13.53
CA LYS D 417 5.21 18.62 -14.60
C LYS D 417 5.30 20.12 -14.77
N ILE D 418 5.29 20.87 -13.66
CA ILE D 418 5.31 22.32 -13.72
C ILE D 418 6.58 22.82 -14.40
N ASP D 419 7.73 22.24 -14.03
CA ASP D 419 8.99 22.68 -14.60
C ASP D 419 9.00 22.55 -16.11
N LEU D 420 8.60 21.38 -16.62
CA LEU D 420 8.64 21.14 -18.07
C LEU D 420 7.75 22.12 -18.81
N TRP D 421 6.57 22.41 -18.26
CA TRP D 421 5.69 23.37 -18.91
C TRP D 421 6.27 24.78 -18.84
N SER D 422 6.89 25.13 -17.73
CA SER D 422 7.51 26.45 -17.61
C SER D 422 8.61 26.64 -18.65
N TYR D 423 9.49 25.65 -18.80
CA TYR D 423 10.50 25.71 -19.86
C TYR D 423 9.84 25.76 -21.23
N ASN D 424 8.85 24.90 -21.45
CA ASN D 424 8.12 24.91 -22.72
C ASN D 424 7.50 26.27 -23.00
N ALA D 425 7.01 26.94 -21.94
CA ALA D 425 6.41 28.26 -22.11
C ALA D 425 7.46 29.30 -22.48
N GLU D 426 8.54 29.37 -21.69
CA GLU D 426 9.60 30.35 -21.96
C GLU D 426 10.13 30.21 -23.37
N LEU D 427 10.41 28.97 -23.80
CA LEU D 427 10.91 28.75 -25.15
C LEU D 427 9.90 29.20 -26.20
N LEU D 428 8.61 28.99 -25.95
CA LEU D 428 7.60 29.37 -26.92
C LEU D 428 7.53 30.87 -27.11
N VAL D 429 7.56 31.62 -26.00
CA VAL D 429 7.52 33.08 -26.09
C VAL D 429 8.78 33.61 -26.77
N ALA D 430 9.94 33.15 -26.32
CA ALA D 430 11.19 33.64 -26.90
C ALA D 430 11.29 33.30 -28.39
N LEU D 431 10.62 32.24 -28.83
CA LEU D 431 10.61 31.91 -30.25
C LEU D 431 9.62 32.79 -31.02
N GLU D 432 8.38 32.86 -30.54
CA GLU D 432 7.39 33.69 -31.20
C GLU D 432 7.77 35.17 -31.19
N ASN D 433 8.59 35.60 -30.24
CA ASN D 433 9.11 36.96 -30.25
C ASN D 433 10.15 37.14 -31.34
N GLN D 434 11.18 36.28 -31.34
CA GLN D 434 12.22 36.34 -32.35
C GLN D 434 11.63 36.27 -33.76
N HIS D 435 10.55 35.50 -33.93
CA HIS D 435 9.89 35.46 -35.23
C HIS D 435 9.09 36.73 -35.50
N THR D 436 8.41 37.24 -34.47
CA THR D 436 7.64 38.47 -34.63
C THR D 436 8.54 39.64 -35.01
N ILE D 437 9.71 39.74 -34.38
CA ILE D 437 10.67 40.78 -34.74
C ILE D 437 11.14 40.58 -36.18
N ASP D 438 11.53 39.35 -36.52
CA ASP D 438 12.03 39.08 -37.86
C ASP D 438 10.95 39.27 -38.92
N LEU D 439 9.71 38.90 -38.59
CA LEU D 439 8.62 39.08 -39.54
C LEU D 439 8.45 40.54 -39.91
N THR D 440 8.34 41.41 -38.91
CA THR D 440 8.10 42.82 -39.18
C THR D 440 9.24 43.45 -39.96
N ASP D 441 10.48 43.09 -39.64
CA ASP D 441 11.62 43.62 -40.39
C ASP D 441 11.57 43.20 -41.84
N SER D 442 11.19 41.95 -42.10
CA SER D 442 11.17 41.45 -43.48
C SER D 442 10.11 42.15 -44.31
N GLU D 443 8.94 42.43 -43.72
CA GLU D 443 7.85 43.02 -44.49
C GLU D 443 8.20 44.41 -44.99
N MET D 444 8.97 45.19 -44.23
CA MET D 444 9.44 46.46 -44.75
C MET D 444 10.64 46.28 -45.66
N ASN D 445 11.56 45.37 -45.30
CA ASN D 445 12.69 45.10 -46.17
C ASN D 445 12.24 44.58 -47.53
N LYS D 446 11.09 43.90 -47.57
CA LYS D 446 10.48 43.56 -48.86
C LYS D 446 9.98 44.81 -49.57
N LEU D 447 9.34 45.71 -48.83
CA LEU D 447 8.80 46.94 -49.42
C LEU D 447 9.90 47.75 -50.09
N PHE D 448 11.10 47.77 -49.49
CA PHE D 448 12.22 48.49 -50.09
C PHE D 448 12.59 47.88 -51.44
N GLU D 449 12.71 46.55 -51.50
CA GLU D 449 13.08 45.90 -52.75
C GLU D 449 11.99 46.05 -53.80
N LYS D 450 10.72 45.93 -53.40
CA LYS D 450 9.62 46.12 -54.34
C LYS D 450 9.67 47.50 -54.97
N THR D 451 10.07 48.51 -54.19
CA THR D 451 10.23 49.86 -54.73
C THR D 451 11.45 49.95 -55.64
N LYS D 452 12.56 49.35 -55.21
CA LYS D 452 13.80 49.44 -55.99
C LYS D 452 13.64 48.80 -57.36
N LYS D 453 13.00 47.62 -57.43
CA LYS D 453 12.77 46.97 -58.71
C LYS D 453 11.83 47.78 -59.60
N GLN D 454 11.01 48.65 -59.01
CA GLN D 454 10.14 49.52 -59.80
C GLN D 454 10.93 50.67 -60.41
N LEU D 455 11.89 51.22 -59.67
CA LEU D 455 12.60 52.41 -60.14
C LEU D 455 13.58 52.12 -61.28
N ARG D 456 13.92 50.85 -61.44
CA ARG D 456 14.88 50.44 -62.48
C ARG D 456 16.15 51.27 -62.38
N GLU D 457 16.52 52.00 -63.42
CA GLU D 457 17.83 52.69 -63.39
C GLU D 457 17.69 54.16 -62.98
N ASN D 458 16.49 54.68 -62.96
CA ASN D 458 16.22 56.05 -62.53
C ASN D 458 16.50 56.62 -61.14
N ALA D 459 17.25 55.90 -60.31
CA ALA D 459 17.58 56.36 -58.97
C ALA D 459 18.76 55.56 -58.44
N GLU D 460 19.19 55.89 -57.23
CA GLU D 460 20.28 55.19 -56.56
C GLU D 460 19.93 54.99 -55.09
N ASP D 461 20.46 53.92 -54.51
CA ASP D 461 20.30 53.66 -53.08
C ASP D 461 21.28 54.54 -52.33
N MET D 462 20.76 55.54 -51.62
CA MET D 462 21.61 56.44 -50.86
C MET D 462 22.25 55.76 -49.67
N GLY D 463 21.73 54.61 -49.24
CA GLY D 463 22.22 53.92 -48.08
C GLY D 463 21.53 54.32 -46.78
N ASN D 464 20.96 55.53 -46.72
CA ASN D 464 20.18 55.97 -45.58
C ASN D 464 18.75 55.45 -45.62
N GLY D 465 18.51 54.30 -46.26
CA GLY D 465 17.14 53.83 -46.44
C GLY D 465 16.30 54.72 -47.32
N CYS D 466 16.92 55.45 -48.24
CA CYS D 466 16.23 56.40 -49.08
C CYS D 466 16.73 56.28 -50.51
N PHE D 467 15.82 56.55 -51.46
CA PHE D 467 16.16 56.61 -52.88
C PHE D 467 16.32 58.06 -53.30
N LYS D 468 17.35 58.33 -54.10
CA LYS D 468 17.55 59.63 -54.72
C LYS D 468 17.12 59.51 -56.18
N ILE D 469 15.91 59.97 -56.47
CA ILE D 469 15.35 59.87 -57.82
C ILE D 469 15.90 61.01 -58.67
N TYR D 470 16.59 60.66 -59.76
CA TYR D 470 17.37 61.61 -60.55
C TYR D 470 16.57 62.30 -61.64
N HIS D 471 15.34 62.71 -61.37
CA HIS D 471 14.59 63.52 -62.32
C HIS D 471 13.53 64.29 -61.56
N LYS D 472 12.95 65.28 -62.23
CA LYS D 472 11.86 66.06 -61.65
C LYS D 472 10.64 65.16 -61.45
N CYS D 473 10.26 64.94 -60.19
CA CYS D 473 9.13 64.09 -59.85
C CYS D 473 8.13 64.94 -59.07
N ASP D 474 6.89 65.01 -59.58
CA ASP D 474 5.82 65.74 -58.92
C ASP D 474 5.24 64.87 -57.82
N ASN D 475 4.14 65.33 -57.21
CA ASN D 475 3.37 64.44 -56.33
C ASN D 475 2.59 63.42 -57.14
N ALA D 476 2.43 63.64 -58.45
CA ALA D 476 1.74 62.68 -59.29
C ALA D 476 2.54 61.40 -59.43
N CYS D 477 3.80 61.51 -59.87
CA CYS D 477 4.65 60.33 -60.02
C CYS D 477 4.90 59.62 -58.69
N ILE D 478 4.87 60.35 -57.57
CA ILE D 478 4.98 59.71 -56.26
C ILE D 478 3.83 58.75 -56.04
N GLY D 479 2.62 59.15 -56.44
CA GLY D 479 1.47 58.27 -56.30
C GLY D 479 1.56 57.05 -57.18
N SER D 480 2.10 57.20 -58.39
CA SER D 480 2.29 56.05 -59.27
C SER D 480 3.24 55.03 -58.67
N ILE D 481 4.25 55.51 -57.93
CA ILE D 481 5.09 54.59 -57.15
C ILE D 481 4.27 53.92 -56.06
N ARG D 482 3.53 54.72 -55.28
CA ARG D 482 2.73 54.17 -54.19
C ARG D 482 1.64 53.25 -54.72
N ASN D 483 0.84 53.74 -55.69
CA ASN D 483 -0.21 52.90 -56.25
C ASN D 483 0.36 51.78 -57.11
N GLY D 484 1.61 51.90 -57.55
CA GLY D 484 2.28 50.81 -58.24
C GLY D 484 2.26 50.86 -59.75
N THR D 485 2.02 52.02 -60.36
CA THR D 485 1.90 52.14 -61.80
C THR D 485 3.06 52.90 -62.43
N TYR D 486 4.14 53.11 -61.70
CA TYR D 486 5.28 53.87 -62.21
C TYR D 486 5.92 53.13 -63.38
N ASP D 487 5.86 53.75 -64.56
CA ASP D 487 6.54 53.25 -65.76
C ASP D 487 7.88 53.97 -65.86
N HIS D 488 8.97 53.23 -65.69
CA HIS D 488 10.29 53.84 -65.71
C HIS D 488 10.68 54.32 -67.10
N ASP D 489 10.15 53.68 -68.14
CA ASP D 489 10.67 53.87 -69.49
C ASP D 489 10.53 55.31 -69.97
N VAL D 490 9.50 56.03 -69.50
CA VAL D 490 9.29 57.40 -69.95
C VAL D 490 10.36 58.32 -69.39
N TYR D 491 10.63 58.21 -68.09
CA TYR D 491 11.62 59.06 -67.44
C TYR D 491 13.06 58.57 -67.62
N ARG D 492 13.25 57.38 -68.18
CA ARG D 492 14.58 56.78 -68.27
C ARG D 492 15.56 57.69 -68.98
N ASP D 493 15.26 58.07 -70.22
CA ASP D 493 16.11 59.00 -70.96
C ASP D 493 16.34 60.27 -70.17
N GLU D 494 15.29 60.80 -69.54
CA GLU D 494 15.40 62.04 -68.78
C GLU D 494 16.32 61.86 -67.58
N ALA D 495 16.22 60.72 -66.89
CA ALA D 495 16.95 60.54 -65.64
C ALA D 495 18.43 60.22 -65.87
N LEU D 496 18.72 59.39 -66.88
CA LEU D 496 20.08 58.86 -67.05
C LEU D 496 21.10 59.98 -67.23
N ASN D 497 20.72 61.06 -67.92
CA ASN D 497 21.66 62.16 -68.14
C ASN D 497 22.04 62.82 -66.82
N ASN D 498 21.08 62.95 -65.91
CA ASN D 498 21.40 63.49 -64.58
C ASN D 498 22.37 62.60 -63.82
N ARG D 499 22.34 61.29 -64.07
CA ARG D 499 23.16 60.36 -63.31
C ARG D 499 24.64 60.63 -63.50
N PHE D 500 25.04 61.01 -64.71
CA PHE D 500 26.44 61.02 -65.11
C PHE D 500 26.86 62.46 -65.42
N GLN D 501 27.75 63.00 -64.59
CA GLN D 501 28.28 64.35 -64.78
C GLN D 501 29.57 64.54 -64.00
N GLN E 1 -35.69 -21.76 0.18
CA GLN E 1 -36.28 -21.01 -0.93
C GLN E 1 -37.09 -19.83 -0.42
N VAL E 2 -37.52 -18.97 -1.35
CA VAL E 2 -38.33 -17.80 -1.02
C VAL E 2 -39.81 -18.16 -1.12
N GLN E 3 -40.58 -17.74 -0.12
CA GLN E 3 -42.03 -17.96 -0.08
C GLN E 3 -42.72 -16.66 0.32
N LEU E 4 -44.01 -16.59 0.03
CA LEU E 4 -44.82 -15.42 0.37
C LEU E 4 -46.04 -15.84 1.17
N GLN E 5 -46.44 -14.96 2.09
CA GLN E 5 -47.66 -15.14 2.88
C GLN E 5 -48.34 -13.78 2.98
N GLU E 6 -49.51 -13.66 2.37
CA GLU E 6 -50.26 -12.41 2.35
C GLU E 6 -51.14 -12.33 3.61
N SER E 7 -50.80 -11.41 4.50
CA SER E 7 -51.63 -11.10 5.66
C SER E 7 -52.67 -10.07 5.29
N GLY E 8 -53.91 -10.26 5.77
CA GLY E 8 -54.97 -9.34 5.45
C GLY E 8 -56.18 -9.42 6.35
N PRO E 9 -56.96 -8.35 6.35
CA PRO E 9 -58.26 -8.38 7.03
C PRO E 9 -59.25 -9.26 6.27
N GLY E 10 -60.30 -9.67 6.98
CA GLY E 10 -61.33 -10.47 6.37
C GLY E 10 -62.45 -9.67 5.76
N LEU E 11 -63.00 -8.75 6.54
CA LEU E 11 -64.09 -7.88 6.09
C LEU E 11 -63.62 -6.43 6.05
N VAL E 12 -64.44 -5.60 5.42
CA VAL E 12 -64.19 -4.16 5.36
C VAL E 12 -65.50 -3.42 5.11
N LYS E 13 -65.78 -2.42 5.93
CA LYS E 13 -66.95 -1.59 5.70
C LYS E 13 -66.76 -0.80 4.41
N PRO E 14 -67.78 -0.71 3.56
CA PRO E 14 -67.63 0.04 2.30
C PRO E 14 -67.25 1.48 2.55
N SER E 15 -66.71 2.11 1.50
CA SER E 15 -66.23 3.49 1.51
C SER E 15 -65.05 3.69 2.46
N GLU E 16 -64.39 2.61 2.88
CA GLU E 16 -63.22 2.69 3.74
C GLU E 16 -61.95 2.32 2.99
N THR E 17 -60.82 2.54 3.66
CA THR E 17 -59.51 2.17 3.12
C THR E 17 -59.16 0.75 3.55
N LEU E 18 -58.55 0.00 2.64
CA LEU E 18 -58.14 -1.38 2.90
C LEU E 18 -56.61 -1.44 2.91
N SER E 19 -56.04 -1.85 4.04
CA SER E 19 -54.59 -2.02 4.17
C SER E 19 -54.23 -3.48 3.96
N LEU E 20 -53.07 -3.71 3.34
CA LEU E 20 -52.63 -5.06 3.02
C LEU E 20 -51.12 -5.14 2.96
N THR E 21 -50.57 -6.24 3.46
CA THR E 21 -49.16 -6.56 3.33
C THR E 21 -49.01 -8.03 2.97
N CYS E 22 -47.84 -8.38 2.43
CA CYS E 22 -47.43 -9.76 2.25
C CYS E 22 -46.00 -9.92 2.73
N ALA E 23 -45.75 -10.98 3.50
CA ALA E 23 -44.42 -11.22 4.06
C ALA E 23 -43.52 -11.92 3.05
N VAL E 24 -42.26 -11.46 2.98
CA VAL E 24 -41.25 -12.10 2.16
C VAL E 24 -40.36 -12.93 3.05
N SER E 25 -39.79 -14.00 2.50
CA SER E 25 -38.98 -14.93 3.27
C SER E 25 -37.74 -15.30 2.46
N GLY E 26 -36.60 -15.34 3.15
CA GLY E 26 -35.36 -15.79 2.52
C GLY E 26 -34.88 -14.94 1.38
N ALA E 27 -35.31 -13.68 1.31
CA ALA E 27 -34.86 -12.78 0.26
C ALA E 27 -35.16 -11.35 0.66
N SER E 28 -34.25 -10.44 0.30
CA SER E 28 -34.45 -9.03 0.56
C SER E 28 -35.59 -8.48 -0.30
N ILE E 29 -36.41 -7.63 0.30
CA ILE E 29 -37.49 -7.00 -0.45
C ILE E 29 -36.94 -6.19 -1.62
N SER E 30 -35.75 -5.60 -1.45
CA SER E 30 -35.16 -4.75 -2.46
C SER E 30 -34.57 -5.51 -3.64
N SER E 31 -34.47 -6.84 -3.56
CA SER E 31 -33.75 -7.57 -4.60
C SER E 31 -34.59 -7.84 -5.85
N PHE E 32 -35.91 -7.72 -5.77
CA PHE E 32 -36.77 -8.07 -6.90
C PHE E 32 -37.88 -7.04 -7.06
N TYR E 33 -38.43 -7.02 -8.28
CA TYR E 33 -39.66 -6.28 -8.53
C TYR E 33 -40.83 -7.01 -7.89
N TRP E 34 -41.72 -6.26 -7.27
CA TRP E 34 -42.93 -6.83 -6.68
C TRP E 34 -44.15 -6.17 -7.27
N SER E 35 -45.20 -6.97 -7.44
CA SER E 35 -46.50 -6.46 -7.84
C SER E 35 -47.58 -7.22 -7.11
N TRP E 36 -48.73 -6.58 -6.95
CA TRP E 36 -49.92 -7.23 -6.44
C TRP E 36 -50.83 -7.57 -7.60
N ILE E 37 -51.55 -8.68 -7.46
CA ILE E 37 -52.55 -9.10 -8.43
C ILE E 37 -53.77 -9.59 -7.65
N ARG E 38 -54.96 -9.25 -8.13
CA ARG E 38 -56.18 -9.63 -7.45
C ARG E 38 -57.02 -10.51 -8.37
N GLN E 39 -57.82 -11.37 -7.76
CA GLN E 39 -58.68 -12.30 -8.48
C GLN E 39 -60.08 -12.22 -7.89
N SER E 40 -61.04 -11.73 -8.68
CA SER E 40 -62.40 -11.68 -8.18
C SER E 40 -62.93 -13.11 -8.09
N PRO E 41 -64.00 -13.33 -7.31
CA PRO E 41 -64.35 -14.72 -6.98
C PRO E 41 -64.99 -15.42 -8.17
N GLY E 42 -64.24 -16.31 -8.81
CA GLY E 42 -64.76 -17.01 -9.95
C GLY E 42 -64.57 -16.27 -11.25
N LYS E 43 -63.64 -15.31 -11.27
CA LYS E 43 -63.54 -14.35 -12.37
C LYS E 43 -62.07 -14.19 -12.75
N GLY E 44 -61.80 -13.24 -13.64
CA GLY E 44 -60.46 -13.10 -14.18
C GLY E 44 -59.44 -12.55 -13.22
N LEU E 45 -58.18 -12.59 -13.67
CA LEU E 45 -57.04 -12.01 -12.98
C LEU E 45 -56.85 -10.55 -13.37
N GLU E 46 -56.82 -9.67 -12.36
CA GLU E 46 -56.71 -8.23 -12.58
C GLU E 46 -55.41 -7.75 -11.93
N TRP E 47 -54.46 -7.30 -12.75
CA TRP E 47 -53.23 -6.70 -12.26
C TRP E 47 -53.51 -5.31 -11.70
N ILE E 48 -52.90 -4.98 -10.57
CA ILE E 48 -53.12 -3.68 -9.92
C ILE E 48 -51.88 -2.78 -10.03
N ALA E 49 -50.74 -3.19 -9.49
CA ALA E 49 -49.58 -2.29 -9.50
C ALA E 49 -48.30 -3.04 -9.17
N TYR E 50 -47.16 -2.46 -9.59
CA TYR E 50 -45.85 -2.99 -9.23
C TYR E 50 -44.99 -1.90 -8.59
N ILE E 51 -43.94 -2.34 -7.88
CA ILE E 51 -43.04 -1.47 -7.15
C ILE E 51 -41.60 -1.98 -7.29
N TYR E 52 -40.65 -1.10 -7.00
CA TYR E 52 -39.24 -1.45 -6.95
C TYR E 52 -38.55 -0.44 -6.04
N TYR E 53 -37.50 -0.90 -5.34
CA TYR E 53 -36.88 -0.08 -4.31
C TYR E 53 -36.25 1.20 -4.87
N SER E 54 -36.10 1.31 -6.18
CA SER E 54 -35.68 2.59 -6.77
C SER E 54 -36.65 3.70 -6.40
N GLY E 55 -37.94 3.38 -6.36
CA GLY E 55 -39.00 4.36 -6.24
C GLY E 55 -39.96 4.37 -7.40
N LYS E 56 -39.58 3.76 -8.52
CA LYS E 56 -40.46 3.66 -9.68
C LYS E 56 -41.72 2.86 -9.33
N THR E 57 -42.87 3.37 -9.76
CA THR E 57 -44.14 2.77 -9.43
C THR E 57 -45.15 3.06 -10.54
N GLN E 58 -45.87 2.02 -10.97
CA GLN E 58 -46.96 2.17 -11.92
C GLN E 58 -48.21 1.46 -11.42
N TYR E 59 -49.37 2.05 -11.68
CA TYR E 59 -50.65 1.52 -11.25
C TYR E 59 -51.50 1.15 -12.47
N ASN E 60 -52.43 0.23 -12.24
CA ASN E 60 -53.47 -0.06 -13.22
C ASN E 60 -54.51 1.04 -13.18
N PRO E 61 -55.02 1.48 -14.34
CA PRO E 61 -56.01 2.58 -14.33
C PRO E 61 -57.35 2.21 -13.72
N ALA E 62 -57.74 0.93 -13.74
CA ALA E 62 -59.08 0.57 -13.26
C ALA E 62 -59.28 0.99 -11.81
N VAL E 63 -58.22 0.96 -10.99
CA VAL E 63 -58.24 1.58 -9.66
C VAL E 63 -57.83 3.04 -9.89
N THR E 64 -58.83 3.90 -10.09
CA THR E 64 -58.59 5.30 -10.44
C THR E 64 -57.51 5.95 -9.58
N GLY E 65 -57.70 5.98 -8.26
CA GLY E 65 -56.68 6.58 -7.42
C GLY E 65 -56.59 5.92 -6.06
N ARG E 66 -57.45 4.93 -5.83
CA ARG E 66 -57.51 4.26 -4.54
C ARG E 66 -56.24 3.45 -4.24
N ALA E 67 -55.55 2.96 -5.26
CA ALA E 67 -54.39 2.10 -5.03
C ALA E 67 -53.13 2.94 -4.82
N THR E 68 -52.37 2.59 -3.78
CA THR E 68 -51.08 3.19 -3.49
C THR E 68 -50.15 2.09 -2.99
N ILE E 69 -49.14 1.75 -3.76
CA ILE E 69 -48.20 0.69 -3.38
C ILE E 69 -47.06 1.27 -2.58
N SER E 70 -46.78 0.68 -1.42
CA SER E 70 -45.59 0.99 -0.64
C SER E 70 -44.79 -0.29 -0.41
N LEU E 71 -43.61 -0.14 0.19
CA LEU E 71 -42.86 -1.27 0.72
C LEU E 71 -42.10 -0.78 1.94
N GLN E 72 -42.03 -1.62 2.97
CA GLN E 72 -41.48 -1.22 4.26
C GLN E 72 -40.38 -2.18 4.66
N ASN E 73 -39.35 -1.64 5.31
CA ASN E 73 -38.09 -2.33 5.55
C ASN E 73 -38.02 -3.00 6.92
N TRP E 74 -38.73 -2.43 7.90
CA TRP E 74 -38.62 -2.90 9.29
C TRP E 74 -39.04 -4.35 9.42
N ASN E 75 -40.20 -4.70 8.84
CA ASN E 75 -40.70 -6.06 8.88
C ASN E 75 -40.36 -6.84 7.63
N ASN E 76 -39.67 -6.23 6.67
CA ASN E 76 -39.28 -6.87 5.41
C ASN E 76 -40.51 -7.27 4.59
N HIS E 77 -41.58 -6.49 4.68
CA HIS E 77 -42.81 -6.73 3.93
C HIS E 77 -42.97 -5.70 2.81
N VAL E 78 -43.75 -6.07 1.81
CA VAL E 78 -44.23 -5.16 0.78
C VAL E 78 -45.72 -4.93 1.01
N ALA E 79 -46.14 -3.67 0.93
CA ALA E 79 -47.45 -3.27 1.40
C ALA E 79 -48.29 -2.69 0.26
N LEU E 80 -49.58 -2.53 0.55
CA LEU E 80 -50.56 -2.04 -0.42
C LEU E 80 -51.75 -1.49 0.33
N ARG E 81 -52.07 -0.22 0.09
CA ARG E 81 -53.27 0.41 0.61
C ARG E 81 -54.20 0.76 -0.54
N VAL E 82 -55.49 0.53 -0.33
CA VAL E 82 -56.52 0.92 -1.30
C VAL E 82 -57.64 1.60 -0.54
N ASN E 83 -57.93 2.85 -0.91
CA ASN E 83 -58.91 3.67 -0.23
C ASN E 83 -60.28 3.49 -0.89
N SER E 84 -61.30 4.13 -0.32
CA SER E 84 -62.63 4.26 -0.90
C SER E 84 -63.13 2.95 -1.51
N VAL E 85 -63.15 1.90 -0.68
CA VAL E 85 -63.47 0.58 -1.18
C VAL E 85 -64.91 0.53 -1.64
N THR E 86 -65.15 -0.16 -2.75
CA THR E 86 -66.49 -0.41 -3.25
C THR E 86 -66.80 -1.91 -3.13
N ALA E 87 -68.05 -2.26 -3.43
CA ALA E 87 -68.47 -3.65 -3.35
C ALA E 87 -67.77 -4.52 -4.38
N ALA E 88 -67.45 -3.98 -5.56
CA ALA E 88 -66.80 -4.77 -6.60
C ALA E 88 -65.41 -5.23 -6.17
N ASP E 89 -64.77 -4.51 -5.24
CA ASP E 89 -63.40 -4.79 -4.87
C ASP E 89 -63.23 -6.08 -4.07
N THR E 90 -64.31 -6.75 -3.69
CA THR E 90 -64.17 -7.98 -2.93
C THR E 90 -63.56 -9.08 -3.81
N ALA E 91 -62.50 -9.71 -3.30
CA ALA E 91 -61.71 -10.65 -4.07
C ALA E 91 -60.60 -11.26 -3.23
N ILE E 92 -59.84 -12.20 -3.78
CA ILE E 92 -58.62 -12.68 -3.15
C ILE E 92 -57.44 -11.89 -3.70
N TYR E 93 -56.55 -11.46 -2.80
CA TYR E 93 -55.43 -10.59 -3.16
C TYR E 93 -54.12 -11.32 -2.89
N SER E 94 -53.30 -11.46 -3.93
CA SER E 94 -52.02 -12.14 -3.84
C SER E 94 -50.90 -11.18 -4.24
N CYS E 95 -49.72 -11.38 -3.66
CA CYS E 95 -48.51 -10.71 -4.09
C CYS E 95 -47.62 -11.70 -4.82
N ALA E 96 -46.87 -11.20 -5.81
CA ALA E 96 -46.12 -12.08 -6.70
C ALA E 96 -44.83 -11.40 -7.11
N ARG E 97 -43.86 -12.21 -7.50
CA ARG E 97 -42.51 -11.76 -7.82
C ARG E 97 -42.31 -11.69 -9.34
N HIS E 98 -41.61 -10.65 -9.79
CA HIS E 98 -41.23 -10.52 -11.19
C HIS E 98 -39.91 -11.24 -11.45
N THR E 99 -39.76 -11.71 -12.67
CA THR E 99 -38.46 -12.18 -13.14
C THR E 99 -37.50 -11.00 -13.27
N LEU E 100 -36.32 -11.12 -12.67
CA LEU E 100 -35.25 -10.16 -12.92
C LEU E 100 -35.04 -9.98 -14.42
N ALA E 101 -34.87 -8.73 -14.84
CA ALA E 101 -34.93 -8.40 -16.27
C ALA E 101 -33.59 -8.48 -16.97
N TYR E 102 -32.49 -8.29 -16.25
CA TYR E 102 -31.13 -8.36 -16.81
C TYR E 102 -30.89 -7.33 -17.91
N HIS E 103 -31.66 -6.25 -17.95
CA HIS E 103 -31.38 -5.15 -18.85
C HIS E 103 -31.88 -3.86 -18.20
N TYR E 104 -30.95 -2.95 -17.95
CA TYR E 104 -31.21 -1.73 -17.20
C TYR E 104 -32.13 -0.78 -17.96
N ASP E 105 -32.41 0.35 -17.31
CA ASP E 105 -33.24 1.43 -17.82
C ASP E 105 -32.35 2.64 -18.13
N ASP E 106 -32.97 3.82 -18.26
CA ASP E 106 -32.21 5.04 -18.51
C ASP E 106 -31.29 5.37 -17.33
N GLU E 107 -31.83 5.38 -16.12
CA GLU E 107 -31.07 5.79 -14.94
C GLU E 107 -30.20 4.69 -14.35
N GLY E 108 -30.10 3.52 -14.98
CA GLY E 108 -29.20 2.48 -14.56
C GLY E 108 -29.87 1.34 -13.81
N TYR E 109 -31.09 1.54 -13.33
CA TYR E 109 -31.78 0.56 -12.53
C TYR E 109 -32.36 -0.55 -13.43
N MET E 110 -32.60 -1.70 -12.82
CA MET E 110 -33.18 -2.82 -13.56
C MET E 110 -34.62 -2.51 -13.95
N GLN E 111 -34.96 -2.84 -15.19
CA GLN E 111 -36.33 -2.68 -15.67
C GLN E 111 -37.22 -3.76 -15.07
N PRO E 112 -38.55 -3.57 -15.09
CA PRO E 112 -39.45 -4.62 -14.60
C PRO E 112 -39.42 -5.84 -15.51
N GLY E 113 -39.56 -7.01 -14.89
CA GLY E 113 -39.48 -8.25 -15.62
C GLY E 113 -40.74 -8.55 -16.43
N ASP E 114 -40.56 -9.41 -17.42
CA ASP E 114 -41.63 -9.77 -18.34
C ASP E 114 -42.39 -11.02 -17.90
N ALA E 115 -42.25 -11.44 -16.65
CA ALA E 115 -42.94 -12.64 -16.20
C ALA E 115 -43.08 -12.62 -14.69
N PHE E 116 -44.12 -13.28 -14.20
CA PHE E 116 -44.40 -13.39 -12.77
C PHE E 116 -43.82 -14.70 -12.24
N ASP E 117 -42.84 -14.58 -11.35
CA ASP E 117 -42.04 -15.72 -10.92
C ASP E 117 -42.83 -16.70 -10.06
N LEU E 118 -43.25 -16.27 -8.87
CA LEU E 118 -44.01 -17.14 -7.98
C LEU E 118 -45.03 -16.30 -7.23
N TRP E 119 -46.08 -16.98 -6.75
CA TRP E 119 -47.20 -16.32 -6.11
C TRP E 119 -47.36 -16.83 -4.68
N GLY E 120 -47.92 -15.98 -3.82
CA GLY E 120 -48.42 -16.44 -2.55
C GLY E 120 -49.83 -16.97 -2.68
N GLN E 121 -50.30 -17.65 -1.63
CA GLN E 121 -51.66 -18.21 -1.67
C GLN E 121 -52.69 -17.12 -1.90
N GLY E 122 -52.56 -15.99 -1.21
CA GLY E 122 -53.52 -14.91 -1.29
C GLY E 122 -54.46 -14.91 -0.10
N THR E 123 -55.18 -13.79 0.03
CA THR E 123 -56.11 -13.59 1.14
C THR E 123 -57.41 -13.08 0.56
N MET E 124 -58.52 -13.69 0.98
CA MET E 124 -59.83 -13.24 0.53
C MET E 124 -60.28 -12.13 1.48
N VAL E 125 -60.55 -10.95 0.91
CA VAL E 125 -61.06 -9.81 1.66
C VAL E 125 -62.46 -9.54 1.15
N THR E 126 -63.38 -9.26 2.07
CA THR E 126 -64.81 -9.17 1.75
C THR E 126 -65.36 -7.79 2.10
N VAL E 127 -66.03 -7.16 1.13
CA VAL E 127 -66.61 -5.84 1.31
C VAL E 127 -68.10 -6.08 1.51
N SER E 128 -68.52 -6.28 2.76
CA SER E 128 -69.91 -6.63 3.03
C SER E 128 -70.63 -5.79 4.09
N SER E 129 -69.92 -5.01 4.90
CA SER E 129 -70.52 -4.23 5.98
C SER E 129 -71.17 -5.10 7.04
N ALA E 130 -70.91 -6.41 7.03
CA ALA E 130 -71.50 -7.35 7.96
C ALA E 130 -70.76 -7.34 9.29
N SER E 131 -71.38 -7.96 10.30
CA SER E 131 -70.83 -8.01 11.64
C SER E 131 -69.74 -9.06 11.81
N THR E 132 -69.56 -9.94 10.82
CA THR E 132 -68.59 -11.02 10.85
C THR E 132 -68.74 -11.84 12.13
N LYS E 133 -69.45 -12.97 12.04
CA LYS E 133 -69.73 -13.80 13.20
C LYS E 133 -68.72 -14.93 13.32
N GLY E 134 -68.29 -15.20 14.54
CA GLY E 134 -67.34 -16.26 14.80
C GLY E 134 -67.95 -17.62 14.61
N PRO E 135 -67.11 -18.66 14.52
CA PRO E 135 -67.63 -20.01 14.26
C PRO E 135 -68.06 -20.75 15.51
N SER E 136 -68.47 -22.01 15.33
CA SER E 136 -68.86 -22.91 16.41
C SER E 136 -68.53 -24.33 15.99
N VAL E 137 -67.75 -25.02 16.81
CA VAL E 137 -67.14 -26.30 16.42
C VAL E 137 -67.77 -27.43 17.23
N PHE E 138 -68.54 -28.28 16.54
CA PHE E 138 -69.06 -29.52 17.10
C PHE E 138 -68.43 -30.70 16.39
N PRO E 139 -67.67 -31.55 17.07
CA PRO E 139 -67.03 -32.69 16.41
C PRO E 139 -68.04 -33.75 15.98
N LEU E 140 -67.62 -34.55 15.00
CA LEU E 140 -68.38 -35.71 14.54
C LEU E 140 -67.50 -36.95 14.66
N ALA E 141 -68.05 -38.01 15.25
CA ALA E 141 -67.35 -39.23 15.64
C ALA E 141 -67.63 -40.35 14.65
N PRO E 142 -66.80 -41.41 14.65
CA PRO E 142 -67.04 -42.55 13.76
C PRO E 142 -68.34 -43.29 14.07
N THR E 151 -62.21 -49.62 8.57
CA THR E 151 -61.83 -48.27 8.16
C THR E 151 -63.03 -47.34 8.15
N ALA E 152 -63.02 -46.33 9.01
CA ALA E 152 -64.10 -45.36 9.12
C ALA E 152 -63.47 -43.97 9.21
N ALA E 153 -64.31 -42.96 9.46
CA ALA E 153 -63.86 -41.57 9.40
C ALA E 153 -64.61 -40.72 10.41
N LEU E 154 -63.94 -39.66 10.88
CA LEU E 154 -64.53 -38.66 11.76
C LEU E 154 -63.98 -37.29 11.35
N GLY E 155 -64.56 -36.23 11.90
CA GLY E 155 -64.13 -34.88 11.53
C GLY E 155 -64.84 -33.81 12.33
N CYS E 156 -64.38 -32.57 12.14
CA CYS E 156 -64.95 -31.40 12.79
C CYS E 156 -65.98 -30.72 11.88
N LEU E 157 -66.77 -29.82 12.48
CA LEU E 157 -67.84 -29.09 11.78
C LEU E 157 -67.91 -27.66 12.28
N VAL E 158 -67.73 -26.69 11.38
CA VAL E 158 -67.82 -25.26 11.67
C VAL E 158 -69.12 -24.68 11.12
N LYS E 159 -69.86 -23.99 12.00
CA LYS E 159 -71.14 -23.35 11.60
C LYS E 159 -71.07 -21.85 11.90
N ASP E 160 -71.91 -21.09 11.22
CA ASP E 160 -71.97 -19.63 11.40
C ASP E 160 -70.61 -18.98 11.12
N TYR E 161 -69.91 -19.41 10.07
CA TYR E 161 -68.66 -18.73 9.66
C TYR E 161 -69.05 -17.42 8.98
N PHE E 162 -68.31 -16.32 9.11
CA PHE E 162 -68.79 -15.17 8.30
C PHE E 162 -67.96 -14.84 7.05
N PRO E 163 -66.64 -14.65 7.09
CA PRO E 163 -65.89 -14.29 5.87
C PRO E 163 -65.31 -15.60 5.33
N GLU E 164 -65.47 -15.90 4.03
CA GLU E 164 -65.24 -17.29 3.59
C GLU E 164 -63.97 -17.97 4.06
N PRO E 165 -62.78 -17.38 4.21
CA PRO E 165 -61.62 -18.17 4.58
C PRO E 165 -61.81 -18.78 5.96
N VAL E 166 -61.43 -20.03 6.12
CA VAL E 166 -61.51 -20.76 7.42
C VAL E 166 -60.61 -21.97 7.23
N THR E 167 -59.41 -21.89 7.73
CA THR E 167 -58.45 -22.96 7.58
C THR E 167 -58.75 -24.08 8.56
N VAL E 168 -58.41 -25.30 8.15
CA VAL E 168 -58.57 -26.49 9.00
C VAL E 168 -57.33 -27.36 8.82
N SER E 169 -56.63 -27.61 9.92
CA SER E 169 -55.53 -28.57 9.97
C SER E 169 -55.82 -29.60 11.04
N TRP E 170 -54.98 -30.64 11.08
CA TRP E 170 -55.16 -31.73 12.03
C TRP E 170 -53.85 -31.95 12.76
N ASN E 171 -53.87 -31.74 14.09
CA ASN E 171 -52.71 -31.91 14.97
C ASN E 171 -51.57 -30.97 14.55
N SER E 172 -51.88 -29.67 14.54
CA SER E 172 -50.93 -28.64 14.11
C SER E 172 -50.33 -28.96 12.75
N GLY E 173 -51.12 -29.59 11.89
CA GLY E 173 -50.64 -29.98 10.57
C GLY E 173 -49.83 -31.25 10.55
N ALA E 174 -49.98 -32.12 11.56
CA ALA E 174 -49.25 -33.39 11.54
C ALA E 174 -49.94 -34.40 10.64
N LEU E 175 -51.25 -34.58 10.82
CA LEU E 175 -52.01 -35.54 10.02
C LEU E 175 -52.22 -34.92 8.65
N THR E 176 -51.37 -35.31 7.69
CA THR E 176 -51.45 -34.77 6.34
C THR E 176 -52.39 -35.61 5.46
N SER E 177 -52.04 -36.86 5.23
CA SER E 177 -52.77 -37.70 4.30
C SER E 177 -54.16 -38.03 4.84
N GLY E 178 -55.06 -38.36 3.92
CA GLY E 178 -56.40 -38.79 4.25
C GLY E 178 -57.36 -37.69 4.67
N VAL E 179 -56.96 -36.43 4.55
CA VAL E 179 -57.83 -35.32 4.91
C VAL E 179 -58.51 -34.80 3.65
N HIS E 180 -59.77 -34.38 3.80
CA HIS E 180 -60.49 -33.75 2.70
C HIS E 180 -61.42 -32.73 3.33
N THR E 181 -61.02 -31.46 3.29
CA THR E 181 -61.85 -30.37 3.75
C THR E 181 -62.81 -29.98 2.63
N PHE E 182 -64.10 -30.17 2.88
CA PHE E 182 -65.09 -29.96 1.82
C PHE E 182 -65.41 -28.47 1.68
N PRO E 183 -65.85 -28.06 0.48
CA PRO E 183 -66.25 -26.67 0.31
C PRO E 183 -67.40 -26.32 1.24
N ALA E 184 -67.38 -25.09 1.74
CA ALA E 184 -68.44 -24.63 2.61
C ALA E 184 -69.71 -24.41 1.79
N VAL E 185 -70.79 -24.05 2.48
CA VAL E 185 -72.07 -23.79 1.83
C VAL E 185 -72.70 -22.57 2.48
N LEU E 186 -73.36 -21.76 1.67
CA LEU E 186 -74.08 -20.60 2.16
C LEU E 186 -75.43 -21.05 2.71
N GLN E 187 -75.66 -20.81 3.99
CA GLN E 187 -77.01 -20.93 4.52
C GLN E 187 -77.81 -19.70 4.11
N SER E 188 -79.12 -19.88 3.94
CA SER E 188 -79.97 -18.78 3.49
C SER E 188 -79.91 -17.56 4.41
N SER E 189 -79.48 -17.75 5.66
CA SER E 189 -79.28 -16.63 6.56
C SER E 189 -78.21 -15.66 6.06
N GLY E 190 -77.22 -16.18 5.35
CA GLY E 190 -76.05 -15.42 4.99
C GLY E 190 -74.81 -15.79 5.76
N LEU E 191 -74.81 -16.93 6.44
CA LEU E 191 -73.65 -17.44 7.17
C LEU E 191 -73.24 -18.76 6.56
N TYR E 192 -71.95 -18.88 6.24
CA TYR E 192 -71.42 -20.07 5.59
C TYR E 192 -71.38 -21.24 6.57
N SER E 193 -70.91 -22.40 6.09
CA SER E 193 -70.77 -23.59 6.93
C SER E 193 -69.90 -24.65 6.25
N LEU E 194 -68.74 -24.93 6.83
CA LEU E 194 -67.80 -25.92 6.30
C LEU E 194 -67.73 -27.15 7.20
N SER E 195 -67.00 -28.16 6.73
CA SER E 195 -66.81 -29.42 7.45
C SER E 195 -65.69 -30.25 6.84
N SER E 196 -64.72 -30.67 7.66
CA SER E 196 -63.54 -31.40 7.20
C SER E 196 -63.53 -32.81 7.80
N VAL E 197 -63.20 -33.80 6.98
CA VAL E 197 -63.18 -35.20 7.39
C VAL E 197 -61.77 -35.76 7.25
N VAL E 198 -61.56 -36.93 7.84
CA VAL E 198 -60.31 -37.68 7.72
C VAL E 198 -60.61 -39.16 7.87
N THR E 199 -60.18 -39.96 6.90
CA THR E 199 -60.34 -41.41 6.96
C THR E 199 -59.21 -42.07 7.74
N VAL E 200 -59.56 -43.06 8.56
CA VAL E 200 -58.57 -43.77 9.39
C VAL E 200 -58.92 -45.24 9.50
N PRO E 201 -57.95 -46.12 9.72
CA PRO E 201 -58.26 -47.55 9.92
C PRO E 201 -58.83 -47.81 11.31
N SER E 202 -59.73 -48.81 11.37
CA SER E 202 -60.44 -49.08 12.61
C SER E 202 -59.54 -49.67 13.70
N SER E 203 -58.38 -50.24 13.33
CA SER E 203 -57.56 -50.92 14.33
C SER E 203 -56.95 -49.93 15.33
N SER E 204 -56.78 -48.67 14.93
CA SER E 204 -56.25 -47.62 15.79
C SER E 204 -57.30 -46.56 16.08
N LEU E 205 -58.55 -46.99 16.29
CA LEU E 205 -59.67 -46.08 16.48
C LEU E 205 -59.68 -45.40 17.84
N GLY E 206 -58.79 -45.78 18.77
CA GLY E 206 -58.76 -45.15 20.07
C GLY E 206 -57.38 -44.87 20.66
N THR E 207 -56.33 -45.18 19.90
CA THR E 207 -54.97 -45.08 20.44
C THR E 207 -54.46 -43.64 20.44
N GLN E 208 -54.35 -43.04 19.25
CA GLN E 208 -53.83 -41.69 19.10
C GLN E 208 -54.99 -40.72 18.99
N THR E 209 -55.11 -39.82 19.96
CA THR E 209 -56.19 -38.84 19.93
C THR E 209 -56.03 -37.93 18.71
N TYR E 210 -57.17 -37.48 18.19
CA TYR E 210 -57.21 -36.69 16.96
C TYR E 210 -57.89 -35.37 17.27
N ILE E 211 -57.14 -34.28 17.15
CA ILE E 211 -57.64 -32.94 17.45
C ILE E 211 -57.44 -32.07 16.21
N CYS E 212 -58.54 -31.67 15.59
CA CYS E 212 -58.50 -30.77 14.45
C CYS E 212 -58.24 -29.35 14.91
N ASN E 213 -57.64 -28.55 14.02
CA ASN E 213 -57.32 -27.16 14.31
C ASN E 213 -58.09 -26.28 13.32
N VAL E 214 -59.20 -25.71 13.78
CA VAL E 214 -59.98 -24.77 12.98
C VAL E 214 -59.52 -23.36 13.32
N ASN E 215 -59.32 -22.53 12.29
CA ASN E 215 -58.78 -21.20 12.46
C ASN E 215 -59.50 -20.23 11.54
N HIS E 216 -60.15 -19.24 12.13
CA HIS E 216 -60.81 -18.16 11.38
C HIS E 216 -60.10 -16.88 11.79
N LYS E 217 -59.07 -16.51 11.01
CA LYS E 217 -58.28 -15.33 11.33
C LYS E 217 -59.06 -14.02 11.34
N PRO E 218 -59.97 -13.74 10.39
CA PRO E 218 -60.67 -12.44 10.42
C PRO E 218 -61.50 -12.20 11.67
N SER E 219 -61.90 -13.25 12.38
CA SER E 219 -62.66 -13.11 13.62
C SER E 219 -61.78 -13.26 14.86
N ASN E 220 -60.47 -13.41 14.68
CA ASN E 220 -59.49 -13.54 15.76
C ASN E 220 -59.85 -14.63 16.77
N THR E 221 -60.46 -15.71 16.30
CA THR E 221 -60.83 -16.83 17.17
C THR E 221 -60.28 -18.11 16.56
N LYS E 222 -59.30 -18.71 17.22
CA LYS E 222 -58.77 -20.02 16.86
C LYS E 222 -59.12 -21.00 17.96
N VAL E 223 -59.82 -22.08 17.60
CA VAL E 223 -60.28 -23.08 18.56
C VAL E 223 -59.87 -24.44 18.04
N ASP E 224 -59.15 -25.20 18.86
CA ASP E 224 -58.72 -26.55 18.53
C ASP E 224 -59.52 -27.51 19.40
N LYS E 225 -60.50 -28.18 18.78
CA LYS E 225 -61.25 -29.23 19.46
C LYS E 225 -60.64 -30.58 19.13
N LYS E 226 -61.12 -31.61 19.83
CA LYS E 226 -60.65 -32.97 19.62
C LYS E 226 -61.83 -33.89 19.33
N VAL E 227 -61.52 -35.04 18.75
CA VAL E 227 -62.52 -36.05 18.41
C VAL E 227 -62.15 -37.35 19.10
N GLU E 228 -63.14 -37.98 19.74
CA GLU E 228 -62.95 -39.26 20.40
C GLU E 228 -64.30 -39.96 20.39
N PRO E 229 -64.35 -41.26 20.04
CA PRO E 229 -65.59 -42.02 19.97
C PRO E 229 -66.37 -42.05 21.29
N SER F 2 -56.22 -1.98 -23.76
CA SER F 2 -55.73 -3.09 -22.94
C SER F 2 -56.71 -4.26 -22.94
N VAL F 3 -57.17 -4.64 -24.13
CA VAL F 3 -58.06 -5.77 -24.30
C VAL F 3 -57.24 -6.98 -24.74
N LEU F 4 -57.37 -8.08 -24.00
CA LEU F 4 -56.73 -9.34 -24.32
C LEU F 4 -57.81 -10.39 -24.46
N THR F 5 -57.99 -10.89 -25.68
CA THR F 5 -59.11 -11.77 -26.02
C THR F 5 -58.64 -13.22 -26.01
N GLN F 6 -59.40 -14.09 -25.34
CA GLN F 6 -59.19 -15.52 -25.39
C GLN F 6 -60.54 -16.21 -25.18
N PRO F 7 -60.78 -17.35 -25.83
CA PRO F 7 -62.10 -17.95 -25.78
C PRO F 7 -62.42 -18.44 -24.38
N PRO F 8 -63.71 -18.47 -24.00
CA PRO F 8 -64.05 -18.85 -22.63
C PRO F 8 -63.67 -20.27 -22.26
N SER F 9 -63.89 -21.24 -23.16
CA SER F 9 -63.60 -22.62 -22.84
C SER F 9 -63.30 -23.40 -24.10
N VAL F 10 -62.49 -24.46 -23.95
CA VAL F 10 -62.21 -25.42 -25.01
C VAL F 10 -62.22 -26.82 -24.41
N SER F 11 -62.36 -27.81 -25.28
CA SER F 11 -62.44 -29.20 -24.84
C SER F 11 -61.86 -30.10 -25.92
N ALA F 12 -61.34 -31.24 -25.47
CA ALA F 12 -60.73 -32.23 -26.36
C ALA F 12 -60.55 -33.52 -25.59
N PRO F 13 -60.46 -34.65 -26.29
CA PRO F 13 -60.22 -35.93 -25.60
C PRO F 13 -58.80 -36.03 -25.08
N ALA F 14 -58.62 -36.91 -24.09
CA ALA F 14 -57.30 -37.13 -23.52
C ALA F 14 -56.36 -37.70 -24.57
N GLY F 15 -55.09 -37.29 -24.50
CA GLY F 15 -54.09 -37.73 -25.44
C GLY F 15 -54.08 -37.01 -26.77
N GLN F 16 -54.99 -36.08 -26.99
CA GLN F 16 -55.05 -35.33 -28.23
C GLN F 16 -54.47 -33.93 -28.01
N MET F 17 -54.56 -33.08 -29.04
CA MET F 17 -53.96 -31.75 -29.00
C MET F 17 -55.04 -30.69 -28.81
N VAL F 18 -54.63 -29.56 -28.23
CA VAL F 18 -55.50 -28.41 -28.02
C VAL F 18 -54.81 -27.14 -28.48
N THR F 19 -55.60 -26.11 -28.72
CA THR F 19 -55.10 -24.81 -29.17
C THR F 19 -55.79 -23.73 -28.36
N ILE F 20 -55.02 -23.01 -27.56
CA ILE F 20 -55.52 -21.85 -26.83
C ILE F 20 -54.99 -20.58 -27.50
N PRO F 21 -55.80 -19.86 -28.25
CA PRO F 21 -55.34 -18.61 -28.86
C PRO F 21 -55.50 -17.42 -27.94
N CYS F 22 -54.65 -16.42 -28.17
CA CYS F 22 -54.64 -15.19 -27.37
C CYS F 22 -54.51 -14.01 -28.31
N SER F 23 -55.65 -13.49 -28.78
CA SER F 23 -55.65 -12.31 -29.63
C SER F 23 -55.47 -11.06 -28.79
N GLY F 24 -54.57 -10.19 -29.22
CA GLY F 24 -54.34 -8.93 -28.55
C GLY F 24 -54.13 -7.82 -29.54
N SER F 25 -53.98 -6.61 -29.01
CA SER F 25 -53.72 -5.45 -29.85
C SER F 25 -52.24 -5.40 -30.23
N SER F 26 -51.92 -4.45 -31.11
CA SER F 26 -50.52 -4.17 -31.40
C SER F 26 -49.85 -3.33 -30.33
N SER F 27 -50.64 -2.57 -29.56
CA SER F 27 -50.10 -1.83 -28.43
C SER F 27 -49.62 -2.75 -27.31
N ASP F 28 -50.12 -3.99 -27.27
CA ASP F 28 -49.80 -4.95 -26.21
C ASP F 28 -48.86 -6.04 -26.73
N ILE F 29 -49.37 -6.97 -27.53
CA ILE F 29 -48.60 -8.16 -27.90
C ILE F 29 -47.48 -7.79 -28.86
N GLY F 30 -47.75 -6.90 -29.82
CA GLY F 30 -46.82 -6.67 -30.91
C GLY F 30 -45.44 -6.26 -30.44
N LYS F 31 -45.36 -5.39 -29.43
CA LYS F 31 -44.08 -4.88 -28.97
C LYS F 31 -43.44 -5.79 -27.92
N SER F 32 -44.15 -6.03 -26.82
CA SER F 32 -43.59 -6.78 -25.71
C SER F 32 -43.83 -8.28 -25.92
N PHE F 33 -43.24 -9.04 -25.00
CA PHE F 33 -43.24 -10.52 -24.94
C PHE F 33 -44.54 -11.03 -24.32
N VAL F 34 -44.70 -12.35 -24.29
CA VAL F 34 -45.92 -12.95 -23.78
C VAL F 34 -45.56 -14.07 -22.82
N SER F 35 -46.46 -14.31 -21.87
CA SER F 35 -46.29 -15.37 -20.89
C SER F 35 -47.64 -15.99 -20.58
N TRP F 36 -47.62 -17.28 -20.24
CA TRP F 36 -48.82 -18.03 -19.91
C TRP F 36 -48.73 -18.56 -18.49
N TYR F 37 -49.89 -18.70 -17.84
CA TYR F 37 -49.96 -19.11 -16.45
C TYR F 37 -51.08 -20.11 -16.27
N GLN F 38 -50.80 -21.21 -15.59
CA GLN F 38 -51.77 -22.25 -15.32
C GLN F 38 -52.29 -22.10 -13.88
N GLN F 39 -53.61 -22.17 -13.72
CA GLN F 39 -54.24 -22.04 -12.41
C GLN F 39 -55.11 -23.27 -12.16
N LEU F 40 -54.60 -24.21 -11.38
CA LEU F 40 -55.41 -25.31 -10.91
C LEU F 40 -56.46 -24.79 -9.94
N PRO F 41 -57.58 -25.50 -9.81
CA PRO F 41 -58.70 -24.99 -8.98
C PRO F 41 -58.29 -24.76 -7.54
N GLY F 42 -58.64 -23.58 -7.02
CA GLY F 42 -58.43 -23.24 -5.63
C GLY F 42 -57.02 -22.83 -5.27
N THR F 43 -56.09 -22.81 -6.22
CA THR F 43 -54.70 -22.54 -5.94
C THR F 43 -54.26 -21.26 -6.65
N ALA F 44 -53.16 -20.70 -6.16
CA ALA F 44 -52.54 -19.58 -6.86
C ALA F 44 -51.96 -20.06 -8.19
N PRO F 45 -52.07 -19.26 -9.25
CA PRO F 45 -51.56 -19.71 -10.55
C PRO F 45 -50.04 -19.74 -10.57
N LYS F 46 -49.50 -20.75 -11.24
CA LYS F 46 -48.06 -20.85 -11.46
C LYS F 46 -47.76 -20.60 -12.93
N LEU F 47 -46.54 -20.13 -13.19
CA LEU F 47 -46.12 -19.84 -14.55
C LEU F 47 -45.73 -21.12 -15.27
N VAL F 48 -46.16 -21.24 -16.52
CA VAL F 48 -45.93 -22.44 -17.31
C VAL F 48 -45.11 -22.08 -18.55
N ILE F 49 -45.28 -20.85 -19.04
CA ILE F 49 -44.63 -20.37 -20.25
C ILE F 49 -44.29 -18.89 -20.03
N TYR F 50 -43.01 -18.54 -20.08
CA TYR F 50 -42.60 -17.18 -19.67
C TYR F 50 -42.15 -16.30 -20.82
N ASP F 51 -41.34 -16.80 -21.75
CA ASP F 51 -40.96 -16.04 -22.95
C ASP F 51 -41.30 -16.86 -24.20
N ASN F 52 -42.57 -16.81 -24.60
CA ASN F 52 -43.04 -17.45 -25.83
C ASN F 52 -42.71 -18.94 -25.83
N ASN F 53 -41.74 -19.37 -26.64
CA ASN F 53 -41.47 -20.79 -26.75
C ASN F 53 -40.91 -21.37 -25.45
N LYS F 54 -40.21 -20.57 -24.66
CA LYS F 54 -39.49 -21.07 -23.50
C LYS F 54 -40.43 -21.43 -22.35
N ARG F 55 -40.14 -22.54 -21.69
CA ARG F 55 -40.88 -23.09 -20.56
C ARG F 55 -39.94 -23.35 -19.40
N PRO F 56 -40.36 -23.06 -18.17
CA PRO F 56 -39.48 -23.26 -17.01
C PRO F 56 -39.17 -24.74 -16.79
N SER F 57 -38.20 -24.97 -15.91
CA SER F 57 -37.83 -26.32 -15.53
C SER F 57 -38.97 -26.96 -14.74
N GLY F 58 -39.21 -28.25 -15.00
CA GLY F 58 -40.31 -28.94 -14.39
C GLY F 58 -41.63 -28.84 -15.14
N ILE F 59 -41.64 -28.20 -16.29
CA ILE F 59 -42.81 -28.09 -17.15
C ILE F 59 -42.59 -29.00 -18.36
N PRO F 60 -43.39 -30.03 -18.55
CA PRO F 60 -43.12 -30.99 -19.62
C PRO F 60 -43.22 -30.37 -21.00
N ASP F 61 -42.53 -30.99 -21.96
CA ASP F 61 -42.51 -30.49 -23.33
C ASP F 61 -43.84 -30.66 -24.06
N ARG F 62 -44.85 -31.26 -23.42
CA ARG F 62 -46.18 -31.25 -23.99
C ARG F 62 -46.70 -29.83 -24.17
N PHE F 63 -46.33 -28.92 -23.25
CA PHE F 63 -46.71 -27.53 -23.37
C PHE F 63 -45.76 -26.79 -24.30
N SER F 64 -46.31 -25.85 -25.06
CA SER F 64 -45.51 -25.09 -26.00
C SER F 64 -46.19 -23.75 -26.25
N GLY F 65 -45.37 -22.74 -26.50
CA GLY F 65 -45.87 -21.42 -26.81
C GLY F 65 -45.50 -20.96 -28.21
N SER F 66 -46.20 -19.94 -28.71
CA SER F 66 -45.92 -19.39 -30.01
C SER F 66 -46.55 -18.00 -30.10
N LYS F 67 -45.80 -17.06 -30.65
CA LYS F 67 -46.25 -15.67 -30.78
C LYS F 67 -45.91 -15.18 -32.18
N SER F 68 -46.91 -14.66 -32.89
CA SER F 68 -46.74 -14.10 -34.22
C SER F 68 -47.50 -12.78 -34.28
N GLY F 69 -46.77 -11.68 -34.35
CA GLY F 69 -47.40 -10.38 -34.50
C GLY F 69 -48.34 -10.08 -33.34
N THR F 70 -49.62 -9.86 -33.67
CA THR F 70 -50.61 -9.50 -32.67
C THR F 70 -51.17 -10.71 -31.93
N SER F 71 -51.04 -11.91 -32.48
CA SER F 71 -51.66 -13.10 -31.92
C SER F 71 -50.61 -14.04 -31.33
N ALA F 72 -51.00 -14.75 -30.29
CA ALA F 72 -50.17 -15.78 -29.68
C ALA F 72 -51.03 -17.00 -29.36
N THR F 73 -50.41 -18.18 -29.38
CA THR F 73 -51.14 -19.43 -29.22
C THR F 73 -50.38 -20.38 -28.32
N LEU F 74 -51.08 -20.94 -27.33
CA LEU F 74 -50.56 -22.01 -26.49
C LEU F 74 -51.15 -23.33 -26.95
N GLY F 75 -50.30 -24.34 -27.10
CA GLY F 75 -50.75 -25.66 -27.44
C GLY F 75 -50.24 -26.69 -26.45
N ILE F 76 -51.06 -27.72 -26.22
CA ILE F 76 -50.72 -28.83 -25.32
C ILE F 76 -50.95 -30.13 -26.08
N THR F 77 -49.90 -30.94 -26.20
CA THR F 77 -49.99 -32.24 -26.85
C THR F 77 -50.12 -33.33 -25.80
N GLY F 78 -50.82 -34.41 -26.17
CA GLY F 78 -51.02 -35.53 -25.28
C GLY F 78 -51.60 -35.14 -23.95
N LEU F 79 -52.89 -34.81 -23.94
CA LEU F 79 -53.52 -34.25 -22.75
C LEU F 79 -53.62 -35.28 -21.63
N GLN F 80 -53.36 -34.82 -20.41
CA GLN F 80 -53.66 -35.58 -19.20
C GLN F 80 -54.90 -35.00 -18.54
N THR F 81 -55.53 -35.80 -17.68
CA THR F 81 -56.63 -35.30 -16.89
C THR F 81 -56.17 -34.23 -15.91
N GLY F 82 -54.89 -34.27 -15.51
CA GLY F 82 -54.35 -33.26 -14.62
C GLY F 82 -54.20 -31.90 -15.24
N ASP F 83 -54.23 -31.82 -16.58
CA ASP F 83 -54.12 -30.54 -17.26
C ASP F 83 -55.37 -29.68 -17.14
N GLU F 84 -56.45 -30.22 -16.58
CA GLU F 84 -57.66 -29.45 -16.37
C GLU F 84 -57.41 -28.25 -15.47
N ALA F 85 -57.46 -27.06 -16.03
CA ALA F 85 -57.24 -25.82 -15.29
C ALA F 85 -57.67 -24.67 -16.18
N VAL F 86 -57.47 -23.45 -15.71
CA VAL F 86 -57.65 -22.25 -16.52
C VAL F 86 -56.27 -21.70 -16.86
N TYR F 87 -56.16 -21.12 -18.05
CA TYR F 87 -54.89 -20.64 -18.56
C TYR F 87 -55.04 -19.19 -19.01
N TYR F 88 -54.15 -18.33 -18.51
CA TYR F 88 -54.19 -16.91 -18.79
C TYR F 88 -52.94 -16.50 -19.54
N CYS F 89 -53.13 -15.82 -20.67
CA CYS F 89 -52.04 -15.15 -21.34
C CYS F 89 -51.93 -13.72 -20.82
N GLY F 90 -50.74 -13.15 -20.93
CA GLY F 90 -50.51 -11.82 -20.42
C GLY F 90 -49.24 -11.22 -20.98
N THR F 91 -49.19 -9.90 -20.96
CA THR F 91 -48.05 -9.16 -21.49
C THR F 91 -48.17 -7.70 -21.05
N TRP F 92 -47.15 -6.92 -21.39
CA TRP F 92 -47.17 -5.49 -21.18
C TRP F 92 -47.82 -4.80 -22.38
N ASP F 93 -48.20 -3.54 -22.17
CA ASP F 93 -48.70 -2.71 -23.27
C ASP F 93 -47.86 -1.44 -23.39
N SER F 94 -48.43 -0.41 -24.02
CA SER F 94 -47.72 0.86 -24.16
C SER F 94 -47.42 1.47 -22.79
N SER F 95 -48.46 1.72 -21.99
CA SER F 95 -48.37 2.44 -20.73
C SER F 95 -47.62 1.69 -19.63
N LEU F 96 -46.97 0.56 -19.90
CA LEU F 96 -46.32 -0.25 -18.87
C LEU F 96 -47.30 -0.60 -17.75
N ILE F 97 -48.47 -1.09 -18.15
CA ILE F 97 -49.45 -1.67 -17.25
C ILE F 97 -49.71 -3.09 -17.71
N TRP F 98 -49.68 -4.04 -16.78
CA TRP F 98 -49.81 -5.44 -17.15
C TRP F 98 -51.27 -5.77 -17.47
N VAL F 99 -51.46 -6.54 -18.54
CA VAL F 99 -52.79 -6.93 -19.00
C VAL F 99 -52.82 -8.44 -19.13
N PHE F 100 -53.79 -9.07 -18.48
CA PHE F 100 -54.07 -10.50 -18.65
C PHE F 100 -55.16 -10.71 -19.68
N GLY F 101 -55.24 -11.93 -20.19
CA GLY F 101 -56.41 -12.34 -20.94
C GLY F 101 -57.56 -12.63 -20.01
N GLY F 102 -58.73 -12.88 -20.61
CA GLY F 102 -59.91 -13.18 -19.84
C GLY F 102 -59.78 -14.46 -19.03
N GLY F 103 -59.52 -15.56 -19.72
CA GLY F 103 -59.41 -16.86 -19.07
C GLY F 103 -59.95 -17.92 -20.02
N THR F 104 -59.35 -19.10 -19.97
CA THR F 104 -59.75 -20.21 -20.84
C THR F 104 -59.85 -21.47 -19.99
N LYS F 105 -61.06 -21.99 -19.84
CA LYS F 105 -61.31 -23.18 -19.03
C LYS F 105 -61.05 -24.41 -19.90
N LEU F 106 -59.88 -25.03 -19.71
CA LEU F 106 -59.54 -26.23 -20.46
C LEU F 106 -60.15 -27.44 -19.77
N THR F 107 -61.10 -28.09 -20.46
CA THR F 107 -61.68 -29.34 -20.00
C THR F 107 -61.24 -30.46 -20.94
N VAL F 108 -60.89 -31.61 -20.36
CA VAL F 108 -60.52 -32.79 -21.12
C VAL F 108 -61.49 -33.91 -20.73
N LEU F 109 -62.21 -34.43 -21.71
CA LEU F 109 -63.28 -35.38 -21.42
C LEU F 109 -62.84 -36.78 -21.83
N GLY F 110 -63.68 -37.76 -21.54
CA GLY F 110 -63.30 -39.16 -21.66
C GLY F 110 -63.04 -39.84 -20.34
N GLN F 111 -63.04 -39.09 -19.22
CA GLN F 111 -62.88 -39.70 -17.92
C GLN F 111 -64.06 -40.60 -17.63
N PRO F 112 -63.84 -41.87 -17.26
CA PRO F 112 -64.95 -42.78 -17.01
C PRO F 112 -65.80 -42.31 -15.82
N LYS F 113 -67.04 -42.80 -15.78
CA LYS F 113 -67.93 -42.46 -14.69
C LYS F 113 -67.40 -42.99 -13.37
N ALA F 114 -67.56 -42.19 -12.31
CA ALA F 114 -67.07 -42.52 -10.99
C ALA F 114 -68.22 -42.55 -10.01
N ALA F 115 -68.31 -43.61 -9.23
CA ALA F 115 -69.37 -43.72 -8.23
C ALA F 115 -69.06 -42.81 -7.04
N PRO F 116 -70.03 -42.00 -6.58
CA PRO F 116 -69.78 -41.08 -5.48
C PRO F 116 -69.58 -41.83 -4.16
N SER F 117 -68.44 -41.61 -3.52
CA SER F 117 -68.20 -42.14 -2.18
C SER F 117 -68.99 -41.26 -1.21
N VAL F 118 -70.14 -41.76 -0.78
CA VAL F 118 -71.06 -41.00 0.05
C VAL F 118 -70.78 -41.28 1.51
N THR F 119 -70.89 -40.25 2.34
CA THR F 119 -70.63 -40.36 3.77
C THR F 119 -71.63 -39.49 4.51
N LEU F 120 -72.38 -40.09 5.42
CA LEU F 120 -73.37 -39.36 6.22
C LEU F 120 -72.93 -39.39 7.68
N PHE F 121 -72.63 -38.21 8.21
CA PHE F 121 -72.34 -38.08 9.63
C PHE F 121 -73.61 -37.69 10.37
N PRO F 122 -73.99 -38.42 11.41
CA PRO F 122 -75.17 -38.05 12.20
C PRO F 122 -74.92 -36.76 12.96
N PRO F 123 -75.97 -36.12 13.49
CA PRO F 123 -75.76 -34.89 14.26
C PRO F 123 -74.91 -35.15 15.50
N SER F 124 -74.14 -34.14 15.88
CA SER F 124 -73.22 -34.27 17.00
C SER F 124 -73.99 -34.31 18.32
N SER F 125 -73.44 -35.05 19.28
CA SER F 125 -74.01 -35.07 20.62
C SER F 125 -73.95 -33.69 21.25
N GLU F 126 -72.82 -33.00 21.11
CA GLU F 126 -72.72 -31.64 21.64
CA GLU F 126 -72.72 -31.64 21.63
C GLU F 126 -73.64 -30.69 20.87
N GLU F 127 -73.75 -30.87 19.56
CA GLU F 127 -74.69 -30.06 18.79
C GLU F 127 -76.11 -30.26 19.31
N LEU F 128 -76.51 -31.52 19.48
CA LEU F 128 -77.80 -31.82 20.08
C LEU F 128 -77.94 -31.18 21.45
N GLN F 129 -76.84 -31.10 22.19
CA GLN F 129 -76.90 -30.51 23.53
C GLN F 129 -77.24 -29.04 23.48
N ALA F 130 -76.78 -28.34 22.46
CA ALA F 130 -76.96 -26.88 22.36
C ALA F 130 -78.22 -26.51 21.57
N ASN F 131 -79.32 -27.21 21.85
CA ASN F 131 -80.64 -26.85 21.32
C ASN F 131 -80.65 -26.74 19.80
N LYS F 132 -80.00 -27.70 19.14
CA LYS F 132 -79.93 -27.74 17.68
C LYS F 132 -79.43 -29.12 17.29
N ALA F 133 -79.50 -29.43 15.99
CA ALA F 133 -79.01 -30.71 15.49
C ALA F 133 -78.87 -30.62 13.98
N THR F 134 -77.80 -31.21 13.45
CA THR F 134 -77.49 -31.09 12.03
C THR F 134 -76.80 -32.35 11.54
N LEU F 135 -77.41 -33.03 10.58
CA LEU F 135 -76.82 -34.20 9.94
C LEU F 135 -76.12 -33.76 8.65
N VAL F 136 -74.94 -34.32 8.41
CA VAL F 136 -74.07 -33.91 7.31
C VAL F 136 -73.91 -35.06 6.34
N CYS F 137 -74.05 -34.77 5.05
CA CYS F 137 -73.89 -35.76 3.99
C CYS F 137 -72.73 -35.31 3.11
N LEU F 138 -71.70 -36.15 3.01
CA LEU F 138 -70.44 -35.78 2.39
C LEU F 138 -70.18 -36.66 1.18
N ILE F 139 -70.29 -36.08 -0.02
CA ILE F 139 -70.10 -36.80 -1.27
C ILE F 139 -68.78 -36.35 -1.89
N SER F 140 -67.87 -37.31 -2.11
CA SER F 140 -66.54 -37.01 -2.61
C SER F 140 -66.16 -37.96 -3.73
N ASP F 141 -65.19 -37.52 -4.53
CA ASP F 141 -64.54 -38.34 -5.56
C ASP F 141 -65.57 -38.97 -6.50
N PHE F 142 -66.41 -38.13 -7.09
CA PHE F 142 -67.42 -38.57 -8.04
C PHE F 142 -67.20 -37.86 -9.38
N TYR F 143 -67.47 -38.52 -10.51
CA TYR F 143 -67.07 -37.86 -11.78
C TYR F 143 -68.01 -36.79 -12.27
N PRO F 144 -68.99 -37.15 -13.10
CA PRO F 144 -69.66 -36.15 -13.90
C PRO F 144 -70.38 -35.35 -12.82
N GLY F 145 -70.10 -34.06 -12.73
CA GLY F 145 -70.59 -33.19 -11.64
C GLY F 145 -72.10 -33.16 -11.47
N ALA F 146 -72.81 -34.03 -12.16
CA ALA F 146 -74.27 -34.07 -12.08
C ALA F 146 -74.70 -35.07 -11.02
N VAL F 147 -75.03 -34.57 -9.82
CA VAL F 147 -75.50 -35.39 -8.72
C VAL F 147 -76.66 -34.69 -8.05
N THR F 148 -77.73 -35.42 -7.77
CA THR F 148 -78.90 -34.89 -7.08
C THR F 148 -79.02 -35.55 -5.71
N VAL F 149 -79.44 -34.77 -4.71
CA VAL F 149 -79.46 -35.21 -3.33
C VAL F 149 -80.85 -35.02 -2.75
N ALA F 150 -81.39 -36.08 -2.15
CA ALA F 150 -82.66 -36.02 -1.45
C ALA F 150 -82.49 -36.66 -0.07
N TRP F 151 -83.40 -36.34 0.83
CA TRP F 151 -83.38 -36.87 2.18
C TRP F 151 -84.61 -37.75 2.44
N LYS F 152 -84.47 -38.62 3.43
CA LYS F 152 -85.54 -39.52 3.83
C LYS F 152 -85.60 -39.56 5.35
N ALA F 153 -86.71 -39.09 5.91
CA ALA F 153 -86.91 -39.05 7.35
C ALA F 153 -87.90 -40.16 7.72
N ASP F 154 -87.38 -41.23 8.33
CA ASP F 154 -88.17 -42.43 8.67
C ASP F 154 -88.68 -43.11 7.40
N SER F 155 -87.77 -43.27 6.43
CA SER F 155 -88.09 -43.83 5.11
C SER F 155 -89.28 -43.15 4.43
N SER F 156 -89.52 -41.89 4.77
CA SER F 156 -90.52 -41.06 4.14
C SER F 156 -89.83 -39.80 3.63
N PRO F 157 -90.17 -39.33 2.43
CA PRO F 157 -89.51 -38.13 1.90
C PRO F 157 -89.78 -36.90 2.74
N VAL F 158 -88.74 -36.11 2.96
CA VAL F 158 -88.80 -34.93 3.81
C VAL F 158 -88.36 -33.72 2.99
N LYS F 159 -89.28 -32.78 2.77
CA LYS F 159 -88.97 -31.55 2.06
C LYS F 159 -88.74 -30.44 3.09
N ALA F 160 -87.58 -30.51 3.75
CA ALA F 160 -87.20 -29.53 4.74
C ALA F 160 -86.54 -28.30 4.14
N GLY F 161 -86.41 -28.23 2.82
CA GLY F 161 -85.75 -27.10 2.18
C GLY F 161 -84.32 -26.92 2.64
N VAL F 162 -83.56 -27.99 2.68
CA VAL F 162 -82.32 -28.03 3.44
C VAL F 162 -81.16 -27.63 2.54
N GLU F 163 -80.14 -27.06 3.16
CA GLU F 163 -79.01 -26.49 2.42
C GLU F 163 -78.12 -27.58 1.85
N THR F 164 -77.86 -27.50 0.55
CA THR F 164 -76.95 -28.40 -0.14
C THR F 164 -76.04 -27.58 -1.04
N THR F 165 -74.74 -27.88 -1.02
CA THR F 165 -73.77 -27.07 -1.75
C THR F 165 -73.65 -27.56 -3.18
N THR F 166 -73.38 -26.62 -4.08
CA THR F 166 -73.07 -26.96 -5.46
C THR F 166 -71.76 -27.74 -5.50
N PRO F 167 -71.60 -28.65 -6.46
CA PRO F 167 -70.36 -29.43 -6.55
C PRO F 167 -69.18 -28.54 -6.90
N SER F 168 -67.99 -29.04 -6.57
CA SER F 168 -66.76 -28.30 -6.82
C SER F 168 -65.65 -29.28 -7.17
N LYS F 169 -64.78 -28.87 -8.08
CA LYS F 169 -63.56 -29.64 -8.33
C LYS F 169 -62.66 -29.55 -7.10
N GLN F 170 -61.98 -30.67 -6.80
CA GLN F 170 -61.18 -30.79 -5.59
C GLN F 170 -59.81 -31.37 -5.93
N SER F 171 -59.02 -30.59 -6.68
CA SER F 171 -57.60 -30.85 -6.95
C SER F 171 -57.50 -32.22 -7.61
N ASN F 172 -56.70 -33.16 -7.09
CA ASN F 172 -56.60 -34.50 -7.68
C ASN F 172 -57.94 -35.22 -7.67
N ASN F 173 -58.68 -35.14 -6.56
CA ASN F 173 -60.01 -35.72 -6.50
C ASN F 173 -60.89 -35.10 -7.58
N LYS F 174 -61.68 -35.94 -8.24
CA LYS F 174 -62.53 -35.50 -9.34
C LYS F 174 -63.45 -34.38 -8.88
N TYR F 175 -64.41 -34.69 -8.03
CA TYR F 175 -65.35 -33.69 -7.54
C TYR F 175 -65.62 -33.93 -6.06
N ALA F 176 -66.17 -32.90 -5.42
CA ALA F 176 -66.55 -32.96 -4.02
C ALA F 176 -67.76 -32.06 -3.79
N ALA F 177 -68.62 -32.46 -2.87
CA ALA F 177 -69.82 -31.70 -2.55
C ALA F 177 -70.37 -32.20 -1.21
N SER F 178 -71.05 -31.30 -0.51
CA SER F 178 -71.59 -31.60 0.81
C SER F 178 -73.04 -31.13 0.90
N SER F 179 -73.86 -31.92 1.58
CA SER F 179 -75.24 -31.54 1.87
C SER F 179 -75.45 -31.65 3.37
N TYR F 180 -76.09 -30.63 3.94
CA TYR F 180 -76.28 -30.52 5.38
C TYR F 180 -77.76 -30.60 5.69
N LEU F 181 -78.12 -31.35 6.74
CA LEU F 181 -79.51 -31.55 7.15
C LEU F 181 -79.73 -30.85 8.49
N SER F 182 -80.20 -29.61 8.44
CA SER F 182 -80.51 -28.86 9.65
C SER F 182 -81.82 -29.36 10.23
N LEU F 183 -81.83 -29.66 11.53
CA LEU F 183 -82.97 -30.31 12.16
C LEU F 183 -83.19 -29.76 13.56
N THR F 184 -84.46 -29.75 13.97
CA THR F 184 -84.80 -29.47 15.36
C THR F 184 -84.33 -30.64 16.24
N PRO F 185 -83.79 -30.35 17.43
CA PRO F 185 -83.45 -31.46 18.33
C PRO F 185 -84.65 -32.32 18.70
N GLU F 186 -85.83 -31.72 18.78
CA GLU F 186 -87.05 -32.51 18.95
C GLU F 186 -87.30 -33.40 17.75
N GLN F 187 -87.05 -32.89 16.54
CA GLN F 187 -87.27 -33.63 15.31
C GLN F 187 -86.16 -34.64 15.02
N TRP F 188 -85.10 -34.68 15.83
CA TRP F 188 -84.02 -35.63 15.59
C TRP F 188 -84.41 -37.05 15.99
N LYS F 189 -84.92 -37.22 17.21
CA LYS F 189 -85.43 -38.51 17.66
C LYS F 189 -86.87 -38.75 17.25
N SER F 190 -87.53 -37.76 16.67
CA SER F 190 -88.93 -37.81 16.26
C SER F 190 -89.17 -38.63 15.00
N HIS F 191 -88.18 -39.41 14.53
CA HIS F 191 -88.37 -40.25 13.36
C HIS F 191 -87.67 -41.59 13.60
N ARG F 192 -88.05 -42.57 12.79
CA ARG F 192 -87.46 -43.90 12.93
C ARG F 192 -86.04 -43.93 12.37
N SER F 193 -85.84 -43.42 11.16
CA SER F 193 -84.55 -43.47 10.50
C SER F 193 -84.33 -42.20 9.69
N TYR F 194 -83.06 -41.84 9.52
CA TYR F 194 -82.66 -40.79 8.60
C TYR F 194 -81.87 -41.41 7.45
N SER F 195 -81.91 -40.77 6.29
CA SER F 195 -81.24 -41.31 5.11
C SER F 195 -80.90 -40.17 4.17
N CYS F 196 -79.71 -40.25 3.57
CA CYS F 196 -79.27 -39.30 2.55
C CYS F 196 -79.36 -40.02 1.21
N GLN F 197 -80.42 -39.74 0.46
CA GLN F 197 -80.60 -40.31 -0.88
C GLN F 197 -79.76 -39.50 -1.86
N VAL F 198 -78.63 -40.07 -2.28
CA VAL F 198 -77.71 -39.38 -3.18
C VAL F 198 -77.81 -40.00 -4.57
N THR F 199 -78.78 -39.54 -5.35
CA THR F 199 -78.92 -40.02 -6.72
C THR F 199 -77.81 -39.43 -7.58
N HIS F 200 -77.09 -40.29 -8.28
CA HIS F 200 -76.07 -39.88 -9.23
C HIS F 200 -76.55 -40.26 -10.62
N GLU F 201 -76.58 -39.28 -11.53
CA GLU F 201 -77.00 -39.55 -12.90
C GLU F 201 -76.20 -40.68 -13.50
N GLY F 202 -74.90 -40.72 -13.22
CA GLY F 202 -74.09 -41.85 -13.64
C GLY F 202 -74.47 -43.13 -12.91
N SER F 203 -74.80 -43.02 -11.63
CA SER F 203 -75.17 -44.20 -10.85
C SER F 203 -76.44 -44.82 -11.39
N THR F 204 -76.34 -46.07 -11.86
CA THR F 204 -77.52 -46.84 -12.21
C THR F 204 -78.49 -46.93 -11.04
N VAL F 205 -77.97 -47.26 -9.86
CA VAL F 205 -78.72 -47.28 -8.62
C VAL F 205 -78.17 -46.18 -7.72
N GLU F 206 -79.06 -45.38 -7.15
CA GLU F 206 -78.64 -44.28 -6.28
C GLU F 206 -78.00 -44.83 -5.02
N LYS F 207 -76.98 -44.12 -4.52
CA LYS F 207 -76.27 -44.53 -3.32
C LYS F 207 -76.87 -43.82 -2.11
N THR F 208 -77.15 -44.58 -1.06
CA THR F 208 -77.71 -44.04 0.17
C THR F 208 -77.08 -44.73 1.37
N VAL F 209 -76.65 -43.94 2.35
CA VAL F 209 -76.23 -44.44 3.65
C VAL F 209 -77.18 -43.86 4.69
N ALA F 210 -77.71 -44.73 5.55
CA ALA F 210 -78.77 -44.34 6.49
C ALA F 210 -78.31 -44.54 7.92
N PRO F 211 -78.25 -43.48 8.74
CA PRO F 211 -78.11 -43.68 10.19
C PRO F 211 -79.46 -43.51 10.87
N THR F 212 -79.59 -44.06 12.09
CA THR F 212 -80.82 -43.93 12.86
C THR F 212 -80.48 -43.35 14.22
N GLU F 213 -81.51 -42.80 14.87
CA GLU F 213 -81.33 -42.26 16.21
C GLU F 213 -81.00 -43.37 17.19
N CYS F 214 -80.09 -43.08 18.11
CA CYS F 214 -79.64 -44.05 19.10
C CYS F 214 -78.83 -43.39 20.21
N PRO G 4 56.91 43.94 -63.65
CA PRO G 4 57.43 45.26 -64.00
C PRO G 4 56.32 46.29 -64.22
N GLY G 5 55.08 45.88 -63.95
CA GLY G 5 53.93 46.71 -64.23
C GLY G 5 53.02 46.85 -63.02
N ASN G 6 52.00 47.69 -63.19
CA ASN G 6 51.06 47.99 -62.13
C ASN G 6 49.66 48.08 -62.70
N ASP G 7 48.68 47.89 -61.83
CA ASP G 7 47.29 48.15 -62.21
C ASP G 7 47.14 49.61 -62.60
N ASN G 8 46.58 49.84 -63.79
CA ASN G 8 46.51 51.20 -64.33
C ASN G 8 45.72 52.12 -63.40
N SER G 9 44.55 51.67 -62.96
CA SER G 9 43.69 52.45 -62.09
C SER G 9 42.94 51.54 -61.14
N THR G 10 42.79 50.28 -61.54
CA THR G 10 41.94 49.36 -60.82
C THR G 10 42.47 49.05 -59.42
N ALA G 11 41.56 49.02 -58.45
CA ALA G 11 41.85 48.54 -57.11
C ALA G 11 40.83 47.46 -56.76
N THR G 12 41.19 46.60 -55.81
CA THR G 12 40.36 45.46 -55.47
C THR G 12 40.20 45.38 -53.95
N LEU G 13 38.96 45.15 -53.51
CA LEU G 13 38.63 45.08 -52.09
C LEU G 13 37.75 43.86 -51.85
N CYS G 14 38.27 42.88 -51.10
CA CYS G 14 37.53 41.67 -50.77
C CYS G 14 37.03 41.73 -49.32
N LEU G 15 35.93 41.03 -49.06
CA LEU G 15 35.39 40.86 -47.73
C LEU G 15 35.41 39.37 -47.37
N GLY G 16 35.74 39.07 -46.13
CA GLY G 16 35.98 37.70 -45.72
C GLY G 16 35.99 37.58 -44.21
N HIS G 17 35.71 36.37 -43.75
CA HIS G 17 35.66 36.05 -42.33
C HIS G 17 36.80 35.11 -41.96
N HIS G 18 37.03 34.97 -40.67
CA HIS G 18 38.13 34.14 -40.20
C HIS G 18 37.79 32.66 -40.34
N ALA G 19 38.83 31.83 -40.26
CA ALA G 19 38.68 30.38 -40.28
C ALA G 19 39.85 29.77 -39.52
N VAL G 20 39.74 28.49 -39.24
CA VAL G 20 40.72 27.78 -38.42
C VAL G 20 40.93 26.39 -38.99
N PRO G 21 42.12 25.79 -38.74
CA PRO G 21 42.42 24.51 -39.38
C PRO G 21 41.58 23.35 -38.88
N ASN G 22 41.79 22.95 -37.63
CA ASN G 22 41.03 21.87 -37.00
C ASN G 22 39.89 22.51 -36.21
N GLY G 23 38.69 22.46 -36.77
CA GLY G 23 37.50 22.98 -36.12
C GLY G 23 36.84 21.95 -35.25
N THR G 24 35.51 22.03 -35.17
CA THR G 24 34.74 21.09 -34.37
C THR G 24 33.35 20.95 -34.97
N ILE G 25 32.77 19.77 -34.79
CA ILE G 25 31.48 19.42 -35.38
C ILE G 25 30.36 19.79 -34.42
N VAL G 26 29.22 20.20 -34.99
CA VAL G 26 28.01 20.48 -34.21
C VAL G 26 26.81 19.98 -35.01
N LYS G 27 25.67 19.90 -34.32
CA LYS G 27 24.42 19.47 -34.92
C LYS G 27 23.47 20.65 -35.03
N THR G 28 22.80 20.75 -36.19
CA THR G 28 21.78 21.77 -36.41
C THR G 28 20.48 21.12 -36.86
N ILE G 29 19.52 21.94 -37.25
CA ILE G 29 18.26 21.41 -37.78
C ILE G 29 18.51 20.71 -39.11
N THR G 30 19.19 21.40 -40.03
CA THR G 30 19.41 20.86 -41.37
C THR G 30 20.33 19.64 -41.33
N ASN G 31 21.56 19.83 -40.88
CA ASN G 31 22.58 18.80 -40.94
C ASN G 31 22.96 18.33 -39.54
N ASP G 32 23.40 17.07 -39.47
CA ASP G 32 23.88 16.52 -38.20
C ASP G 32 25.35 16.85 -37.96
N ARG G 33 26.14 16.94 -39.03
CA ARG G 33 27.53 17.36 -38.95
C ARG G 33 27.69 18.69 -39.67
N ILE G 34 28.10 19.72 -38.94
CA ILE G 34 28.49 21.00 -39.51
C ILE G 34 29.72 21.49 -38.77
N GLU G 35 30.79 21.76 -39.52
CA GLU G 35 32.04 22.21 -38.92
C GLU G 35 31.95 23.68 -38.53
N VAL G 36 32.29 23.98 -37.28
CA VAL G 36 32.33 25.35 -36.78
C VAL G 36 33.70 25.61 -36.19
N THR G 37 34.00 26.90 -36.00
CA THR G 37 35.29 27.30 -35.45
C THR G 37 35.44 26.85 -34.00
N ASN G 38 34.45 27.18 -33.17
CA ASN G 38 34.56 27.07 -31.72
C ASN G 38 33.26 26.48 -31.19
N ALA G 39 33.37 25.61 -30.21
CA ALA G 39 32.19 25.01 -29.59
C ALA G 39 32.50 24.65 -28.15
N THR G 40 31.47 24.65 -27.31
CA THR G 40 31.57 24.30 -25.90
C THR G 40 30.70 23.08 -25.60
N GLU G 41 31.07 22.36 -24.55
CA GLU G 41 30.35 21.17 -24.13
C GLU G 41 29.28 21.55 -23.10
N LEU G 42 28.05 21.10 -23.34
CA LEU G 42 26.93 21.42 -22.46
C LEU G 42 26.53 20.27 -21.55
N VAL G 43 27.09 19.07 -21.74
CA VAL G 43 26.76 17.90 -20.95
C VAL G 43 27.94 17.60 -20.03
N GLN G 44 27.68 17.60 -18.72
CA GLN G 44 28.71 17.28 -17.74
C GLN G 44 28.87 15.77 -17.70
N ASN G 45 29.83 15.27 -18.47
CA ASN G 45 30.04 13.84 -18.62
C ASN G 45 30.97 13.24 -17.56
N SER G 46 31.57 14.07 -16.71
CA SER G 46 32.56 13.60 -15.75
C SER G 46 32.25 14.17 -14.37
N SER G 47 33.04 13.73 -13.39
CA SER G 47 32.89 14.16 -12.01
C SER G 47 34.25 14.17 -11.34
N ILE G 48 34.28 14.56 -10.07
CA ILE G 48 35.52 14.54 -9.30
C ILE G 48 35.76 13.16 -8.71
N GLY G 49 34.72 12.57 -8.12
CA GLY G 49 34.82 11.33 -7.38
C GLY G 49 34.68 11.50 -5.89
N GLU G 50 34.78 12.72 -5.38
CA GLU G 50 34.62 13.03 -3.97
C GLU G 50 33.38 13.90 -3.78
N ILE G 51 32.86 13.89 -2.56
CA ILE G 51 31.69 14.69 -2.19
C ILE G 51 32.19 15.90 -1.41
N CYS G 52 31.85 17.10 -1.90
CA CYS G 52 32.31 18.32 -1.26
C CYS G 52 31.45 18.67 -0.06
N ASP G 53 32.09 18.88 1.09
CA ASP G 53 31.40 19.09 2.35
C ASP G 53 30.99 20.53 2.60
N SER G 54 31.80 21.50 2.14
CA SER G 54 31.64 22.89 2.54
C SER G 54 30.23 23.45 2.34
N PRO G 55 29.61 23.38 1.16
CA PRO G 55 28.32 24.07 1.00
C PRO G 55 27.19 23.42 1.76
N HIS G 56 27.06 22.10 1.69
CA HIS G 56 25.97 21.36 2.32
C HIS G 56 26.53 20.47 3.43
N GLN G 57 25.99 20.61 4.63
CA GLN G 57 26.47 19.84 5.77
C GLN G 57 26.30 18.34 5.54
N ILE G 58 27.40 17.63 5.35
CA ILE G 58 27.38 16.20 5.05
C ILE G 58 27.56 15.42 6.35
N LEU G 59 26.77 14.37 6.53
CA LEU G 59 26.91 13.45 7.65
C LEU G 59 27.16 12.06 7.07
N ASP G 60 28.36 11.53 7.29
CA ASP G 60 28.72 10.22 6.79
C ASP G 60 28.10 9.14 7.68
N GLY G 61 27.21 8.35 7.12
CA GLY G 61 26.63 7.23 7.85
C GLY G 61 27.53 6.01 7.82
N GLU G 62 28.76 6.18 8.30
CA GLU G 62 29.74 5.11 8.26
C GLU G 62 29.24 3.90 9.03
N ASN G 63 29.20 2.74 8.37
CA ASN G 63 28.86 1.45 8.97
C ASN G 63 27.43 1.39 9.50
N CYS G 64 26.72 2.51 9.48
CA CYS G 64 25.37 2.59 10.03
C CYS G 64 24.38 3.00 8.96
N THR G 65 23.16 2.47 9.07
CA THR G 65 22.04 2.95 8.28
C THR G 65 21.40 4.15 8.98
N LEU G 66 20.43 4.78 8.32
CA LEU G 66 19.71 5.87 8.95
C LEU G 66 18.77 5.36 10.03
N ILE G 67 18.12 4.22 9.78
CA ILE G 67 17.17 3.69 10.75
C ILE G 67 17.89 3.20 12.00
N ASP G 68 19.02 2.52 11.83
CA ASP G 68 19.77 2.03 12.98
C ASP G 68 20.26 3.19 13.85
N ALA G 69 20.70 4.28 13.23
CA ALA G 69 21.08 5.47 14.00
C ALA G 69 19.89 6.04 14.76
N LEU G 70 18.72 6.08 14.12
CA LEU G 70 17.51 6.53 14.81
C LEU G 70 17.20 5.67 16.01
N LEU G 71 17.22 4.35 15.83
CA LEU G 71 16.92 3.44 16.92
C LEU G 71 18.03 3.44 17.97
N GLY G 72 19.28 3.54 17.53
CA GLY G 72 20.39 3.57 18.46
C GLY G 72 21.18 2.29 18.53
N ASP G 73 21.47 1.70 17.37
CA ASP G 73 22.40 0.59 17.30
C ASP G 73 23.72 1.02 17.95
N PRO G 74 24.27 0.23 18.88
CA PRO G 74 25.46 0.68 19.64
C PRO G 74 26.56 1.29 18.79
N GLN G 75 26.76 0.82 17.55
CA GLN G 75 27.71 1.47 16.66
C GLN G 75 27.34 2.94 16.43
N CYS G 76 26.06 3.21 16.24
CA CYS G 76 25.57 4.53 15.84
C CYS G 76 25.30 5.44 17.04
N ASP G 77 26.06 5.27 18.13
CA ASP G 77 25.89 6.16 19.28
C ASP G 77 26.43 7.55 19.01
N GLY G 78 27.44 7.67 18.14
CA GLY G 78 28.03 8.98 17.90
C GLY G 78 27.08 9.93 17.20
N PHE G 79 26.09 9.39 16.51
CA PHE G 79 25.15 10.20 15.74
C PHE G 79 24.04 10.82 16.58
N GLN G 80 24.00 10.55 17.88
CA GLN G 80 22.88 11.00 18.71
C GLN G 80 22.76 12.52 18.70
N ASN G 81 21.54 13.00 18.43
CA ASN G 81 21.18 14.42 18.49
C ASN G 81 21.94 15.28 17.49
N LYS G 82 22.46 14.68 16.42
CA LYS G 82 23.17 15.42 15.39
C LYS G 82 22.23 15.69 14.21
N LYS G 83 22.22 16.94 13.75
CA LYS G 83 21.47 17.32 12.58
C LYS G 83 22.35 17.24 11.33
N TRP G 84 21.73 17.38 10.16
CA TRP G 84 22.46 17.24 8.92
C TRP G 84 21.67 17.88 7.78
N ASP G 85 22.38 18.14 6.68
CA ASP G 85 21.77 18.54 5.41
C ASP G 85 21.59 17.37 4.46
N LEU G 86 22.56 16.48 4.36
CA LEU G 86 22.45 15.30 3.51
C LEU G 86 23.12 14.13 4.21
N PHE G 87 22.38 13.03 4.32
CA PHE G 87 22.91 11.80 4.89
C PHE G 87 23.44 10.90 3.79
N VAL G 88 24.48 10.13 4.12
CA VAL G 88 25.21 9.33 3.15
C VAL G 88 25.18 7.87 3.63
N GLU G 89 24.12 7.15 3.26
CA GLU G 89 24.06 5.72 3.55
C GLU G 89 25.12 4.97 2.77
N ARG G 90 25.88 4.12 3.46
CA ARG G 90 26.93 3.34 2.86
C ARG G 90 26.44 1.94 2.52
N SER G 91 27.06 1.32 1.52
CA SER G 91 26.74 -0.07 1.19
C SER G 91 27.46 -1.05 2.10
N LYS G 92 28.61 -0.65 2.64
CA LYS G 92 29.27 -1.46 3.67
C LYS G 92 28.52 -1.44 4.99
N ALA G 93 27.58 -0.50 5.15
CA ALA G 93 26.88 -0.36 6.42
C ALA G 93 26.04 -1.58 6.73
N TYR G 94 26.08 -2.01 8.00
CA TYR G 94 25.39 -3.20 8.47
C TYR G 94 24.69 -2.88 9.79
N SER G 95 23.75 -3.75 10.16
CA SER G 95 22.99 -3.61 11.39
C SER G 95 23.50 -4.65 12.38
N ASN G 96 23.97 -4.19 13.53
CA ASN G 96 24.54 -5.08 14.53
C ASN G 96 23.57 -5.42 15.65
N CYS G 97 22.39 -4.82 15.68
CA CYS G 97 21.52 -4.94 16.84
C CYS G 97 20.46 -6.03 16.66
N TYR G 98 19.45 -5.98 17.54
CA TYR G 98 18.39 -6.97 17.58
C TYR G 98 17.68 -7.03 16.23
N PRO G 99 17.35 -8.22 15.74
CA PRO G 99 16.67 -8.31 14.45
C PRO G 99 15.34 -7.58 14.48
N TYR G 100 15.11 -6.77 13.46
CA TYR G 100 13.89 -5.97 13.38
C TYR G 100 13.54 -5.73 11.93
N ASP G 101 12.25 -5.74 11.65
CA ASP G 101 11.71 -5.23 10.40
C ASP G 101 10.73 -4.11 10.73
N VAL G 102 10.53 -3.21 9.78
CA VAL G 102 9.63 -2.10 10.00
C VAL G 102 8.79 -1.87 8.75
N PRO G 103 7.48 -2.08 8.83
CA PRO G 103 6.62 -1.85 7.66
C PRO G 103 6.69 -0.41 7.19
N ASP G 104 6.59 -0.23 5.87
CA ASP G 104 6.76 1.08 5.26
C ASP G 104 8.11 1.69 5.64
N TYR G 105 9.15 0.83 5.67
CA TYR G 105 10.51 1.28 5.97
C TYR G 105 10.88 2.49 5.13
N ALA G 106 10.61 2.42 3.82
CA ALA G 106 10.98 3.50 2.93
C ALA G 106 10.35 4.83 3.34
N SER G 107 9.08 4.79 3.73
CA SER G 107 8.40 6.00 4.18
C SER G 107 9.04 6.54 5.45
N LEU G 108 9.28 5.66 6.43
CA LEU G 108 9.97 6.07 7.65
C LEU G 108 11.34 6.67 7.32
N ARG G 109 12.10 5.99 6.47
CA ARG G 109 13.42 6.48 6.09
C ARG G 109 13.31 7.82 5.35
N SER G 110 12.40 7.90 4.38
CA SER G 110 12.25 9.13 3.61
C SER G 110 11.69 10.28 4.45
N LEU G 111 10.82 9.96 5.42
CA LEU G 111 10.29 11.00 6.30
C LEU G 111 11.38 11.58 7.19
N VAL G 112 12.15 10.71 7.85
CA VAL G 112 13.20 11.17 8.75
C VAL G 112 14.26 11.96 7.98
N ALA G 113 14.59 11.50 6.78
CA ALA G 113 15.61 12.19 5.99
C ALA G 113 15.17 13.62 5.64
N SER G 114 13.89 13.79 5.29
CA SER G 114 13.39 15.12 4.96
C SER G 114 13.54 16.09 6.13
N SER G 115 13.30 15.60 7.35
CA SER G 115 13.49 16.43 8.54
C SER G 115 14.97 16.77 8.74
N GLY G 116 15.83 15.79 8.55
CA GLY G 116 17.27 16.04 8.60
C GLY G 116 17.83 16.33 9.98
N THR G 117 17.34 15.62 11.00
CA THR G 117 17.85 15.81 12.35
C THR G 117 17.45 14.62 13.19
N LEU G 118 18.38 14.18 14.06
CA LEU G 118 18.10 13.18 15.07
C LEU G 118 18.04 13.79 16.46
N GLU G 119 17.70 15.07 16.55
CA GLU G 119 17.55 15.73 17.85
C GLU G 119 16.48 15.01 18.66
N PHE G 120 16.82 14.66 19.90
CA PHE G 120 15.97 13.81 20.72
C PHE G 120 15.99 14.34 22.15
N ASN G 121 14.80 14.63 22.69
CA ASN G 121 14.63 14.98 24.09
C ASN G 121 13.97 13.83 24.82
N ASN G 122 14.55 13.42 25.95
CA ASN G 122 14.03 12.31 26.71
C ASN G 122 12.79 12.73 27.51
N GLU G 123 11.89 11.78 27.70
CA GLU G 123 10.69 11.99 28.51
C GLU G 123 10.60 10.87 29.54
N SER G 124 9.88 11.15 30.62
CA SER G 124 9.80 10.24 31.76
C SER G 124 8.41 9.63 31.83
N PHE G 125 8.34 8.30 31.72
CA PHE G 125 7.10 7.55 31.84
C PHE G 125 7.14 6.70 33.10
N ASN G 126 6.02 6.67 33.83
CA ASN G 126 5.93 5.88 35.05
C ASN G 126 5.45 4.48 34.70
N TRP G 127 6.38 3.68 34.18
CA TRP G 127 6.09 2.29 33.81
C TRP G 127 5.81 1.49 35.08
N ALA G 128 4.54 1.22 35.33
CA ALA G 128 4.12 0.61 36.58
C ALA G 128 4.40 -0.90 36.58
N GLY G 129 5.14 -1.35 37.58
CA GLY G 129 5.30 -2.77 37.85
C GLY G 129 5.89 -3.58 36.72
N VAL G 130 6.81 -3.00 35.95
CA VAL G 130 7.47 -3.70 34.86
C VAL G 130 8.97 -3.42 34.93
N THR G 131 9.76 -4.38 34.46
CA THR G 131 11.22 -4.25 34.46
C THR G 131 11.66 -3.47 33.24
N GLN G 132 12.12 -2.25 33.45
CA GLN G 132 12.59 -1.40 32.37
C GLN G 132 14.00 -1.83 31.95
N ASN G 133 14.51 -1.18 30.90
CA ASN G 133 15.89 -1.36 30.45
C ASN G 133 16.20 -2.83 30.15
N GLY G 134 15.25 -3.51 29.51
CA GLY G 134 15.49 -4.89 29.14
C GLY G 134 16.65 -5.01 28.16
N THR G 135 17.46 -6.06 28.35
CA THR G 135 18.68 -6.23 27.57
C THR G 135 18.73 -7.63 26.97
N SER G 136 19.46 -7.74 25.86
CA SER G 136 19.65 -9.02 25.18
C SER G 136 21.08 -9.07 24.65
N SER G 137 21.61 -10.30 24.55
CA SER G 137 22.95 -10.47 24.02
C SER G 137 23.05 -10.17 22.53
N SER G 138 21.92 -10.01 21.85
CA SER G 138 21.95 -9.80 20.39
C SER G 138 22.64 -8.48 20.05
N CYS G 139 22.34 -7.43 20.78
CA CYS G 139 23.04 -6.15 20.64
C CYS G 139 24.05 -6.04 21.77
N ARG G 140 25.25 -6.56 21.56
CA ARG G 140 26.33 -6.37 22.52
C ARG G 140 26.76 -4.90 22.52
N ARG G 141 27.23 -4.44 23.69
CA ARG G 141 27.74 -3.09 23.84
C ARG G 141 29.08 -3.17 24.57
N GLY G 142 30.16 -2.92 23.85
CA GLY G 142 31.50 -3.10 24.39
C GLY G 142 31.65 -4.43 25.09
N SER G 143 31.64 -4.39 26.42
CA SER G 143 31.69 -5.61 27.20
C SER G 143 30.29 -6.20 27.40
N ASN G 144 29.40 -5.45 28.05
CA ASN G 144 28.12 -5.97 28.48
C ASN G 144 27.12 -6.00 27.33
N SER G 145 26.03 -6.73 27.54
CA SER G 145 24.93 -6.77 26.58
C SER G 145 24.00 -5.58 26.81
N SER G 146 23.33 -5.16 25.75
CA SER G 146 22.52 -3.95 25.83
C SER G 146 21.37 -4.06 24.82
N PHE G 147 20.82 -2.91 24.45
CA PHE G 147 19.61 -2.82 23.62
C PHE G 147 19.71 -1.53 22.83
N PHE G 148 18.74 -1.33 21.92
CA PHE G 148 18.62 -0.05 21.22
C PHE G 148 18.58 1.09 22.23
N SER G 149 19.37 2.14 21.96
CA SER G 149 19.57 3.20 22.95
C SER G 149 18.30 4.01 23.17
N ARG G 150 17.43 4.10 22.16
CA ARG G 150 16.25 4.96 22.24
C ARG G 150 14.97 4.21 22.57
N LEU G 151 15.04 2.89 22.79
CA LEU G 151 13.89 2.08 23.14
C LEU G 151 14.10 1.42 24.48
N ASN G 152 12.98 1.10 25.13
CA ASN G 152 12.98 0.49 26.47
C ASN G 152 12.21 -0.82 26.41
N TRP G 153 12.91 -1.93 26.62
CA TRP G 153 12.29 -3.25 26.57
C TRP G 153 11.56 -3.50 27.88
N LEU G 154 10.23 -3.55 27.82
CA LEU G 154 9.39 -3.73 28.99
C LEU G 154 9.03 -5.19 29.14
N THR G 155 9.50 -5.81 30.22
CA THR G 155 9.18 -7.18 30.57
C THR G 155 8.53 -7.23 31.94
N HIS G 156 8.18 -8.44 32.39
CA HIS G 156 7.48 -8.61 33.65
C HIS G 156 8.38 -8.22 34.83
N LEU G 157 7.74 -7.85 35.93
CA LEU G 157 8.42 -7.53 37.18
C LEU G 157 7.77 -8.35 38.29
N ASN G 158 8.52 -9.32 38.81
CA ASN G 158 8.02 -10.24 39.85
C ASN G 158 6.81 -11.03 39.35
N SER G 159 6.94 -11.59 38.15
CA SER G 159 5.98 -12.54 37.59
C SER G 159 4.60 -11.93 37.40
N LYS G 160 4.56 -10.66 37.02
CA LYS G 160 3.29 -10.00 36.75
C LYS G 160 3.50 -8.87 35.74
N TYR G 161 2.55 -8.74 34.82
CA TYR G 161 2.59 -7.71 33.79
C TYR G 161 1.27 -6.95 33.84
N PRO G 162 1.21 -5.80 34.51
CA PRO G 162 -0.03 -5.04 34.57
C PRO G 162 -0.28 -4.24 33.30
N ALA G 163 -1.56 -4.10 32.98
CA ALA G 163 -1.97 -3.37 31.77
C ALA G 163 -1.56 -1.91 31.87
N LEU G 164 -0.62 -1.49 31.03
CA LEU G 164 -0.12 -0.13 31.07
C LEU G 164 -1.08 0.80 30.36
N ASN G 165 -1.60 1.80 31.08
CA ASN G 165 -2.48 2.83 30.53
C ASN G 165 -1.81 4.17 30.83
N VAL G 166 -0.88 4.56 29.96
CA VAL G 166 -0.03 5.71 30.19
C VAL G 166 -0.39 6.82 29.20
N THR G 167 -0.18 8.06 29.64
CA THR G 167 -0.53 9.24 28.88
C THR G 167 0.63 10.21 28.85
N MET G 168 0.80 10.89 27.71
CA MET G 168 1.82 11.92 27.58
C MET G 168 1.40 12.94 26.54
N PRO G 169 1.10 14.17 26.95
CA PRO G 169 0.57 15.17 26.02
C PRO G 169 1.68 15.85 25.22
N ASN G 170 1.25 16.69 24.29
CA ASN G 170 2.14 17.55 23.51
C ASN G 170 1.61 18.98 23.68
N ASN G 171 2.26 19.74 24.56
CA ASN G 171 1.87 21.12 24.79
C ASN G 171 2.60 22.11 23.90
N GLU G 172 3.67 21.68 23.26
CA GLU G 172 4.48 22.54 22.41
C GLU G 172 3.81 22.74 21.05
N GLN G 173 4.25 23.78 20.34
CA GLN G 173 3.63 24.17 19.09
C GLN G 173 4.05 23.31 17.90
N PHE G 174 5.00 22.40 18.08
CA PHE G 174 5.51 21.62 16.96
C PHE G 174 5.17 20.14 17.14
N ASP G 175 5.22 19.41 16.03
CA ASP G 175 4.83 18.01 16.03
C ASP G 175 5.87 17.14 16.72
N LYS G 176 5.40 16.16 17.47
CA LYS G 176 6.26 15.22 18.20
C LYS G 176 6.17 13.85 17.54
N LEU G 177 7.33 13.27 17.22
CA LEU G 177 7.41 11.96 16.57
C LEU G 177 7.97 10.94 17.55
N TYR G 178 7.13 10.02 17.99
CA TYR G 178 7.54 8.91 18.84
C TYR G 178 7.81 7.68 18.01
N ILE G 179 8.92 7.00 18.31
CA ILE G 179 9.31 5.78 17.61
C ILE G 179 9.26 4.64 18.61
N TRP G 180 8.43 3.65 18.34
CA TRP G 180 8.20 2.52 19.24
C TRP G 180 8.12 1.24 18.44
N GLY G 181 7.83 0.13 19.11
CA GLY G 181 7.71 -1.13 18.41
C GLY G 181 6.95 -2.16 19.21
N VAL G 182 6.91 -3.37 18.66
CA VAL G 182 6.30 -4.53 19.30
C VAL G 182 7.24 -5.71 19.13
N HIS G 183 7.32 -6.57 20.14
CA HIS G 183 8.17 -7.75 20.11
C HIS G 183 7.36 -8.96 19.64
N HIS G 184 7.97 -9.76 18.76
CA HIS G 184 7.38 -11.00 18.28
C HIS G 184 8.18 -12.16 18.84
N PRO G 185 7.79 -12.70 20.00
CA PRO G 185 8.52 -13.83 20.57
C PRO G 185 8.53 -15.03 19.63
N VAL G 186 9.62 -15.80 19.69
CA VAL G 186 9.78 -16.93 18.77
C VAL G 186 8.86 -18.07 19.15
N THR G 187 8.67 -18.32 20.45
CA THR G 187 7.88 -19.44 20.90
C THR G 187 6.99 -19.01 22.07
N ASP G 188 5.96 -19.82 22.33
CA ASP G 188 5.04 -19.54 23.42
C ASP G 188 5.76 -19.53 24.76
N LYS G 189 6.76 -20.40 24.93
CA LYS G 189 7.52 -20.42 26.17
C LYS G 189 8.30 -19.13 26.37
N ASP G 190 8.92 -18.61 25.30
CA ASP G 190 9.60 -17.33 25.38
C ASP G 190 8.61 -16.20 25.67
N GLN G 191 7.38 -16.32 25.17
CA GLN G 191 6.37 -15.30 25.41
C GLN G 191 6.01 -15.23 26.90
N ILE G 192 5.76 -16.37 27.52
CA ILE G 192 5.41 -16.39 28.94
C ILE G 192 6.60 -15.98 29.79
N PHE G 193 7.81 -16.39 29.39
CA PHE G 193 9.01 -16.04 30.14
C PHE G 193 9.19 -14.54 30.24
N LEU G 194 8.84 -13.80 29.18
CA LEU G 194 9.01 -12.35 29.19
C LEU G 194 7.86 -11.63 29.86
N TYR G 195 6.62 -12.06 29.58
CA TYR G 195 5.42 -11.39 30.08
C TYR G 195 4.47 -12.44 30.65
N ALA G 196 3.87 -12.12 31.79
CA ALA G 196 3.04 -13.09 32.50
C ALA G 196 1.86 -13.55 31.64
N GLN G 197 1.13 -12.59 31.08
CA GLN G 197 -0.01 -12.93 30.24
C GLN G 197 0.45 -13.67 28.99
N SER G 198 -0.47 -14.43 28.40
CA SER G 198 -0.14 -15.30 27.28
C SER G 198 -0.22 -14.58 25.93
N SER G 199 -1.24 -13.76 25.72
CA SER G 199 -1.44 -13.07 24.45
C SER G 199 -1.27 -11.57 24.65
N GLY G 200 -0.50 -10.94 23.76
CA GLY G 200 -0.23 -9.51 23.87
C GLY G 200 -1.18 -8.66 23.05
N ARG G 201 -1.32 -7.41 23.45
CA ARG G 201 -2.14 -6.44 22.76
C ARG G 201 -1.57 -5.05 22.99
N ILE G 202 -1.40 -4.29 21.90
CA ILE G 202 -0.83 -2.96 21.95
C ILE G 202 -1.71 -2.03 21.13
N THR G 203 -2.05 -0.87 21.68
CA THR G 203 -2.94 0.10 21.02
C THR G 203 -2.41 1.50 21.33
N VAL G 204 -1.61 2.03 20.41
CA VAL G 204 -1.08 3.38 20.51
C VAL G 204 -2.10 4.33 19.89
N SER G 205 -2.63 5.24 20.71
CA SER G 205 -3.74 6.09 20.29
C SER G 205 -3.36 7.57 20.38
N THR G 206 -4.08 8.37 19.62
CA THR G 206 -4.01 9.82 19.69
C THR G 206 -5.38 10.35 19.29
N LYS G 207 -5.62 11.63 19.55
CA LYS G 207 -6.93 12.19 19.25
C LYS G 207 -7.27 12.08 17.76
N ARG G 208 -6.26 12.10 16.90
CA ARG G 208 -6.50 12.06 15.46
C ARG G 208 -6.66 10.63 14.96
N SER G 209 -5.79 9.72 15.39
CA SER G 209 -5.74 8.38 14.83
C SER G 209 -5.46 7.36 15.92
N GLN G 210 -5.43 6.09 15.53
CA GLN G 210 -5.15 5.00 16.46
C GLN G 210 -4.46 3.88 15.70
N GLN G 211 -3.39 3.34 16.30
CA GLN G 211 -2.71 2.18 15.77
C GLN G 211 -2.85 1.02 16.74
N ALA G 212 -2.97 -0.20 16.20
CA ALA G 212 -3.11 -1.39 17.03
C ALA G 212 -2.40 -2.55 16.35
N VAL G 213 -1.59 -3.28 17.12
CA VAL G 213 -0.84 -4.41 16.60
C VAL G 213 -1.02 -5.59 17.53
N ILE G 214 -1.05 -6.79 16.95
CA ILE G 214 -1.11 -8.04 17.70
C ILE G 214 0.19 -8.79 17.44
N PRO G 215 0.88 -9.26 18.48
CA PRO G 215 2.10 -10.03 18.25
C PRO G 215 1.78 -11.37 17.63
N ASN G 216 2.57 -11.74 16.62
CA ASN G 216 2.43 -13.02 15.91
C ASN G 216 3.60 -13.89 16.32
N ILE G 217 3.31 -14.98 17.03
CA ILE G 217 4.33 -15.87 17.56
C ILE G 217 4.68 -16.91 16.50
N GLY G 218 5.96 -17.21 16.38
CA GLY G 218 6.40 -18.19 15.39
C GLY G 218 7.91 -18.15 15.26
N SER G 219 8.41 -19.17 14.57
CA SER G 219 9.85 -19.31 14.38
C SER G 219 10.34 -18.37 13.29
N ARG G 220 11.54 -17.83 13.47
CA ARG G 220 12.21 -16.98 12.50
C ARG G 220 13.66 -17.42 12.40
N PRO G 221 14.31 -17.20 11.26
CA PRO G 221 15.67 -17.71 11.08
C PRO G 221 16.64 -16.99 12.01
N ARG G 222 17.47 -17.78 12.69
CA ARG G 222 18.40 -17.24 13.66
C ARG G 222 19.36 -16.25 13.01
N ILE G 223 19.24 -14.98 13.38
CA ILE G 223 20.15 -13.93 12.95
C ILE G 223 20.72 -13.31 14.22
N ARG G 224 22.05 -13.30 14.32
CA ARG G 224 22.74 -12.96 15.57
C ARG G 224 22.26 -13.87 16.70
N ASP G 225 21.97 -15.13 16.36
CA ASP G 225 21.52 -16.19 17.27
C ASP G 225 20.19 -15.86 17.94
N ILE G 226 19.47 -14.84 17.47
CA ILE G 226 18.21 -14.43 18.06
C ILE G 226 17.10 -14.77 17.07
N PRO G 227 16.22 -15.73 17.38
CA PRO G 227 15.11 -16.05 16.50
C PRO G 227 13.87 -15.20 16.68
N SER G 228 13.85 -14.30 17.67
CA SER G 228 12.74 -13.39 17.82
C SER G 228 12.86 -12.23 16.83
N ARG G 229 11.76 -11.48 16.67
CA ARG G 229 11.73 -10.35 15.76
C ARG G 229 11.08 -9.17 16.46
N ILE G 230 11.20 -8.00 15.84
CA ILE G 230 10.60 -6.78 16.34
C ILE G 230 10.04 -5.99 15.17
N SER G 231 8.76 -5.64 15.25
CA SER G 231 8.13 -4.74 14.29
C SER G 231 8.11 -3.35 14.89
N ILE G 232 8.63 -2.37 14.15
CA ILE G 232 8.73 -0.99 14.60
C ILE G 232 7.66 -0.17 13.90
N TYR G 233 7.03 0.73 14.64
CA TYR G 233 6.06 1.66 14.09
C TYR G 233 6.39 3.07 14.56
N TRP G 234 5.71 4.05 13.98
CA TRP G 234 5.90 5.43 14.35
C TRP G 234 4.55 6.12 14.43
N THR G 235 4.44 7.07 15.35
CA THR G 235 3.22 7.84 15.53
C THR G 235 3.60 9.28 15.80
N ILE G 236 2.84 10.20 15.20
CA ILE G 236 3.07 11.63 15.33
C ILE G 236 1.97 12.22 16.20
N VAL G 237 2.35 13.05 17.17
CA VAL G 237 1.41 13.67 18.09
C VAL G 237 1.39 15.16 17.78
N LYS G 238 0.29 15.63 17.19
CA LYS G 238 0.15 17.04 16.85
C LYS G 238 0.03 17.89 18.11
N PRO G 239 0.28 19.20 18.00
CA PRO G 239 0.12 20.07 19.17
C PRO G 239 -1.31 20.06 19.68
N GLY G 240 -1.45 20.26 20.99
CA GLY G 240 -2.73 20.14 21.66
C GLY G 240 -3.29 18.73 21.72
N ASP G 241 -2.74 17.79 20.95
CA ASP G 241 -3.14 16.40 21.02
C ASP G 241 -2.38 15.72 22.15
N ILE G 242 -2.67 14.43 22.37
CA ILE G 242 -2.11 13.72 23.52
C ILE G 242 -1.90 12.26 23.13
N LEU G 243 -0.73 11.72 23.47
CA LEU G 243 -0.42 10.34 23.17
C LEU G 243 -0.98 9.43 24.26
N LEU G 244 -1.57 8.32 23.84
CA LEU G 244 -2.10 7.31 24.74
C LEU G 244 -1.53 5.96 24.34
N ILE G 245 -1.06 5.20 25.33
CA ILE G 245 -0.56 3.85 25.11
C ILE G 245 -1.27 2.93 26.09
N ASN G 246 -2.07 2.01 25.56
CA ASN G 246 -2.63 0.93 26.37
C ASN G 246 -2.12 -0.39 25.82
N SER G 247 -1.26 -1.04 26.59
CA SER G 247 -0.68 -2.32 26.23
C SER G 247 -0.87 -3.32 27.37
N THR G 248 -0.95 -4.59 27.01
CA THR G 248 -0.94 -5.67 27.97
C THR G 248 0.38 -6.42 28.02
N GLY G 249 1.25 -6.22 27.04
CA GLY G 249 2.50 -6.95 26.98
C GLY G 249 3.08 -6.84 25.59
N ASN G 250 4.28 -7.42 25.45
CA ASN G 250 5.06 -7.43 24.21
C ASN G 250 5.43 -6.02 23.75
N LEU G 251 5.25 -5.01 24.59
CA LEU G 251 5.52 -3.63 24.20
C LEU G 251 6.97 -3.28 24.50
N ILE G 252 7.67 -2.80 23.48
CA ILE G 252 8.99 -2.19 23.65
C ILE G 252 8.81 -0.68 23.50
N ALA G 253 8.32 -0.04 24.56
CA ALA G 253 7.89 1.35 24.50
C ALA G 253 9.09 2.28 24.30
N PRO G 254 8.85 3.51 23.84
CA PRO G 254 9.94 4.44 23.57
C PRO G 254 10.40 5.20 24.81
N ARG G 255 11.54 5.86 24.66
CA ARG G 255 12.06 6.75 25.69
C ARG G 255 11.81 8.22 25.38
N GLY G 256 11.05 8.53 24.33
CA GLY G 256 10.66 9.90 24.06
C GLY G 256 10.40 10.11 22.58
N TYR G 257 10.38 11.39 22.21
CA TYR G 257 9.98 11.85 20.89
C TYR G 257 11.13 12.58 20.19
N PHE G 258 11.09 12.58 18.85
CA PHE G 258 12.07 13.27 18.03
C PHE G 258 11.46 14.57 17.50
N LYS G 259 12.20 15.67 17.64
CA LYS G 259 11.73 16.96 17.18
C LYS G 259 11.73 17.00 15.65
N ILE G 260 10.56 17.17 15.06
CA ILE G 260 10.40 17.16 13.61
C ILE G 260 10.40 18.59 13.11
N ARG G 261 11.28 18.89 12.17
CA ARG G 261 11.26 20.13 11.40
C ARG G 261 11.11 19.78 9.93
N SER G 262 10.27 20.53 9.22
CA SER G 262 10.11 20.34 7.78
C SER G 262 11.23 21.09 7.08
N GLY G 263 12.18 20.35 6.52
CA GLY G 263 13.40 20.95 6.01
C GLY G 263 13.81 20.50 4.63
N LYS G 264 14.95 20.99 4.17
CA LYS G 264 15.48 20.72 2.83
C LYS G 264 16.33 19.47 2.78
N SER G 265 16.50 18.77 3.89
CA SER G 265 17.45 17.66 3.93
C SER G 265 16.93 16.46 3.15
N SER G 266 17.86 15.58 2.80
CA SER G 266 17.55 14.37 2.04
C SER G 266 18.60 13.30 2.37
N ILE G 267 18.61 12.23 1.59
CA ILE G 267 19.50 11.11 1.79
C ILE G 267 20.02 10.65 0.43
N MET G 268 21.18 9.98 0.45
CA MET G 268 21.81 9.53 -0.77
C MET G 268 22.60 8.26 -0.50
N ARG G 269 22.32 7.20 -1.27
CA ARG G 269 23.08 5.98 -1.19
C ARG G 269 24.33 6.09 -2.06
N SER G 270 25.50 6.05 -1.43
CA SER G 270 26.75 6.25 -2.16
C SER G 270 27.89 5.58 -1.41
N ASP G 271 28.92 5.21 -2.16
CA ASP G 271 30.18 4.72 -1.60
C ASP G 271 31.30 5.72 -1.81
N ALA G 272 30.97 6.96 -2.13
CA ALA G 272 31.97 7.97 -2.43
C ALA G 272 32.62 8.49 -1.15
N PRO G 273 33.89 8.88 -1.20
CA PRO G 273 34.52 9.55 -0.08
C PRO G 273 34.14 11.03 -0.02
N ILE G 274 34.56 11.68 1.04
CA ILE G 274 34.29 13.10 1.26
C ILE G 274 35.62 13.82 1.45
N GLY G 275 35.76 14.98 0.79
CA GLY G 275 36.94 15.80 0.92
C GLY G 275 36.56 17.23 1.30
N LYS G 276 37.60 18.04 1.47
CA LYS G 276 37.42 19.46 1.81
C LYS G 276 37.37 20.26 0.51
N CYS G 277 36.16 20.64 0.11
CA CYS G 277 35.93 21.42 -1.11
C CYS G 277 34.51 21.96 -1.07
N LYS G 278 34.23 22.90 -1.97
CA LYS G 278 32.92 23.53 -2.08
C LYS G 278 32.36 23.27 -3.47
N SER G 279 31.32 22.45 -3.54
CA SER G 279 30.63 22.17 -4.80
C SER G 279 29.15 21.99 -4.51
N GLU G 280 28.31 22.77 -5.19
CA GLU G 280 26.89 22.81 -4.89
C GLU G 280 26.15 21.53 -5.26
N CYS G 281 26.78 20.61 -5.98
CA CYS G 281 26.14 19.37 -6.40
C CYS G 281 26.78 18.16 -5.74
N ILE G 282 25.95 17.14 -5.54
CA ILE G 282 26.36 15.87 -4.97
C ILE G 282 25.60 14.76 -5.67
N THR G 283 26.33 13.79 -6.21
CA THR G 283 25.77 12.62 -6.86
C THR G 283 26.45 11.39 -6.28
N PRO G 284 25.83 10.20 -6.41
CA PRO G 284 26.47 8.98 -5.90
C PRO G 284 27.84 8.72 -6.50
N ASN G 285 28.04 9.05 -7.78
CA ASN G 285 29.38 8.94 -8.36
C ASN G 285 30.35 9.91 -7.70
N GLY G 286 29.85 11.03 -7.22
CA GLY G 286 30.69 12.05 -6.64
C GLY G 286 30.05 13.41 -6.86
N SER G 287 30.82 14.45 -6.52
CA SER G 287 30.34 15.81 -6.70
C SER G 287 30.73 16.33 -8.08
N ILE G 288 29.85 17.13 -8.66
CA ILE G 288 30.06 17.69 -9.99
C ILE G 288 29.87 19.20 -9.91
N PRO G 289 30.39 19.94 -10.91
CA PRO G 289 30.16 21.39 -10.94
C PRO G 289 28.89 21.76 -11.70
N ASN G 290 28.21 22.78 -11.18
CA ASN G 290 26.92 23.23 -11.72
C ASN G 290 27.06 24.25 -12.84
N ASP G 291 28.14 24.20 -13.62
CA ASP G 291 28.33 25.17 -14.69
C ASP G 291 27.47 24.80 -15.90
N LYS G 292 27.76 23.66 -16.54
CA LYS G 292 26.96 23.23 -17.68
C LYS G 292 25.52 22.97 -17.22
N PRO G 293 24.53 23.26 -18.04
CA PRO G 293 23.14 23.04 -17.64
C PRO G 293 22.63 21.62 -17.83
N PHE G 294 23.46 20.71 -18.35
CA PHE G 294 23.07 19.32 -18.52
C PHE G 294 24.17 18.42 -17.98
N GLN G 295 23.76 17.29 -17.39
CA GLN G 295 24.70 16.34 -16.84
C GLN G 295 24.38 14.94 -17.37
N ASN G 296 25.40 14.08 -17.35
CA ASN G 296 25.29 12.70 -17.78
C ASN G 296 25.64 11.71 -16.69
N VAL G 297 26.16 12.19 -15.55
CA VAL G 297 26.68 11.35 -14.47
C VAL G 297 25.62 10.39 -13.94
N ASN G 298 24.60 10.93 -13.26
CA ASN G 298 23.70 10.07 -12.51
C ASN G 298 22.28 10.63 -12.53
N ARG G 299 21.31 9.71 -12.41
CA ARG G 299 19.93 10.12 -12.22
C ARG G 299 19.75 10.87 -10.91
N ILE G 300 20.52 10.52 -9.89
CA ILE G 300 20.33 11.04 -8.53
C ILE G 300 21.16 12.30 -8.37
N THR G 301 20.51 13.39 -7.98
CA THR G 301 21.16 14.67 -7.74
C THR G 301 20.71 15.21 -6.38
N TYR G 302 21.44 16.21 -5.90
CA TYR G 302 21.06 16.94 -4.69
C TYR G 302 21.68 18.32 -4.75
N GLY G 303 20.85 19.35 -4.75
CA GLY G 303 21.31 20.71 -4.82
C GLY G 303 21.09 21.34 -6.19
N ALA G 304 21.81 22.43 -6.44
CA ALA G 304 21.71 23.19 -7.68
C ALA G 304 22.43 22.43 -8.79
N CYS G 305 21.72 21.47 -9.37
CA CYS G 305 22.36 20.55 -10.30
C CYS G 305 21.72 20.61 -11.69
N PRO G 306 22.51 20.28 -12.72
CA PRO G 306 21.95 20.14 -14.06
C PRO G 306 21.03 18.94 -14.14
N ARG G 307 20.25 18.91 -15.21
CA ARG G 307 19.25 17.86 -15.39
C ARG G 307 19.84 16.69 -16.15
N TYR G 308 19.48 15.48 -15.71
CA TYR G 308 20.03 14.27 -16.32
C TYR G 308 19.50 14.09 -17.73
N VAL G 309 20.40 13.91 -18.68
CA VAL G 309 20.07 13.66 -20.08
C VAL G 309 20.77 12.40 -20.52
N LYS G 310 20.09 11.62 -21.37
CA LYS G 310 20.71 10.41 -21.90
C LYS G 310 21.91 10.73 -22.78
N GLN G 311 21.88 11.86 -23.47
CA GLN G 311 22.95 12.21 -24.39
C GLN G 311 24.29 12.30 -23.68
N SER G 312 25.31 11.68 -24.28
CA SER G 312 26.65 11.69 -23.70
C SER G 312 27.38 13.00 -23.93
N THR G 313 27.00 13.76 -24.96
CA THR G 313 27.63 15.04 -25.26
C THR G 313 26.74 15.84 -26.19
N LEU G 314 26.72 17.16 -26.01
CA LEU G 314 25.95 18.07 -26.85
C LEU G 314 26.82 19.28 -27.15
N LYS G 315 27.32 19.37 -28.39
CA LYS G 315 28.20 20.46 -28.80
C LYS G 315 27.35 21.68 -29.18
N LEU G 316 27.53 22.76 -28.43
CA LEU G 316 26.88 24.03 -28.73
C LEU G 316 27.81 24.90 -29.55
N ALA G 317 27.32 25.37 -30.71
CA ALA G 317 28.13 26.21 -31.56
C ALA G 317 28.32 27.58 -30.91
N THR G 318 29.58 28.00 -30.79
CA THR G 318 29.92 29.33 -30.30
C THR G 318 30.63 30.19 -31.33
N GLY G 319 31.08 29.61 -32.44
CA GLY G 319 31.65 30.38 -33.54
C GLY G 319 30.80 30.23 -34.78
N MET G 320 31.34 30.62 -35.93
CA MET G 320 30.62 30.50 -37.20
C MET G 320 31.07 29.24 -37.92
N ARG G 321 30.49 29.01 -39.11
CA ARG G 321 30.90 27.89 -39.93
C ARG G 321 32.35 28.07 -40.37
N ASN G 322 33.16 27.06 -40.11
CA ASN G 322 34.58 27.11 -40.43
C ASN G 322 34.79 26.61 -41.86
N VAL G 323 35.39 27.46 -42.69
CA VAL G 323 35.63 27.13 -44.09
C VAL G 323 37.10 27.33 -44.43
N PRO G 324 37.88 26.27 -44.55
CA PRO G 324 39.31 26.42 -44.85
C PRO G 324 39.54 26.82 -46.30
N GLU G 325 40.76 27.30 -46.56
CA GLU G 325 41.14 27.74 -47.89
C GLU G 325 41.64 26.59 -48.75
N GLY G 337 37.78 36.50 -51.86
CA GLY G 337 36.66 36.92 -51.04
C GLY G 337 36.26 35.89 -50.00
N PHE G 338 34.98 35.89 -49.63
CA PHE G 338 34.46 34.96 -48.64
C PHE G 338 33.63 33.84 -49.23
N ILE G 339 33.09 34.02 -50.43
CA ILE G 339 32.15 33.06 -51.00
C ILE G 339 32.78 31.67 -51.09
N GLU G 340 34.02 31.61 -51.58
CA GLU G 340 34.71 30.32 -51.64
C GLU G 340 35.14 29.87 -50.24
N ASN G 341 35.91 30.70 -49.54
CA ASN G 341 36.47 30.31 -48.26
C ASN G 341 36.78 31.54 -47.42
N GLY G 342 36.97 31.30 -46.13
CA GLY G 342 37.43 32.34 -45.23
C GLY G 342 38.94 32.36 -45.11
N TRP G 343 39.45 33.45 -44.54
CA TRP G 343 40.89 33.67 -44.43
C TRP G 343 41.40 33.12 -43.12
N GLU G 344 42.31 32.14 -43.19
CA GLU G 344 42.86 31.56 -41.97
C GLU G 344 43.82 32.51 -41.27
N GLY G 345 44.48 33.39 -42.03
CA GLY G 345 45.49 34.26 -41.44
C GLY G 345 44.92 35.29 -40.49
N MET G 346 43.68 35.72 -40.72
CA MET G 346 43.07 36.73 -39.86
C MET G 346 42.93 36.20 -38.44
N VAL G 347 43.28 37.02 -37.46
CA VAL G 347 43.32 36.59 -36.07
C VAL G 347 42.76 37.65 -35.15
N ASP G 348 43.15 38.92 -35.38
CA ASP G 348 42.75 40.00 -34.48
C ASP G 348 41.24 40.20 -34.44
N GLY G 349 40.52 39.82 -35.49
CA GLY G 349 39.07 39.93 -35.52
C GLY G 349 38.42 38.76 -36.22
N TRP G 350 37.10 38.81 -36.39
CA TRP G 350 36.35 37.77 -37.07
C TRP G 350 36.03 38.12 -38.52
N TYR G 351 35.64 39.36 -38.79
CA TYR G 351 35.37 39.83 -40.14
C TYR G 351 36.35 40.93 -40.49
N GLY G 352 36.65 41.08 -41.78
CA GLY G 352 37.61 42.08 -42.17
C GLY G 352 37.70 42.24 -43.67
N PHE G 353 38.59 43.13 -44.08
CA PHE G 353 38.82 43.48 -45.48
C PHE G 353 40.23 43.10 -45.89
N ARG G 354 40.36 42.43 -47.04
CA ARG G 354 41.64 42.24 -47.71
C ARG G 354 41.61 43.03 -49.00
N HIS G 355 42.59 43.93 -49.18
CA HIS G 355 42.58 44.87 -50.29
C HIS G 355 43.89 44.80 -51.06
N GLN G 356 43.82 45.16 -52.34
CA GLN G 356 44.99 45.21 -53.21
C GLN G 356 44.83 46.40 -54.15
N ASN G 357 45.69 47.41 -54.00
CA ASN G 357 45.69 48.55 -54.89
C ASN G 357 47.04 48.67 -55.59
N SER G 358 47.36 49.84 -56.13
CA SER G 358 48.68 50.07 -56.70
C SER G 358 49.75 50.02 -55.62
N GLU G 359 49.43 50.46 -54.40
CA GLU G 359 50.38 50.41 -53.30
C GLU G 359 50.67 48.99 -52.84
N GLY G 360 49.92 47.99 -53.29
CA GLY G 360 50.17 46.62 -52.92
C GLY G 360 48.98 45.95 -52.24
N ARG G 361 49.23 44.83 -51.57
CA ARG G 361 48.19 44.09 -50.88
C ARG G 361 48.09 44.54 -49.42
N GLY G 362 47.12 43.98 -48.70
CA GLY G 362 46.91 44.34 -47.32
C GLY G 362 45.65 43.70 -46.78
N GLN G 363 45.51 43.78 -45.46
CA GLN G 363 44.37 43.18 -44.77
C GLN G 363 44.18 43.90 -43.44
N ALA G 364 42.92 44.15 -43.10
CA ALA G 364 42.58 44.82 -41.85
C ALA G 364 41.24 44.29 -41.35
N ALA G 365 41.16 44.07 -40.04
CA ALA G 365 39.96 43.50 -39.44
C ALA G 365 38.89 44.57 -39.23
N ASP G 366 37.67 44.12 -38.99
CA ASP G 366 36.52 44.98 -38.70
C ASP G 366 35.98 44.57 -37.33
N LEU G 367 36.45 45.26 -36.28
CA LEU G 367 36.05 44.91 -34.93
C LEU G 367 34.58 45.25 -34.67
N LYS G 368 34.04 46.26 -35.37
CA LYS G 368 32.69 46.73 -35.08
C LYS G 368 31.66 45.63 -35.29
N SER G 369 31.74 44.93 -36.42
CA SER G 369 30.80 43.84 -36.67
C SER G 369 31.20 42.56 -35.94
N THR G 370 32.50 42.32 -35.79
CA THR G 370 32.95 41.15 -35.04
C THR G 370 32.39 41.16 -33.62
N GLN G 371 32.49 42.31 -32.95
CA GLN G 371 31.95 42.42 -31.59
C GLN G 371 30.44 42.25 -31.58
N ALA G 372 29.76 42.66 -32.66
CA ALA G 372 28.32 42.49 -32.74
C ALA G 372 27.93 41.01 -32.79
N ALA G 373 28.82 40.15 -33.28
CA ALA G 373 28.55 38.72 -33.24
C ALA G 373 28.81 38.15 -31.85
N ILE G 374 29.90 38.58 -31.21
CA ILE G 374 30.20 38.11 -29.86
C ILE G 374 29.13 38.55 -28.88
N ASP G 375 28.52 39.72 -29.11
CA ASP G 375 27.50 40.22 -28.21
C ASP G 375 26.24 39.37 -28.25
N GLN G 376 25.97 38.71 -29.38
CA GLN G 376 24.81 37.83 -29.46
C GLN G 376 25.14 36.44 -28.92
N ILE G 377 26.33 35.95 -29.19
CA ILE G 377 26.78 34.66 -28.67
C ILE G 377 26.87 34.78 -27.16
N ASN G 378 27.90 35.48 -26.66
CA ASN G 378 27.93 35.84 -25.25
C ASN G 378 26.70 36.68 -24.93
N GLY G 379 25.68 36.03 -24.38
CA GLY G 379 24.35 36.60 -24.26
C GLY G 379 23.36 35.47 -24.36
N LYS G 380 23.67 34.52 -25.27
CA LYS G 380 23.03 33.23 -25.25
C LYS G 380 23.72 32.28 -24.26
N LEU G 381 25.02 32.51 -24.00
CA LEU G 381 25.72 31.72 -23.00
C LEU G 381 25.16 31.97 -21.59
N ASN G 382 25.01 33.24 -21.22
CA ASN G 382 24.52 33.54 -19.88
C ASN G 382 23.05 33.23 -19.69
N ARG G 383 22.32 32.90 -20.77
CA ARG G 383 20.99 32.34 -20.59
C ARG G 383 21.03 30.87 -20.23
N LEU G 384 22.11 30.17 -20.59
CA LEU G 384 22.22 28.72 -20.41
C LEU G 384 23.26 28.32 -19.38
N ILE G 385 24.42 28.96 -19.35
CA ILE G 385 25.47 28.61 -18.39
C ILE G 385 25.10 29.19 -17.03
N GLY G 386 25.04 28.31 -16.02
CA GLY G 386 24.66 28.73 -14.69
C GLY G 386 23.17 28.86 -14.46
N LYS G 387 22.34 28.32 -15.35
CA LYS G 387 20.89 28.41 -15.21
C LYS G 387 20.37 27.56 -14.05
N THR G 388 21.15 26.57 -13.61
CA THR G 388 20.69 25.51 -12.72
C THR G 388 19.80 26.00 -11.58
N ASN G 389 18.62 25.41 -11.49
CA ASN G 389 17.70 25.62 -10.37
C ASN G 389 17.86 24.47 -9.39
N GLU G 390 18.05 24.79 -8.12
CA GLU G 390 18.28 23.76 -7.12
C GLU G 390 16.98 23.07 -6.75
N LYS G 391 17.08 21.76 -6.54
CA LYS G 391 15.95 20.95 -6.09
C LYS G 391 16.50 19.81 -5.25
N PHE G 392 15.71 19.34 -4.30
CA PHE G 392 16.21 18.31 -3.40
C PHE G 392 15.11 17.33 -3.01
N HIS G 393 15.54 16.23 -2.41
CA HIS G 393 14.71 15.10 -1.98
C HIS G 393 13.71 14.69 -3.07
N GLN G 394 14.28 14.31 -4.21
CA GLN G 394 13.50 13.57 -5.19
C GLN G 394 13.34 12.12 -4.72
N ILE G 395 12.26 11.48 -5.15
CA ILE G 395 11.97 10.10 -4.78
C ILE G 395 13.13 9.20 -5.16
N GLU G 396 13.28 8.09 -4.44
CA GLU G 396 14.29 7.10 -4.78
C GLU G 396 14.15 6.66 -6.23
N LYS G 397 15.22 6.88 -7.00
CA LYS G 397 15.23 6.50 -8.42
C LYS G 397 15.86 5.14 -8.67
N GLU G 398 16.39 4.49 -7.63
CA GLU G 398 17.00 3.16 -7.75
C GLU G 398 16.46 2.27 -6.65
N PHE G 399 16.43 0.97 -6.92
CA PHE G 399 15.81 0.00 -6.02
C PHE G 399 16.61 -1.30 -6.01
N SER G 400 16.51 -2.01 -4.88
CA SER G 400 17.26 -3.24 -4.67
C SER G 400 16.39 -4.49 -4.66
N GLU G 401 15.19 -4.42 -4.08
CA GLU G 401 14.30 -5.57 -4.03
C GLU G 401 13.19 -5.44 -5.08
N VAL G 402 12.31 -6.42 -5.10
CA VAL G 402 11.18 -6.46 -6.02
C VAL G 402 9.93 -6.06 -5.24
N GLU G 403 9.36 -4.90 -5.57
CA GLU G 403 8.20 -4.39 -4.86
C GLU G 403 6.90 -4.51 -5.66
N GLY G 404 6.98 -4.40 -6.99
CA GLY G 404 5.79 -4.55 -7.80
C GLY G 404 5.21 -3.25 -8.31
N ARG G 405 4.00 -2.91 -7.85
CA ARG G 405 3.22 -1.85 -8.48
C ARG G 405 3.88 -0.49 -8.32
N ILE G 406 4.18 -0.10 -7.08
CA ILE G 406 4.72 1.24 -6.83
C ILE G 406 6.06 1.42 -7.54
N GLN G 407 6.94 0.43 -7.41
CA GLN G 407 8.27 0.52 -8.04
C GLN G 407 8.15 0.68 -9.55
N ASP G 408 7.21 -0.05 -10.17
CA ASP G 408 6.96 0.14 -11.60
C ASP G 408 6.63 1.58 -11.92
N LEU G 409 5.87 2.24 -11.05
CA LEU G 409 5.47 3.62 -11.29
C LEU G 409 6.59 4.60 -10.98
N GLU G 410 7.25 4.43 -9.83
CA GLU G 410 8.36 5.31 -9.47
C GLU G 410 9.43 5.33 -10.55
N LYS G 411 9.68 4.19 -11.19
CA LYS G 411 10.61 4.15 -12.32
C LYS G 411 10.03 4.88 -13.52
N TYR G 412 8.76 4.61 -13.85
CA TYR G 412 8.18 5.17 -15.06
C TYR G 412 8.11 6.69 -15.02
N VAL G 413 7.98 7.27 -13.83
CA VAL G 413 7.96 8.72 -13.72
C VAL G 413 9.33 9.31 -14.03
N GLU G 414 10.35 8.93 -13.23
CA GLU G 414 11.69 9.46 -13.45
C GLU G 414 12.23 9.09 -14.82
N ASP G 415 11.79 7.96 -15.38
CA ASP G 415 12.22 7.60 -16.73
C ASP G 415 11.59 8.53 -17.76
N THR G 416 10.26 8.57 -17.83
CA THR G 416 9.59 9.42 -18.80
C THR G 416 9.92 10.90 -18.61
N LYS G 417 10.39 11.28 -17.42
CA LYS G 417 10.91 12.63 -17.23
C LYS G 417 12.22 12.82 -17.99
N ILE G 418 13.16 11.89 -17.81
CA ILE G 418 14.45 11.97 -18.48
C ILE G 418 14.27 12.06 -19.99
N ASP G 419 13.33 11.27 -20.53
CA ASP G 419 13.03 11.34 -21.96
C ASP G 419 12.68 12.77 -22.36
N LEU G 420 11.69 13.36 -21.71
CA LEU G 420 11.19 14.67 -22.12
C LEU G 420 12.26 15.74 -21.98
N TRP G 421 13.10 15.64 -20.95
CA TRP G 421 14.20 16.60 -20.84
C TRP G 421 15.27 16.34 -21.90
N SER G 422 15.48 15.08 -22.26
CA SER G 422 16.46 14.78 -23.30
C SER G 422 16.02 15.35 -24.65
N TYR G 423 14.73 15.20 -25.00
CA TYR G 423 14.24 15.76 -26.25
C TYR G 423 14.37 17.27 -26.25
N ASN G 424 13.94 17.92 -25.16
CA ASN G 424 14.02 19.37 -25.08
C ASN G 424 15.46 19.86 -25.21
N ALA G 425 16.43 19.06 -24.77
CA ALA G 425 17.82 19.46 -24.87
C ALA G 425 18.33 19.34 -26.30
N GLU G 426 18.08 18.21 -26.94
CA GLU G 426 18.50 18.01 -28.33
C GLU G 426 17.94 19.11 -29.22
N LEU G 427 16.63 19.37 -29.10
CA LEU G 427 16.00 20.41 -29.91
C LEU G 427 16.60 21.77 -29.65
N LEU G 428 16.94 22.06 -28.39
CA LEU G 428 17.49 23.36 -28.05
C LEU G 428 18.85 23.58 -28.72
N VAL G 429 19.70 22.54 -28.71
CA VAL G 429 21.01 22.66 -29.34
C VAL G 429 20.85 22.89 -30.84
N ALA G 430 20.09 22.03 -31.51
CA ALA G 430 19.92 22.14 -32.95
C ALA G 430 19.26 23.46 -33.35
N LEU G 431 18.34 23.78 -32.50
CA LEU G 431 17.66 25.02 -32.79
C LEU G 431 18.67 26.07 -32.47
N GLU G 432 19.30 25.90 -31.33
CA GLU G 432 20.25 26.93 -30.92
C GLU G 432 21.40 27.05 -31.88
N ASN G 433 21.91 25.97 -32.41
CA ASN G 433 23.00 26.19 -33.35
C ASN G 433 22.45 26.84 -34.60
N GLN G 434 21.52 26.14 -35.29
CA GLN G 434 21.00 26.61 -36.57
C GLN G 434 20.81 28.12 -36.55
N HIS G 435 20.54 28.70 -35.38
CA HIS G 435 20.41 30.15 -35.28
C HIS G 435 21.78 30.81 -35.16
N THR G 436 22.69 30.22 -34.37
CA THR G 436 24.02 30.78 -34.24
C THR G 436 24.71 30.90 -35.59
N ILE G 437 24.57 29.89 -36.44
CA ILE G 437 25.13 29.94 -37.78
C ILE G 437 24.57 31.13 -38.57
N ASP G 438 23.26 31.36 -38.45
CA ASP G 438 22.62 32.38 -39.28
C ASP G 438 23.01 33.78 -38.85
N LEU G 439 23.18 34.01 -37.54
CA LEU G 439 23.55 35.35 -37.09
C LEU G 439 24.95 35.71 -37.55
N THR G 440 25.87 34.74 -37.56
CA THR G 440 27.23 35.01 -37.98
C THR G 440 27.31 35.26 -39.47
N ASP G 441 26.62 34.42 -40.26
CA ASP G 441 26.59 34.62 -41.71
C ASP G 441 25.94 35.95 -42.06
N SER G 442 24.84 36.29 -41.38
CA SER G 442 24.13 37.52 -41.70
C SER G 442 24.95 38.74 -41.34
N GLU G 443 25.68 38.69 -40.23
CA GLU G 443 26.50 39.83 -39.83
C GLU G 443 27.55 40.14 -40.88
N MET G 444 28.09 39.11 -41.52
CA MET G 444 28.98 39.33 -42.66
C MET G 444 28.24 39.87 -43.86
N ASN G 445 27.07 39.29 -44.15
CA ASN G 445 26.24 39.77 -45.24
C ASN G 445 25.85 41.23 -45.05
N LYS G 446 25.69 41.68 -43.81
CA LYS G 446 25.42 43.09 -43.56
C LYS G 446 26.64 43.94 -43.87
N LEU G 447 27.84 43.48 -43.49
CA LEU G 447 29.05 44.22 -43.79
C LEU G 447 29.26 44.41 -45.28
N PHE G 448 28.98 43.37 -46.07
CA PHE G 448 29.07 43.47 -47.52
C PHE G 448 28.11 44.53 -48.05
N GLU G 449 26.86 44.50 -47.59
CA GLU G 449 25.87 45.46 -48.06
C GLU G 449 26.20 46.87 -47.57
N LYS G 450 26.66 47.00 -46.32
CA LYS G 450 27.06 48.30 -45.80
C LYS G 450 28.14 48.94 -46.68
N THR G 451 29.07 48.11 -47.17
CA THR G 451 30.12 48.63 -48.04
C THR G 451 29.57 48.99 -49.41
N LYS G 452 28.71 48.13 -49.99
CA LYS G 452 28.21 48.38 -51.33
C LYS G 452 27.36 49.65 -51.39
N LYS G 453 26.40 49.78 -50.47
CA LYS G 453 25.57 50.99 -50.43
C LYS G 453 26.41 52.23 -50.16
N GLN G 454 27.60 52.07 -49.60
CA GLN G 454 28.49 53.20 -49.35
C GLN G 454 29.23 53.61 -50.62
N LEU G 455 29.59 52.64 -51.47
CA LEU G 455 30.34 52.93 -52.68
C LEU G 455 29.48 53.50 -53.79
N ARG G 456 28.15 53.30 -53.73
CA ARG G 456 27.20 53.80 -54.73
C ARG G 456 27.60 53.24 -56.09
N GLU G 457 27.84 54.07 -57.10
CA GLU G 457 28.19 53.60 -58.44
C GLU G 457 29.66 53.81 -58.77
N ASN G 458 30.52 53.77 -57.75
CA ASN G 458 31.96 53.93 -57.94
C ASN G 458 32.71 52.60 -57.93
N ALA G 459 31.99 51.49 -57.97
CA ALA G 459 32.59 50.16 -57.99
C ALA G 459 31.52 49.17 -58.42
N GLU G 460 31.92 47.90 -58.56
CA GLU G 460 31.01 46.84 -59.01
C GLU G 460 31.20 45.60 -58.15
N ASP G 461 30.12 44.84 -58.01
CA ASP G 461 30.16 43.56 -57.30
C ASP G 461 30.70 42.50 -58.24
N MET G 462 31.95 42.07 -58.00
CA MET G 462 32.55 41.07 -58.86
C MET G 462 31.87 39.71 -58.74
N GLY G 463 31.14 39.47 -57.66
CA GLY G 463 30.49 38.21 -57.42
C GLY G 463 31.24 37.26 -56.52
N ASN G 464 32.56 37.40 -56.42
CA ASN G 464 33.36 36.60 -55.52
C ASN G 464 33.36 37.14 -54.08
N GLY G 465 32.26 37.74 -53.64
CA GLY G 465 32.26 38.49 -52.39
C GLY G 465 33.30 39.59 -52.36
N CYS G 466 33.60 40.19 -53.51
CA CYS G 466 34.73 41.09 -53.64
C CYS G 466 34.34 42.24 -54.56
N PHE G 467 34.84 43.43 -54.24
CA PHE G 467 34.53 44.63 -55.01
C PHE G 467 35.70 45.00 -55.91
N LYS G 468 35.38 45.53 -57.10
CA LYS G 468 36.38 46.07 -58.02
C LYS G 468 36.22 47.58 -58.05
N ILE G 469 37.09 48.28 -57.33
CA ILE G 469 37.05 49.74 -57.28
C ILE G 469 37.62 50.28 -58.59
N TYR G 470 36.85 51.14 -59.26
CA TYR G 470 37.22 51.65 -60.58
C TYR G 470 37.89 53.02 -60.49
N HIS G 471 38.73 53.24 -59.49
CA HIS G 471 39.57 54.42 -59.44
C HIS G 471 40.80 54.09 -58.59
N LYS G 472 41.83 54.92 -58.74
CA LYS G 472 43.05 54.75 -57.96
C LYS G 472 42.74 55.04 -56.49
N CYS G 473 42.74 54.02 -55.66
CA CYS G 473 42.46 54.15 -54.24
C CYS G 473 43.74 53.87 -53.45
N ASP G 474 44.16 54.87 -52.67
CA ASP G 474 45.31 54.71 -51.78
C ASP G 474 44.89 53.91 -50.55
N ASN G 475 45.78 53.82 -49.56
CA ASN G 475 45.37 53.24 -48.29
C ASN G 475 44.53 54.20 -47.47
N ALA G 476 44.55 55.50 -47.81
CA ALA G 476 43.73 56.47 -47.12
C ALA G 476 42.25 56.25 -47.42
N CYS G 477 41.90 56.16 -48.69
CA CYS G 477 40.50 55.97 -49.08
C CYS G 477 39.96 54.63 -48.61
N ILE G 478 40.81 53.59 -48.58
CA ILE G 478 40.37 52.31 -48.05
C ILE G 478 40.03 52.44 -46.56
N GLY G 479 40.84 53.21 -45.84
CA GLY G 479 40.50 53.52 -44.46
C GLY G 479 39.20 54.30 -44.34
N SER G 480 38.92 55.17 -45.31
CA SER G 480 37.65 55.89 -45.33
C SER G 480 36.47 54.94 -45.54
N ILE G 481 36.70 53.83 -46.22
CA ILE G 481 35.64 52.84 -46.41
C ILE G 481 35.39 52.08 -45.11
N ARG G 482 36.45 51.59 -44.48
CA ARG G 482 36.29 50.75 -43.29
C ARG G 482 35.78 51.56 -42.11
N ASN G 483 36.29 52.77 -41.91
CA ASN G 483 35.83 53.60 -40.79
C ASN G 483 34.55 54.38 -41.12
N GLY G 484 34.05 54.27 -42.36
CA GLY G 484 32.75 54.77 -42.71
C GLY G 484 32.70 56.19 -43.22
N THR G 485 33.83 56.76 -43.66
CA THR G 485 33.88 58.15 -44.10
C THR G 485 34.15 58.28 -45.59
N TYR G 486 33.99 57.20 -46.35
CA TYR G 486 34.25 57.24 -47.79
C TYR G 486 33.21 58.11 -48.50
N ASP G 487 33.68 59.21 -49.09
CA ASP G 487 32.84 60.07 -49.91
C ASP G 487 32.93 59.57 -51.35
N HIS G 488 31.83 59.02 -51.87
CA HIS G 488 31.82 58.58 -53.26
C HIS G 488 31.80 59.77 -54.21
N ASP G 489 31.28 60.92 -53.76
CA ASP G 489 31.03 62.04 -54.65
C ASP G 489 32.32 62.59 -55.24
N VAL G 490 33.43 62.54 -54.49
CA VAL G 490 34.67 63.11 -54.99
C VAL G 490 35.27 62.23 -56.08
N TYR G 491 35.27 60.91 -55.88
CA TYR G 491 35.83 60.00 -56.87
C TYR G 491 34.88 59.70 -58.01
N ARG G 492 33.62 60.11 -57.92
CA ARG G 492 32.60 59.69 -58.87
C ARG G 492 33.01 59.98 -60.31
N ASP G 493 33.41 61.22 -60.59
CA ASP G 493 33.83 61.59 -61.95
C ASP G 493 34.94 60.68 -62.44
N GLU G 494 35.92 60.38 -61.58
CA GLU G 494 37.05 59.56 -61.98
C GLU G 494 36.61 58.12 -62.26
N ALA G 495 35.74 57.58 -61.43
CA ALA G 495 35.35 56.17 -61.56
C ALA G 495 34.47 55.95 -62.78
N LEU G 496 33.51 56.85 -63.01
CA LEU G 496 32.61 56.68 -64.15
C LEU G 496 33.37 56.70 -65.47
N ASN G 497 34.46 57.46 -65.55
CA ASN G 497 35.26 57.49 -66.76
C ASN G 497 35.91 56.14 -67.04
N ASN G 498 36.53 55.56 -66.01
CA ASN G 498 37.19 54.26 -66.18
C ASN G 498 36.17 53.15 -66.41
N ARG G 499 34.94 53.31 -65.92
CA ARG G 499 33.97 52.23 -65.96
C ARG G 499 33.44 52.00 -67.36
N PHE G 500 33.33 53.05 -68.17
CA PHE G 500 32.67 52.99 -69.47
C PHE G 500 33.63 53.46 -70.56
N GLN G 501 34.09 52.52 -71.37
CA GLN G 501 34.95 52.83 -72.51
C GLN G 501 34.98 51.67 -73.50
N GLN H 1 -5.28 13.80 40.37
CA GLN H 1 -4.75 13.20 41.60
C GLN H 1 -3.22 13.23 41.60
N VAL H 2 -2.64 14.37 41.24
CA VAL H 2 -1.20 14.55 41.23
C VAL H 2 -0.77 15.10 42.57
N GLN H 3 0.30 14.53 43.13
CA GLN H 3 0.81 14.95 44.44
C GLN H 3 2.31 15.13 44.39
N LEU H 4 2.82 15.88 45.36
CA LEU H 4 4.25 16.11 45.54
C LEU H 4 4.62 15.79 46.98
N GLN H 5 5.80 15.21 47.16
CA GLN H 5 6.35 14.95 48.48
C GLN H 5 7.85 15.21 48.44
N GLU H 6 8.29 16.25 49.15
CA GLU H 6 9.68 16.68 49.13
C GLU H 6 10.48 15.85 50.15
N SER H 7 11.36 14.99 49.65
CA SER H 7 12.30 14.29 50.49
C SER H 7 13.55 15.14 50.68
N GLY H 8 14.05 15.21 51.91
CA GLY H 8 15.21 16.00 52.19
C GLY H 8 15.89 15.67 53.50
N PRO H 9 17.15 16.05 53.62
CA PRO H 9 17.84 15.94 54.91
C PRO H 9 17.30 16.96 55.89
N GLY H 10 17.59 16.72 57.17
CA GLY H 10 17.12 17.63 58.19
C GLY H 10 18.09 18.77 58.42
N LEU H 11 19.36 18.44 58.61
CA LEU H 11 20.40 19.43 58.83
C LEU H 11 21.39 19.39 57.67
N VAL H 12 22.26 20.40 57.65
CA VAL H 12 23.34 20.46 56.67
C VAL H 12 24.45 21.32 57.26
N LYS H 13 25.67 20.81 57.23
CA LYS H 13 26.81 21.57 57.72
C LYS H 13 27.04 22.79 56.82
N PRO H 14 27.33 23.95 57.40
CA PRO H 14 27.53 25.15 56.59
C PRO H 14 28.65 24.97 55.58
N SER H 15 28.60 25.78 54.53
CA SER H 15 29.56 25.78 53.43
C SER H 15 29.60 24.45 52.67
N GLU H 16 28.59 23.60 52.84
CA GLU H 16 28.51 22.33 52.14
C GLU H 16 27.38 22.36 51.11
N THR H 17 27.31 21.31 50.32
CA THR H 17 26.27 21.17 49.31
C THR H 17 25.02 20.54 49.92
N LEU H 18 23.86 21.02 49.50
CA LEU H 18 22.58 20.54 49.99
C LEU H 18 21.86 19.80 48.87
N SER H 19 21.56 18.51 49.11
CA SER H 19 20.84 17.70 48.15
C SER H 19 19.35 17.70 48.48
N LEU H 20 18.51 17.70 47.45
CA LEU H 20 17.07 17.76 47.63
C LEU H 20 16.35 17.15 46.45
N THR H 21 15.27 16.42 46.72
CA THR H 21 14.37 15.92 45.70
C THR H 21 12.94 16.11 46.19
N CYS H 22 12.00 16.11 45.24
CA CYS H 22 10.58 15.96 45.56
C CYS H 22 9.99 14.96 44.59
N ALA H 23 9.22 14.00 45.11
CA ALA H 23 8.63 12.97 44.27
C ALA H 23 7.32 13.46 43.67
N VAL H 24 7.12 13.20 42.37
CA VAL H 24 5.85 13.50 41.71
C VAL H 24 5.09 12.20 41.53
N SER H 25 3.77 12.30 41.51
CA SER H 25 2.91 11.13 41.47
C SER H 25 1.77 11.36 40.49
N GLY H 26 1.44 10.32 39.73
CA GLY H 26 0.30 10.36 38.83
C GLY H 26 0.40 11.35 37.71
N ALA H 27 1.61 11.78 37.36
CA ALA H 27 1.83 12.68 36.24
C ALA H 27 3.29 12.63 35.85
N SER H 28 3.56 12.67 34.55
CA SER H 28 4.94 12.70 34.10
C SER H 28 5.59 14.03 34.49
N ILE H 29 6.83 13.95 34.97
CA ILE H 29 7.55 15.15 35.35
C ILE H 29 7.77 16.06 34.15
N SER H 30 7.89 15.50 32.95
CA SER H 30 8.18 16.27 31.76
C SER H 30 6.98 17.07 31.25
N SER H 31 5.79 16.87 31.81
CA SER H 31 4.59 17.47 31.24
C SER H 31 4.37 18.92 31.67
N PHE H 32 5.00 19.38 32.76
CA PHE H 32 4.74 20.71 33.27
C PHE H 32 6.03 21.37 33.71
N TYR H 33 6.00 22.69 33.80
CA TYR H 33 7.08 23.44 34.44
C TYR H 33 7.04 23.23 35.94
N TRP H 34 8.22 23.04 36.54
CA TRP H 34 8.35 22.91 37.98
C TRP H 34 9.31 23.98 38.49
N SER H 35 9.04 24.48 39.69
CA SER H 35 9.93 25.41 40.36
C SER H 35 9.95 25.09 41.85
N TRP H 36 11.05 25.48 42.50
CA TRP H 36 11.17 25.38 43.94
C TRP H 36 10.91 26.76 44.55
N ILE H 37 10.29 26.77 45.72
CA ILE H 37 10.08 27.99 46.51
C ILE H 37 10.37 27.66 47.96
N ARG H 38 10.97 28.58 48.67
CA ARG H 38 11.26 28.23 50.07
C ARG H 38 10.77 29.36 50.91
N GLN H 39 10.24 28.99 52.06
CA GLN H 39 9.68 29.92 53.06
C GLN H 39 10.68 29.95 54.20
N SER H 40 10.89 31.10 54.78
CA SER H 40 11.89 31.20 55.85
C SER H 40 11.37 32.14 56.90
N PRO H 41 11.83 32.08 58.15
CA PRO H 41 11.36 33.02 59.10
C PRO H 41 12.08 34.26 58.60
N GLY H 42 11.34 35.28 58.21
CA GLY H 42 11.99 36.49 57.72
C GLY H 42 12.39 36.41 56.26
N LYS H 43 12.87 37.51 55.71
CA LYS H 43 13.32 37.56 54.29
C LYS H 43 12.26 37.02 53.34
N GLY H 44 10.99 37.38 53.53
CA GLY H 44 9.82 37.02 52.70
C GLY H 44 9.66 35.58 52.24
N LEU H 45 8.86 35.41 51.19
CA LEU H 45 8.70 34.10 50.58
C LEU H 45 9.51 34.14 49.29
N GLU H 46 10.47 33.24 49.16
CA GLU H 46 11.52 33.41 48.14
C GLU H 46 11.49 32.30 47.10
N TRP H 47 11.17 32.68 45.87
CA TRP H 47 11.36 31.79 44.72
C TRP H 47 12.84 31.69 44.39
N ILE H 48 13.29 30.48 44.05
CA ILE H 48 14.69 30.21 43.73
C ILE H 48 14.89 30.01 42.24
N ALA H 49 14.22 29.02 41.64
CA ALA H 49 14.47 28.71 40.24
C ALA H 49 13.33 27.85 39.69
N TYR H 50 13.23 27.84 38.35
CA TYR H 50 12.29 26.98 37.65
C TYR H 50 13.03 26.12 36.64
N ILE H 51 12.38 25.04 36.21
CA ILE H 51 12.96 24.08 35.28
C ILE H 51 11.88 23.60 34.31
N TYR H 52 12.35 23.04 33.20
CA TYR H 52 11.49 22.42 32.20
C TYR H 52 12.33 21.41 31.43
N TYR H 53 11.69 20.33 30.98
CA TYR H 53 12.43 19.24 30.34
C TYR H 53 13.15 19.69 29.08
N SER H 54 12.81 20.87 28.56
CA SER H 54 13.57 21.45 27.45
C SER H 54 15.02 21.70 27.86
N GLY H 55 15.23 22.16 29.09
CA GLY H 55 16.51 22.69 29.52
C GLY H 55 16.44 24.15 29.92
N LYS H 56 15.36 24.85 29.59
CA LYS H 56 15.19 26.23 30.00
C LYS H 56 15.19 26.33 31.51
N THR H 57 15.95 27.27 32.04
CA THR H 57 16.13 27.40 33.48
C THR H 57 16.47 28.85 33.82
N GLN H 58 15.83 29.36 34.85
CA GLN H 58 16.14 30.67 35.40
C GLN H 58 16.39 30.51 36.89
N TYR H 59 17.35 31.25 37.41
CA TYR H 59 17.68 31.25 38.82
C TYR H 59 17.38 32.62 39.39
N ASN H 60 17.08 32.67 40.68
CA ASN H 60 16.94 33.97 41.31
C ASN H 60 18.32 34.57 41.58
N PRO H 61 18.51 35.87 41.30
CA PRO H 61 19.83 36.46 41.53
C PRO H 61 20.18 36.62 43.00
N ALA H 62 19.20 36.84 43.88
CA ALA H 62 19.51 37.05 45.30
C ALA H 62 20.18 35.84 45.89
N VAL H 63 19.83 34.64 45.43
CA VAL H 63 20.58 33.44 45.74
C VAL H 63 21.68 33.33 44.70
N THR H 64 22.93 33.26 45.16
CA THR H 64 24.05 33.21 44.23
C THR H 64 23.93 31.98 43.34
N GLY H 65 24.66 31.99 42.23
CA GLY H 65 24.66 30.92 41.26
C GLY H 65 24.88 29.51 41.79
N ARG H 66 25.04 29.39 43.11
CA ARG H 66 25.31 28.10 43.74
C ARG H 66 24.17 27.10 43.55
N ALA H 67 22.95 27.59 43.35
CA ALA H 67 21.82 26.68 43.18
C ALA H 67 21.75 26.22 41.73
N THR H 68 21.52 24.93 41.54
CA THR H 68 21.40 24.34 40.21
C THR H 68 20.26 23.34 40.23
N ILE H 69 19.20 23.62 39.48
CA ILE H 69 18.03 22.75 39.42
C ILE H 69 18.28 21.67 38.37
N SER H 70 18.05 20.42 38.74
CA SER H 70 18.02 19.31 37.81
C SER H 70 16.64 18.67 37.86
N LEU H 71 16.42 17.73 36.96
CA LEU H 71 15.24 16.87 37.04
C LEU H 71 15.62 15.50 36.50
N GLN H 72 15.10 14.45 37.14
CA GLN H 72 15.55 13.10 36.86
C GLN H 72 14.37 12.22 36.48
N ASN H 73 14.61 11.33 35.53
CA ASN H 73 13.54 10.59 34.85
C ASN H 73 13.35 9.19 35.42
N TRP H 74 14.42 8.56 35.90
CA TRP H 74 14.32 7.19 36.40
C TRP H 74 13.38 7.09 37.59
N ASN H 75 13.56 8.00 38.56
CA ASN H 75 12.75 8.01 39.77
C ASN H 75 11.59 8.97 39.68
N ASN H 76 11.42 9.65 38.54
CA ASN H 76 10.32 10.59 38.32
C ASN H 76 10.37 11.73 39.33
N HIS H 77 11.57 12.11 39.74
CA HIS H 77 11.77 13.19 40.70
C HIS H 77 12.28 14.44 39.99
N VAL H 78 12.00 15.59 40.58
CA VAL H 78 12.66 16.85 40.24
C VAL H 78 13.54 17.21 41.41
N ALA H 79 14.79 17.57 41.13
CA ALA H 79 15.81 17.69 42.16
C ALA H 79 16.34 19.10 42.23
N LEU H 80 17.11 19.37 43.29
CA LEU H 80 17.66 20.70 43.51
C LEU H 80 18.88 20.55 44.41
N ARG H 81 20.03 20.99 43.91
CA ARG H 81 21.25 21.06 44.70
C ARG H 81 21.66 22.52 44.84
N VAL H 82 22.10 22.89 46.03
CA VAL H 82 22.64 24.22 46.29
C VAL H 82 23.91 24.06 47.12
N ASN H 83 25.03 24.55 46.59
CA ASN H 83 26.31 24.41 47.26
C ASN H 83 26.57 25.60 48.17
N SER H 84 27.64 25.50 48.94
CA SER H 84 28.13 26.59 49.79
C SER H 84 27.01 27.22 50.61
N VAL H 85 26.33 26.37 51.38
CA VAL H 85 25.18 26.81 52.16
C VAL H 85 25.65 27.72 53.29
N THR H 86 24.89 28.78 53.54
CA THR H 86 25.11 29.67 54.67
C THR H 86 23.99 29.50 55.68
N ALA H 87 24.13 30.20 56.81
CA ALA H 87 23.11 30.14 57.85
C ALA H 87 21.78 30.69 57.35
N ALA H 88 21.82 31.67 56.45
CA ALA H 88 20.59 32.27 55.93
C ALA H 88 19.74 31.26 55.15
N ASP H 89 20.38 30.22 54.60
CA ASP H 89 19.67 29.28 53.74
C ASP H 89 18.71 28.37 54.49
N THR H 90 18.67 28.42 55.82
CA THR H 90 17.75 27.57 56.56
C THR H 90 16.30 28.01 56.33
N ALA H 91 15.45 27.04 55.99
CA ALA H 91 14.07 27.29 55.58
C ALA H 91 13.34 25.99 55.31
N ILE H 92 12.05 26.07 54.99
CA ILE H 92 11.34 24.92 54.45
C ILE H 92 11.35 25.04 52.93
N TYR H 93 11.64 23.94 52.25
CA TYR H 93 11.82 23.95 50.81
C TYR H 93 10.71 23.12 50.17
N SER H 94 9.94 23.75 49.29
CA SER H 94 8.83 23.10 48.62
C SER H 94 9.04 23.12 47.11
N CYS H 95 8.52 22.11 46.43
CA CYS H 95 8.45 22.09 44.98
C CYS H 95 7.01 22.31 44.55
N ALA H 96 6.83 22.98 43.41
CA ALA H 96 5.51 23.42 42.99
C ALA H 96 5.43 23.39 41.48
N ARG H 97 4.20 23.30 40.97
CA ARG H 97 3.93 23.16 39.55
C ARG H 97 3.48 24.50 38.97
N HIS H 98 3.93 24.80 37.76
CA HIS H 98 3.47 25.97 37.05
C HIS H 98 2.19 25.65 36.30
N THR H 99 1.35 26.66 36.12
CA THR H 99 0.23 26.53 35.20
C THR H 99 0.76 26.43 33.78
N LEU H 100 0.31 25.41 33.06
CA LEU H 100 0.61 25.30 31.64
C LEU H 100 0.35 26.63 30.93
N ALA H 101 1.27 26.99 30.03
CA ALA H 101 1.28 28.34 29.49
C ALA H 101 0.40 28.51 28.26
N TYR H 102 0.14 27.43 27.53
CA TYR H 102 -0.75 27.43 26.37
C TYR H 102 -0.29 28.38 25.26
N HIS H 103 0.99 28.78 25.27
CA HIS H 103 1.55 29.54 24.15
C HIS H 103 3.03 29.22 24.09
N TYR H 104 3.49 28.67 22.97
CA TYR H 104 4.87 28.26 22.86
C TYR H 104 5.79 29.48 22.84
N ASP H 105 7.09 29.22 22.84
CA ASP H 105 8.12 30.25 22.80
C ASP H 105 8.87 30.18 21.47
N ASP H 106 10.00 30.88 21.41
CA ASP H 106 10.91 30.73 20.28
C ASP H 106 11.51 29.32 20.33
N GLU H 107 11.54 28.65 19.17
CA GLU H 107 11.98 27.27 18.95
C GLU H 107 10.92 26.23 19.31
N GLY H 108 9.70 26.64 19.68
CA GLY H 108 8.59 25.72 19.81
C GLY H 108 8.19 25.32 21.22
N TYR H 109 9.06 25.52 22.21
CA TYR H 109 8.77 25.02 23.55
C TYR H 109 7.77 25.88 24.30
N MET H 110 7.08 25.26 25.25
CA MET H 110 6.14 25.99 26.09
C MET H 110 6.89 26.88 27.06
N GLN H 111 6.34 28.07 27.30
CA GLN H 111 6.92 29.00 28.25
C GLN H 111 6.55 28.62 29.68
N PRO H 112 7.27 29.13 30.67
CA PRO H 112 6.86 28.91 32.06
C PRO H 112 5.56 29.64 32.37
N GLY H 113 4.76 29.02 33.24
CA GLY H 113 3.46 29.58 33.56
C GLY H 113 3.54 30.76 34.52
N ASP H 114 2.46 31.55 34.51
CA ASP H 114 2.39 32.77 35.30
C ASP H 114 1.78 32.54 36.68
N ALA H 115 1.66 31.29 37.11
CA ALA H 115 1.07 31.00 38.41
C ALA H 115 1.57 29.64 38.87
N PHE H 116 1.61 29.46 40.19
CA PHE H 116 2.04 28.21 40.79
C PHE H 116 0.81 27.36 41.06
N ASP H 117 0.71 26.21 40.37
CA ASP H 117 -0.53 25.44 40.39
C ASP H 117 -0.77 24.83 41.76
N LEU H 118 0.12 23.94 42.19
CA LEU H 118 -0.03 23.31 43.48
C LEU H 118 1.36 23.12 44.09
N TRP H 119 1.38 23.02 45.42
CA TRP H 119 2.60 22.96 46.21
C TRP H 119 2.65 21.64 46.96
N GLY H 120 3.87 21.19 47.24
CA GLY H 120 4.06 20.12 48.20
C GLY H 120 4.13 20.67 49.61
N GLN H 121 4.00 19.77 50.59
CA GLN H 121 4.08 20.20 51.98
C GLN H 121 5.39 20.90 52.27
N GLY H 122 6.50 20.32 51.82
CA GLY H 122 7.82 20.88 52.03
C GLY H 122 8.59 20.17 53.14
N THR H 123 9.88 20.44 53.17
CA THR H 123 10.78 19.85 54.15
C THR H 123 11.66 20.94 54.76
N MET H 124 11.80 20.89 56.09
CA MET H 124 12.61 21.86 56.82
C MET H 124 14.08 21.47 56.76
N VAL H 125 14.91 22.39 56.26
CA VAL H 125 16.37 22.21 56.24
C VAL H 125 16.97 23.22 57.21
N THR H 126 17.89 22.75 58.04
CA THR H 126 18.47 23.53 59.12
C THR H 126 19.97 23.61 58.90
N VAL H 127 20.51 24.83 58.95
CA VAL H 127 21.94 25.05 58.71
C VAL H 127 22.60 25.11 60.07
N SER H 128 22.98 23.95 60.58
CA SER H 128 23.58 23.79 61.90
C SER H 128 24.86 22.98 61.78
N SER H 129 25.65 22.99 62.86
CA SER H 129 26.87 22.22 62.89
C SER H 129 26.89 21.23 64.04
N ALA H 130 25.81 21.14 64.81
CA ALA H 130 25.75 20.19 65.90
C ALA H 130 25.28 18.85 65.36
N SER H 131 25.50 17.80 66.15
CA SER H 131 25.13 16.47 65.74
C SER H 131 23.64 16.24 65.95
N THR H 132 23.02 15.53 65.01
CA THR H 132 21.60 15.20 65.14
C THR H 132 21.42 14.23 66.29
N LYS H 133 20.42 14.48 67.11
CA LYS H 133 20.13 13.64 68.27
C LYS H 133 18.74 13.04 68.11
N GLY H 134 18.60 11.75 68.41
CA GLY H 134 17.33 11.09 68.29
C GLY H 134 16.37 11.54 69.37
N PRO H 135 15.09 11.30 69.16
CA PRO H 135 14.10 11.71 70.16
C PRO H 135 13.87 10.64 71.22
N SER H 136 12.97 10.90 72.16
CA SER H 136 12.58 9.92 73.15
C SER H 136 11.14 10.21 73.54
N VAL H 137 10.27 9.23 73.39
CA VAL H 137 8.83 9.43 73.50
C VAL H 137 8.35 8.75 74.77
N PHE H 138 7.92 9.56 75.74
CA PHE H 138 7.33 9.08 76.99
C PHE H 138 5.85 9.37 76.98
N PRO H 139 5.00 8.35 77.03
CA PRO H 139 3.55 8.59 77.03
C PRO H 139 3.08 9.23 78.33
N LEU H 140 1.95 9.93 78.24
CA LEU H 140 1.29 10.47 79.42
C LEU H 140 -0.15 9.97 79.39
N ALA H 141 -0.61 9.46 80.52
CA ALA H 141 -1.90 8.81 80.58
C ALA H 141 -2.94 9.71 81.22
N PRO H 142 -4.24 9.44 81.00
CA PRO H 142 -5.29 10.26 81.63
C PRO H 142 -5.29 10.14 83.15
N THR H 151 -15.30 12.41 79.21
CA THR H 151 -14.36 13.04 78.28
C THR H 151 -13.03 13.37 78.95
N ALA H 152 -11.97 12.71 78.51
CA ALA H 152 -10.62 12.94 79.04
C ALA H 152 -9.65 13.01 77.86
N ALA H 153 -8.36 13.06 78.17
CA ALA H 153 -7.35 13.25 77.13
C ALA H 153 -6.07 12.53 77.50
N LEU H 154 -5.36 12.06 76.47
CA LEU H 154 -4.04 11.45 76.61
C LEU H 154 -3.19 11.87 75.43
N GLY H 155 -1.90 11.55 75.49
CA GLY H 155 -1.01 11.91 74.40
C GLY H 155 0.41 11.44 74.67
N CYS H 156 1.24 11.59 73.64
CA CYS H 156 2.67 11.32 73.71
C CYS H 156 3.44 12.60 73.94
N LEU H 157 4.73 12.44 74.23
CA LEU H 157 5.63 13.57 74.43
C LEU H 157 6.96 13.23 73.76
N VAL H 158 7.36 14.09 72.82
CA VAL H 158 8.68 13.92 72.16
C VAL H 158 9.65 14.85 72.87
N LYS H 159 10.70 14.30 73.49
CA LYS H 159 11.67 15.16 74.20
C LYS H 159 13.10 15.26 73.71
N ASP H 160 13.70 16.44 73.81
CA ASP H 160 15.10 16.72 73.37
C ASP H 160 15.42 16.07 72.02
N TYR H 161 14.74 16.50 70.96
CA TYR H 161 14.97 15.95 69.61
C TYR H 161 15.36 17.21 68.82
N PHE H 162 16.42 17.08 68.01
CA PHE H 162 17.17 18.23 67.44
C PHE H 162 16.93 18.61 66.00
N PRO H 163 16.78 17.69 65.09
CA PRO H 163 16.55 18.05 63.70
C PRO H 163 15.23 18.82 63.73
N GLU H 164 15.08 19.86 62.96
CA GLU H 164 13.96 20.79 63.25
C GLU H 164 12.54 20.24 63.29
N PRO H 165 12.04 19.31 62.47
CA PRO H 165 10.64 18.99 62.51
C PRO H 165 10.36 17.56 62.94
N VAL H 166 9.11 17.23 63.17
CA VAL H 166 8.77 15.84 63.57
C VAL H 166 7.29 15.62 63.38
N THR H 167 6.91 14.55 62.73
CA THR H 167 5.49 14.25 62.53
C THR H 167 5.01 13.32 63.64
N VAL H 168 3.75 13.49 64.02
CA VAL H 168 3.11 12.66 65.03
C VAL H 168 1.69 12.37 64.59
N SER H 169 1.36 11.09 64.43
CA SER H 169 0.01 10.65 64.17
C SER H 169 -0.41 9.63 65.24
N TRP H 170 -1.68 9.23 65.20
CA TRP H 170 -2.23 8.27 66.13
C TRP H 170 -2.87 7.12 65.37
N ASN H 171 -2.41 5.90 65.64
CA ASN H 171 -2.96 4.67 65.08
C ASN H 171 -2.83 4.66 63.55
N SER H 172 -1.58 4.79 63.09
CA SER H 172 -1.27 4.86 61.66
C SER H 172 -2.10 5.93 60.95
N GLY H 173 -2.41 7.02 61.64
CA GLY H 173 -3.21 8.08 61.07
C GLY H 173 -4.71 7.83 61.06
N ALA H 174 -5.21 6.97 61.94
CA ALA H 174 -6.64 6.69 61.98
C ALA H 174 -7.39 7.77 62.77
N LEU H 175 -6.89 8.14 63.94
CA LEU H 175 -7.57 9.04 64.85
C LEU H 175 -7.49 10.48 64.32
N THR H 176 -8.57 10.95 63.70
CA THR H 176 -8.61 12.31 63.14
C THR H 176 -9.07 13.34 64.17
N SER H 177 -10.33 13.25 64.61
CA SER H 177 -10.90 14.29 65.45
C SER H 177 -10.27 14.31 66.83
N GLY H 178 -10.28 15.48 67.45
CA GLY H 178 -9.81 15.63 68.81
C GLY H 178 -8.31 15.59 69.01
N VAL H 179 -7.53 15.56 67.93
CA VAL H 179 -6.07 15.54 68.01
C VAL H 179 -5.53 16.94 67.84
N HIS H 180 -4.43 17.25 68.52
CA HIS H 180 -3.76 18.52 68.34
C HIS H 180 -2.26 18.35 68.54
N THR H 181 -1.50 18.37 67.45
CA THR H 181 -0.04 18.34 67.52
C THR H 181 0.48 19.74 67.84
N PHE H 182 1.13 19.88 69.00
CA PHE H 182 1.58 21.16 69.52
C PHE H 182 2.93 21.55 68.92
N PRO H 183 3.19 22.86 68.78
CA PRO H 183 4.53 23.30 68.38
C PRO H 183 5.56 22.94 69.44
N ALA H 184 6.77 22.60 69.00
CA ALA H 184 7.84 22.30 69.92
C ALA H 184 8.35 23.57 70.61
N VAL H 185 9.25 23.37 71.57
CA VAL H 185 9.86 24.48 72.30
C VAL H 185 11.33 24.14 72.57
N LEU H 186 12.17 25.17 72.53
CA LEU H 186 13.59 25.01 72.81
C LEU H 186 13.84 24.96 74.31
N GLN H 187 14.39 23.84 74.80
CA GLN H 187 14.92 23.78 76.15
C GLN H 187 16.28 24.45 76.23
N SER H 188 16.61 24.97 77.42
CA SER H 188 17.89 25.64 77.62
C SER H 188 19.07 24.73 77.31
N SER H 189 18.86 23.40 77.31
CA SER H 189 19.91 22.49 76.89
C SER H 189 20.29 22.73 75.42
N GLY H 190 19.34 23.16 74.61
CA GLY H 190 19.54 23.31 73.18
C GLY H 190 18.89 22.26 72.30
N LEU H 191 17.98 21.46 72.85
CA LEU H 191 17.27 20.44 72.08
C LEU H 191 15.78 20.72 72.15
N TYR H 192 15.10 20.68 71.00
CA TYR H 192 13.69 20.99 70.98
C TYR H 192 12.89 19.88 71.66
N SER H 193 11.58 20.10 71.79
CA SER H 193 10.70 19.11 72.42
C SER H 193 9.24 19.45 72.20
N LEU H 194 8.53 18.60 71.45
CA LEU H 194 7.11 18.78 71.18
C LEU H 194 6.30 17.72 71.94
N SER H 195 4.98 17.86 71.89
CA SER H 195 4.10 16.91 72.55
C SER H 195 2.67 17.09 72.07
N SER H 196 2.05 16.02 71.62
CA SER H 196 0.72 16.08 71.04
C SER H 196 -0.26 15.31 71.93
N VAL H 197 -1.44 15.89 72.11
CA VAL H 197 -2.48 15.31 72.94
C VAL H 197 -3.69 15.00 72.06
N VAL H 198 -4.63 14.23 72.61
CA VAL H 198 -5.86 13.90 71.89
C VAL H 198 -6.99 13.72 72.89
N THR H 199 -8.10 14.41 72.66
CA THR H 199 -9.29 14.24 73.47
C THR H 199 -10.09 13.03 72.98
N VAL H 200 -10.56 12.22 73.92
CA VAL H 200 -11.29 10.99 73.62
C VAL H 200 -12.34 10.77 74.70
N PRO H 201 -13.41 10.02 74.44
CA PRO H 201 -14.39 9.75 75.50
C PRO H 201 -13.84 8.75 76.50
N SER H 202 -14.23 8.95 77.77
CA SER H 202 -13.70 8.13 78.86
C SER H 202 -14.24 6.70 78.85
N SER H 203 -15.35 6.45 78.16
CA SER H 203 -16.00 5.14 78.22
C SER H 203 -15.15 4.03 77.62
N SER H 204 -14.20 4.37 76.74
CA SER H 204 -13.32 3.39 76.12
C SER H 204 -11.88 3.57 76.60
N LEU H 205 -11.72 3.84 77.91
CA LEU H 205 -10.40 4.08 78.47
C LEU H 205 -9.57 2.80 78.58
N GLY H 206 -10.17 1.64 78.36
CA GLY H 206 -9.44 0.39 78.34
C GLY H 206 -9.95 -0.48 77.21
N THR H 207 -10.93 0.05 76.48
CA THR H 207 -11.56 -0.70 75.38
C THR H 207 -10.75 -0.57 74.10
N GLN H 208 -10.58 0.65 73.61
CA GLN H 208 -9.88 0.93 72.36
C GLN H 208 -8.43 1.31 72.67
N THR H 209 -7.49 0.47 72.24
CA THR H 209 -6.07 0.73 72.47
C THR H 209 -5.61 1.95 71.68
N TYR H 210 -4.64 2.67 72.26
CA TYR H 210 -4.12 3.91 71.67
C TYR H 210 -2.61 3.85 71.55
N ILE H 211 -2.11 3.86 70.32
CA ILE H 211 -0.68 3.85 70.03
C ILE H 211 -0.38 5.04 69.13
N CYS H 212 0.36 6.02 69.65
CA CYS H 212 0.75 7.15 68.84
C CYS H 212 1.93 6.78 67.94
N ASN H 213 2.04 7.47 66.81
CA ASN H 213 3.09 7.22 65.82
C ASN H 213 3.95 8.48 65.71
N VAL H 214 5.09 8.49 66.38
CA VAL H 214 6.05 9.57 66.26
C VAL H 214 7.05 9.20 65.19
N ASN H 215 7.35 10.15 64.32
CA ASN H 215 8.21 9.92 63.16
C ASN H 215 9.14 11.11 63.03
N HIS H 216 10.43 10.86 63.15
CA HIS H 216 11.46 11.88 63.01
C HIS H 216 12.29 11.52 61.78
N LYS H 217 11.86 12.04 60.63
CA LYS H 217 12.52 11.69 59.36
C LYS H 217 13.99 12.10 59.33
N PRO H 218 14.41 13.28 59.80
CA PRO H 218 15.83 13.63 59.71
C PRO H 218 16.75 12.70 60.50
N SER H 219 16.24 11.99 61.50
CA SER H 219 17.05 11.04 62.25
C SER H 219 16.81 9.61 61.82
N ASN H 220 16.00 9.39 60.79
CA ASN H 220 15.66 8.03 60.32
C ASN H 220 15.15 7.17 61.47
N THR H 221 14.41 7.80 62.38
CA THR H 221 13.89 7.16 63.58
C THR H 221 12.37 7.34 63.63
N LYS H 222 11.65 6.23 63.47
CA LYS H 222 10.21 6.20 63.66
C LYS H 222 9.92 5.32 64.87
N VAL H 223 9.23 5.87 65.87
CA VAL H 223 8.96 5.20 67.13
C VAL H 223 7.48 5.30 67.45
N ASP H 224 6.85 4.15 67.70
CA ASP H 224 5.44 4.04 68.06
C ASP H 224 5.31 3.63 69.52
N LYS H 225 4.90 4.56 70.37
CA LYS H 225 4.61 4.26 71.76
C LYS H 225 3.11 3.98 71.95
N LYS H 226 2.76 3.52 73.14
CA LYS H 226 1.38 3.19 73.49
C LYS H 226 1.00 3.93 74.78
N VAL H 227 -0.31 4.02 75.01
CA VAL H 227 -0.84 4.71 76.19
C VAL H 227 -1.69 3.75 77.00
N GLU H 228 -1.44 3.70 78.32
CA GLU H 228 -2.20 2.89 79.25
C GLU H 228 -2.08 3.54 80.63
N PRO H 229 -3.19 3.67 81.38
CA PRO H 229 -3.18 4.29 82.71
C PRO H 229 -2.24 3.58 83.69
N SER I 2 10.85 41.67 48.37
CA SER I 2 9.79 42.50 48.91
C SER I 2 9.57 43.76 48.08
N VAL I 3 9.55 43.61 46.75
CA VAL I 3 9.28 44.73 45.87
C VAL I 3 7.77 44.82 45.64
N LEU I 4 7.02 43.98 46.36
CA LEU I 4 5.56 44.02 46.37
C LEU I 4 5.09 44.37 47.77
N THR I 5 4.36 45.47 47.89
CA THR I 5 3.90 45.97 49.17
C THR I 5 2.48 45.50 49.45
N GLN I 6 2.27 44.95 50.64
CA GLN I 6 0.94 44.55 51.10
C GLN I 6 0.90 44.72 52.61
N PRO I 7 -0.25 45.10 53.18
CA PRO I 7 -0.29 45.40 54.61
C PRO I 7 -0.06 44.14 55.42
N PRO I 8 0.59 44.26 56.59
CA PRO I 8 0.89 43.06 57.38
C PRO I 8 -0.35 42.33 57.89
N SER I 9 -1.37 43.05 58.32
CA SER I 9 -2.56 42.41 58.86
C SER I 9 -3.77 43.29 58.62
N VAL I 10 -4.91 42.63 58.42
CA VAL I 10 -6.22 43.27 58.36
C VAL I 10 -7.19 42.43 59.19
N SER I 11 -8.33 43.02 59.52
CA SER I 11 -9.30 42.36 60.37
C SER I 11 -10.71 42.77 59.96
N ALA I 12 -11.66 41.86 60.15
CA ALA I 12 -13.06 42.10 59.82
C ALA I 12 -13.91 41.04 60.50
N PRO I 13 -15.17 41.36 60.81
CA PRO I 13 -16.05 40.35 61.42
C PRO I 13 -16.45 39.30 60.41
N ALA I 14 -16.94 38.18 60.95
CA ALA I 14 -17.43 37.11 60.09
C ALA I 14 -18.63 37.58 59.27
N GLY I 15 -18.70 37.13 58.02
CA GLY I 15 -19.80 37.47 57.15
C GLY I 15 -19.67 38.77 56.40
N GLN I 16 -18.57 39.50 56.57
CA GLN I 16 -18.37 40.79 55.92
C GLN I 16 -17.34 40.65 54.81
N MET I 17 -17.09 41.77 54.12
CA MET I 17 -16.17 41.80 52.98
C MET I 17 -14.82 42.36 53.41
N VAL I 18 -13.77 41.95 52.69
CA VAL I 18 -12.42 42.44 52.94
C VAL I 18 -11.75 42.76 51.60
N THR I 19 -10.74 43.62 51.67
CA THR I 19 -9.99 44.05 50.50
C THR I 19 -8.51 44.10 50.87
N ILE I 20 -7.71 43.26 50.22
CA ILE I 20 -6.26 43.22 50.43
C ILE I 20 -5.59 43.87 49.22
N PRO I 21 -4.95 45.02 49.39
CA PRO I 21 -4.24 45.64 48.27
C PRO I 21 -2.81 45.11 48.14
N CYS I 22 -2.29 45.23 46.92
CA CYS I 22 -0.95 44.75 46.59
C CYS I 22 -0.29 45.79 45.68
N SER I 23 0.44 46.72 46.28
CA SER I 23 1.09 47.78 45.54
C SER I 23 2.41 47.29 44.94
N GLY I 24 2.65 47.66 43.68
CA GLY I 24 3.88 47.31 43.01
C GLY I 24 4.28 48.42 42.06
N SER I 25 5.37 48.20 41.35
CA SER I 25 5.83 49.15 40.34
C SER I 25 5.14 48.87 39.01
N SER I 26 5.52 49.61 37.98
CA SER I 26 5.03 49.33 36.63
C SER I 26 5.83 48.25 35.92
N SER I 27 7.04 47.94 36.41
CA SER I 27 7.86 46.90 35.80
C SER I 27 7.32 45.50 36.04
N ASP I 28 6.55 45.30 37.11
CA ASP I 28 6.06 43.97 37.45
C ASP I 28 4.59 43.80 37.08
N ILE I 29 3.68 44.39 37.86
CA ILE I 29 2.26 44.16 37.65
C ILE I 29 1.79 44.82 36.36
N GLY I 30 2.24 46.04 36.08
CA GLY I 30 1.86 46.71 34.85
C GLY I 30 2.14 45.88 33.61
N LYS I 31 3.22 45.11 33.65
CA LYS I 31 3.58 44.24 32.52
C LYS I 31 2.96 42.85 32.66
N SER I 32 3.18 42.19 33.79
CA SER I 32 2.82 40.79 33.96
C SER I 32 1.44 40.65 34.59
N PHE I 33 1.00 39.40 34.74
CA PHE I 33 -0.25 39.08 35.40
C PHE I 33 -0.03 38.99 36.91
N VAL I 34 -1.04 38.50 37.64
CA VAL I 34 -1.00 38.46 39.09
C VAL I 34 -1.52 37.10 39.53
N SER I 35 -1.10 36.67 40.73
CA SER I 35 -1.67 35.47 41.33
C SER I 35 -1.71 35.65 42.84
N TRP I 36 -2.72 35.05 43.46
CA TRP I 36 -2.92 35.15 44.90
C TRP I 36 -2.81 33.76 45.53
N TYR I 37 -2.16 33.68 46.69
CA TYR I 37 -1.90 32.42 47.35
C TYR I 37 -2.28 32.52 48.81
N GLN I 38 -3.04 31.54 49.30
CA GLN I 38 -3.43 31.44 50.70
C GLN I 38 -2.64 30.33 51.36
N GLN I 39 -2.06 30.64 52.51
CA GLN I 39 -1.30 29.66 53.29
C GLN I 39 -1.97 29.55 54.66
N LEU I 40 -2.79 28.51 54.83
CA LEU I 40 -3.34 28.21 56.13
C LEU I 40 -2.23 27.75 57.07
N PRO I 41 -2.38 27.96 58.38
CA PRO I 41 -1.28 27.68 59.31
C PRO I 41 -0.85 26.23 59.26
N GLY I 42 0.47 26.01 59.17
CA GLY I 42 1.05 24.69 59.16
C GLY I 42 0.87 23.91 57.88
N THR I 43 0.26 24.49 56.86
CA THR I 43 -0.02 23.79 55.62
C THR I 43 0.78 24.39 54.46
N ALA I 44 0.87 23.62 53.38
CA ALA I 44 1.46 24.14 52.17
C ALA I 44 0.60 25.27 51.62
N PRO I 45 1.20 26.33 51.09
CA PRO I 45 0.41 27.41 50.51
C PRO I 45 -0.42 26.93 49.33
N LYS I 46 -1.66 27.41 49.25
CA LYS I 46 -2.59 27.04 48.20
C LYS I 46 -2.81 28.22 47.26
N LEU I 47 -2.97 27.91 45.97
CA LEU I 47 -3.32 28.93 44.99
C LEU I 47 -4.80 29.26 45.09
N VAL I 48 -5.12 30.55 45.05
CA VAL I 48 -6.49 31.03 45.23
C VAL I 48 -7.04 31.66 43.97
N ILE I 49 -6.21 32.43 43.26
CA ILE I 49 -6.64 33.18 42.09
C ILE I 49 -5.52 33.14 41.07
N TYR I 50 -5.77 32.52 39.92
CA TYR I 50 -4.79 32.45 38.85
C TYR I 50 -5.18 33.42 37.73
N ASP I 51 -4.17 33.91 37.04
CA ASP I 51 -4.28 35.11 36.20
C ASP I 51 -4.93 36.20 37.06
N ASN I 52 -5.71 37.09 36.47
CA ASN I 52 -6.10 38.26 37.23
C ASN I 52 -7.41 38.07 37.99
N ASN I 53 -8.48 37.61 37.33
CA ASN I 53 -9.76 37.45 38.00
C ASN I 53 -10.19 35.99 38.13
N LYS I 54 -9.45 35.05 37.56
CA LYS I 54 -9.87 33.66 37.50
C LYS I 54 -9.48 32.90 38.75
N ARG I 55 -10.37 32.01 39.20
CA ARG I 55 -10.17 31.20 40.38
C ARG I 55 -10.20 29.72 40.03
N PRO I 56 -9.32 28.92 40.60
CA PRO I 56 -9.27 27.49 40.27
C PRO I 56 -10.54 26.77 40.71
N SER I 57 -10.65 25.52 40.24
CA SER I 57 -11.75 24.67 40.64
C SER I 57 -11.60 24.29 42.11
N GLY I 58 -12.68 24.38 42.86
CA GLY I 58 -12.64 24.17 44.29
C GLY I 58 -12.40 25.41 45.12
N ILE I 59 -12.26 26.57 44.48
CA ILE I 59 -12.12 27.86 45.16
C ILE I 59 -13.45 28.59 45.05
N PRO I 60 -14.14 28.85 46.15
CA PRO I 60 -15.48 29.43 46.06
C PRO I 60 -15.47 30.82 45.44
N ASP I 61 -16.60 31.19 44.82
CA ASP I 61 -16.76 32.54 44.31
C ASP I 61 -16.69 33.59 45.41
N ARG I 62 -16.68 33.16 46.66
CA ARG I 62 -16.38 34.05 47.78
C ARG I 62 -15.10 34.85 47.55
N PHE I 63 -14.06 34.18 47.03
CA PHE I 63 -12.81 34.86 46.72
C PHE I 63 -12.89 35.49 45.33
N SER I 64 -12.28 36.66 45.19
CA SER I 64 -12.34 37.40 43.92
C SER I 64 -11.13 38.32 43.85
N GLY I 65 -10.64 38.52 42.62
CA GLY I 65 -9.43 39.29 42.41
C GLY I 65 -9.64 40.38 41.37
N SER I 66 -8.67 41.26 41.28
CA SER I 66 -8.74 42.40 40.36
C SER I 66 -7.34 43.00 40.20
N LYS I 67 -7.18 43.73 39.10
CA LYS I 67 -5.94 44.43 38.77
C LYS I 67 -6.28 45.86 38.36
N SER I 68 -5.32 46.77 38.59
CA SER I 68 -5.55 48.19 38.22
C SER I 68 -4.17 48.86 38.20
N GLY I 69 -3.55 48.83 37.03
CA GLY I 69 -2.29 49.52 36.81
C GLY I 69 -1.14 48.89 37.57
N THR I 70 -0.69 49.54 38.64
CA THR I 70 0.42 49.04 39.43
C THR I 70 -0.03 48.27 40.66
N SER I 71 -1.29 48.40 41.07
CA SER I 71 -1.81 47.73 42.25
C SER I 71 -2.78 46.63 41.86
N ALA I 72 -2.84 45.59 42.68
CA ALA I 72 -3.78 44.50 42.54
C ALA I 72 -4.55 44.33 43.84
N THR I 73 -5.73 43.73 43.75
CA THR I 73 -6.65 43.68 44.88
C THR I 73 -7.29 42.31 44.99
N LEU I 74 -7.25 41.74 46.20
CA LEU I 74 -7.92 40.49 46.53
C LEU I 74 -9.11 40.79 47.42
N GLY I 75 -10.23 40.13 47.15
CA GLY I 75 -11.46 40.36 47.90
C GLY I 75 -12.11 39.08 48.34
N ILE I 76 -12.64 39.09 49.56
CA ILE I 76 -13.38 37.96 50.13
C ILE I 76 -14.66 38.50 50.75
N THR I 77 -15.80 37.99 50.28
CA THR I 77 -17.09 38.30 50.87
C THR I 77 -17.43 37.26 51.93
N GLY I 78 -18.37 37.62 52.82
CA GLY I 78 -18.87 36.71 53.84
C GLY I 78 -17.85 35.78 54.47
N LEU I 79 -17.07 36.29 55.42
CA LEU I 79 -15.92 35.54 55.93
C LEU I 79 -16.34 34.39 56.83
N GLN I 80 -15.54 33.33 56.81
CA GLN I 80 -15.62 32.24 57.77
C GLN I 80 -14.40 32.29 58.67
N THR I 81 -14.50 31.61 59.82
CA THR I 81 -13.36 31.52 60.72
C THR I 81 -12.23 30.71 60.11
N GLY I 82 -12.56 29.77 59.23
CA GLY I 82 -11.54 28.96 58.58
C GLY I 82 -10.65 29.75 57.64
N ASP I 83 -11.09 30.92 57.20
CA ASP I 83 -10.31 31.77 56.30
C ASP I 83 -9.16 32.52 56.96
N GLU I 84 -9.02 32.44 58.28
CA GLU I 84 -7.88 33.02 58.99
C GLU I 84 -6.59 32.36 58.49
N ALA I 85 -5.77 33.11 57.76
CA ALA I 85 -4.52 32.59 57.21
C ALA I 85 -3.76 33.83 56.76
N VAL I 86 -2.64 33.61 56.06
CA VAL I 86 -1.90 34.67 55.41
C VAL I 86 -2.12 34.55 53.91
N TYR I 87 -2.17 35.71 53.24
CA TYR I 87 -2.48 35.79 51.83
C TYR I 87 -1.35 36.50 51.11
N TYR I 88 -0.82 35.87 50.07
CA TYR I 88 0.32 36.38 49.32
C TYR I 88 -0.11 36.75 47.90
N CYS I 89 0.20 37.97 47.50
CA CYS I 89 0.20 38.31 46.08
C CYS I 89 1.60 38.08 45.53
N GLY I 90 1.68 37.80 44.23
CA GLY I 90 2.95 37.54 43.61
C GLY I 90 2.82 37.56 42.11
N THR I 91 3.94 37.78 41.44
CA THR I 91 3.95 37.90 39.99
C THR I 91 5.39 37.84 39.49
N TRP I 92 5.53 37.82 38.17
CA TRP I 92 6.81 38.06 37.53
C TRP I 92 7.11 39.56 37.54
N ASP I 93 8.38 39.89 37.32
CA ASP I 93 8.76 41.28 37.09
C ASP I 93 9.41 41.40 35.72
N SER I 94 10.22 42.45 35.53
CA SER I 94 10.92 42.61 34.26
C SER I 94 11.87 41.45 34.00
N SER I 95 12.80 41.20 34.93
CA SER I 95 13.89 40.23 34.79
C SER I 95 13.43 38.78 34.81
N LEU I 96 12.14 38.48 34.76
CA LEU I 96 11.63 37.12 34.88
C LEU I 96 12.19 36.43 36.13
N ILE I 97 12.05 37.11 37.26
CA ILE I 97 12.33 36.54 38.57
C ILE I 97 11.10 36.74 39.44
N TRP I 98 10.69 35.67 40.12
CA TRP I 98 9.44 35.69 40.86
C TRP I 98 9.60 36.43 42.18
N VAL I 99 8.66 37.32 42.48
CA VAL I 99 8.64 38.05 43.73
C VAL I 99 7.27 37.84 44.37
N PHE I 100 7.28 37.49 45.64
CA PHE I 100 6.07 37.43 46.46
C PHE I 100 5.96 38.69 47.30
N GLY I 101 4.74 38.99 47.72
CA GLY I 101 4.52 40.06 48.66
C GLY I 101 5.02 39.70 50.05
N GLY I 102 4.92 40.67 50.95
CA GLY I 102 5.31 40.46 52.32
C GLY I 102 4.47 39.42 53.01
N GLY I 103 3.17 39.64 53.06
CA GLY I 103 2.22 38.74 53.71
C GLY I 103 1.13 39.56 54.35
N THR I 104 -0.06 38.97 54.43
CA THR I 104 -1.23 39.64 55.00
C THR I 104 -1.93 38.66 55.94
N LYS I 105 -1.80 38.88 57.24
CA LYS I 105 -2.38 37.99 58.25
C LYS I 105 -3.84 38.38 58.45
N LEU I 106 -4.75 37.59 57.87
CA LEU I 106 -6.18 37.87 57.97
C LEU I 106 -6.72 37.28 59.26
N THR I 107 -7.25 38.14 60.13
CA THR I 107 -7.94 37.73 61.33
C THR I 107 -9.42 38.00 61.19
N VAL I 108 -10.24 37.07 61.67
CA VAL I 108 -11.69 37.17 61.58
C VAL I 108 -12.26 37.19 62.99
N LEU I 109 -13.07 38.22 63.28
CA LEU I 109 -13.61 38.43 64.60
C LEU I 109 -15.04 37.91 64.70
N GLY I 110 -15.59 37.97 65.91
CA GLY I 110 -16.93 37.49 66.18
C GLY I 110 -16.99 36.14 66.90
N GLN I 111 -15.87 35.43 66.98
CA GLN I 111 -15.86 34.16 67.69
C GLN I 111 -16.07 34.40 69.17
N PRO I 112 -17.05 33.74 69.81
CA PRO I 112 -17.34 34.02 71.21
C PRO I 112 -16.17 33.64 72.12
N LYS I 113 -16.21 34.17 73.34
CA LYS I 113 -15.17 33.90 74.31
C LYS I 113 -15.20 32.44 74.73
N ALA I 114 -14.02 31.87 74.96
CA ALA I 114 -13.88 30.46 75.30
C ALA I 114 -13.04 30.34 76.57
N ALA I 115 -13.52 29.52 77.51
CA ALA I 115 -12.81 29.30 78.76
C ALA I 115 -11.72 28.25 78.56
N PRO I 116 -10.50 28.49 79.05
CA PRO I 116 -9.41 27.55 78.79
C PRO I 116 -9.60 26.26 79.57
N SER I 117 -9.55 25.13 78.85
CA SER I 117 -9.58 23.81 79.46
C SER I 117 -8.13 23.40 79.76
N VAL I 118 -7.79 23.37 81.06
CA VAL I 118 -6.42 23.10 81.50
C VAL I 118 -6.33 21.64 81.91
N THR I 119 -5.23 20.99 81.51
CA THR I 119 -4.95 19.61 81.87
C THR I 119 -3.47 19.48 82.16
N LEU I 120 -3.13 19.05 83.36
CA LEU I 120 -1.73 18.92 83.79
C LEU I 120 -1.41 17.43 83.95
N PHE I 121 -0.45 16.95 83.18
CA PHE I 121 -0.02 15.57 83.26
C PHE I 121 1.24 15.45 84.11
N PRO I 122 1.27 14.54 85.08
CA PRO I 122 2.49 14.33 85.87
C PRO I 122 3.57 13.67 85.03
N PRO I 123 4.80 13.61 85.52
CA PRO I 123 5.86 12.96 84.73
C PRO I 123 5.57 11.49 84.54
N SER I 124 6.01 10.97 83.39
CA SER I 124 5.75 9.57 83.05
C SER I 124 6.57 8.64 83.95
N SER I 125 6.01 7.47 84.22
CA SER I 125 6.74 6.46 84.97
C SER I 125 8.01 6.03 84.24
N GLU I 126 8.01 6.11 82.90
CA GLU I 126 9.19 5.74 82.13
C GLU I 126 10.27 6.80 82.23
N GLU I 127 9.90 8.06 81.99
CA GLU I 127 10.88 9.14 82.05
C GLU I 127 11.56 9.20 83.42
N LEU I 128 10.77 9.07 84.49
CA LEU I 128 11.35 9.05 85.83
C LEU I 128 12.37 7.93 85.98
N GLN I 129 12.07 6.76 85.41
CA GLN I 129 13.00 5.63 85.47
C GLN I 129 14.30 5.89 84.75
N ALA I 130 14.39 6.98 83.98
CA ALA I 130 15.61 7.36 83.28
C ALA I 130 16.31 8.54 83.92
N ASN I 131 15.96 8.86 85.18
CA ASN I 131 16.55 9.98 85.92
C ASN I 131 16.29 11.32 85.22
N LYS I 132 15.03 11.52 84.84
CA LYS I 132 14.60 12.77 84.22
C LYS I 132 13.10 12.90 84.39
N ALA I 133 12.60 14.13 84.34
CA ALA I 133 11.19 14.38 84.57
C ALA I 133 10.80 15.72 83.99
N THR I 134 9.58 15.79 83.46
CA THR I 134 9.06 17.01 82.85
C THR I 134 7.55 17.05 83.06
N LEU I 135 7.05 18.21 83.48
CA LEU I 135 5.62 18.42 83.72
C LEU I 135 4.99 19.16 82.56
N VAL I 136 3.77 18.74 82.18
CA VAL I 136 3.09 19.27 81.00
C VAL I 136 1.78 19.93 81.45
N CYS I 137 1.56 21.16 81.00
CA CYS I 137 0.34 21.91 81.24
C CYS I 137 -0.25 22.23 79.87
N LEU I 138 -1.39 21.64 79.54
CA LEU I 138 -1.97 21.72 78.20
C LEU I 138 -3.22 22.60 78.23
N ILE I 139 -3.15 23.74 77.55
CA ILE I 139 -4.24 24.71 77.50
C ILE I 139 -4.86 24.66 76.13
N SER I 140 -6.17 24.46 76.06
CA SER I 140 -6.86 24.27 74.80
C SER I 140 -8.15 25.06 74.76
N ASP I 141 -8.63 25.28 73.53
CA ASP I 141 -9.93 25.88 73.23
C ASP I 141 -10.25 27.09 74.11
N PHE I 142 -9.42 28.12 73.99
CA PHE I 142 -9.65 29.39 74.67
C PHE I 142 -9.61 30.52 73.66
N TYR I 143 -10.54 31.46 73.85
CA TYR I 143 -10.72 32.40 72.72
C TYR I 143 -9.69 33.48 72.62
N PRO I 144 -9.70 34.53 73.43
CA PRO I 144 -8.76 35.58 73.20
C PRO I 144 -7.40 35.00 73.58
N GLY I 145 -6.36 35.34 72.82
CA GLY I 145 -5.07 34.72 73.09
C GLY I 145 -4.60 35.00 74.49
N ALA I 146 -4.72 36.24 74.93
CA ALA I 146 -4.33 36.78 76.25
C ALA I 146 -4.34 35.77 77.39
N VAL I 147 -3.35 34.89 77.46
CA VAL I 147 -3.39 34.07 78.67
C VAL I 147 -2.00 34.09 79.28
N THR I 148 -1.92 34.25 80.60
CA THR I 148 -0.65 34.23 81.30
C THR I 148 -0.57 32.94 82.12
N VAL I 149 0.59 32.29 82.05
CA VAL I 149 0.80 30.98 82.66
C VAL I 149 2.04 31.04 83.54
N ALA I 150 1.89 30.60 84.80
CA ALA I 150 3.01 30.49 85.73
C ALA I 150 2.90 29.17 86.47
N TRP I 151 4.04 28.68 86.94
CA TRP I 151 4.11 27.45 87.70
C TRP I 151 4.33 27.76 89.18
N LYS I 152 3.90 26.85 90.03
CA LYS I 152 4.01 27.02 91.47
C LYS I 152 4.50 25.71 92.09
N ALA I 153 5.62 25.78 92.81
CA ALA I 153 6.18 24.63 93.51
C ALA I 153 5.84 24.75 94.98
N ASP I 154 4.89 23.93 95.45
CA ASP I 154 4.39 23.97 96.82
C ASP I 154 3.83 25.35 97.16
N SER I 155 2.96 25.85 96.27
CA SER I 155 2.33 27.16 96.42
C SER I 155 3.36 28.28 96.57
N SER I 156 4.54 28.09 95.97
CA SER I 156 5.61 29.06 95.89
C SER I 156 5.98 29.29 94.43
N PRO I 157 6.49 30.47 94.08
CA PRO I 157 6.93 30.69 92.70
C PRO I 157 8.09 29.78 92.34
N VAL I 158 8.01 29.18 91.15
CA VAL I 158 9.09 28.33 90.69
C VAL I 158 10.29 29.18 90.29
N LYS I 159 11.49 28.65 90.49
CA LYS I 159 12.72 29.37 90.19
C LYS I 159 12.91 29.51 88.69
N ALA I 160 13.25 28.42 88.02
CA ALA I 160 13.48 28.44 86.58
C ALA I 160 13.24 27.05 86.02
N GLY I 161 13.53 26.87 84.73
CA GLY I 161 13.33 25.60 84.08
C GLY I 161 11.92 25.43 83.53
N VAL I 162 11.48 26.39 82.72
CA VAL I 162 10.12 26.41 82.21
C VAL I 162 10.18 26.96 80.79
N GLU I 163 9.42 26.33 79.90
CA GLU I 163 9.35 26.74 78.46
C GLU I 163 7.88 26.69 78.01
N THR I 164 7.45 27.69 77.24
CA THR I 164 6.09 27.77 76.75
C THR I 164 6.09 28.01 75.25
N THR I 165 5.20 27.32 74.55
CA THR I 165 4.94 27.61 73.15
C THR I 165 3.94 28.77 73.05
N THR I 166 4.16 29.64 72.07
CA THR I 166 3.18 30.67 71.78
C THR I 166 1.87 30.01 71.37
N PRO I 167 0.73 30.59 71.73
CA PRO I 167 -0.56 29.96 71.41
C PRO I 167 -0.82 29.95 69.92
N SER I 168 -1.70 29.03 69.51
CA SER I 168 -2.03 28.85 68.11
C SER I 168 -3.45 28.38 67.82
N LYS I 169 -3.96 28.71 66.65
CA LYS I 169 -5.35 28.25 66.40
C LYS I 169 -5.24 26.77 66.11
N GLN I 170 -6.21 25.99 66.57
CA GLN I 170 -6.29 24.55 66.43
C GLN I 170 -7.38 24.28 65.39
N SER I 171 -7.68 22.99 65.17
CA SER I 171 -8.75 22.63 64.25
C SER I 171 -10.10 23.18 64.72
N ASN I 172 -10.31 23.27 66.03
CA ASN I 172 -11.53 23.82 66.60
C ASN I 172 -11.61 25.34 66.49
N ASN I 173 -10.73 25.96 65.70
CA ASN I 173 -10.67 27.41 65.52
C ASN I 173 -10.50 28.14 66.83
N LYS I 174 -10.21 27.41 67.91
CA LYS I 174 -9.97 27.96 69.23
C LYS I 174 -8.51 27.78 69.62
N TYR I 175 -7.94 28.80 70.27
CA TYR I 175 -6.52 28.83 70.51
C TYR I 175 -6.12 27.70 71.46
N ALA I 176 -4.85 27.30 71.37
CA ALA I 176 -4.30 26.25 72.21
C ALA I 176 -2.82 26.50 72.39
N ALA I 177 -2.28 26.05 73.52
CA ALA I 177 -0.87 26.24 73.83
C ALA I 177 -0.45 25.26 74.90
N SER I 178 0.86 24.99 74.95
CA SER I 178 1.44 24.06 75.91
C SER I 178 2.60 24.71 76.65
N SER I 179 2.74 24.36 77.93
CA SER I 179 3.83 24.83 78.77
C SER I 179 4.53 23.63 79.39
N TYR I 180 5.85 23.69 79.45
CA TYR I 180 6.67 22.58 79.92
C TYR I 180 7.52 23.04 81.09
N LEU I 181 7.53 22.24 82.16
CA LEU I 181 8.26 22.56 83.39
C LEU I 181 9.32 21.46 83.59
N SER I 182 10.57 21.78 83.27
CA SER I 182 11.66 20.82 83.41
C SER I 182 12.02 20.65 84.87
N LEU I 183 11.99 19.40 85.35
CA LEU I 183 12.14 19.10 86.76
C LEU I 183 13.22 18.04 86.98
N THR I 184 13.96 18.20 88.08
CA THR I 184 14.86 17.15 88.55
C THR I 184 14.05 16.04 89.21
N PRO I 185 14.38 14.78 88.93
CA PRO I 185 13.70 13.68 89.65
C PRO I 185 13.89 13.78 91.16
N GLU I 186 15.05 14.25 91.61
CA GLU I 186 15.24 14.52 93.03
C GLU I 186 14.24 15.57 93.53
N GLN I 187 14.04 16.62 92.76
CA GLN I 187 13.14 17.70 93.14
C GLN I 187 11.67 17.35 92.96
N TRP I 188 11.35 16.22 92.33
CA TRP I 188 9.95 15.86 92.14
C TRP I 188 9.32 15.36 93.43
N LYS I 189 9.96 14.39 94.08
CA LYS I 189 9.49 13.89 95.37
C LYS I 189 9.97 14.75 96.54
N SER I 190 10.95 15.64 96.31
CA SER I 190 11.41 16.55 97.35
C SER I 190 10.44 17.68 97.64
N HIS I 191 9.28 17.71 97.00
CA HIS I 191 8.26 18.70 97.27
C HIS I 191 6.91 18.00 97.34
N ARG I 192 5.93 18.70 97.92
CA ARG I 192 4.60 18.13 98.08
C ARG I 192 3.83 18.14 96.77
N SER I 193 3.63 19.34 96.20
CA SER I 193 2.79 19.47 95.02
C SER I 193 3.28 20.61 94.15
N TYR I 194 3.05 20.48 92.84
CA TYR I 194 3.25 21.53 91.86
C TYR I 194 1.90 21.93 91.27
N SER I 195 1.87 23.05 90.56
CA SER I 195 0.62 23.55 89.98
C SER I 195 0.94 24.59 88.91
N CYS I 196 0.23 24.51 87.78
CA CYS I 196 0.28 25.56 86.77
C CYS I 196 -1.00 26.38 86.86
N GLN I 197 -0.86 27.66 87.17
CA GLN I 197 -2.00 28.57 87.24
C GLN I 197 -2.15 29.26 85.89
N VAL I 198 -3.34 29.14 85.30
CA VAL I 198 -3.58 29.66 83.96
C VAL I 198 -4.57 30.80 84.03
N THR I 199 -4.08 31.99 84.34
CA THR I 199 -4.92 33.17 84.32
C THR I 199 -5.31 33.51 82.89
N HIS I 200 -6.60 33.69 82.66
CA HIS I 200 -7.14 34.03 81.35
C HIS I 200 -7.37 35.53 81.34
N GLU I 201 -6.59 36.26 80.52
CA GLU I 201 -6.71 37.72 80.48
C GLU I 201 -8.14 38.17 80.23
N GLY I 202 -8.89 37.40 79.42
CA GLY I 202 -10.31 37.61 79.32
C GLY I 202 -11.03 37.05 80.54
N SER I 203 -11.62 37.93 81.34
CA SER I 203 -12.44 37.67 82.52
C SER I 203 -11.62 37.29 83.76
N THR I 204 -10.31 37.05 83.64
CA THR I 204 -9.47 36.70 84.77
C THR I 204 -10.02 35.50 85.52
N VAL I 205 -10.29 34.42 84.78
CA VAL I 205 -10.84 33.22 85.39
C VAL I 205 -9.80 32.52 86.24
N GLU I 206 -8.57 32.41 85.73
CA GLU I 206 -7.44 31.83 86.46
C GLU I 206 -7.75 30.45 87.01
N LYS I 207 -7.75 29.44 86.13
CA LYS I 207 -8.01 28.07 86.54
C LYS I 207 -6.69 27.36 86.83
N THR I 208 -6.71 26.48 87.83
CA THR I 208 -5.50 25.78 88.27
C THR I 208 -5.82 24.31 88.54
N VAL I 209 -4.94 23.43 88.08
CA VAL I 209 -4.97 22.01 88.41
C VAL I 209 -3.64 21.66 89.06
N ALA I 210 -3.69 20.87 90.14
CA ALA I 210 -2.53 20.57 90.95
C ALA I 210 -2.24 19.08 90.96
N PRO I 211 -1.08 18.62 90.47
CA PRO I 211 -0.66 17.24 90.70
C PRO I 211 0.31 17.07 91.86
N THR I 212 0.36 15.87 92.44
CA THR I 212 1.29 15.55 93.50
C THR I 212 2.15 14.34 93.26
N GLU I 213 3.29 14.26 93.96
CA GLU I 213 4.16 13.12 93.84
C GLU I 213 3.49 12.01 94.63
N CYS I 214 3.62 10.78 94.11
CA CYS I 214 3.08 9.58 94.76
C CYS I 214 1.57 9.69 94.96
N SER I 215 0.86 9.96 93.86
CA SER I 215 -0.60 9.96 93.85
C SER I 215 -1.12 10.07 92.41
C1 NAG J . 1.33 -36.18 -4.16
C2 NAG J . 1.91 -37.42 -3.66
C3 NAG J . 3.16 -37.70 -4.32
C4 NAG J . 2.77 -37.92 -5.71
C5 NAG J . 2.20 -36.63 -6.15
C6 NAG J . 1.74 -36.77 -7.57
C7 NAG J . 1.79 -38.33 -1.71
C8 NAG J . 2.85 -39.17 -1.12
N2 NAG J . 2.19 -37.27 -2.32
O3 NAG J . 3.41 -38.99 -3.90
O4 NAG J . 3.98 -38.11 -6.32
O5 NAG J . 1.04 -36.56 -5.42
O6 NAG J . 0.75 -35.77 -7.89
O7 NAG J . 0.64 -38.62 -1.70
C1 NAG J . 3.97 -39.29 -7.06
C2 NAG J . 5.36 -39.41 -7.55
C3 NAG J . 5.27 -40.58 -8.43
C4 NAG J . 5.51 -41.67 -7.47
C5 NAG J . 4.09 -41.63 -6.98
C6 NAG J . 3.78 -42.78 -6.08
C7 NAG J . 4.95 -37.99 -9.35
C8 NAG J . 4.67 -36.54 -9.28
N2 NAG J . 5.69 -38.27 -8.33
O3 NAG J . 6.13 -40.54 -9.54
O4 NAG J . 6.12 -42.78 -8.18
O5 NAG J . 3.81 -40.42 -6.25
O6 NAG J . 3.01 -43.66 -6.89
O7 NAG J . 4.54 -38.72 -10.20
C1 BMA J . 5.50 -43.83 -8.93
C2 BMA J . 5.92 -43.88 -10.37
C3 BMA J . 7.23 -44.57 -10.67
C4 BMA J . 7.74 -45.22 -9.47
C5 BMA J . 6.59 -46.02 -9.01
C6 BMA J . 7.09 -47.11 -8.09
O2 BMA J . 5.95 -42.56 -10.85
O3 BMA J . 8.28 -43.74 -11.06
O4 BMA J . 8.69 -46.10 -9.96
O5 BMA J . 5.76 -45.10 -8.34
O6 BMA J . 6.73 -48.38 -8.66
C1 NAG K . 12.85 -24.64 13.08
C2 NAG K . 13.33 -24.35 14.50
C3 NAG K . 14.54 -23.43 14.47
C4 NAG K . 15.63 -24.01 13.58
C5 NAG K . 15.07 -24.31 12.18
C6 NAG K . 16.05 -25.02 11.29
C7 NAG K . 11.49 -24.50 16.12
C8 NAG K . 10.47 -23.73 16.90
N2 NAG K . 12.27 -23.77 15.32
O3 NAG K . 15.04 -23.22 15.78
O4 NAG K . 16.72 -23.09 13.48
O5 NAG K . 13.92 -25.17 12.30
O6 NAG K . 15.64 -26.35 11.01
O7 NAG K . 11.61 -25.72 16.22
C1 NAG K . 17.91 -23.72 13.98
C2 NAG K . 19.11 -22.81 13.73
C3 NAG K . 20.39 -23.44 14.27
C4 NAG K . 20.22 -23.85 15.73
C5 NAG K . 18.96 -24.69 15.91
C6 NAG K . 18.65 -24.98 17.36
C7 NAG K . 18.68 -21.42 11.75
C8 NAG K . 18.94 -21.25 10.29
N2 NAG K . 19.25 -22.49 12.32
O3 NAG K . 21.46 -22.51 14.14
O4 NAG K . 21.34 -24.63 16.13
O5 NAG K . 17.81 -24.01 15.38
O6 NAG K . 17.26 -24.88 17.62
O7 NAG K . 17.98 -20.64 12.38
C1 BMA K . 22.32 -23.84 16.86
C2 BMA K . 23.23 -24.80 17.65
C3 BMA K . 24.32 -24.02 18.35
C4 BMA K . 25.07 -23.09 17.37
C5 BMA K . 24.05 -22.20 16.61
C6 BMA K . 24.72 -21.33 15.54
O2 BMA K . 23.87 -25.72 16.77
O3 BMA K . 25.26 -24.88 19.01
O4 BMA K . 25.99 -22.27 18.06
O5 BMA K . 23.08 -23.04 15.97
O6 BMA K . 26.13 -21.38 15.72
C1 NAG L . -8.67 0.87 -30.35
C2 NAG L . -9.37 0.43 -29.09
C3 NAG L . -10.72 1.10 -28.99
C4 NAG L . -10.59 2.62 -29.08
C5 NAG L . -9.79 3.00 -30.33
C6 NAG L . -9.45 4.48 -30.43
C7 NAG L . -9.30 -1.77 -28.02
C8 NAG L . -8.86 -1.06 -26.79
N2 NAG L . -9.57 -1.00 -29.09
O3 NAG L . -11.28 0.75 -27.73
O4 NAG L . -11.87 3.20 -29.29
O5 NAG L . -8.55 2.28 -30.37
O6 NAG L . -8.69 4.78 -31.59
O7 NAG L . -9.44 -3.00 -28.03
C1 NAG L . -12.58 3.57 -28.09
C2 NAG L . -12.55 5.09 -27.91
C3 NAG L . -13.42 5.52 -26.73
C4 NAG L . -14.82 4.94 -26.86
C5 NAG L . -14.74 3.43 -27.02
C6 NAG L . -16.09 2.78 -27.24
C7 NAG L . -10.37 5.25 -26.75
C8 NAG L . -9.01 5.87 -26.77
N2 NAG L . -11.19 5.59 -27.75
O3 NAG L . -13.49 6.94 -26.68
O4 NAG L . -15.60 5.27 -25.71
O5 NAG L . -13.94 3.11 -28.16
O6 NAG L . -16.76 2.51 -26.02
O7 NAG L . -10.71 4.46 -25.87
C1 NAG M . 7.18 13.14 -51.56
C2 NAG M . 8.13 12.44 -52.49
C3 NAG M . 8.14 10.95 -52.19
C4 NAG M . 8.46 10.71 -50.72
C5 NAG M . 7.61 11.59 -49.79
C6 NAG M . 8.11 11.59 -48.36
C7 NAG M . 8.51 13.50 -54.67
C8 NAG M . 8.02 13.63 -56.09
N2 NAG M . 7.79 12.68 -53.88
O3 NAG M . 9.11 10.30 -53.00
O4 NAG M . 8.21 9.35 -50.38
O5 NAG M . 7.61 12.96 -50.22
O6 NAG M . 9.48 11.95 -48.30
O7 NAG M . 9.50 14.10 -54.26
C1 NAG M . 9.45 8.64 -50.24
C2 NAG M . 9.19 7.37 -49.46
C3 NAG M . 10.46 6.56 -49.32
C4 NAG M . 11.06 6.29 -50.71
C5 NAG M . 11.25 7.60 -51.46
C6 NAG M . 11.71 7.40 -52.88
C7 NAG M . 9.18 8.37 -47.20
C8 NAG M . 8.39 8.53 -45.93
N2 NAG M . 8.60 7.64 -48.15
O3 NAG M . 10.19 5.33 -48.67
O4 NAG M . 12.31 5.61 -50.59
O5 NAG M . 10.01 8.31 -51.53
O6 NAG M . 10.61 7.47 -53.79
O7 NAG M . 10.29 8.89 -47.34
C1 BMA M . 12.11 4.24 -51.00
C2 BMA M . 13.44 3.67 -51.53
C3 BMA M . 13.22 2.22 -51.93
C4 BMA M . 12.56 1.40 -50.80
C5 BMA M . 11.28 2.11 -50.30
C6 BMA M . 10.63 1.42 -49.11
O2 BMA M . 14.42 3.67 -50.51
O3 BMA M . 14.44 1.58 -52.36
O4 BMA M . 12.24 0.10 -51.25
O5 BMA M . 11.62 3.45 -49.93
O6 BMA M . 10.87 2.20 -47.95
C1 NAG N . -11.31 -21.64 -24.19
C2 NAG N . -11.28 -23.04 -24.78
C3 NAG N . -12.34 -23.18 -25.86
C4 NAG N . -13.70 -22.79 -25.29
C5 NAG N . -13.65 -21.42 -24.63
C6 NAG N . -14.91 -21.09 -23.87
C7 NAG N . -8.97 -23.85 -24.55
C8 NAG N . -7.68 -24.14 -25.24
N2 NAG N . -9.97 -23.36 -25.31
O3 NAG N . -12.37 -24.51 -26.34
O4 NAG N . -14.68 -22.79 -26.32
O5 NAG N . -12.58 -21.37 -23.67
O6 NAG N . -14.90 -21.71 -22.59
O7 NAG N . -9.13 -24.07 -23.35
C1 NAG N . -15.54 -23.86 -25.93
C2 NAG N . -16.81 -23.76 -26.75
C3 NAG N . -17.74 -24.92 -26.42
C4 NAG N . -17.01 -26.25 -26.58
C5 NAG N . -15.71 -26.24 -25.78
C6 NAG N . -14.85 -27.47 -26.00
C7 NAG N . -17.90 -21.69 -27.50
C8 NAG N . -18.56 -20.41 -27.08
N2 NAG N . -17.48 -22.49 -26.52
O3 NAG N . -18.87 -24.88 -27.30
O4 NAG N . -17.84 -27.31 -26.09
O5 NAG N . -14.91 -25.11 -26.19
O6 NAG N . -13.49 -27.21 -25.70
O7 NAG N . -17.75 -21.98 -28.68
C1 BMA N . -18.38 -28.05 -27.21
C2 BMA N . -19.49 -28.94 -26.64
C3 BMA N . -20.12 -29.73 -27.78
C4 BMA N . -20.52 -28.83 -28.97
C5 BMA N . -19.37 -27.89 -29.38
C6 BMA N . -19.79 -26.87 -30.43
O2 BMA N . -20.52 -28.14 -26.08
O3 BMA N . -21.26 -30.46 -27.31
O4 BMA N . -20.88 -29.65 -30.07
O5 BMA N . -18.90 -27.19 -28.22
O6 BMA N . -20.80 -26.04 -29.87
C1 NAG O . 6.00 -23.11 15.51
C2 NAG O . 6.94 -23.64 16.61
C3 NAG O . 6.26 -23.65 17.98
C4 NAG O . 4.81 -24.11 17.92
C5 NAG O . 4.06 -23.45 16.76
C6 NAG O . 2.80 -22.72 17.20
C7 NAG O . 6.95 -25.92 15.55
C8 NAG O . 7.74 -27.17 15.42
N2 NAG O . 7.51 -24.95 16.30
O3 NAG O . 6.33 -22.35 18.56
O4 NAG O . 4.72 -25.52 17.83
O5 NAG O . 4.90 -22.49 16.12
O6 NAG O . 2.56 -21.58 16.38
O7 NAG O . 5.85 -25.78 15.01
C1 NAG O . 4.85 -26.11 19.15
C2 NAG O . 3.90 -27.34 19.30
C3 NAG O . 4.62 -28.62 19.86
C4 NAG O . 5.79 -28.35 20.81
C5 NAG O . 6.33 -26.94 20.71
C6 NAG O . 7.79 -26.83 21.04
C7 NAG O . 2.01 -26.16 20.65
C8 NAG O . 2.80 -24.90 20.88
N2 NAG O . 2.59 -27.17 19.95
O3 NAG O . 5.08 -29.40 18.75
O4 NAG O . 5.51 -28.59 22.19
O5 NAG O . 6.16 -26.50 19.36
O6 NAG O . 8.60 -27.45 20.04
O7 NAG O . 0.88 -26.28 21.10
C1 BMA O . 4.53 -29.48 22.81
C2 BMA O . 3.74 -28.46 23.73
C3 BMA O . 2.41 -29.00 24.29
C4 BMA O . 1.67 -29.91 23.30
C5 BMA O . 2.63 -30.97 22.77
C6 BMA O . 1.95 -32.02 21.91
O2 BMA O . 3.44 -27.27 23.01
O3 BMA O . 1.55 -27.93 24.71
O4 BMA O . 0.57 -30.52 23.95
O5 BMA O . 3.62 -30.28 21.99
O6 BMA O . 2.10 -31.65 20.55
C1 NAG P . 28.61 24.16 -71.46
C2 NAG P . 29.60 24.47 -72.56
C3 NAG P . 29.55 23.40 -73.65
C4 NAG P . 29.62 22.00 -73.05
C5 NAG P . 28.71 21.83 -71.83
C6 NAG P . 28.99 20.55 -71.08
C7 NAG P . 30.18 26.43 -73.94
C8 NAG P . 29.74 27.79 -74.42
N2 NAG P . 29.34 25.79 -73.12
O3 NAG P . 30.66 23.59 -74.52
O4 NAG P . 29.17 21.07 -74.04
O5 NAG P . 28.90 22.90 -70.91
O6 NAG P . 30.37 20.18 -71.17
O7 NAG P . 31.25 25.94 -74.30
C1 NAG P . 30.33 20.41 -74.55
C2 NAG P . 29.93 19.01 -74.97
C3 NAG P . 31.14 18.29 -75.59
C4 NAG P . 31.76 19.13 -76.69
C5 NAG P . 32.04 20.55 -76.21
C6 NAG P . 32.49 21.50 -77.30
C7 NAG P . 29.08 16.97 -73.79
C8 NAG P . 28.54 16.48 -72.48
N2 NAG P . 29.41 18.28 -73.82
O3 NAG P . 30.74 17.04 -76.14
O4 NAG P . 32.97 18.51 -77.12
O5 NAG P . 30.83 21.12 -75.68
O6 NAG P . 31.49 21.67 -78.30
O7 NAG P . 29.22 16.24 -74.76
C1 BMA P . 33.02 18.48 -78.57
C2 BMA P . 34.51 18.37 -78.99
C3 BMA P . 34.60 18.36 -80.51
C4 BMA P . 33.62 17.34 -81.15
C5 BMA P . 32.19 17.51 -80.56
C6 BMA P . 31.21 16.48 -81.08
O2 BMA P . 35.08 17.15 -78.54
O3 BMA P . 35.93 18.11 -80.95
O4 BMA P . 33.58 17.52 -82.55
O5 BMA P . 32.28 17.40 -79.13
O6 BMA P . 30.75 16.89 -82.36
C1 NAG Q . -20.50 -16.15 10.46
C2 NAG Q . -21.70 -17.02 10.79
C3 NAG Q . -21.55 -17.60 12.19
C4 NAG Q . -20.22 -18.33 12.33
C5 NAG Q . -19.06 -17.44 11.84
C6 NAG Q . -17.73 -18.16 11.79
C7 NAG Q . -24.07 -16.76 10.16
C8 NAG Q . -24.00 -18.16 9.64
N2 NAG Q . -22.94 -16.26 10.68
O3 NAG Q . -22.63 -18.47 12.46
O4 NAG Q . -19.97 -18.66 13.69
O5 NAG Q . -19.32 -16.93 10.52
O6 NAG Q . -17.89 -19.57 11.87
O7 NAG Q . -25.10 -16.09 10.10
C1 NAG Q . -20.54 -19.92 14.13
C2 NAG Q . -20.77 -19.78 15.64
C3 NAG Q . -21.39 -21.05 16.20
C4 NAG Q . -22.67 -21.40 15.44
C5 NAG Q . -22.39 -21.48 13.94
C6 NAG Q . -23.64 -21.67 13.12
C7 NAG Q . -19.47 -18.76 17.46
C8 NAG Q . -18.11 -18.53 18.03
N2 NAG Q . -19.52 -19.46 16.33
O3 NAG Q . -21.67 -20.88 17.59
O4 NAG Q . -23.15 -22.66 15.89
O5 NAG Q . -21.79 -20.26 13.49
O6 NAG Q . -24.31 -20.44 12.89
O7 NAG Q . -20.49 -18.32 17.99
C1 BMA Q . -24.30 -22.53 16.76
C2 BMA Q . -24.17 -23.64 17.84
C3 BMA Q . -25.32 -23.52 18.85
C4 BMA Q . -25.48 -22.07 19.36
C5 BMA Q . -25.59 -21.10 18.17
C6 BMA Q . -25.69 -19.64 18.61
O2 BMA Q . -22.96 -23.48 18.57
O3 BMA Q . -25.13 -24.40 19.96
O4 BMA Q . -26.65 -21.98 20.16
O5 BMA Q . -24.40 -21.24 17.35
O6 BMA Q . -26.86 -19.50 19.41
C1 NAG R . -24.61 -16.96 4.55
C2 NAG R . -24.70 -18.44 4.88
C3 NAG R . -24.64 -19.24 3.57
C4 NAG R . -25.65 -18.72 2.54
C5 NAG R . -25.65 -17.19 2.44
C6 NAG R . -26.83 -16.65 1.68
C7 NAG R . -23.68 -20.04 6.43
C8 NAG R . -22.51 -20.34 7.31
N2 NAG R . -23.64 -18.87 5.77
O3 NAG R . -24.90 -20.62 3.84
O4 NAG R . -25.28 -19.24 1.28
O5 NAG R . -25.69 -16.58 3.75
O6 NAG R . -26.69 -16.86 0.28
O7 NAG R . -24.63 -20.81 6.32
C1 NAG R . -26.30 -20.09 0.71
C2 NAG R . -26.02 -20.21 -0.78
C3 NAG R . -27.06 -21.11 -1.44
C4 NAG R . -27.17 -22.45 -0.72
C5 NAG R . -27.34 -22.24 0.78
C6 NAG R . -27.27 -23.53 1.57
C7 NAG R . -24.95 -18.46 -2.13
C8 NAG R . -25.10 -17.09 -2.72
N2 NAG R . -25.99 -18.90 -1.42
O3 NAG R . -26.70 -21.32 -2.81
O4 NAG R . -28.30 -23.16 -1.21
O5 NAG R . -26.31 -21.39 1.30
O6 NAG R . -28.11 -23.50 2.70
O7 NAG R . -23.94 -19.13 -2.27
C1 BMA R . -27.90 -24.20 -2.13
C2 BMA R . -28.98 -25.29 -2.12
C3 BMA R . -28.62 -26.38 -3.12
C4 BMA R . -28.26 -25.80 -4.51
C5 BMA R . -27.23 -24.66 -4.38
C6 BMA R . -26.98 -23.96 -5.70
O2 BMA R . -30.23 -24.75 -2.55
O3 BMA R . -29.66 -27.35 -3.24
O4 BMA R . -27.71 -26.83 -5.31
O5 BMA R . -27.72 -23.68 -3.44
O6 BMA R . -28.18 -23.29 -6.09
C1 NAG S . -3.32 32.40 -4.07
C2 NAG S . -3.01 31.23 -3.15
C3 NAG S . -1.86 31.60 -2.21
C4 NAG S . -0.66 32.11 -3.01
C5 NAG S . -1.09 33.23 -3.94
C6 NAG S . 0.02 33.72 -4.84
C7 NAG S . -4.34 29.66 -1.78
C8 NAG S . -5.62 29.45 -1.04
N2 NAG S . -4.19 30.85 -2.38
O3 NAG S . -1.48 30.47 -1.44
O4 NAG S . 0.35 32.59 -2.12
O5 NAG S . -2.15 32.78 -4.80
O6 NAG S . 0.77 32.65 -5.39
O7 NAG S . -3.47 28.80 -1.84
C1 NAG S . 1.44 31.65 -2.03
C2 NAG S . 2.12 31.79 -0.66
C3 NAG S . 3.20 30.72 -0.48
C4 NAG S . 2.66 29.34 -0.80
C5 NAG S . 2.05 29.34 -2.19
C6 NAG S . 1.45 28.01 -2.59
C7 NAG S . 3.16 33.60 0.65
C8 NAG S . 3.71 34.99 0.61
N2 NAG S . 2.68 33.12 -0.50
O3 NAG S . 3.69 30.74 0.86
O4 NAG S . 3.70 28.36 -0.73
O5 NAG S . 0.99 30.30 -2.23
O6 NAG S . 2.22 27.36 -3.58
O7 NAG S . 3.15 32.93 1.69
C1 NAG T . -1.38 45.89 -28.66
C2 NAG T . -2.35 46.00 -27.49
C3 NAG T . -3.38 44.91 -27.57
C4 NAG T . -4.08 44.97 -28.93
C5 NAG T . -3.08 44.99 -30.09
C6 NAG T . -3.70 45.14 -31.48
C7 NAG T . -1.58 46.95 -25.35
C8 NAG T . -0.84 46.70 -24.07
N2 NAG T . -1.65 45.92 -26.20
O3 NAG T . -4.31 45.06 -26.52
O4 NAG T . -4.98 43.87 -29.10
O5 NAG T . -2.09 46.02 -29.89
O6 NAG T . -2.98 44.38 -32.44
O7 NAG T . -2.12 48.04 -25.58
C1 NAG T . -6.27 44.37 -28.64
C2 NAG T . -7.01 45.11 -29.82
C3 NAG T . -7.87 44.17 -30.70
C4 NAG T . -8.72 43.19 -29.90
C5 NAG T . -7.89 42.43 -28.88
C6 NAG T . -6.87 41.49 -29.47
C7 NAG T . -7.22 47.44 -29.09
C8 NAG T . -8.15 48.52 -28.63
N2 NAG T . -7.78 46.25 -29.36
O3 NAG T . -7.05 43.49 -31.65
O4 NAG T . -9.76 43.89 -29.22
O5 NAG T . -7.19 43.35 -28.03
O6 NAG T . -6.27 40.67 -28.49
O7 NAG T . -6.01 47.63 -29.23
C1 NAG U . -34.58 2.13 13.12
C2 NAG U . -35.85 1.30 13.34
C3 NAG U . -36.77 1.39 12.11
C4 NAG U . -37.03 2.84 11.75
C5 NAG U . -35.71 3.56 11.55
C6 NAG U . -35.85 5.04 11.25
C7 NAG U . -36.24 -0.83 14.50
C8 NAG U . -35.76 -2.23 14.71
N2 NAG U . -35.53 -0.08 13.65
O3 NAG U . -37.98 0.71 12.39
O4 NAG U . -37.80 2.93 10.55
O5 NAG U . -34.92 3.46 12.74
O6 NAG U . -35.03 5.82 12.11
O7 NAG U . -37.24 -0.40 15.06
C1 NAG U . -38.99 3.72 10.79
C2 NAG U . -39.41 4.38 9.49
C3 NAG U . -40.67 5.22 9.73
C4 NAG U . -41.77 4.39 10.38
C5 NAG U . -41.25 3.61 11.59
C6 NAG U . -42.25 2.59 12.10
C7 NAG U . -37.93 5.06 7.65
C8 NAG U . -38.65 4.05 6.81
N2 NAG U . -38.34 5.18 8.92
O3 NAG U . -41.12 5.71 8.47
O4 NAG U . -42.81 5.26 10.80
O5 NAG U . -40.06 2.89 11.26
O6 NAG U . -42.59 2.82 13.46
O7 NAG U . -37.02 5.73 7.19
C1 BMA U . -44.19 5.01 10.34
C2 BMA U . -44.40 5.55 8.87
C3 BMA U . -45.90 5.42 8.53
C4 BMA U . -46.41 3.98 8.79
C5 BMA U . -46.04 3.52 10.21
C6 BMA U . -46.50 2.11 10.55
O2 BMA U . -43.71 4.76 7.92
O3 BMA U . -46.18 5.82 7.19
O4 BMA U . -47.81 3.93 8.62
O5 BMA U . -44.61 3.62 10.37
O6 BMA U . -47.78 2.20 11.19
C1 NAG V . -20.93 26.54 11.70
C2 NAG V . -22.21 27.38 11.52
C3 NAG V . -22.06 28.72 12.23
C4 NAG V . -21.68 28.50 13.70
C5 NAG V . -20.42 27.63 13.78
C6 NAG V . -20.04 27.28 15.20
C7 NAG V . -23.26 26.74 9.40
C8 NAG V . -23.47 27.11 7.96
N2 NAG V . -22.51 27.58 10.11
O3 NAG V . -23.30 29.42 12.14
O4 NAG V . -21.44 29.75 14.33
O5 NAG V . -20.64 26.39 13.09
O6 NAG V . -19.26 26.09 15.24
O7 NAG V . -23.76 25.73 9.89
C1 NAG V . -22.60 30.05 15.14
C2 NAG V . -22.17 30.83 16.38
C3 NAG V . -23.40 31.15 17.23
C4 NAG V . -24.43 31.90 16.40
C5 NAG V . -24.76 31.12 15.12
C6 NAG V . -25.64 31.90 14.17
C7 NAG V . -19.88 30.39 17.15
C8 NAG V . -19.00 29.53 18.00
N2 NAG V . -21.19 30.10 17.16
O3 NAG V . -23.01 31.95 18.36
O4 NAG V . -25.63 32.08 17.15
O5 NAG V . -23.55 30.82 14.39
O6 NAG V . -25.17 33.23 13.98
O7 NAG V . -19.43 31.31 16.47
C1 NAG W . 17.17 2.64 33.02
C2 NAG W . 17.38 2.87 34.53
C3 NAG W . 17.61 4.36 34.83
C4 NAG W . 18.73 4.91 33.96
C5 NAG W . 18.39 4.65 32.50
C6 NAG W . 19.47 5.12 31.55
C7 NAG W . 16.25 1.17 35.89
C8 NAG W . 14.99 0.81 36.63
N2 NAG W . 16.25 2.36 35.29
O3 NAG W . 17.95 4.50 36.21
O4 NAG W . 18.88 6.31 34.15
O5 NAG W . 18.24 3.24 32.29
O6 NAG W . 19.35 6.52 31.34
O7 NAG W . 17.21 0.41 35.83
C1 NAG W . 20.07 6.60 34.92
C2 NAG W . 20.45 8.07 34.78
C3 NAG W . 21.66 8.40 35.65
C4 NAG W . 21.42 7.99 37.09
C5 NAG W . 20.97 6.53 37.17
C6 NAG W . 20.54 6.12 38.56
C7 NAG W . 21.68 8.05 32.63
C8 NAG W . 21.71 8.61 31.25
N2 NAG W . 20.66 8.47 33.40
O3 NAG W . 21.94 9.79 35.56
O4 NAG W . 22.62 8.14 37.84
O5 NAG W . 19.85 6.29 36.31
O6 NAG W . 21.64 6.03 39.45
O7 NAG W . 22.53 7.27 33.04
C1 BMA W . 22.62 9.39 38.59
C2 BMA W . 23.37 9.15 39.94
C3 BMA W . 23.64 10.48 40.67
C4 BMA W . 24.21 11.55 39.71
C5 BMA W . 23.27 11.70 38.51
C6 BMA W . 23.71 12.78 37.52
O2 BMA W . 24.64 8.54 39.73
O3 BMA W . 24.50 10.30 41.79
O4 BMA W . 24.33 12.79 40.38
O5 BMA W . 23.24 10.43 37.82
O6 BMA W . 25.13 12.70 37.32
C1 NAG X . -6.49 5.45 30.76
C2 NAG X . -7.69 5.54 31.69
C3 NAG X . -8.76 6.43 31.05
C4 NAG X . -8.16 7.79 30.73
C5 NAG X . -6.91 7.64 29.88
C6 NAG X . -6.18 8.95 29.65
C7 NAG X . -8.65 3.32 31.11
C8 NAG X . -9.15 2.02 31.67
N2 NAG X . -8.23 4.22 32.01
O3 NAG X . -9.85 6.57 31.95
O4 NAG X . -9.12 8.59 30.03
O5 NAG X . -5.97 6.76 30.53
O6 NAG X . -6.12 9.72 30.85
O7 NAG X . -8.62 3.54 29.90
C1 NAG X . -9.48 9.71 30.87
C2 NAG X . -10.26 10.73 30.05
C3 NAG X . -10.65 11.92 30.92
C4 NAG X . -11.42 11.44 32.15
C5 NAG X . -10.63 10.36 32.88
C6 NAG X . -11.41 9.73 34.02
C7 NAG X . -8.35 11.82 28.90
C8 NAG X . -7.77 12.18 27.56
N2 NAG X . -9.52 11.17 28.87
O3 NAG X . -11.44 12.83 30.16
O4 NAG X . -11.65 12.53 33.04
O5 NAG X . -10.27 9.29 31.99
O6 NAG X . -11.39 10.55 35.18
O7 NAG X . -7.78 12.11 29.95
C1 BMA X . -12.99 13.07 32.82
C2 BMA X . -13.75 13.05 34.16
C3 BMA X . -15.11 13.72 33.97
C4 BMA X . -14.98 15.10 33.30
C5 BMA X . -14.15 14.99 32.00
C6 BMA X . -13.88 16.35 31.34
O2 BMA X . -13.07 13.80 35.15
O3 BMA X . -15.81 13.85 35.22
O4 BMA X . -16.26 15.62 33.00
O5 BMA X . -12.89 14.39 32.31
O6 BMA X . -15.10 17.09 31.27
C1 NAG Y . -6.65 -1.03 28.45
C2 NAG Y . -6.39 -2.52 28.27
C3 NAG Y . -7.20 -3.32 29.29
C4 NAG Y . -6.96 -2.81 30.70
C5 NAG Y . -7.12 -1.30 30.77
C6 NAG Y . -6.69 -0.72 32.11
C7 NAG Y . -5.80 -3.16 25.97
C8 NAG Y . -4.38 -2.95 26.36
N2 NAG Y . -6.72 -2.95 26.91
O3 NAG Y . -6.85 -4.70 29.19
O4 NAG Y . -7.93 -3.40 31.57
O5 NAG Y . -6.32 -0.64 29.78
O6 NAG Y . -5.80 -1.59 32.79
O7 NAG Y . -6.11 -3.52 24.83
C1 NAG Y . -7.42 -4.48 32.38
C2 NAG Y . -8.35 -4.65 33.58
C3 NAG Y . -7.89 -5.81 34.46
C4 NAG Y . -7.71 -7.08 33.63
C5 NAG Y . -6.82 -6.80 32.41
C6 NAG Y . -6.72 -7.98 31.47
C7 NAG Y . -9.36 -2.48 34.15
C8 NAG Y . -9.30 -1.29 35.05
N2 NAG Y . -8.44 -3.43 34.36
O3 NAG Y . -8.84 -6.04 35.48
O4 NAG Y . -7.12 -8.08 34.45
O5 NAG Y . -7.33 -5.70 31.65
O6 NAG Y . -7.95 -8.19 30.78
O7 NAG Y . -10.21 -2.59 33.26
C1 BMA Y . -7.87 -9.33 34.48
C2 BMA Y . -6.92 -10.43 35.02
C3 BMA Y . -7.66 -11.76 35.09
C4 BMA Y . -8.99 -11.62 35.85
C5 BMA Y . -9.83 -10.46 35.29
C6 BMA Y . -11.09 -10.21 36.10
O2 BMA Y . -6.50 -10.12 36.35
O3 BMA Y . -6.85 -12.76 35.69
O4 BMA Y . -9.72 -12.84 35.74
O5 BMA Y . -9.04 -9.24 35.29
O6 BMA Y . -11.57 -11.46 36.58
C1 NAG Z . 28.20 6.49 -12.21
C2 NAG Z . 28.96 5.76 -13.33
C3 NAG Z . 28.01 4.87 -14.12
C4 NAG Z . 27.26 3.93 -13.18
C5 NAG Z . 26.62 4.69 -12.02
C6 NAG Z . 26.05 3.79 -10.95
C7 NAG Z . 29.06 7.62 -14.97
C8 NAG Z . 29.98 8.47 -15.79
N2 NAG Z . 29.66 6.69 -14.20
O3 NAG Z . 28.74 4.13 -15.08
O4 NAG Z . 26.24 3.24 -13.90
O5 NAG Z . 27.59 5.53 -11.36
O6 NAG Z . 24.94 3.04 -11.44
O7 NAG Z . 27.85 7.77 -15.00
C1 NAG Z . 26.53 1.83 -13.96
C2 NAG Z . 25.39 1.12 -14.70
C3 NAG Z . 25.68 -0.37 -14.82
C4 NAG Z . 27.07 -0.61 -15.42
C5 NAG Z . 28.12 0.20 -14.65
C6 NAG Z . 29.50 0.11 -15.27
C7 NAG Z . 23.16 2.14 -14.49
C8 NAG Z . 21.92 2.23 -13.65
N2 NAG Z . 24.12 1.33 -14.02
O3 NAG Z . 24.69 -0.97 -15.65
O4 NAG Z . 27.41 -1.99 -15.30
O5 NAG Z . 27.76 1.59 -14.64
O6 NAG Z . 30.48 0.69 -14.42
O7 NAG Z . 23.29 2.77 -15.53
C1 BMA Z . 27.15 -2.72 -16.52
C2 BMA Z . 28.46 -3.39 -16.98
C3 BMA Z . 28.20 -4.29 -18.19
C4 BMA Z . 27.02 -5.25 -17.93
C5 BMA Z . 25.78 -4.47 -17.48
C6 BMA Z . 24.62 -5.38 -17.10
O2 BMA Z . 28.97 -4.24 -15.97
O3 BMA Z . 29.36 -5.02 -18.56
O4 BMA Z . 26.71 -5.97 -19.12
O5 BMA Z . 26.12 -3.68 -16.31
O6 BMA Z . 23.64 -4.62 -16.40
C1 NAG AA . 35.45 29.57 -27.59
C2 NAG AA . 36.80 29.51 -26.87
C3 NAG AA . 36.55 29.39 -25.37
C4 NAG AA . 35.70 30.56 -24.89
C5 NAG AA . 34.43 30.68 -25.73
C6 NAG AA . 33.65 31.94 -25.42
C7 NAG AA . 37.30 27.17 -27.55
C8 NAG AA . 38.37 26.26 -28.08
N2 NAG AA . 37.66 28.45 -27.37
O3 NAG AA . 37.80 29.36 -24.69
O4 NAG AA . 35.34 30.40 -23.52
O5 NAG AA . 34.72 30.71 -27.13
O6 NAG AA . 32.89 31.81 -24.23
O7 NAG AA . 36.18 26.75 -27.27
C1 NAG AA . 36.16 31.26 -22.69
C2 NAG AA . 35.60 31.32 -21.25
C3 NAG AA . 36.55 32.08 -20.31
C4 NAG AA . 37.96 31.53 -20.43
C5 NAG AA . 38.41 31.55 -21.88
C6 NAG AA . 39.78 30.96 -22.09
C7 NAG AA . 33.75 33.06 -21.47
C8 NAG AA . 34.73 34.08 -21.99
N2 NAG AA . 34.22 31.83 -21.16
O3 NAG AA . 36.08 31.97 -18.97
O4 NAG AA . 38.85 32.33 -19.66
O5 NAG AA . 37.50 30.76 -22.67
O6 NAG AA . 40.76 31.96 -22.33
O7 NAG AA . 32.56 33.33 -21.33
C1 NAG BA . -3.59 55.30 -58.11
C2 NAG BA . -3.33 56.61 -57.34
C3 NAG BA . -3.37 57.81 -58.29
C4 NAG BA . -2.50 57.58 -59.52
C5 NAG BA . -2.86 56.26 -60.18
C6 NAG BA . -2.02 55.92 -61.38
C7 NAG BA . -4.01 56.67 -54.97
C8 NAG BA . -2.58 56.35 -54.64
N2 NAG BA . -4.31 56.78 -56.28
O3 NAG BA . -2.93 58.97 -57.61
O4 NAG BA . -2.68 58.64 -60.45
O5 NAG BA . -2.69 55.20 -59.23
O6 NAG BA . -2.44 54.70 -61.98
O7 NAG BA . -4.86 56.82 -54.11
#